data_8S7G
#
_entry.id   8S7G
#
_cell.length_a   1.00
_cell.length_b   1.00
_cell.length_c   1.00
_cell.angle_alpha   90.00
_cell.angle_beta   90.00
_cell.angle_gamma   90.00
#
_symmetry.space_group_name_H-M   'P 1'
#
loop_
_entity.id
_entity.type
_entity.pdbx_description
1 polymer 'LexA repressor'
2 polymer 'Protein RecA'
3 polymer 'DNA (36-MER)'
4 non-polymer 'MAGNESIUM ION'
5 non-polymer 'PHOSPHOTHIOPHOSPHORIC ACID-ADENYLATE ESTER'
#
loop_
_entity_poly.entity_id
_entity_poly.type
_entity_poly.pdbx_seq_one_letter_code
_entity_poly.pdbx_strand_id
1 'polypeptide(L)'
;MHHHHHHGQKLTPRQAEILSFIKRCLEDHGFPPTRAEIAQELGFKSPNAAEEHLKALARKGAIEMTPGASRGIRIPGFEP
HAANDDEGLPVIGRVAAGAPILAEQNIEESCRINPAFFNPRADYLLRVRGMAMKDIGILDGDLLAVHVTREARNGQVVVA
RIGEEVTVKRFKREGSKVWLLAENPEFAPIEVDLKEQELIIEGLSVGVIRR
;
A,B
2 'polypeptide(L)'
;MHHHHHHKLENLYFQGDENKKRALAAALGQIERQFGKGAVMRMGDHERQAIPAISTGSLGLDIALGIGGLPKGRIVEIYG
PESSGKTTLTLSVIAEAQKQGATCAFVDAEHALDPDYAGKLGVNVDDLLVSQPDTGEQALEITDMLVRSNAVDVIIVDSV
AALVPKAEIEGEMGDAHVGLQARLMSQALRKITGNIKNANCLVIFINQIRMKIGVMFGNPETTTGGNALKFYASVRLDIR
RTGAVKEGDEVVGSETRVKVVKNKVSPPFRQAEFQILYGKGIYRTGEIIDLGVQLGLVEKSGAWYSYQGSKIGQGKANAA
KYLEDNPEIGSVLEKTIRDQLLAKSGPVKADAEEVADAEAD
;
D,E,F,G,H,I,J,K,L,C,M
3 'polydeoxyribonucleotide'
;(DT)(DT)(DT)(DT)(DT)(DT)(DT)(DT)(DT)(DT)(DT)(DT)(DT)(DT)(DT)(DT)(DT)(DT)(DT)(DT)
(DT)(DT)(DT)(DT)(DT)(DT)(DT)(DT)(DT)(DT)(DT)(DT)(DT)(DT)(DT)(DT)
;
T
#
loop_
_chem_comp.id
_chem_comp.type
_chem_comp.name
_chem_comp.formula
AGS non-polymer 'PHOSPHOTHIOPHOSPHORIC ACID-ADENYLATE ESTER' 'C10 H16 N5 O12 P3 S'
DT DNA linking THYMIDINE-5'-MONOPHOSPHATE 'C10 H15 N2 O8 P'
MG non-polymer 'MAGNESIUM ION' 'Mg 2'
#
# COMPACT_ATOMS: atom_id res chain seq x y z
N GLY A 88 -1.11 -3.68 -18.14
CA GLY A 88 -1.58 -4.56 -17.08
C GLY A 88 -3.09 -4.66 -16.95
N LEU A 89 -3.68 -3.78 -16.15
CA LEU A 89 -5.11 -3.78 -15.91
C LEU A 89 -5.54 -5.13 -15.38
N PRO A 90 -5.12 -5.51 -14.18
CA PRO A 90 -5.58 -6.78 -13.61
C PRO A 90 -7.08 -6.78 -13.40
N VAL A 91 -7.70 -7.90 -13.71
CA VAL A 91 -9.13 -8.07 -13.47
C VAL A 91 -9.37 -8.24 -11.98
N ILE A 92 -10.24 -7.40 -11.41
CA ILE A 92 -10.43 -7.41 -9.96
C ILE A 92 -11.86 -7.75 -9.61
N GLY A 93 -12.51 -8.57 -10.43
CA GLY A 93 -13.84 -9.02 -10.10
C GLY A 93 -14.76 -8.92 -11.30
N ARG A 94 -16.06 -9.05 -11.04
CA ARG A 94 -17.04 -9.08 -12.11
C ARG A 94 -18.25 -8.23 -11.73
N VAL A 95 -18.74 -7.49 -12.71
CA VAL A 95 -19.90 -6.64 -12.55
C VAL A 95 -21.10 -7.34 -13.16
N ALA A 96 -22.28 -7.05 -12.63
CA ALA A 96 -23.52 -7.67 -13.09
C ALA A 96 -24.25 -6.72 -14.01
N ALA A 97 -24.52 -7.18 -15.23
CA ALA A 97 -25.34 -6.42 -16.18
C ALA A 97 -26.78 -6.85 -15.97
N GLY A 98 -27.44 -6.19 -15.02
CA GLY A 98 -28.79 -6.53 -14.65
C GLY A 98 -29.02 -6.43 -13.16
N ALA A 99 -29.46 -7.51 -12.54
CA ALA A 99 -29.63 -7.52 -11.10
C ALA A 99 -28.27 -7.41 -10.42
N PRO A 100 -28.09 -6.50 -9.46
CA PRO A 100 -26.77 -6.35 -8.83
C PRO A 100 -26.34 -7.63 -8.15
N ILE A 101 -25.03 -7.87 -8.14
CA ILE A 101 -24.44 -9.03 -7.49
C ILE A 101 -23.25 -8.57 -6.66
N LEU A 102 -22.89 -9.41 -5.69
CA LEU A 102 -21.76 -9.09 -4.82
C LEU A 102 -20.48 -8.96 -5.62
N ALA A 103 -19.64 -8.00 -5.24
CA ALA A 103 -18.39 -7.72 -5.94
C ALA A 103 -17.28 -7.52 -4.92
N GLU A 104 -16.15 -8.19 -5.17
CA GLU A 104 -14.98 -8.11 -4.30
C GLU A 104 -13.78 -7.68 -5.13
N GLN A 105 -12.72 -7.27 -4.42
CA GLN A 105 -11.54 -6.68 -5.03
C GLN A 105 -10.52 -7.71 -5.47
N ASN A 106 -10.76 -9.00 -5.18
CA ASN A 106 -9.74 -10.05 -5.45
C ASN A 106 -9.34 -10.06 -6.93
N ILE A 107 -8.03 -10.07 -7.20
CA ILE A 107 -7.53 -10.10 -8.60
C ILE A 107 -7.72 -11.51 -9.16
N GLU A 108 -8.47 -11.64 -10.28
CA GLU A 108 -8.63 -12.95 -10.94
C GLU A 108 -7.38 -13.23 -11.79
N GLU A 109 -7.09 -12.35 -12.76
CA GLU A 109 -5.90 -12.51 -13.63
C GLU A 109 -5.35 -11.14 -14.05
N SER A 110 -4.25 -11.10 -14.79
CA SER A 110 -3.69 -9.85 -15.28
C SER A 110 -3.65 -9.88 -16.80
N CYS A 111 -4.26 -8.88 -17.43
CA CYS A 111 -4.22 -8.76 -18.88
C CYS A 111 -2.89 -8.11 -19.27
N ARG A 112 -2.70 -7.85 -20.56
CA ARG A 112 -1.41 -7.38 -21.05
C ARG A 112 -1.56 -6.15 -21.94
N ILE A 113 -2.70 -5.46 -21.86
CA ILE A 113 -2.95 -4.26 -22.66
C ILE A 113 -2.42 -3.05 -21.88
N ASN A 114 -1.75 -2.12 -22.58
CA ASN A 114 -1.15 -0.93 -21.91
C ASN A 114 -2.24 -0.14 -21.15
N PRO A 115 -1.93 0.41 -19.95
CA PRO A 115 -2.91 1.16 -19.15
C PRO A 115 -3.68 2.24 -19.91
N ALA A 116 -2.98 3.04 -20.72
CA ALA A 116 -3.63 4.17 -21.42
C ALA A 116 -4.16 3.73 -22.81
N PHE A 117 -4.46 2.44 -23.01
CA PHE A 117 -5.06 2.08 -24.29
C PHE A 117 -6.41 2.76 -24.49
N PHE A 118 -7.11 3.07 -23.41
CA PHE A 118 -8.40 3.72 -23.45
C PHE A 118 -8.24 5.21 -23.20
N ASN A 119 -9.18 5.99 -23.75
CA ASN A 119 -9.09 7.45 -23.64
C ASN A 119 -9.08 7.92 -22.19
N PRO A 120 -10.03 7.52 -21.34
CA PRO A 120 -10.00 7.96 -19.94
C PRO A 120 -9.00 7.22 -19.07
N ARG A 121 -8.08 6.45 -19.67
CA ARG A 121 -7.05 5.74 -18.90
C ARG A 121 -7.69 4.75 -17.94
N ALA A 122 -8.31 3.72 -18.51
CA ALA A 122 -8.94 2.69 -17.69
C ALA A 122 -7.91 2.05 -16.77
N ASP A 123 -8.31 1.85 -15.52
CA ASP A 123 -7.41 1.30 -14.50
C ASP A 123 -7.56 -0.21 -14.32
N TYR A 124 -8.77 -0.74 -14.42
CA TYR A 124 -8.96 -2.17 -14.23
C TYR A 124 -10.11 -2.64 -15.10
N LEU A 125 -10.07 -3.91 -15.47
CA LEU A 125 -11.13 -4.55 -16.24
C LEU A 125 -12.03 -5.32 -15.29
N LEU A 126 -13.33 -5.10 -15.41
CA LEU A 126 -14.34 -5.75 -14.57
C LEU A 126 -15.12 -6.70 -15.47
N ARG A 127 -15.08 -7.98 -15.14
CA ARG A 127 -15.79 -8.97 -15.95
C ARG A 127 -17.29 -8.74 -15.88
N VAL A 128 -17.94 -8.75 -17.03
CA VAL A 128 -19.38 -8.54 -17.09
C VAL A 128 -20.09 -9.88 -16.91
N ARG A 129 -21.37 -9.82 -16.59
CA ARG A 129 -22.17 -11.01 -16.33
C ARG A 129 -23.64 -10.65 -16.55
N GLY A 130 -24.17 -11.03 -17.70
CA GLY A 130 -25.57 -10.81 -17.99
C GLY A 130 -25.76 -10.31 -19.40
N MET A 131 -26.98 -9.87 -19.69
CA MET A 131 -27.36 -9.38 -21.02
C MET A 131 -28.11 -8.07 -20.96
N ALA A 132 -27.87 -7.25 -19.92
CA ALA A 132 -28.60 -6.00 -19.79
C ALA A 132 -28.18 -5.00 -20.86
N MET A 133 -26.89 -4.96 -21.20
CA MET A 133 -26.37 -3.98 -22.15
C MET A 133 -26.14 -4.58 -23.53
N LYS A 134 -26.86 -5.65 -23.88
CA LYS A 134 -26.71 -6.24 -25.20
C LYS A 134 -27.03 -5.21 -26.29
N ASP A 135 -28.00 -4.33 -26.03
CA ASP A 135 -28.37 -3.32 -27.01
C ASP A 135 -27.27 -2.31 -27.27
N ILE A 136 -26.27 -2.22 -26.39
CA ILE A 136 -25.17 -1.27 -26.56
C ILE A 136 -23.89 -1.95 -27.01
N GLY A 137 -23.91 -3.27 -27.19
CA GLY A 137 -22.73 -3.99 -27.62
C GLY A 137 -21.95 -4.67 -26.51
N ILE A 138 -22.49 -4.71 -25.30
CA ILE A 138 -21.85 -5.39 -24.18
C ILE A 138 -22.66 -6.66 -23.92
N LEU A 139 -22.24 -7.76 -24.53
CA LEU A 139 -22.88 -9.04 -24.25
C LEU A 139 -22.35 -9.62 -22.95
N ASP A 140 -22.59 -10.92 -22.75
CA ASP A 140 -22.13 -11.61 -21.51
C ASP A 140 -20.69 -12.12 -21.63
N GLY A 141 -19.93 -12.14 -20.53
CA GLY A 141 -18.56 -12.71 -20.53
C GLY A 141 -17.59 -11.90 -21.36
N ASP A 142 -17.66 -10.57 -21.28
CA ASP A 142 -16.78 -9.69 -22.10
C ASP A 142 -16.11 -8.66 -21.19
N LEU A 143 -14.83 -8.86 -20.88
CA LEU A 143 -14.09 -7.96 -19.95
C LEU A 143 -14.38 -6.48 -20.24
N LEU A 144 -14.84 -5.74 -19.25
CA LEU A 144 -15.19 -4.33 -19.40
C LEU A 144 -14.19 -3.48 -18.63
N ALA A 145 -13.64 -2.48 -19.29
CA ALA A 145 -12.70 -1.56 -18.66
C ALA A 145 -13.47 -0.50 -17.89
N VAL A 146 -12.98 -0.14 -16.72
CA VAL A 146 -13.63 0.83 -15.83
C VAL A 146 -12.61 1.88 -15.42
N HIS A 147 -13.05 3.13 -15.36
CA HIS A 147 -12.23 4.23 -14.88
C HIS A 147 -12.76 4.71 -13.53
N VAL A 148 -11.87 4.85 -12.56
CA VAL A 148 -12.26 5.19 -11.20
C VAL A 148 -12.72 6.64 -11.16
N THR A 149 -14.02 6.86 -11.08
CA THR A 149 -14.58 8.21 -10.99
C THR A 149 -15.74 8.18 -10.01
N ARG A 150 -15.76 9.13 -9.08
CA ARG A 150 -16.80 9.23 -8.09
C ARG A 150 -17.98 10.09 -8.55
N GLU A 151 -17.83 10.82 -9.65
CA GLU A 151 -18.87 11.72 -10.15
C GLU A 151 -19.56 11.08 -11.35
N ALA A 152 -20.88 11.18 -11.39
CA ALA A 152 -21.68 10.60 -12.45
C ALA A 152 -22.42 11.70 -13.21
N ARG A 153 -22.43 11.58 -14.54
CA ARG A 153 -23.16 12.49 -15.41
C ARG A 153 -24.27 11.72 -16.12
N ASN A 154 -25.44 12.33 -16.20
CA ASN A 154 -26.59 11.67 -16.80
C ASN A 154 -26.30 11.27 -18.23
N GLY A 155 -26.77 10.10 -18.61
CA GLY A 155 -26.62 9.60 -19.97
C GLY A 155 -25.37 8.80 -20.23
N GLN A 156 -24.46 8.69 -19.27
CA GLN A 156 -23.22 7.95 -19.45
C GLN A 156 -23.26 6.69 -18.60
N VAL A 157 -22.83 5.57 -19.18
CA VAL A 157 -22.87 4.28 -18.48
C VAL A 157 -21.83 4.27 -17.37
N VAL A 158 -22.25 3.88 -16.17
CA VAL A 158 -21.37 3.85 -15.02
C VAL A 158 -21.52 2.50 -14.32
N VAL A 159 -20.70 2.27 -13.30
CA VAL A 159 -20.72 1.03 -12.53
C VAL A 159 -21.24 1.37 -11.14
N ALA A 160 -22.56 1.31 -10.96
CA ALA A 160 -23.15 1.64 -9.69
C ALA A 160 -22.85 0.54 -8.67
N ARG A 161 -22.93 0.91 -7.39
CA ARG A 161 -22.61 -0.03 -6.31
C ARG A 161 -23.60 0.23 -5.18
N ILE A 162 -24.65 -0.56 -5.12
CA ILE A 162 -25.71 -0.43 -4.12
C ILE A 162 -25.36 -1.37 -2.96
N GLY A 163 -25.10 -0.79 -1.79
CA GLY A 163 -24.71 -1.62 -0.66
C GLY A 163 -23.45 -2.41 -1.00
N GLU A 164 -23.53 -3.73 -0.91
CA GLU A 164 -22.44 -4.60 -1.31
C GLU A 164 -22.58 -5.12 -2.73
N GLU A 165 -23.61 -4.68 -3.46
CA GLU A 165 -23.86 -5.13 -4.83
C GLU A 165 -23.40 -4.08 -5.82
N VAL A 166 -22.85 -4.53 -6.94
CA VAL A 166 -22.35 -3.66 -7.99
C VAL A 166 -23.02 -4.05 -9.30
N THR A 167 -23.43 -3.06 -10.08
CA THR A 167 -24.09 -3.31 -11.35
C THR A 167 -23.73 -2.20 -12.33
N VAL A 168 -23.93 -2.49 -13.61
CA VAL A 168 -23.62 -1.56 -14.69
C VAL A 168 -24.93 -1.12 -15.32
N LYS A 169 -25.15 0.19 -15.38
CA LYS A 169 -26.36 0.75 -15.94
C LYS A 169 -26.09 2.17 -16.38
N ARG A 170 -27.00 2.71 -17.19
CA ARG A 170 -26.95 4.12 -17.53
C ARG A 170 -27.37 4.97 -16.33
N PHE A 171 -26.62 6.03 -16.07
CA PHE A 171 -26.90 6.89 -14.94
C PHE A 171 -27.87 7.99 -15.32
N LYS A 172 -28.87 8.23 -14.47
CA LYS A 172 -29.86 9.27 -14.73
C LYS A 172 -30.46 9.68 -13.38
N ARG A 173 -30.13 10.88 -12.92
CA ARG A 173 -30.58 11.39 -11.64
C ARG A 173 -31.31 12.72 -11.85
N GLU A 174 -32.48 12.86 -11.23
CA GLU A 174 -33.25 14.10 -11.29
C GLU A 174 -33.75 14.49 -9.91
N GLY A 175 -32.87 14.47 -8.91
CA GLY A 175 -33.24 14.91 -7.58
C GLY A 175 -32.94 13.89 -6.50
N SER A 176 -33.95 13.53 -5.72
CA SER A 176 -33.80 12.54 -4.67
C SER A 176 -33.90 11.11 -5.18
N LYS A 177 -34.21 10.92 -6.47
CA LYS A 177 -34.34 9.60 -7.07
C LYS A 177 -33.33 9.45 -8.19
N VAL A 178 -32.83 8.24 -8.38
CA VAL A 178 -31.90 7.93 -9.46
C VAL A 178 -32.41 6.70 -10.20
N TRP A 179 -32.40 6.79 -11.53
CA TRP A 179 -32.85 5.71 -12.40
C TRP A 179 -31.64 5.09 -13.09
N LEU A 180 -31.53 3.77 -13.00
CA LEU A 180 -30.44 3.04 -13.66
C LEU A 180 -31.04 2.36 -14.90
N LEU A 181 -31.11 3.12 -15.98
CA LEU A 181 -31.73 2.61 -17.20
C LEU A 181 -30.93 1.46 -17.77
N ALA A 182 -31.62 0.51 -18.39
CA ALA A 182 -31.01 -0.66 -19.00
C ALA A 182 -31.36 -0.69 -20.48
N GLU A 183 -30.37 -1.01 -21.32
CA GLU A 183 -30.58 -1.12 -22.76
C GLU A 183 -31.09 -2.51 -23.13
N ASN A 184 -32.26 -2.82 -22.60
CA ASN A 184 -32.97 -4.05 -22.93
C ASN A 184 -34.40 -3.97 -22.43
N PRO A 185 -35.38 -4.25 -23.29
CA PRO A 185 -36.78 -4.27 -22.81
C PRO A 185 -37.00 -5.26 -21.69
N GLU A 186 -36.25 -6.35 -21.67
CA GLU A 186 -36.44 -7.37 -20.64
C GLU A 186 -36.14 -6.83 -19.25
N PHE A 187 -35.07 -6.04 -19.12
CA PHE A 187 -34.64 -5.53 -17.82
C PHE A 187 -35.29 -4.18 -17.57
N ALA A 188 -36.22 -4.15 -16.61
CA ALA A 188 -36.88 -2.91 -16.24
C ALA A 188 -35.93 -1.98 -15.51
N PRO A 189 -35.93 -0.70 -15.85
CA PRO A 189 -35.07 0.26 -15.16
C PRO A 189 -35.13 0.10 -13.66
N ILE A 190 -34.06 0.53 -12.99
CA ILE A 190 -33.93 0.43 -11.55
C ILE A 190 -34.06 1.83 -10.94
N GLU A 191 -34.96 1.98 -9.98
CA GLU A 191 -35.16 3.23 -9.27
C GLU A 191 -34.46 3.16 -7.92
N VAL A 192 -33.59 4.11 -7.64
CA VAL A 192 -32.88 4.19 -6.37
C VAL A 192 -33.08 5.60 -5.80
N ASP A 193 -33.53 5.66 -4.56
CA ASP A 193 -33.75 6.94 -3.88
C ASP A 193 -32.55 7.22 -2.99
N LEU A 194 -31.85 8.31 -3.26
CA LEU A 194 -30.62 8.61 -2.53
C LEU A 194 -30.91 8.86 -1.06
N LYS A 195 -32.05 9.45 -0.74
CA LYS A 195 -32.37 9.75 0.66
C LYS A 195 -32.52 8.48 1.48
N GLU A 196 -33.15 7.45 0.92
CA GLU A 196 -33.43 6.23 1.66
C GLU A 196 -32.29 5.22 1.61
N GLN A 197 -31.61 5.09 0.48
CA GLN A 197 -30.57 4.09 0.30
C GLN A 197 -29.35 4.73 -0.33
N GLU A 198 -28.18 4.51 0.28
CA GLU A 198 -26.96 5.12 -0.20
C GLU A 198 -26.54 4.49 -1.53
N LEU A 199 -26.14 5.34 -2.47
CA LEU A 199 -25.66 4.90 -3.78
C LEU A 199 -24.24 5.40 -3.99
N ILE A 200 -23.35 4.49 -4.37
CA ILE A 200 -21.95 4.80 -4.61
C ILE A 200 -21.61 4.36 -6.03
N ILE A 201 -20.92 5.22 -6.77
CA ILE A 201 -20.58 4.97 -8.16
C ILE A 201 -19.13 4.52 -8.19
N GLU A 202 -18.88 3.34 -8.76
CA GLU A 202 -17.52 2.82 -8.84
C GLU A 202 -16.71 3.52 -9.92
N GLY A 203 -17.35 3.90 -11.02
CA GLY A 203 -16.65 4.56 -12.10
C GLY A 203 -17.45 4.45 -13.39
N LEU A 204 -16.84 4.98 -14.45
CA LEU A 204 -17.46 4.99 -15.77
C LEU A 204 -16.75 4.03 -16.70
N SER A 205 -17.54 3.33 -17.51
CA SER A 205 -17.02 2.35 -18.45
C SER A 205 -16.39 3.06 -19.63
N VAL A 206 -15.26 2.54 -20.11
CA VAL A 206 -14.55 3.13 -21.23
C VAL A 206 -14.39 2.19 -22.41
N GLY A 207 -14.80 0.94 -22.29
CA GLY A 207 -14.68 0.00 -23.39
C GLY A 207 -14.93 -1.41 -22.93
N VAL A 208 -14.87 -2.32 -23.90
CA VAL A 208 -15.05 -3.75 -23.66
C VAL A 208 -13.99 -4.51 -24.44
N ILE A 209 -13.57 -5.66 -23.91
CA ILE A 209 -12.49 -6.42 -24.53
C ILE A 209 -13.03 -7.55 -25.37
N ARG A 210 -13.95 -8.34 -24.82
CA ARG A 210 -14.58 -9.45 -25.54
C ARG A 210 -13.51 -10.37 -26.15
N ARG A 211 -12.70 -10.95 -25.27
CA ARG A 211 -11.65 -11.85 -25.70
C ARG A 211 -12.15 -13.29 -25.75
N GLY B 88 3.40 -5.62 -30.05
CA GLY B 88 3.68 -5.99 -31.42
C GLY B 88 2.46 -6.50 -32.16
N LEU B 89 1.48 -5.63 -32.36
CA LEU B 89 0.24 -5.98 -33.05
C LEU B 89 -0.11 -4.86 -34.02
N PRO B 90 -0.37 -5.19 -35.29
CA PRO B 90 -0.64 -4.14 -36.27
C PRO B 90 -2.11 -3.74 -36.27
N VAL B 91 -2.35 -2.45 -36.33
CA VAL B 91 -3.70 -1.88 -36.29
C VAL B 91 -4.08 -1.50 -37.71
N ILE B 92 -4.90 -2.33 -38.35
CA ILE B 92 -5.39 -2.04 -39.70
C ILE B 92 -6.62 -1.16 -39.53
N GLY B 93 -6.39 0.14 -39.43
CA GLY B 93 -7.47 1.09 -39.28
C GLY B 93 -7.92 1.68 -40.60
N ARG B 94 -6.97 2.16 -41.39
CA ARG B 94 -7.27 2.71 -42.71
C ARG B 94 -7.21 1.58 -43.72
N VAL B 95 -8.36 1.25 -44.31
CA VAL B 95 -8.48 0.15 -45.26
C VAL B 95 -8.69 0.80 -46.63
N ALA B 96 -7.60 1.02 -47.35
CA ALA B 96 -7.69 1.60 -48.68
C ALA B 96 -8.32 0.63 -49.65
N ALA B 97 -9.05 1.18 -50.62
CA ALA B 97 -9.67 0.36 -51.65
C ALA B 97 -8.62 -0.17 -52.61
N GLY B 98 -8.60 -1.49 -52.81
CA GLY B 98 -7.61 -2.12 -53.70
C GLY B 98 -6.26 -2.24 -53.03
N ALA B 99 -6.24 -2.48 -51.71
CA ALA B 99 -4.96 -2.60 -50.96
C ALA B 99 -4.93 -3.93 -50.20
N PRO B 100 -3.78 -4.63 -50.10
CA PRO B 100 -3.67 -5.86 -49.32
C PRO B 100 -4.10 -5.67 -47.85
N ILE B 101 -4.65 -6.72 -47.24
CA ILE B 101 -5.17 -6.61 -45.85
C ILE B 101 -4.07 -6.12 -44.90
N LEU B 102 -2.80 -6.31 -45.23
CA LEU B 102 -1.78 -5.90 -44.26
C LEU B 102 -0.78 -4.95 -44.89
N ALA B 103 -1.26 -4.03 -45.71
CA ALA B 103 -0.40 -3.07 -46.36
C ALA B 103 0.25 -2.14 -45.33
N GLU B 104 1.45 -1.68 -45.66
CA GLU B 104 2.19 -0.81 -44.76
C GLU B 104 1.44 0.50 -44.53
N GLN B 105 0.83 1.05 -45.57
CA GLN B 105 0.05 2.27 -45.43
C GLN B 105 -1.22 2.05 -44.62
N ASN B 106 -1.69 0.80 -44.59
CA ASN B 106 -2.97 0.46 -43.90
C ASN B 106 -2.78 0.46 -42.38
N ILE B 107 -1.53 0.45 -41.90
CA ILE B 107 -1.25 0.41 -40.43
C ILE B 107 -1.05 1.85 -39.93
N GLU B 108 -1.78 2.24 -38.88
CA GLU B 108 -1.65 3.60 -38.30
C GLU B 108 -0.74 3.56 -37.06
N GLU B 109 -0.66 2.41 -36.39
CA GLU B 109 0.16 2.25 -35.14
C GLU B 109 -0.29 3.25 -34.07
N SER B 110 0.40 4.39 -33.95
CA SER B 110 0.06 5.45 -32.95
C SER B 110 0.14 4.89 -31.52
N CYS B 111 1.04 3.93 -31.26
CA CYS B 111 1.23 3.30 -29.91
C CYS B 111 -0.05 2.59 -29.43
N ARG B 112 -1.01 2.32 -30.34
CA ARG B 112 -2.22 1.54 -29.97
C ARG B 112 -1.85 0.08 -30.18
N ILE B 113 -0.79 -0.37 -29.52
CA ILE B 113 -0.24 -1.70 -29.74
C ILE B 113 -0.33 -2.50 -28.45
N ASN B 114 -0.87 -3.71 -28.54
CA ASN B 114 -1.00 -4.63 -27.42
C ASN B 114 -0.58 -6.02 -27.88
N PRO B 115 -0.28 -6.92 -26.94
CA PRO B 115 0.26 -8.22 -27.33
C PRO B 115 -0.80 -9.15 -27.89
N ALA B 116 -0.36 -10.11 -28.70
CA ALA B 116 -1.27 -11.05 -29.35
C ALA B 116 -1.55 -12.20 -28.39
N PHE B 117 -2.44 -11.93 -27.44
CA PHE B 117 -2.87 -12.93 -26.47
C PHE B 117 -4.17 -13.61 -26.84
N PHE B 118 -4.75 -13.29 -28.01
CA PHE B 118 -5.98 -13.92 -28.43
C PHE B 118 -5.74 -15.39 -28.76
N ASN B 119 -6.77 -16.20 -28.51
CA ASN B 119 -6.61 -17.65 -28.67
C ASN B 119 -6.19 -18.03 -30.08
N PRO B 120 -7.00 -17.82 -31.12
CA PRO B 120 -6.50 -18.01 -32.49
C PRO B 120 -5.21 -17.27 -32.79
N ARG B 121 -4.75 -16.40 -31.89
CA ARG B 121 -3.50 -15.65 -32.09
C ARG B 121 -3.61 -14.74 -33.31
N ALA B 122 -4.47 -13.73 -33.19
CA ALA B 122 -4.63 -12.75 -34.26
C ALA B 122 -3.33 -11.98 -34.49
N ASP B 123 -3.02 -11.75 -35.76
CA ASP B 123 -1.80 -11.08 -36.16
C ASP B 123 -2.02 -9.63 -36.60
N TYR B 124 -3.23 -9.12 -36.53
CA TYR B 124 -3.50 -7.74 -36.95
C TYR B 124 -4.89 -7.34 -36.49
N LEU B 125 -5.03 -6.06 -36.16
CA LEU B 125 -6.29 -5.51 -35.65
C LEU B 125 -6.96 -4.72 -36.76
N LEU B 126 -8.20 -5.09 -37.07
CA LEU B 126 -8.98 -4.45 -38.12
C LEU B 126 -10.17 -3.74 -37.50
N ARG B 127 -10.38 -2.48 -37.86
CA ARG B 127 -11.51 -1.71 -37.36
C ARG B 127 -12.67 -1.88 -38.33
N VAL B 128 -13.78 -2.45 -37.85
CA VAL B 128 -14.93 -2.70 -38.70
C VAL B 128 -15.87 -1.51 -38.65
N ARG B 129 -16.22 -0.97 -39.81
CA ARG B 129 -17.10 0.18 -39.94
C ARG B 129 -18.38 -0.25 -40.64
N GLY B 130 -19.51 0.19 -40.11
CA GLY B 130 -20.81 -0.18 -40.65
C GLY B 130 -21.61 -0.97 -39.64
N MET B 131 -22.93 -0.84 -39.73
CA MET B 131 -23.85 -1.49 -38.80
C MET B 131 -24.22 -2.90 -39.25
N ALA B 132 -23.43 -3.50 -40.13
CA ALA B 132 -23.75 -4.80 -40.72
C ALA B 132 -23.80 -5.91 -39.68
N MET B 133 -23.22 -5.71 -38.50
CA MET B 133 -23.23 -6.71 -37.44
C MET B 133 -23.56 -6.06 -36.10
N LYS B 134 -24.60 -5.22 -36.11
CA LYS B 134 -25.05 -4.62 -34.86
C LYS B 134 -25.53 -5.67 -33.88
N ASP B 135 -26.24 -6.69 -34.37
CA ASP B 135 -26.76 -7.72 -33.48
C ASP B 135 -25.66 -8.43 -32.72
N ILE B 136 -24.49 -8.60 -33.32
CA ILE B 136 -23.40 -9.32 -32.67
C ILE B 136 -22.53 -8.39 -31.82
N GLY B 137 -22.50 -7.09 -32.14
CA GLY B 137 -21.73 -6.15 -31.35
C GLY B 137 -20.73 -5.34 -32.17
N ILE B 138 -20.93 -5.30 -33.48
CA ILE B 138 -20.08 -4.54 -34.36
C ILE B 138 -20.65 -3.14 -34.51
N LEU B 139 -19.79 -2.12 -34.46
CA LEU B 139 -20.24 -0.73 -34.50
C LEU B 139 -19.28 0.06 -35.37
N ASP B 140 -19.43 1.39 -35.34
CA ASP B 140 -18.57 2.25 -36.15
C ASP B 140 -17.11 2.06 -35.80
N GLY B 141 -16.79 1.87 -34.52
CA GLY B 141 -15.43 1.59 -34.12
C GLY B 141 -15.22 0.11 -33.92
N ASP B 142 -15.14 -0.31 -32.65
CA ASP B 142 -15.03 -1.72 -32.31
C ASP B 142 -13.86 -2.37 -33.05
N LEU B 143 -12.65 -1.90 -32.73
CA LEU B 143 -11.44 -2.49 -33.27
C LEU B 143 -11.46 -3.99 -33.04
N LEU B 144 -11.46 -4.75 -34.13
CA LEU B 144 -11.65 -6.19 -34.09
C LEU B 144 -10.38 -6.88 -34.57
N ALA B 145 -9.89 -7.83 -33.78
CA ALA B 145 -8.68 -8.55 -34.11
C ALA B 145 -8.99 -9.70 -35.05
N VAL B 146 -8.15 -9.87 -36.07
CA VAL B 146 -8.32 -10.89 -37.09
C VAL B 146 -7.06 -11.72 -37.16
N HIS B 147 -7.21 -13.05 -37.19
CA HIS B 147 -6.10 -13.98 -37.28
C HIS B 147 -5.98 -14.46 -38.72
N VAL B 148 -4.79 -14.29 -39.30
CA VAL B 148 -4.56 -14.64 -40.70
C VAL B 148 -4.67 -16.14 -40.87
N THR B 149 -5.72 -16.58 -41.56
CA THR B 149 -5.92 -18.01 -41.80
C THR B 149 -7.10 -18.17 -42.75
N ARG B 150 -7.06 -19.23 -43.56
CA ARG B 150 -8.08 -19.48 -44.58
C ARG B 150 -8.78 -20.79 -44.24
N GLU B 151 -9.90 -20.69 -43.53
CA GLU B 151 -10.71 -21.84 -43.18
C GLU B 151 -11.99 -21.34 -42.50
N ALA B 152 -13.09 -22.03 -42.78
CA ALA B 152 -14.36 -21.73 -42.14
C ALA B 152 -15.17 -23.02 -42.05
N ARG B 153 -16.13 -23.04 -41.13
CA ARG B 153 -16.99 -24.20 -40.96
C ARG B 153 -18.33 -23.75 -40.41
N ASN B 154 -19.41 -24.04 -41.13
CA ASN B 154 -20.74 -23.75 -40.61
C ASN B 154 -20.86 -22.23 -40.42
N GLY B 155 -21.58 -21.81 -39.39
CA GLY B 155 -21.76 -20.39 -39.11
C GLY B 155 -20.60 -19.77 -38.36
N GLN B 156 -19.50 -19.52 -39.07
CA GLN B 156 -18.28 -18.97 -38.49
C GLN B 156 -17.93 -17.67 -39.19
N VAL B 157 -17.78 -16.59 -38.41
CA VAL B 157 -17.47 -15.29 -38.98
C VAL B 157 -16.03 -15.28 -39.49
N VAL B 158 -15.80 -14.64 -40.63
CA VAL B 158 -14.48 -14.50 -41.21
C VAL B 158 -14.38 -13.18 -41.95
N VAL B 159 -13.16 -12.78 -42.27
CA VAL B 159 -12.89 -11.59 -43.07
C VAL B 159 -12.74 -12.04 -44.51
N ALA B 160 -13.78 -11.85 -45.31
CA ALA B 160 -13.80 -12.29 -46.69
C ALA B 160 -13.56 -11.12 -47.62
N ARG B 161 -12.63 -11.30 -48.56
CA ARG B 161 -12.28 -10.27 -49.52
C ARG B 161 -12.99 -10.52 -50.84
N ILE B 162 -13.58 -9.47 -51.41
CA ILE B 162 -14.28 -9.57 -52.68
C ILE B 162 -13.43 -8.95 -53.77
N GLY B 163 -12.12 -8.89 -53.54
CA GLY B 163 -11.21 -8.28 -54.49
C GLY B 163 -10.88 -6.83 -54.20
N GLU B 164 -11.88 -5.96 -54.23
CA GLU B 164 -11.67 -4.53 -54.03
C GLU B 164 -12.30 -4.01 -52.74
N GLU B 165 -13.13 -4.79 -52.06
CA GLU B 165 -13.79 -4.34 -50.84
C GLU B 165 -13.54 -5.35 -49.73
N VAL B 166 -13.14 -4.84 -48.57
CA VAL B 166 -12.89 -5.65 -47.38
C VAL B 166 -14.09 -5.53 -46.45
N THR B 167 -14.68 -6.66 -46.10
CA THR B 167 -15.83 -6.65 -45.21
C THR B 167 -15.76 -7.86 -44.30
N VAL B 168 -16.42 -7.75 -43.15
CA VAL B 168 -16.45 -8.81 -42.15
C VAL B 168 -17.90 -9.26 -42.02
N LYS B 169 -18.16 -10.51 -42.40
CA LYS B 169 -19.49 -11.07 -42.33
C LYS B 169 -19.39 -12.54 -41.95
N ARG B 170 -20.49 -13.08 -41.45
CA ARG B 170 -20.53 -14.50 -41.12
C ARG B 170 -20.47 -15.34 -42.39
N PHE B 171 -19.96 -16.55 -42.26
CA PHE B 171 -19.81 -17.46 -43.37
C PHE B 171 -20.87 -18.55 -43.32
N LYS B 172 -21.41 -18.91 -44.49
CA LYS B 172 -22.43 -19.95 -44.58
C LYS B 172 -22.24 -20.67 -45.92
N ARG B 173 -21.62 -21.85 -45.87
CA ARG B 173 -21.37 -22.61 -47.09
C ARG B 173 -22.67 -23.14 -47.68
N GLU B 174 -22.69 -23.30 -49.00
CA GLU B 174 -23.83 -23.83 -49.72
C GLU B 174 -23.37 -24.88 -50.73
N GLY B 175 -22.16 -25.41 -50.53
CA GLY B 175 -21.59 -26.37 -51.45
C GLY B 175 -20.69 -25.75 -52.50
N SER B 176 -21.25 -24.90 -53.36
CA SER B 176 -20.48 -24.20 -54.38
C SER B 176 -20.64 -22.69 -54.28
N LYS B 177 -21.51 -22.20 -53.40
CA LYS B 177 -21.75 -20.79 -53.21
C LYS B 177 -21.66 -20.48 -51.72
N VAL B 178 -21.07 -19.33 -51.38
CA VAL B 178 -20.89 -18.91 -50.00
C VAL B 178 -21.76 -17.69 -49.75
N TRP B 179 -22.43 -17.66 -48.60
CA TRP B 179 -23.32 -16.57 -48.22
C TRP B 179 -22.64 -15.77 -47.11
N LEU B 180 -22.63 -14.44 -47.27
CA LEU B 180 -22.03 -13.55 -46.29
C LEU B 180 -23.12 -13.09 -45.32
N LEU B 181 -23.48 -13.98 -44.41
CA LEU B 181 -24.56 -13.71 -43.48
C LEU B 181 -24.22 -12.56 -42.54
N ALA B 182 -25.17 -11.66 -42.35
CA ALA B 182 -25.05 -10.56 -41.42
C ALA B 182 -26.23 -10.61 -40.45
N GLU B 183 -26.29 -9.64 -39.54
CA GLU B 183 -27.32 -9.60 -38.53
C GLU B 183 -27.95 -8.21 -38.51
N ASN B 184 -28.87 -7.96 -39.44
CA ASN B 184 -29.66 -6.74 -39.49
C ASN B 184 -30.94 -6.99 -40.27
N PRO B 185 -32.08 -6.49 -39.78
CA PRO B 185 -33.31 -6.61 -40.57
C PRO B 185 -33.18 -5.93 -41.93
N GLU B 186 -32.34 -4.90 -42.02
CA GLU B 186 -32.11 -4.20 -43.28
C GLU B 186 -31.00 -4.83 -44.11
N PHE B 187 -29.98 -5.38 -43.47
CA PHE B 187 -28.87 -6.03 -44.18
C PHE B 187 -29.24 -7.49 -44.42
N ALA B 188 -29.75 -7.77 -45.61
CA ALA B 188 -30.07 -9.13 -45.98
C ALA B 188 -28.79 -9.94 -46.18
N PRO B 189 -28.87 -11.26 -45.96
CA PRO B 189 -27.68 -12.10 -46.18
C PRO B 189 -27.17 -11.95 -47.61
N ILE B 190 -25.95 -11.44 -47.73
CA ILE B 190 -25.36 -11.19 -49.05
C ILE B 190 -24.95 -12.51 -49.67
N GLU B 191 -25.38 -12.74 -50.90
CA GLU B 191 -25.12 -13.97 -51.64
C GLU B 191 -24.05 -13.71 -52.69
N VAL B 192 -22.95 -14.46 -52.62
CA VAL B 192 -21.80 -14.20 -53.46
C VAL B 192 -21.40 -15.37 -54.35
N ASP B 193 -21.64 -16.61 -53.92
CA ASP B 193 -21.28 -17.79 -54.72
C ASP B 193 -19.78 -17.93 -54.90
N LEU B 194 -19.35 -19.03 -55.53
CA LEU B 194 -17.93 -19.31 -55.75
C LEU B 194 -17.56 -19.63 -57.18
N LYS B 195 -18.46 -20.21 -57.98
CA LYS B 195 -18.08 -20.64 -59.33
C LYS B 195 -17.62 -19.45 -60.18
N GLU B 196 -18.29 -18.30 -60.04
CA GLU B 196 -17.88 -17.10 -60.74
C GLU B 196 -16.97 -16.21 -59.93
N GLN B 197 -16.98 -16.33 -58.61
CA GLN B 197 -16.17 -15.48 -57.73
C GLN B 197 -15.88 -16.24 -56.45
N GLU B 198 -14.62 -16.26 -56.05
CA GLU B 198 -14.18 -16.97 -54.84
C GLU B 198 -13.80 -15.96 -53.76
N LEU B 199 -14.53 -15.99 -52.65
CA LEU B 199 -14.27 -15.06 -51.56
C LEU B 199 -12.90 -15.33 -50.94
N ILE B 200 -12.18 -14.26 -50.62
CA ILE B 200 -10.85 -14.37 -50.03
C ILE B 200 -11.03 -14.31 -48.52
N ILE B 201 -10.63 -15.39 -47.83
CA ILE B 201 -10.73 -15.48 -46.38
C ILE B 201 -9.49 -14.83 -45.78
N GLU B 202 -9.54 -13.51 -45.57
CA GLU B 202 -8.38 -12.81 -45.04
C GLU B 202 -7.98 -13.32 -43.67
N GLY B 203 -8.93 -13.52 -42.76
CA GLY B 203 -8.60 -14.01 -41.45
C GLY B 203 -9.85 -14.23 -40.62
N LEU B 204 -9.64 -14.90 -39.48
CA LEU B 204 -10.73 -15.26 -38.58
C LEU B 204 -11.00 -14.09 -37.63
N SER B 205 -12.28 -13.84 -37.35
CA SER B 205 -12.69 -12.75 -36.48
C SER B 205 -12.85 -13.29 -35.07
N VAL B 206 -11.87 -13.03 -34.21
CA VAL B 206 -11.91 -13.42 -32.80
C VAL B 206 -11.58 -12.20 -31.96
N GLY B 207 -12.50 -11.84 -31.07
CA GLY B 207 -12.29 -10.70 -30.19
C GLY B 207 -12.61 -9.37 -30.83
N VAL B 208 -13.32 -8.51 -30.10
CA VAL B 208 -13.66 -7.18 -30.55
C VAL B 208 -13.36 -6.20 -29.42
N ILE B 209 -12.64 -5.13 -29.73
CA ILE B 209 -12.22 -4.15 -28.75
C ILE B 209 -12.91 -2.83 -29.07
N ARG B 210 -13.94 -2.49 -28.29
CA ARG B 210 -14.69 -1.28 -28.55
C ARG B 210 -13.81 -0.03 -28.40
N ARG B 211 -12.96 -0.03 -27.38
CA ARG B 211 -12.15 1.15 -27.05
C ARG B 211 -13.02 2.40 -26.94
N GLY C 16 16.36 31.33 -33.80
CA GLY C 16 15.56 32.48 -34.13
C GLY C 16 14.37 32.15 -35.00
N ASP C 17 14.40 32.61 -36.26
CA ASP C 17 13.30 32.32 -37.18
C ASP C 17 13.16 30.82 -37.41
N GLU C 18 14.29 30.13 -37.61
CA GLU C 18 14.23 28.69 -37.87
C GLU C 18 13.67 27.94 -36.66
N ASN C 19 14.12 28.30 -35.46
CA ASN C 19 13.60 27.62 -34.28
C ASN C 19 12.12 27.85 -34.12
N LYS C 20 11.66 29.09 -34.35
CA LYS C 20 10.23 29.37 -34.24
C LYS C 20 9.44 28.58 -35.27
N LYS C 21 9.93 28.52 -36.51
CA LYS C 21 9.22 27.76 -37.53
C LYS C 21 9.17 26.27 -37.16
N ARG C 22 10.27 25.74 -36.65
CA ARG C 22 10.26 24.33 -36.25
C ARG C 22 9.26 24.08 -35.14
N ALA C 23 9.22 24.98 -34.14
CA ALA C 23 8.28 24.81 -33.04
C ALA C 23 6.84 24.90 -33.54
N LEU C 24 6.55 25.86 -34.42
CA LEU C 24 5.20 25.99 -34.96
C LEU C 24 4.81 24.76 -35.76
N ALA C 25 5.74 24.23 -36.57
CA ALA C 25 5.46 23.02 -37.33
C ALA C 25 5.19 21.84 -36.40
N ALA C 26 5.96 21.73 -35.31
CA ALA C 26 5.72 20.66 -34.36
C ALA C 26 4.33 20.79 -33.72
N ALA C 27 3.96 22.02 -33.36
CA ALA C 27 2.64 22.23 -32.76
C ALA C 27 1.53 21.87 -33.74
N LEU C 28 1.67 22.29 -34.99
CA LEU C 28 0.65 21.97 -36.00
C LEU C 28 0.58 20.46 -36.23
N GLY C 29 1.73 19.79 -36.24
CA GLY C 29 1.72 18.35 -36.39
C GLY C 29 1.01 17.66 -35.24
N GLN C 30 1.28 18.12 -34.01
CA GLN C 30 0.60 17.55 -32.86
C GLN C 30 -0.91 17.77 -32.96
N ILE C 31 -1.32 18.97 -33.33
CA ILE C 31 -2.76 19.25 -33.46
C ILE C 31 -3.37 18.33 -34.51
N GLU C 32 -2.72 18.20 -35.66
CA GLU C 32 -3.23 17.34 -36.71
C GLU C 32 -3.34 15.89 -36.27
N ARG C 33 -2.31 15.36 -35.61
CA ARG C 33 -2.30 13.97 -35.20
C ARG C 33 -3.32 13.66 -34.11
N GLN C 34 -3.55 14.60 -33.19
CA GLN C 34 -4.46 14.31 -32.09
C GLN C 34 -5.90 14.69 -32.42
N PHE C 35 -6.11 15.82 -33.09
CA PHE C 35 -7.46 16.28 -33.39
C PHE C 35 -7.84 16.13 -34.86
N GLY C 36 -6.87 15.97 -35.74
CA GLY C 36 -7.12 15.78 -37.15
C GLY C 36 -6.77 17.01 -37.97
N LYS C 37 -7.48 17.18 -39.07
CA LYS C 37 -7.27 18.29 -39.99
C LYS C 37 -8.20 19.44 -39.63
N GLY C 38 -7.88 20.09 -38.50
CA GLY C 38 -8.70 21.17 -38.00
C GLY C 38 -7.93 22.28 -37.31
N ALA C 39 -6.64 22.39 -37.58
CA ALA C 39 -5.80 23.41 -36.96
C ALA C 39 -5.75 24.68 -37.79
N VAL C 40 -5.53 24.55 -39.10
CA VAL C 40 -5.47 25.69 -40.00
C VAL C 40 -6.41 25.43 -41.17
N MET C 41 -7.13 26.46 -41.59
CA MET C 41 -7.95 26.37 -42.79
C MET C 41 -7.07 26.10 -44.00
N ARG C 42 -7.61 25.38 -44.97
CA ARG C 42 -6.85 25.11 -46.18
C ARG C 42 -6.65 26.39 -46.99
N MET C 43 -5.38 26.67 -47.29
CA MET C 43 -5.05 27.92 -47.99
C MET C 43 -5.71 27.96 -49.37
N GLY C 44 -5.31 27.05 -50.25
CA GLY C 44 -5.87 27.04 -51.60
C GLY C 44 -7.34 26.65 -51.63
N ASP C 45 -7.72 25.65 -50.83
CA ASP C 45 -9.11 25.20 -50.82
C ASP C 45 -10.04 26.32 -50.36
N HIS C 46 -9.64 27.04 -49.31
CA HIS C 46 -10.43 28.16 -48.80
C HIS C 46 -10.08 29.42 -49.59
N GLU C 47 -10.43 29.39 -50.87
CA GLU C 47 -10.18 30.50 -51.77
C GLU C 47 -11.45 30.83 -52.55
N ARG C 48 -12.61 30.51 -51.98
CA ARG C 48 -13.87 30.85 -52.62
C ARG C 48 -14.00 32.36 -52.77
N GLN C 49 -14.17 32.80 -54.02
CA GLN C 49 -14.33 34.22 -54.27
C GLN C 49 -15.60 34.75 -53.61
N ALA C 50 -16.65 33.93 -53.59
CA ALA C 50 -17.91 34.27 -52.93
C ALA C 50 -18.35 33.10 -52.07
N ILE C 51 -19.04 33.41 -50.98
CA ILE C 51 -19.56 32.35 -50.10
C ILE C 51 -20.77 31.72 -50.75
N PRO C 52 -20.92 30.39 -50.73
CA PRO C 52 -22.12 29.78 -51.30
C PRO C 52 -23.37 30.31 -50.61
N ALA C 53 -24.33 30.77 -51.41
CA ALA C 53 -25.55 31.38 -50.91
C ALA C 53 -26.75 30.70 -51.54
N ILE C 54 -27.91 30.92 -50.93
CA ILE C 54 -29.18 30.38 -51.43
C ILE C 54 -30.09 31.56 -51.76
N SER C 55 -30.53 31.61 -53.02
CA SER C 55 -31.36 32.72 -53.47
C SER C 55 -32.66 32.76 -52.67
N THR C 56 -33.15 33.97 -52.43
CA THR C 56 -34.39 34.16 -51.69
C THR C 56 -35.59 34.39 -52.60
N GLY C 57 -35.43 34.25 -53.91
CA GLY C 57 -36.53 34.44 -54.84
C GLY C 57 -36.82 35.87 -55.19
N SER C 58 -36.09 36.83 -54.62
CA SER C 58 -36.27 38.23 -54.94
C SER C 58 -34.90 38.85 -55.20
N LEU C 59 -34.81 39.67 -56.25
CA LEU C 59 -33.54 40.33 -56.52
C LEU C 59 -33.24 41.40 -55.48
N GLY C 60 -34.26 41.99 -54.87
CA GLY C 60 -34.01 43.00 -53.86
C GLY C 60 -33.23 42.45 -52.68
N LEU C 61 -33.63 41.30 -52.15
CA LEU C 61 -32.90 40.70 -51.04
C LEU C 61 -31.52 40.23 -51.47
N ASP C 62 -31.41 39.64 -52.67
CA ASP C 62 -30.11 39.18 -53.13
C ASP C 62 -29.14 40.34 -53.29
N ILE C 63 -29.65 41.51 -53.69
CA ILE C 63 -28.80 42.69 -53.81
C ILE C 63 -28.45 43.23 -52.44
N ALA C 64 -29.43 43.36 -51.55
CA ALA C 64 -29.17 43.93 -50.23
C ALA C 64 -28.17 43.07 -49.47
N LEU C 65 -28.33 41.75 -49.51
CA LEU C 65 -27.41 40.87 -48.81
C LEU C 65 -26.00 40.91 -49.37
N GLY C 66 -25.82 41.45 -50.57
CA GLY C 66 -24.47 41.51 -51.14
C GLY C 66 -23.98 40.23 -51.76
N ILE C 67 -24.28 39.08 -51.14
CA ILE C 67 -23.92 37.79 -51.70
C ILE C 67 -25.02 37.21 -52.57
N GLY C 68 -26.07 37.97 -52.86
CA GLY C 68 -27.15 37.47 -53.70
C GLY C 68 -27.87 36.27 -53.12
N GLY C 69 -28.14 36.29 -51.82
CA GLY C 69 -28.86 35.21 -51.19
C GLY C 69 -28.37 34.97 -49.79
N LEU C 70 -29.21 34.28 -49.01
CA LEU C 70 -28.86 33.97 -47.64
C LEU C 70 -27.60 33.09 -47.61
N PRO C 71 -26.60 33.44 -46.80
CA PRO C 71 -25.41 32.58 -46.72
C PRO C 71 -25.77 31.19 -46.20
N LYS C 72 -25.07 30.20 -46.72
CA LYS C 72 -25.31 28.81 -46.34
C LYS C 72 -24.43 28.45 -45.15
N GLY C 73 -25.01 27.74 -44.19
CA GLY C 73 -24.28 27.33 -43.01
C GLY C 73 -24.30 28.32 -41.87
N ARG C 74 -25.17 29.32 -41.92
CA ARG C 74 -25.26 30.31 -40.87
C ARG C 74 -26.72 30.56 -40.50
N ILE C 75 -26.98 30.62 -39.20
CA ILE C 75 -28.31 30.92 -38.70
C ILE C 75 -28.75 32.26 -39.28
N VAL C 76 -30.04 32.38 -39.56
CA VAL C 76 -30.65 33.62 -40.03
C VAL C 76 -31.99 33.78 -39.34
N GLU C 77 -32.36 35.02 -39.03
CA GLU C 77 -33.58 35.30 -38.30
C GLU C 77 -34.40 36.35 -39.04
N ILE C 78 -35.72 36.16 -39.06
CA ILE C 78 -36.65 37.13 -39.61
C ILE C 78 -37.65 37.49 -38.53
N TYR C 79 -38.02 38.77 -38.47
CA TYR C 79 -39.04 39.24 -37.54
C TYR C 79 -39.83 40.35 -38.18
N GLY C 80 -41.03 40.59 -37.65
CA GLY C 80 -41.87 41.66 -38.14
C GLY C 80 -43.26 41.58 -37.59
N PRO C 81 -44.02 42.66 -37.72
CA PRO C 81 -45.39 42.68 -37.21
C PRO C 81 -46.23 41.58 -37.85
N GLU C 82 -47.21 41.11 -37.08
CA GLU C 82 -48.04 40.00 -37.52
C GLU C 82 -48.66 40.30 -38.88
N SER C 83 -48.80 39.27 -39.70
CA SER C 83 -49.36 39.40 -41.04
C SER C 83 -48.46 40.23 -41.94
N SER C 84 -47.16 40.26 -41.63
CA SER C 84 -46.20 40.97 -42.46
C SER C 84 -45.68 40.14 -43.61
N GLY C 85 -45.94 38.83 -43.62
CA GLY C 85 -45.53 37.99 -44.72
C GLY C 85 -44.20 37.29 -44.55
N LYS C 86 -43.67 37.21 -43.33
CA LYS C 86 -42.40 36.51 -43.13
C LYS C 86 -42.50 35.06 -43.57
N THR C 87 -43.60 34.39 -43.21
CA THR C 87 -43.75 33.01 -43.64
C THR C 87 -43.67 32.89 -45.15
N THR C 88 -44.49 33.66 -45.86
CA THR C 88 -44.53 33.56 -47.33
C THR C 88 -43.14 33.80 -47.93
N LEU C 89 -42.34 34.69 -47.32
CA LEU C 89 -40.96 34.91 -47.81
C LEU C 89 -40.17 33.61 -47.65
N THR C 90 -40.28 32.97 -46.49
CA THR C 90 -39.53 31.71 -46.22
C THR C 90 -40.09 30.59 -47.09
N LEU C 91 -41.39 30.59 -47.36
CA LEU C 91 -41.98 29.58 -48.29
C LEU C 91 -41.34 29.78 -49.67
N SER C 92 -41.12 31.02 -50.08
CA SER C 92 -40.45 31.30 -51.38
C SER C 92 -38.99 30.82 -51.31
N VAL C 93 -38.30 31.06 -50.19
CA VAL C 93 -36.90 30.55 -50.03
C VAL C 93 -36.91 29.03 -50.21
N ILE C 94 -37.92 28.34 -49.66
CA ILE C 94 -38.00 26.86 -49.78
C ILE C 94 -38.17 26.51 -51.26
N ALA C 95 -39.12 27.15 -51.94
CA ALA C 95 -39.30 26.91 -53.39
C ALA C 95 -37.94 26.98 -54.07
N GLU C 96 -37.12 27.98 -53.72
CA GLU C 96 -35.85 28.16 -54.40
C GLU C 96 -34.87 27.05 -54.05
N ALA C 97 -34.81 26.67 -52.78
CA ALA C 97 -33.92 25.59 -52.37
C ALA C 97 -34.28 24.29 -53.06
N GLN C 98 -35.57 23.97 -53.14
CA GLN C 98 -35.99 22.75 -53.83
C GLN C 98 -35.65 22.80 -55.31
N LYS C 99 -35.88 23.96 -55.95
CA LYS C 99 -35.48 24.11 -57.35
C LYS C 99 -34.01 23.87 -57.54
N GLN C 100 -33.19 24.30 -56.58
CA GLN C 100 -31.77 23.94 -56.64
C GLN C 100 -31.57 22.44 -56.47
N GLY C 101 -32.54 21.76 -55.86
CA GLY C 101 -32.48 20.32 -55.73
C GLY C 101 -31.94 19.84 -54.39
N ALA C 102 -32.16 20.61 -53.34
CA ALA C 102 -31.63 20.30 -52.02
C ALA C 102 -32.76 19.96 -51.06
N THR C 103 -32.51 18.99 -50.17
CA THR C 103 -33.53 18.54 -49.23
C THR C 103 -33.87 19.64 -48.24
N CYS C 104 -35.17 19.88 -48.06
CA CYS C 104 -35.67 20.90 -47.15
C CYS C 104 -36.33 20.25 -45.94
N ALA C 105 -36.59 21.05 -44.92
CA ALA C 105 -37.24 20.56 -43.70
C ALA C 105 -37.85 21.74 -42.97
N PHE C 106 -39.15 21.94 -43.12
CA PHE C 106 -39.87 23.03 -42.49
C PHE C 106 -40.53 22.52 -41.22
N VAL C 107 -40.22 23.16 -40.09
CA VAL C 107 -40.80 22.80 -38.80
C VAL C 107 -41.38 24.05 -38.16
N ASP C 108 -42.69 24.07 -37.97
CA ASP C 108 -43.37 25.20 -37.37
C ASP C 108 -43.84 24.82 -35.98
N ALA C 109 -43.96 25.81 -35.10
CA ALA C 109 -44.38 25.58 -33.73
C ALA C 109 -45.85 25.86 -33.50
N GLU C 110 -46.45 26.80 -34.22
CA GLU C 110 -47.86 27.09 -34.04
C GLU C 110 -48.77 25.99 -34.56
N HIS C 111 -48.23 25.05 -35.34
CA HIS C 111 -49.05 24.04 -36.01
C HIS C 111 -49.99 24.70 -37.02
N ALA C 112 -49.63 25.89 -37.46
CA ALA C 112 -50.45 26.67 -38.38
C ALA C 112 -49.72 26.75 -39.73
N LEU C 113 -50.10 25.88 -40.64
CA LEU C 113 -49.51 25.85 -41.98
C LEU C 113 -50.53 25.23 -42.93
N ASP C 114 -50.59 25.77 -44.15
CA ASP C 114 -51.53 25.30 -45.17
C ASP C 114 -50.76 24.81 -46.38
N PRO C 115 -50.50 23.51 -46.49
CA PRO C 115 -49.73 23.02 -47.65
C PRO C 115 -50.33 23.43 -48.99
N ASP C 116 -51.64 23.63 -49.06
CA ASP C 116 -52.22 24.08 -50.32
C ASP C 116 -51.67 25.45 -50.71
N TYR C 117 -51.54 26.37 -49.75
CA TYR C 117 -50.96 27.67 -50.04
C TYR C 117 -49.51 27.54 -50.49
N ALA C 118 -48.75 26.65 -49.85
CA ALA C 118 -47.37 26.43 -50.29
C ALA C 118 -47.33 25.93 -51.72
N GLY C 119 -48.20 24.97 -52.07
CA GLY C 119 -48.25 24.50 -53.44
C GLY C 119 -48.61 25.60 -54.41
N LYS C 120 -49.54 26.47 -54.02
CA LYS C 120 -49.86 27.62 -54.85
C LYS C 120 -48.65 28.50 -55.05
N LEU C 121 -47.83 28.66 -54.01
CA LEU C 121 -46.61 29.46 -54.14
C LEU C 121 -45.66 28.87 -55.17
N GLY C 122 -45.52 27.55 -55.18
CA GLY C 122 -44.62 26.91 -56.12
C GLY C 122 -43.59 26.04 -55.44
N VAL C 123 -43.92 25.56 -54.24
CA VAL C 123 -43.06 24.63 -53.49
C VAL C 123 -43.76 23.27 -53.46
N ASN C 124 -43.07 22.25 -53.95
CA ASN C 124 -43.65 20.91 -53.98
C ASN C 124 -43.82 20.44 -52.54
N VAL C 125 -45.06 20.22 -52.13
CA VAL C 125 -45.32 19.81 -50.76
C VAL C 125 -44.82 18.39 -50.53
N ASP C 126 -44.95 17.52 -51.53
CA ASP C 126 -44.60 16.12 -51.35
C ASP C 126 -43.15 15.97 -50.90
N ASP C 127 -42.22 16.56 -51.63
CA ASP C 127 -40.80 16.42 -51.32
C ASP C 127 -40.39 17.45 -50.26
N LEU C 128 -41.14 17.45 -49.17
CA LEU C 128 -40.93 18.40 -48.08
C LEU C 128 -41.18 17.70 -46.75
N LEU C 129 -40.39 18.08 -45.75
CA LEU C 129 -40.53 17.56 -44.40
C LEU C 129 -41.19 18.62 -43.54
N VAL C 130 -42.16 18.20 -42.72
CA VAL C 130 -42.88 19.10 -41.84
C VAL C 130 -42.98 18.45 -40.47
N SER C 131 -43.08 19.28 -39.43
CA SER C 131 -43.22 18.79 -38.07
C SER C 131 -44.21 19.67 -37.31
N GLN C 132 -44.80 19.10 -36.27
CA GLN C 132 -45.71 19.82 -35.37
C GLN C 132 -45.31 19.50 -33.94
N PRO C 133 -44.09 19.81 -33.53
CA PRO C 133 -43.64 19.46 -32.18
C PRO C 133 -44.45 20.20 -31.13
N ASP C 134 -45.03 19.45 -30.20
CA ASP C 134 -45.87 20.07 -29.18
C ASP C 134 -45.05 20.93 -28.23
N THR C 135 -43.87 20.47 -27.84
CA THR C 135 -43.06 21.13 -26.83
C THR C 135 -41.86 21.81 -27.46
N GLY C 136 -41.35 22.83 -26.75
CA GLY C 136 -40.20 23.56 -27.26
C GLY C 136 -38.95 22.72 -27.40
N GLU C 137 -38.65 21.90 -26.40
CA GLU C 137 -37.46 21.07 -26.47
C GLU C 137 -37.51 20.15 -27.68
N GLN C 138 -38.70 19.65 -28.02
CA GLN C 138 -38.83 18.74 -29.15
C GLN C 138 -38.46 19.42 -30.46
N ALA C 139 -38.88 20.67 -30.65
CA ALA C 139 -38.56 21.35 -31.90
C ALA C 139 -37.05 21.46 -32.09
N LEU C 140 -36.34 21.88 -31.05
CA LEU C 140 -34.89 21.98 -31.16
C LEU C 140 -34.25 20.61 -31.34
N GLU C 141 -34.77 19.59 -30.64
CA GLU C 141 -34.21 18.26 -30.79
C GLU C 141 -34.33 17.77 -32.23
N ILE C 142 -35.51 17.93 -32.84
CA ILE C 142 -35.68 17.46 -34.20
C ILE C 142 -34.86 18.30 -35.17
N THR C 143 -34.76 19.61 -34.92
CA THR C 143 -33.93 20.45 -35.78
C THR C 143 -32.45 20.05 -35.71
N ASP C 144 -31.97 19.67 -34.53
CA ASP C 144 -30.60 19.19 -34.40
C ASP C 144 -30.43 17.83 -35.06
N MET C 145 -31.40 16.92 -34.89
CA MET C 145 -31.31 15.62 -35.53
C MET C 145 -31.24 15.76 -37.05
N LEU C 146 -32.11 16.60 -37.62
CA LEU C 146 -32.09 16.80 -39.06
C LEU C 146 -30.76 17.40 -39.53
N VAL C 147 -30.34 18.48 -38.88
CA VAL C 147 -29.15 19.19 -39.34
C VAL C 147 -27.91 18.32 -39.22
N ARG C 148 -27.78 17.58 -38.12
CA ARG C 148 -26.61 16.72 -37.95
C ARG C 148 -26.55 15.63 -39.01
N SER C 149 -27.68 15.27 -39.62
CA SER C 149 -27.72 14.21 -40.61
C SER C 149 -27.02 14.58 -41.92
N ASN C 150 -26.78 15.87 -42.15
CA ASN C 150 -26.22 16.36 -43.41
C ASN C 150 -27.19 16.25 -44.57
N ALA C 151 -28.36 15.67 -44.34
CA ALA C 151 -29.31 15.43 -45.44
C ALA C 151 -30.03 16.71 -45.86
N VAL C 152 -30.81 17.28 -44.95
CA VAL C 152 -31.56 18.48 -45.23
C VAL C 152 -30.62 19.68 -45.20
N ASP C 153 -30.86 20.66 -46.06
CA ASP C 153 -30.01 21.84 -46.15
C ASP C 153 -30.67 23.13 -45.68
N VAL C 154 -32.00 23.23 -45.80
CA VAL C 154 -32.73 24.40 -45.32
C VAL C 154 -33.71 23.94 -44.25
N ILE C 155 -33.66 24.60 -43.10
CA ILE C 155 -34.55 24.30 -41.98
C ILE C 155 -35.17 25.59 -41.52
N ILE C 156 -36.49 25.59 -41.35
CA ILE C 156 -37.23 26.77 -40.94
C ILE C 156 -37.92 26.49 -39.62
N VAL C 157 -37.81 27.41 -38.69
CA VAL C 157 -38.47 27.32 -37.39
C VAL C 157 -39.39 28.53 -37.29
N ASP C 158 -40.69 28.30 -37.47
CA ASP C 158 -41.64 29.40 -37.51
C ASP C 158 -41.99 29.87 -36.09
N SER C 159 -41.86 31.18 -35.87
CA SER C 159 -42.27 31.81 -34.62
C SER C 159 -41.61 31.14 -33.41
N VAL C 160 -40.31 31.33 -33.29
CA VAL C 160 -39.56 30.79 -32.16
C VAL C 160 -40.27 31.09 -30.85
N ALA C 161 -41.02 32.19 -30.80
CA ALA C 161 -41.73 32.55 -29.58
C ALA C 161 -42.75 31.49 -29.17
N ALA C 162 -43.22 30.67 -30.11
CA ALA C 162 -44.28 29.73 -29.80
C ALA C 162 -43.77 28.39 -29.31
N LEU C 163 -42.47 28.14 -29.33
CA LEU C 163 -41.95 26.86 -28.84
C LEU C 163 -41.82 26.93 -27.33
N VAL C 164 -42.91 26.62 -26.64
CA VAL C 164 -42.94 26.69 -25.18
C VAL C 164 -42.09 25.57 -24.60
N PRO C 165 -41.50 25.76 -23.42
CA PRO C 165 -40.72 24.69 -22.80
C PRO C 165 -41.64 23.60 -22.27
N LYS C 166 -41.09 22.38 -22.18
CA LYS C 166 -41.85 21.27 -21.61
C LYS C 166 -42.21 21.55 -20.16
N ALA C 167 -41.29 22.15 -19.41
CA ALA C 167 -41.56 22.47 -18.01
C ALA C 167 -42.75 23.42 -17.88
N GLU C 168 -42.80 24.43 -18.76
CA GLU C 168 -43.91 25.39 -18.69
C GLU C 168 -45.23 24.74 -19.06
N ILE C 169 -45.21 23.77 -19.98
CA ILE C 169 -46.43 23.02 -20.28
C ILE C 169 -46.88 22.22 -19.07
N GLU C 170 -45.94 21.53 -18.41
CA GLU C 170 -46.31 20.70 -17.28
C GLU C 170 -46.91 21.53 -16.15
N GLY C 171 -46.34 22.72 -15.90
CA GLY C 171 -46.85 23.59 -14.86
C GLY C 171 -48.10 24.33 -15.28
N GLU C 172 -48.67 25.06 -14.34
CA GLU C 172 -49.91 25.80 -14.56
C GLU C 172 -49.60 27.16 -15.18
N MET C 173 -50.67 27.86 -15.56
CA MET C 173 -50.53 29.14 -16.24
C MET C 173 -49.98 30.21 -15.30
N GLY C 174 -49.01 30.98 -15.80
CA GLY C 174 -48.47 32.08 -15.03
C GLY C 174 -47.74 31.70 -13.77
N ASP C 175 -47.26 30.46 -13.67
CA ASP C 175 -46.56 30.04 -12.47
C ASP C 175 -45.35 30.93 -12.20
N ALA C 176 -44.49 31.08 -13.20
CA ALA C 176 -43.30 31.92 -13.10
C ALA C 176 -42.48 31.79 -14.37
N HIS C 177 -41.47 30.93 -14.35
CA HIS C 177 -40.68 30.63 -15.54
C HIS C 177 -40.08 31.90 -16.13
N VAL C 178 -39.38 32.65 -15.30
CA VAL C 178 -38.76 33.90 -15.73
C VAL C 178 -37.58 33.57 -16.64
N GLY C 179 -37.75 33.81 -17.94
CA GLY C 179 -36.67 33.64 -18.88
C GLY C 179 -36.37 32.22 -19.30
N LEU C 180 -37.12 31.24 -18.80
CA LEU C 180 -36.86 29.86 -19.19
C LEU C 180 -36.82 29.73 -20.70
N GLN C 181 -37.70 30.44 -21.40
CA GLN C 181 -37.64 30.47 -22.86
C GLN C 181 -36.29 30.98 -23.34
N ALA C 182 -35.79 32.05 -22.71
CA ALA C 182 -34.50 32.59 -23.13
C ALA C 182 -33.37 31.62 -22.86
N ARG C 183 -33.39 30.94 -21.72
CA ARG C 183 -32.37 29.93 -21.45
C ARG C 183 -32.41 28.82 -22.48
N LEU C 184 -33.62 28.34 -22.80
CA LEU C 184 -33.74 27.29 -23.80
C LEU C 184 -33.17 27.74 -25.13
N MET C 185 -33.53 28.94 -25.58
CA MET C 185 -33.06 29.43 -26.87
C MET C 185 -31.55 29.59 -26.87
N SER C 186 -30.99 30.12 -25.77
CA SER C 186 -29.55 30.30 -25.70
C SER C 186 -28.83 28.96 -25.73
N GLN C 187 -29.34 27.96 -25.02
CA GLN C 187 -28.70 26.65 -25.04
C GLN C 187 -28.86 25.95 -26.38
N ALA C 188 -29.95 26.19 -27.10
CA ALA C 188 -30.13 25.53 -28.38
C ALA C 188 -29.05 25.93 -29.36
N LEU C 189 -28.84 27.23 -29.55
CA LEU C 189 -27.84 27.69 -30.50
C LEU C 189 -26.45 27.18 -30.15
N ARG C 190 -26.12 27.17 -28.86
CA ARG C 190 -24.75 26.76 -28.44
C ARG C 190 -24.44 25.36 -28.99
N LYS C 191 -25.46 24.51 -29.14
CA LYS C 191 -25.20 23.10 -29.56
C LYS C 191 -25.28 22.94 -31.08
N ILE C 192 -26.10 23.74 -31.77
CA ILE C 192 -26.31 23.54 -33.20
C ILE C 192 -25.45 24.44 -34.07
N THR C 193 -24.83 25.48 -33.52
CA THR C 193 -24.00 26.34 -34.35
C THR C 193 -22.83 25.56 -34.92
N GLY C 194 -22.22 24.68 -34.14
CA GLY C 194 -21.08 23.93 -34.62
C GLY C 194 -21.41 22.88 -35.65
N ASN C 195 -22.63 22.35 -35.65
CA ASN C 195 -23.06 21.39 -36.65
C ASN C 195 -23.59 22.06 -37.92
N ILE C 196 -24.17 23.26 -37.79
CA ILE C 196 -24.72 23.93 -38.96
C ILE C 196 -23.62 24.32 -39.92
N LYS C 197 -22.51 24.85 -39.41
CA LYS C 197 -21.40 25.22 -40.29
C LYS C 197 -20.82 24.00 -40.98
N ASN C 198 -20.73 22.88 -40.26
CA ASN C 198 -20.16 21.67 -40.85
C ASN C 198 -21.10 21.07 -41.88
N ALA C 199 -22.42 21.20 -41.69
CA ALA C 199 -23.39 20.61 -42.60
C ALA C 199 -23.86 21.56 -43.69
N ASN C 200 -23.42 22.81 -43.66
CA ASN C 200 -23.79 23.80 -44.68
C ASN C 200 -25.31 23.88 -44.86
N CYS C 201 -26.01 24.04 -43.75
CA CYS C 201 -27.46 24.14 -43.74
C CYS C 201 -27.89 25.57 -43.47
N LEU C 202 -29.20 25.78 -43.55
CA LEU C 202 -29.83 27.03 -43.13
C LEU C 202 -30.82 26.71 -42.01
N VAL C 203 -30.87 27.58 -41.01
CA VAL C 203 -31.75 27.38 -39.87
C VAL C 203 -32.60 28.63 -39.65
N ILE C 204 -32.93 29.31 -40.75
CA ILE C 204 -33.66 30.57 -40.65
C ILE C 204 -34.75 30.45 -39.61
N PHE C 205 -34.63 31.22 -38.52
CA PHE C 205 -35.65 31.24 -37.46
C PHE C 205 -36.64 32.37 -37.73
N ILE C 206 -37.85 32.27 -37.19
CA ILE C 206 -38.86 33.34 -37.37
C ILE C 206 -39.16 33.91 -35.98
N ASN C 207 -39.33 35.23 -35.86
CA ASN C 207 -39.53 35.87 -34.53
C ASN C 207 -40.79 36.73 -34.54
N GLN C 208 -41.23 37.20 -33.38
CA GLN C 208 -42.41 38.11 -33.30
C GLN C 208 -42.00 39.44 -32.66
N ILE C 209 -42.81 40.48 -32.86
CA ILE C 209 -42.53 41.80 -32.24
C ILE C 209 -43.31 41.91 -30.92
N ARG C 210 -42.61 42.02 -29.79
CA ARG C 210 -43.24 42.15 -28.48
C ARG C 210 -42.72 43.43 -27.83
N MET C 211 -43.54 44.47 -27.83
CA MET C 211 -43.12 45.75 -27.29
C MET C 211 -42.71 45.60 -25.83
N LYS C 212 -41.62 46.27 -25.46
CA LYS C 212 -41.11 46.21 -24.09
C LYS C 212 -41.63 47.39 -23.29
N ILE C 213 -41.41 47.33 -21.98
CA ILE C 213 -41.88 48.35 -21.06
C ILE C 213 -40.68 49.07 -20.46
N GLY C 214 -40.94 50.30 -19.99
CA GLY C 214 -39.91 51.06 -19.31
C GLY C 214 -38.82 51.61 -20.20
N VAL C 215 -39.08 51.75 -21.50
CA VAL C 215 -38.11 52.32 -22.43
C VAL C 215 -38.75 53.59 -22.98
N MET C 216 -38.05 54.73 -22.80
CA MET C 216 -38.58 55.99 -23.27
C MET C 216 -37.96 56.40 -24.60
N PHE C 217 -36.63 56.45 -24.68
CA PHE C 217 -35.92 56.86 -25.87
C PHE C 217 -35.53 55.64 -26.68
N GLY C 218 -35.83 55.67 -27.98
CA GLY C 218 -35.46 54.60 -28.88
C GLY C 218 -36.68 53.89 -29.46
N ASN C 219 -36.45 52.64 -29.84
CA ASN C 219 -37.50 51.82 -30.43
C ASN C 219 -38.10 50.92 -29.36
N PRO C 220 -39.37 51.08 -29.00
CA PRO C 220 -39.98 50.16 -28.03
C PRO C 220 -40.03 48.73 -28.52
N GLU C 221 -40.20 48.51 -29.82
CA GLU C 221 -40.34 47.16 -30.34
C GLU C 221 -39.10 46.33 -30.03
N THR C 222 -39.34 45.05 -29.70
CA THR C 222 -38.25 44.15 -29.34
C THR C 222 -38.67 42.73 -29.64
N THR C 223 -37.73 41.95 -30.19
CA THR C 223 -38.02 40.57 -30.50
C THR C 223 -38.22 39.77 -29.22
N THR C 224 -38.61 38.51 -29.39
CA THR C 224 -38.86 37.59 -28.29
C THR C 224 -37.83 36.47 -28.31
N GLY C 225 -38.07 35.45 -27.48
CA GLY C 225 -37.21 34.29 -27.46
C GLY C 225 -35.78 34.60 -27.02
N GLY C 226 -35.63 35.39 -25.96
CA GLY C 226 -34.32 35.70 -25.47
C GLY C 226 -33.49 36.45 -26.49
N ASN C 227 -32.42 37.07 -25.98
CA ASN C 227 -31.54 37.84 -26.84
C ASN C 227 -30.22 37.14 -27.14
N ALA C 228 -30.05 35.89 -26.72
CA ALA C 228 -28.88 35.13 -27.14
C ALA C 228 -28.95 34.74 -28.61
N LEU C 229 -30.13 34.85 -29.22
CA LEU C 229 -30.27 34.46 -30.63
C LEU C 229 -29.70 35.51 -31.56
N LYS C 230 -29.85 36.80 -31.23
CA LYS C 230 -29.40 37.83 -32.14
C LYS C 230 -27.88 37.94 -32.20
N PHE C 231 -27.18 37.34 -31.23
CA PHE C 231 -25.73 37.32 -31.30
C PHE C 231 -25.24 36.30 -32.32
N TYR C 232 -25.84 35.11 -32.34
CA TYR C 232 -25.43 34.06 -33.25
C TYR C 232 -25.93 34.29 -34.67
N ALA C 233 -27.07 34.94 -34.84
CA ALA C 233 -27.69 35.09 -36.14
C ALA C 233 -26.72 35.78 -37.10
N SER C 234 -26.29 35.07 -38.13
CA SER C 234 -25.34 35.64 -39.08
C SER C 234 -25.94 36.85 -39.79
N VAL C 235 -27.19 36.74 -40.22
CA VAL C 235 -27.89 37.86 -40.85
C VAL C 235 -29.31 37.88 -40.33
N ARG C 236 -29.76 39.05 -39.89
CA ARG C 236 -31.11 39.24 -39.36
C ARG C 236 -31.87 40.15 -40.31
N LEU C 237 -33.10 39.77 -40.62
CA LEU C 237 -33.93 40.51 -41.56
C LEU C 237 -35.00 41.30 -40.82
N ASP C 238 -35.70 42.15 -41.56
CA ASP C 238 -36.83 42.89 -41.05
C ASP C 238 -37.88 42.98 -42.16
N ILE C 239 -39.09 42.53 -41.86
CA ILE C 239 -40.19 42.56 -42.82
C ILE C 239 -41.33 43.36 -42.22
N ARG C 240 -41.88 44.28 -43.00
CA ARG C 240 -43.01 45.09 -42.55
C ARG C 240 -43.94 45.33 -43.73
N ARG C 241 -45.25 45.20 -43.48
CA ARG C 241 -46.26 45.40 -44.51
C ARG C 241 -46.56 46.89 -44.58
N THR C 242 -46.08 47.55 -45.64
CA THR C 242 -46.26 48.98 -45.81
C THR C 242 -47.58 49.31 -46.49
N GLY C 243 -47.83 48.68 -47.65
CA GLY C 243 -49.05 48.95 -48.38
C GLY C 243 -49.76 47.70 -48.84
N ALA C 244 -50.66 47.84 -49.81
CA ALA C 244 -51.41 46.71 -50.34
C ALA C 244 -51.71 46.96 -51.80
N VAL C 245 -51.31 46.02 -52.66
CA VAL C 245 -51.56 46.15 -54.09
C VAL C 245 -52.96 45.67 -54.40
N LYS C 246 -53.77 46.55 -54.98
CA LYS C 246 -55.15 46.25 -55.34
C LYS C 246 -55.36 46.46 -56.82
N GLU C 247 -56.48 45.94 -57.32
CA GLU C 247 -56.90 46.15 -58.70
C GLU C 247 -58.30 46.77 -58.68
N GLY C 248 -58.36 48.09 -58.61
CA GLY C 248 -59.62 48.80 -58.62
C GLY C 248 -60.28 48.89 -57.25
N ASP C 249 -60.87 47.79 -56.81
CA ASP C 249 -61.58 47.76 -55.53
C ASP C 249 -61.13 46.62 -54.63
N GLU C 250 -60.87 45.44 -55.19
CA GLU C 250 -60.43 44.30 -54.41
C GLU C 250 -58.94 44.40 -54.11
N VAL C 251 -58.52 43.69 -53.07
CA VAL C 251 -57.12 43.66 -52.65
C VAL C 251 -56.52 42.33 -53.10
N VAL C 252 -55.46 42.41 -53.90
CA VAL C 252 -54.83 41.21 -54.45
C VAL C 252 -53.50 40.90 -53.78
N GLY C 253 -52.80 41.90 -53.25
CA GLY C 253 -51.53 41.66 -52.59
C GLY C 253 -51.18 42.77 -51.62
N SER C 254 -50.03 42.68 -50.97
CA SER C 254 -49.63 43.65 -49.97
C SER C 254 -48.19 44.07 -50.24
N GLU C 255 -47.94 45.37 -50.13
CA GLU C 255 -46.58 45.87 -50.27
C GLU C 255 -45.77 45.60 -49.01
N THR C 256 -44.56 45.07 -49.20
CA THR C 256 -43.67 44.71 -48.10
C THR C 256 -42.34 45.42 -48.26
N ARG C 257 -41.79 45.88 -47.14
CA ARG C 257 -40.48 46.53 -47.09
C ARG C 257 -39.57 45.67 -46.23
N VAL C 258 -38.42 45.28 -46.78
CA VAL C 258 -37.49 44.39 -46.09
C VAL C 258 -36.19 45.15 -45.85
N LYS C 259 -35.75 45.19 -44.60
CA LYS C 259 -34.57 45.93 -44.19
C LYS C 259 -33.61 44.99 -43.47
N VAL C 260 -32.37 44.94 -43.96
CA VAL C 260 -31.36 44.05 -43.40
C VAL C 260 -30.76 44.77 -42.19
N VAL C 261 -31.35 44.53 -41.02
CA VAL C 261 -30.92 45.23 -39.81
C VAL C 261 -29.49 44.82 -39.45
N LYS C 262 -29.17 43.55 -39.61
CA LYS C 262 -27.82 43.06 -39.34
C LYS C 262 -27.53 41.92 -40.30
N ASN C 263 -26.45 42.04 -41.06
CA ASN C 263 -26.14 41.07 -42.09
C ASN C 263 -24.84 40.31 -41.85
N LYS C 264 -23.79 40.97 -41.36
CA LYS C 264 -22.53 40.33 -41.00
C LYS C 264 -21.75 39.81 -42.20
N VAL C 265 -22.27 39.95 -43.42
CA VAL C 265 -21.56 39.52 -44.61
C VAL C 265 -21.51 40.58 -45.69
N SER C 266 -22.06 41.77 -45.47
CA SER C 266 -22.01 42.86 -46.43
C SER C 266 -22.40 44.14 -45.72
N PRO C 267 -22.37 45.26 -46.42
CA PRO C 267 -22.86 46.50 -45.83
C PRO C 267 -24.31 46.36 -45.41
N PRO C 268 -24.59 46.43 -44.12
CA PRO C 268 -25.96 46.23 -43.63
C PRO C 268 -26.84 47.46 -43.90
N PHE C 269 -28.12 47.30 -43.61
CA PHE C 269 -29.10 48.39 -43.71
C PHE C 269 -29.43 48.71 -45.16
N ARG C 270 -29.50 47.69 -46.00
CA ARG C 270 -29.85 47.84 -47.41
C ARG C 270 -31.33 47.51 -47.63
N GLN C 271 -32.20 48.31 -47.03
CA GLN C 271 -33.62 48.01 -47.07
C GLN C 271 -34.12 47.97 -48.52
N ALA C 272 -34.91 46.96 -48.84
CA ALA C 272 -35.42 46.76 -50.18
C ALA C 272 -36.94 46.65 -50.13
N GLU C 273 -37.58 46.96 -51.26
CA GLU C 273 -39.03 46.99 -51.34
C GLU C 273 -39.49 46.08 -52.48
N PHE C 274 -40.63 45.43 -52.27
CA PHE C 274 -41.22 44.58 -53.30
C PHE C 274 -42.70 44.37 -53.01
N GLN C 275 -43.39 43.82 -54.00
CA GLN C 275 -44.80 43.47 -53.86
C GLN C 275 -44.94 41.96 -53.75
N ILE C 276 -45.93 41.53 -52.97
CA ILE C 276 -46.26 40.12 -52.83
C ILE C 276 -47.72 39.93 -53.20
N LEU C 277 -47.98 39.02 -54.13
CA LEU C 277 -49.33 38.75 -54.60
C LEU C 277 -49.83 37.45 -53.99
N TYR C 278 -51.02 37.51 -53.39
CA TYR C 278 -51.57 36.37 -52.66
C TYR C 278 -51.63 35.13 -53.55
N GLY C 279 -51.15 34.01 -53.03
CA GLY C 279 -51.16 32.78 -53.79
C GLY C 279 -50.03 32.70 -54.78
N LYS C 280 -49.89 33.73 -55.63
CA LYS C 280 -48.86 33.70 -56.66
C LYS C 280 -47.47 33.70 -56.04
N GLY C 281 -47.26 34.51 -55.01
CA GLY C 281 -45.97 34.56 -54.35
C GLY C 281 -45.28 35.90 -54.46
N ILE C 282 -43.96 35.88 -54.66
CA ILE C 282 -43.18 37.10 -54.78
C ILE C 282 -43.34 37.64 -56.20
N TYR C 283 -43.34 38.97 -56.34
CA TYR C 283 -43.57 39.60 -57.64
C TYR C 283 -42.23 40.01 -58.26
N ARG C 284 -41.41 38.98 -58.54
CA ARG C 284 -40.11 39.22 -59.17
C ARG C 284 -40.25 39.95 -60.51
N THR C 285 -41.37 39.75 -61.20
CA THR C 285 -41.54 40.36 -62.52
C THR C 285 -41.55 41.88 -62.44
N GLY C 286 -42.14 42.43 -61.38
CA GLY C 286 -42.14 43.87 -61.21
C GLY C 286 -40.81 44.41 -60.71
N GLU C 287 -40.20 43.68 -59.78
CA GLU C 287 -38.92 44.12 -59.24
C GLU C 287 -37.84 44.15 -60.32
N ILE C 288 -37.83 43.15 -61.19
CA ILE C 288 -36.84 43.13 -62.27
C ILE C 288 -37.01 44.36 -63.15
N ILE C 289 -38.25 44.70 -63.50
CA ILE C 289 -38.49 45.85 -64.36
C ILE C 289 -38.06 47.14 -63.66
N ASP C 290 -38.41 47.28 -62.38
CA ASP C 290 -38.05 48.51 -61.67
C ASP C 290 -36.53 48.66 -61.57
N LEU C 291 -35.82 47.56 -61.28
CA LEU C 291 -34.37 47.62 -61.23
C LEU C 291 -33.77 47.95 -62.59
N GLY C 292 -34.29 47.34 -63.66
CA GLY C 292 -33.79 47.66 -64.98
C GLY C 292 -34.04 49.09 -65.40
N VAL C 293 -35.15 49.68 -64.96
CA VAL C 293 -35.42 51.07 -65.30
C VAL C 293 -34.57 52.04 -64.48
N GLN C 294 -34.39 51.77 -63.18
CA GLN C 294 -33.64 52.68 -62.33
C GLN C 294 -32.20 52.86 -62.78
N LEU C 295 -31.59 51.85 -63.38
CA LEU C 295 -30.19 51.88 -63.76
C LEU C 295 -29.97 52.34 -65.20
N GLY C 296 -30.93 52.08 -66.08
CA GLY C 296 -30.82 52.53 -67.46
C GLY C 296 -31.07 51.44 -68.48
N LEU C 297 -31.11 50.19 -68.01
CA LEU C 297 -31.32 49.08 -68.94
C LEU C 297 -32.66 49.22 -69.65
N VAL C 298 -33.71 49.58 -68.93
CA VAL C 298 -35.03 49.83 -69.50
C VAL C 298 -35.30 51.32 -69.42
N GLU C 299 -35.63 51.92 -70.58
CA GLU C 299 -35.84 53.38 -70.61
C GLU C 299 -37.30 53.70 -70.28
N LYS C 300 -37.58 54.92 -69.84
CA LYS C 300 -38.97 55.31 -69.49
C LYS C 300 -39.25 56.72 -70.03
N SER C 301 -40.25 56.85 -70.90
CA SER C 301 -40.66 58.18 -71.43
C SER C 301 -41.44 58.92 -70.34
N GLY C 302 -40.83 59.08 -69.17
CA GLY C 302 -41.46 59.77 -68.06
C GLY C 302 -42.40 58.86 -67.29
N ALA C 303 -43.49 58.44 -67.95
CA ALA C 303 -44.42 57.48 -67.37
C ALA C 303 -44.72 56.34 -68.33
N TRP C 304 -44.12 56.34 -69.52
CA TRP C 304 -44.32 55.29 -70.52
C TRP C 304 -43.05 54.47 -70.64
N TYR C 305 -43.13 53.19 -70.29
CA TYR C 305 -41.96 52.32 -70.30
C TYR C 305 -41.56 51.98 -71.72
N SER C 306 -40.27 51.66 -71.89
CA SER C 306 -39.75 51.25 -73.18
C SER C 306 -38.52 50.38 -72.96
N TYR C 307 -38.23 49.53 -73.95
CA TYR C 307 -37.07 48.67 -73.89
C TYR C 307 -36.62 48.39 -75.32
N GLN C 308 -35.36 48.74 -75.63
CA GLN C 308 -34.84 48.61 -76.98
C GLN C 308 -35.71 49.34 -77.99
N GLY C 309 -36.12 50.56 -77.63
CA GLY C 309 -36.93 51.36 -78.52
C GLY C 309 -38.27 50.75 -78.86
N SER C 310 -38.85 49.98 -77.95
CA SER C 310 -40.12 49.31 -78.19
C SER C 310 -41.04 49.56 -77.02
N LYS C 311 -42.28 49.95 -77.32
CA LYS C 311 -43.27 50.19 -76.27
C LYS C 311 -43.63 48.85 -75.63
N ILE C 312 -42.96 48.53 -74.53
CA ILE C 312 -43.22 47.27 -73.85
C ILE C 312 -44.66 47.22 -73.35
N GLY C 313 -45.14 48.31 -72.76
CA GLY C 313 -46.49 48.37 -72.27
C GLY C 313 -46.76 49.70 -71.59
N GLN C 314 -47.95 49.79 -71.00
CA GLN C 314 -48.39 51.00 -70.31
C GLN C 314 -48.73 50.62 -68.87
N GLY C 315 -47.79 50.86 -67.96
CA GLY C 315 -47.97 50.55 -66.57
C GLY C 315 -47.28 49.26 -66.16
N LYS C 316 -47.42 48.94 -64.88
CA LYS C 316 -46.78 47.76 -64.34
C LYS C 316 -47.33 46.48 -64.96
N ALA C 317 -48.65 46.44 -65.19
CA ALA C 317 -49.27 45.21 -65.69
C ALA C 317 -48.81 44.89 -67.11
N ASN C 318 -48.84 45.88 -68.00
CA ASN C 318 -48.40 45.62 -69.37
C ASN C 318 -46.92 45.27 -69.43
N ALA C 319 -46.08 45.94 -68.64
CA ALA C 319 -44.67 45.58 -68.58
C ALA C 319 -44.48 44.16 -68.07
N ALA C 320 -45.25 43.78 -67.05
CA ALA C 320 -45.18 42.42 -66.54
C ALA C 320 -45.55 41.41 -67.61
N LYS C 321 -46.61 41.69 -68.37
CA LYS C 321 -47.00 40.79 -69.45
C LYS C 321 -45.89 40.71 -70.50
N TYR C 322 -45.32 41.86 -70.87
CA TYR C 322 -44.29 41.87 -71.90
C TYR C 322 -43.07 41.08 -71.46
N LEU C 323 -42.71 41.15 -70.18
CA LEU C 323 -41.59 40.37 -69.67
C LEU C 323 -41.93 38.90 -69.51
N GLU C 324 -43.16 38.57 -69.13
CA GLU C 324 -43.54 37.16 -68.99
C GLU C 324 -43.52 36.45 -70.33
N ASP C 325 -44.02 37.12 -71.39
CA ASP C 325 -44.14 36.44 -72.68
C ASP C 325 -42.79 35.94 -73.17
N ASN C 326 -41.75 36.76 -73.07
CA ASN C 326 -40.41 36.34 -73.46
C ASN C 326 -39.57 36.08 -72.22
N PRO C 327 -39.59 34.87 -71.69
CA PRO C 327 -38.76 34.59 -70.50
C PRO C 327 -37.29 34.86 -70.72
N GLU C 328 -36.82 34.73 -71.96
CA GLU C 328 -35.42 34.99 -72.25
C GLU C 328 -35.05 36.45 -71.98
N ILE C 329 -35.94 37.37 -72.36
CA ILE C 329 -35.67 38.79 -72.13
C ILE C 329 -35.51 39.06 -70.63
N GLY C 330 -36.45 38.58 -69.83
CA GLY C 330 -36.36 38.78 -68.39
C GLY C 330 -35.14 38.10 -67.80
N SER C 331 -34.82 36.90 -68.27
CA SER C 331 -33.65 36.19 -67.75
C SER C 331 -32.37 36.97 -68.03
N VAL C 332 -32.23 37.48 -69.25
CA VAL C 332 -31.04 38.26 -69.60
C VAL C 332 -30.98 39.53 -68.78
N LEU C 333 -32.11 40.23 -68.65
CA LEU C 333 -32.12 41.46 -67.88
C LEU C 333 -31.75 41.22 -66.43
N GLU C 334 -32.32 40.18 -65.82
CA GLU C 334 -31.98 39.86 -64.43
C GLU C 334 -30.53 39.45 -64.29
N LYS C 335 -30.01 38.64 -65.22
CA LYS C 335 -28.61 38.25 -65.14
C LYS C 335 -27.69 39.46 -65.19
N THR C 336 -27.94 40.36 -66.15
CA THR C 336 -27.11 41.56 -66.25
C THR C 336 -27.25 42.45 -65.02
N ILE C 337 -28.48 42.59 -64.50
CA ILE C 337 -28.69 43.42 -63.32
C ILE C 337 -27.92 42.88 -62.13
N ARG C 338 -28.01 41.56 -61.90
CA ARG C 338 -27.26 40.97 -60.80
C ARG C 338 -25.75 41.12 -61.02
N ASP C 339 -25.29 40.89 -62.25
CA ASP C 339 -23.86 40.98 -62.51
C ASP C 339 -23.31 42.39 -62.39
N GLN C 340 -24.14 43.41 -62.59
CA GLN C 340 -23.68 44.79 -62.47
C GLN C 340 -24.03 45.45 -61.14
N LEU C 341 -24.81 44.79 -60.29
CA LEU C 341 -25.16 45.35 -58.98
C LEU C 341 -24.85 44.44 -57.80
N LEU C 342 -24.82 43.12 -58.00
CA LEU C 342 -24.57 42.23 -56.88
C LEU C 342 -23.20 42.48 -56.26
N ALA C 343 -22.17 42.66 -57.09
CA ALA C 343 -20.83 42.95 -56.60
C ALA C 343 -20.02 43.71 -57.65
N GLY D 16 21.94 37.93 14.07
CA GLY D 16 22.19 39.30 13.66
C GLY D 16 21.88 39.54 12.19
N ASP D 17 22.15 40.77 11.72
CA ASP D 17 21.87 41.09 10.33
C ASP D 17 22.71 40.23 9.39
N GLU D 18 23.98 40.00 9.74
CA GLU D 18 24.83 39.16 8.90
C GLU D 18 24.30 37.74 8.82
N ASN D 19 23.89 37.17 9.96
CA ASN D 19 23.32 35.83 9.94
C ASN D 19 22.03 35.79 9.12
N LYS D 20 21.19 36.81 9.27
CA LYS D 20 19.96 36.86 8.48
C LYS D 20 20.26 36.91 6.99
N LYS D 21 21.20 37.76 6.59
CA LYS D 21 21.56 37.84 5.18
C LYS D 21 22.12 36.51 4.68
N ARG D 22 22.97 35.87 5.48
CA ARG D 22 23.53 34.59 5.07
C ARG D 22 22.43 33.55 4.88
N ALA D 23 21.50 33.47 5.84
CA ALA D 23 20.42 32.49 5.73
C ALA D 23 19.55 32.78 4.51
N LEU D 24 19.24 34.06 4.27
CA LEU D 24 18.42 34.41 3.13
C LEU D 24 19.11 34.05 1.82
N ALA D 25 20.40 34.36 1.69
CA ALA D 25 21.12 34.02 0.48
C ALA D 25 21.18 32.52 0.29
N ALA D 26 21.43 31.77 1.36
CA ALA D 26 21.49 30.32 1.25
C ALA D 26 20.16 29.75 0.80
N ALA D 27 19.05 30.23 1.38
CA ALA D 27 17.74 29.74 0.99
C ALA D 27 17.44 30.07 -0.47
N LEU D 28 17.74 31.29 -0.89
CA LEU D 28 17.52 31.65 -2.30
C LEU D 28 18.32 30.73 -3.21
N GLY D 29 19.60 30.54 -2.90
CA GLY D 29 20.41 29.67 -3.73
C GLY D 29 19.87 28.26 -3.78
N GLN D 30 19.43 27.73 -2.64
CA GLN D 30 18.93 26.37 -2.61
C GLN D 30 17.67 26.24 -3.45
N ILE D 31 16.73 27.20 -3.31
CA ILE D 31 15.47 27.10 -4.05
C ILE D 31 15.72 27.23 -5.55
N GLU D 32 16.57 28.18 -5.95
CA GLU D 32 16.83 28.31 -7.38
C GLU D 32 17.54 27.08 -7.93
N ARG D 33 18.55 26.59 -7.21
CA ARG D 33 19.26 25.40 -7.63
C ARG D 33 18.34 24.20 -7.78
N GLN D 34 17.38 24.02 -6.87
CA GLN D 34 16.45 22.91 -6.99
C GLN D 34 15.39 23.13 -8.06
N PHE D 35 14.99 24.38 -8.29
CA PHE D 35 13.88 24.67 -9.20
C PHE D 35 14.35 25.16 -10.55
N GLY D 36 15.05 26.31 -10.57
CA GLY D 36 15.52 26.86 -11.82
C GLY D 36 16.34 28.12 -11.65
N LYS D 37 16.61 28.80 -12.76
CA LYS D 37 17.47 29.97 -12.78
C LYS D 37 16.76 31.23 -12.34
N GLY D 38 15.66 31.57 -13.01
CA GLY D 38 14.87 32.73 -12.62
C GLY D 38 13.67 32.34 -11.79
N ALA D 39 13.80 31.31 -10.96
CA ALA D 39 12.69 30.86 -10.14
C ALA D 39 12.25 31.97 -9.19
N VAL D 40 13.20 32.71 -8.64
CA VAL D 40 12.90 33.83 -7.74
C VAL D 40 13.77 35.00 -8.13
N MET D 41 13.23 35.88 -8.97
CA MET D 41 13.93 37.12 -9.31
C MET D 41 14.49 37.75 -8.05
N ARG D 42 15.55 38.53 -8.22
CA ARG D 42 16.23 39.10 -7.07
C ARG D 42 15.70 40.49 -6.76
N MET D 43 16.42 41.18 -5.88
CA MET D 43 16.13 42.57 -5.53
C MET D 43 16.59 43.46 -6.68
N GLY D 44 15.63 44.09 -7.37
CA GLY D 44 15.94 44.98 -8.47
C GLY D 44 16.99 44.42 -9.42
N ASP D 45 16.69 43.27 -10.03
CA ASP D 45 17.66 42.60 -10.89
C ASP D 45 17.38 42.75 -12.37
N HIS D 46 16.12 42.68 -12.79
CA HIS D 46 15.76 42.86 -14.19
C HIS D 46 15.25 44.29 -14.34
N GLU D 47 15.89 45.05 -15.22
CA GLU D 47 15.54 46.44 -15.46
C GLU D 47 14.96 46.67 -16.84
N ARG D 48 14.64 45.60 -17.57
CA ARG D 48 14.20 45.76 -18.95
C ARG D 48 12.96 46.63 -19.03
N GLN D 49 11.96 46.34 -18.20
CA GLN D 49 10.74 47.16 -18.13
C GLN D 49 10.16 47.40 -19.53
N ALA D 50 10.23 46.37 -20.37
CA ALA D 50 9.80 46.53 -21.76
C ALA D 50 8.32 46.90 -21.85
N ILE D 51 7.49 46.27 -21.03
CA ILE D 51 6.04 46.42 -21.08
C ILE D 51 5.59 46.48 -22.53
N PRO D 52 5.95 45.50 -23.35
CA PRO D 52 5.55 45.56 -24.76
C PRO D 52 4.04 45.60 -24.90
N ALA D 53 3.57 46.35 -25.88
CA ALA D 53 2.15 46.52 -26.13
C ALA D 53 1.87 46.46 -27.62
N ILE D 54 0.87 45.68 -28.00
CA ILE D 54 0.39 45.62 -29.37
C ILE D 54 -0.55 46.78 -29.61
N SER D 55 -0.28 47.58 -30.63
CA SER D 55 -1.18 48.66 -30.97
C SER D 55 -2.52 48.09 -31.40
N THR D 56 -3.60 48.74 -30.97
CA THR D 56 -4.95 48.28 -31.27
C THR D 56 -5.53 48.88 -32.54
N GLY D 57 -4.73 49.64 -33.29
CA GLY D 57 -5.18 50.19 -34.55
C GLY D 57 -5.90 51.51 -34.45
N SER D 58 -6.34 51.91 -33.26
CA SER D 58 -7.00 53.18 -33.07
C SER D 58 -6.28 53.95 -31.98
N LEU D 59 -5.95 55.22 -32.26
CA LEU D 59 -5.23 56.01 -31.28
C LEU D 59 -6.03 56.21 -30.00
N GLY D 60 -7.36 56.17 -30.09
CA GLY D 60 -8.16 56.35 -28.88
C GLY D 60 -7.92 55.25 -27.87
N LEU D 61 -7.90 53.99 -28.32
CA LEU D 61 -7.65 52.90 -27.39
C LEU D 61 -6.21 52.93 -26.87
N ASP D 62 -5.25 53.32 -27.71
CA ASP D 62 -3.88 53.44 -27.23
C ASP D 62 -3.77 54.49 -26.14
N ILE D 63 -4.48 55.60 -26.30
CA ILE D 63 -4.46 56.63 -25.26
C ILE D 63 -5.17 56.13 -24.01
N ALA D 64 -6.35 55.54 -24.15
CA ALA D 64 -7.10 55.12 -22.97
C ALA D 64 -6.35 54.06 -22.19
N LEU D 65 -5.76 53.09 -22.88
CA LEU D 65 -5.04 52.01 -22.20
C LEU D 65 -3.78 52.52 -21.52
N GLY D 66 -3.35 53.74 -21.82
CA GLY D 66 -2.18 54.29 -21.16
C GLY D 66 -0.88 53.75 -21.71
N ILE D 67 -0.70 52.44 -21.69
CA ILE D 67 0.55 51.82 -22.12
C ILE D 67 0.35 51.37 -23.57
N GLY D 68 0.62 52.28 -24.49
CA GLY D 68 0.54 51.94 -25.90
C GLY D 68 -0.81 51.32 -26.25
N GLY D 69 -0.75 50.11 -26.79
CA GLY D 69 -1.93 49.32 -27.09
C GLY D 69 -2.18 48.25 -26.05
N LEU D 70 -2.73 47.13 -26.51
CA LEU D 70 -2.99 46.03 -25.60
C LEU D 70 -1.68 45.50 -25.04
N PRO D 71 -1.64 45.06 -23.79
CA PRO D 71 -0.41 44.50 -23.24
C PRO D 71 -0.09 43.15 -23.85
N LYS D 72 1.19 42.79 -23.78
CA LYS D 72 1.67 41.49 -24.24
C LYS D 72 2.02 40.63 -23.04
N GLY D 73 1.58 39.38 -23.07
CA GLY D 73 1.79 38.48 -21.96
C GLY D 73 0.64 38.40 -20.98
N ARG D 74 -0.48 39.03 -21.26
CA ARG D 74 -1.64 38.98 -20.39
C ARG D 74 -2.87 38.63 -21.22
N ILE D 75 -3.96 38.29 -20.54
CA ILE D 75 -5.24 38.01 -21.16
C ILE D 75 -6.04 39.29 -21.23
N VAL D 76 -6.58 39.59 -22.39
CA VAL D 76 -7.45 40.74 -22.59
C VAL D 76 -8.81 40.22 -23.02
N GLU D 77 -9.85 40.69 -22.36
CA GLU D 77 -11.22 40.22 -22.60
C GLU D 77 -12.08 41.37 -23.05
N ILE D 78 -12.67 41.24 -24.23
CA ILE D 78 -13.46 42.30 -24.86
C ILE D 78 -14.87 41.78 -25.08
N TYR D 79 -15.86 42.61 -24.76
CA TYR D 79 -17.25 42.22 -24.85
C TYR D 79 -18.11 43.43 -25.22
N GLY D 80 -19.32 43.15 -25.69
CA GLY D 80 -20.27 44.18 -26.02
C GLY D 80 -21.48 43.63 -26.75
N PRO D 81 -22.54 44.43 -26.85
CA PRO D 81 -23.77 43.92 -27.49
C PRO D 81 -23.55 43.49 -28.93
N GLU D 82 -24.61 42.98 -29.56
CA GLU D 82 -24.50 42.48 -30.96
C GLU D 82 -24.47 43.66 -31.94
N SER D 83 -23.94 43.44 -33.15
CA SER D 83 -23.80 44.52 -34.17
C SER D 83 -23.04 45.71 -33.58
N SER D 84 -21.99 45.44 -32.78
CA SER D 84 -21.17 46.51 -32.17
C SER D 84 -19.85 46.66 -32.94
N GLY D 85 -18.83 45.89 -32.55
CA GLY D 85 -17.53 45.95 -33.23
C GLY D 85 -16.44 45.18 -32.50
N LYS D 86 -16.76 43.98 -31.98
CA LYS D 86 -15.72 43.18 -31.33
C LYS D 86 -14.89 42.43 -32.35
N THR D 87 -15.54 41.76 -33.31
CA THR D 87 -14.80 40.98 -34.30
C THR D 87 -13.90 41.89 -35.13
N THR D 88 -14.41 43.04 -35.57
CA THR D 88 -13.60 43.94 -36.37
C THR D 88 -12.44 44.50 -35.58
N LEU D 89 -12.64 44.81 -34.29
CA LEU D 89 -11.54 45.31 -33.48
C LEU D 89 -10.46 44.24 -33.32
N THR D 90 -10.86 43.00 -33.09
CA THR D 90 -9.87 41.93 -33.00
C THR D 90 -9.13 41.76 -34.32
N LEU D 91 -9.84 41.88 -35.44
CA LEU D 91 -9.16 41.77 -36.74
C LEU D 91 -8.17 42.91 -36.93
N SER D 92 -8.53 44.13 -36.53
CA SER D 92 -7.58 45.23 -36.64
C SER D 92 -6.36 45.00 -35.78
N VAL D 93 -6.56 44.44 -34.58
CA VAL D 93 -5.41 44.11 -33.73
C VAL D 93 -4.52 43.07 -34.41
N ILE D 94 -5.13 42.08 -35.04
CA ILE D 94 -4.34 41.07 -35.74
C ILE D 94 -3.57 41.71 -36.89
N ALA D 95 -4.19 42.67 -37.58
CA ALA D 95 -3.50 43.36 -38.66
C ALA D 95 -2.30 44.13 -38.14
N GLU D 96 -2.46 44.81 -37.01
CA GLU D 96 -1.34 45.54 -36.43
C GLU D 96 -0.24 44.60 -35.98
N ALA D 97 -0.62 43.43 -35.45
CA ALA D 97 0.38 42.44 -35.08
C ALA D 97 1.15 41.94 -36.30
N GLN D 98 0.44 41.71 -37.41
CA GLN D 98 1.11 41.23 -38.62
C GLN D 98 2.01 42.29 -39.23
N LYS D 99 1.62 43.57 -39.13
CA LYS D 99 2.45 44.62 -39.72
C LYS D 99 3.87 44.58 -39.19
N GLN D 100 4.02 44.45 -37.87
CA GLN D 100 5.36 44.32 -37.30
C GLN D 100 5.92 42.91 -37.49
N GLY D 101 5.08 41.95 -37.81
CA GLY D 101 5.54 40.61 -38.10
C GLY D 101 5.47 39.70 -36.89
N ALA D 102 4.43 38.86 -36.83
CA ALA D 102 4.26 37.94 -35.73
C ALA D 102 3.13 36.97 -36.08
N THR D 103 3.30 35.71 -35.68
CA THR D 103 2.29 34.71 -35.97
C THR D 103 1.04 35.00 -35.15
N CYS D 104 -0.11 35.00 -35.81
CA CYS D 104 -1.40 35.25 -35.16
C CYS D 104 -2.35 34.09 -35.43
N ALA D 105 -3.21 33.81 -34.47
CA ALA D 105 -4.21 32.76 -34.60
C ALA D 105 -5.60 33.36 -34.44
N PHE D 106 -6.62 32.56 -34.68
CA PHE D 106 -7.99 33.03 -34.52
C PHE D 106 -8.92 31.82 -34.52
N VAL D 107 -9.37 31.40 -33.35
CA VAL D 107 -10.25 30.24 -33.21
C VAL D 107 -11.64 30.73 -32.86
N ASP D 108 -12.55 30.69 -33.82
CA ASP D 108 -13.88 31.23 -33.65
C ASP D 108 -14.84 30.09 -33.35
N ALA D 109 -15.49 30.15 -32.19
CA ALA D 109 -16.44 29.11 -31.83
C ALA D 109 -17.75 29.24 -32.60
N GLU D 110 -18.10 30.46 -33.02
CA GLU D 110 -19.35 30.65 -33.75
C GLU D 110 -19.30 30.06 -35.15
N HIS D 111 -18.13 29.65 -35.62
CA HIS D 111 -17.98 29.19 -37.00
C HIS D 111 -18.46 30.29 -37.95
N ALA D 112 -18.13 31.53 -37.61
CA ALA D 112 -18.60 32.70 -38.37
C ALA D 112 -17.40 33.59 -38.63
N LEU D 113 -16.91 33.56 -39.87
CA LEU D 113 -15.80 34.40 -40.27
C LEU D 113 -15.79 34.55 -41.78
N ASP D 114 -15.58 35.77 -42.25
CA ASP D 114 -15.49 36.06 -43.68
C ASP D 114 -14.04 36.34 -44.04
N PRO D 115 -13.26 35.34 -44.44
CA PRO D 115 -11.85 35.59 -44.74
C PRO D 115 -11.66 36.66 -45.79
N ASP D 116 -12.55 36.76 -46.77
CA ASP D 116 -12.46 37.85 -47.74
C ASP D 116 -12.55 39.21 -47.04
N TYR D 117 -13.49 39.35 -46.11
CA TYR D 117 -13.62 40.61 -45.40
C TYR D 117 -12.38 40.90 -44.57
N ALA D 118 -11.87 39.89 -43.85
CA ALA D 118 -10.67 40.10 -43.08
C ALA D 118 -9.53 40.56 -43.97
N GLY D 119 -9.34 39.90 -45.11
CA GLY D 119 -8.29 40.30 -46.03
C GLY D 119 -8.44 41.73 -46.50
N LYS D 120 -9.66 42.11 -46.90
CA LYS D 120 -9.88 43.49 -47.28
C LYS D 120 -9.75 44.45 -46.11
N LEU D 121 -9.73 43.93 -44.88
CA LEU D 121 -9.51 44.78 -43.73
C LEU D 121 -8.04 45.18 -43.59
N GLY D 122 -7.14 44.28 -43.99
CA GLY D 122 -5.72 44.58 -43.93
C GLY D 122 -4.90 43.49 -43.28
N VAL D 123 -5.57 42.43 -42.83
CA VAL D 123 -4.90 41.29 -42.22
C VAL D 123 -4.55 40.30 -43.32
N ASN D 124 -3.29 39.86 -43.35
CA ASN D 124 -2.81 38.97 -44.39
C ASN D 124 -3.39 37.58 -44.15
N VAL D 125 -4.57 37.33 -44.70
CA VAL D 125 -5.24 36.05 -44.47
C VAL D 125 -4.35 34.89 -44.90
N ASP D 126 -3.55 35.08 -45.95
CA ASP D 126 -2.79 33.97 -46.50
C ASP D 126 -1.85 33.36 -45.47
N ASP D 127 -1.40 34.13 -44.51
CA ASP D 127 -0.49 33.66 -43.47
C ASP D 127 -1.12 33.81 -42.09
N LEU D 128 -2.46 33.75 -42.04
CA LEU D 128 -3.22 33.83 -40.79
C LEU D 128 -3.65 32.43 -40.41
N LEU D 129 -3.29 32.01 -39.20
CA LEU D 129 -3.59 30.66 -38.74
C LEU D 129 -4.93 30.69 -38.01
N VAL D 130 -5.94 30.07 -38.62
CA VAL D 130 -7.30 30.07 -38.09
C VAL D 130 -7.78 28.63 -37.97
N SER D 131 -8.77 28.42 -37.10
CA SER D 131 -9.35 27.10 -36.92
C SER D 131 -10.72 27.22 -36.27
N GLN D 132 -11.54 26.21 -36.49
CA GLN D 132 -12.82 26.10 -35.82
C GLN D 132 -12.78 24.88 -34.91
N PRO D 133 -13.16 24.99 -33.64
CA PRO D 133 -13.00 23.85 -32.73
C PRO D 133 -14.22 22.97 -32.63
N ASP D 134 -15.40 23.44 -33.06
CA ASP D 134 -16.61 22.64 -32.93
C ASP D 134 -16.93 22.42 -31.45
N THR D 135 -16.23 21.50 -30.81
CA THR D 135 -16.43 21.24 -29.39
C THR D 135 -15.77 22.32 -28.54
N GLY D 136 -16.41 22.65 -27.42
CA GLY D 136 -15.85 23.65 -26.53
C GLY D 136 -14.54 23.22 -25.87
N GLU D 137 -14.46 21.96 -25.46
CA GLU D 137 -13.27 21.52 -24.74
C GLU D 137 -12.00 21.71 -25.56
N GLN D 138 -12.06 21.29 -26.83
CA GLN D 138 -10.87 21.37 -27.71
C GLN D 138 -10.54 22.84 -28.00
N ALA D 139 -11.51 23.75 -27.94
CA ALA D 139 -11.25 25.15 -28.25
C ALA D 139 -10.16 25.71 -27.34
N LEU D 140 -10.21 25.37 -26.05
CA LEU D 140 -9.18 25.81 -25.14
C LEU D 140 -7.90 24.99 -25.30
N GLU D 141 -8.02 23.71 -25.63
CA GLU D 141 -6.83 22.88 -25.78
C GLU D 141 -5.98 23.35 -26.96
N ILE D 142 -6.62 23.75 -28.06
CA ILE D 142 -5.88 24.28 -29.18
C ILE D 142 -5.09 25.51 -28.75
N THR D 143 -5.75 26.43 -28.03
CA THR D 143 -5.06 27.63 -27.58
C THR D 143 -3.89 27.28 -26.68
N ASP D 144 -4.09 26.33 -25.78
CA ASP D 144 -3.01 25.93 -24.88
C ASP D 144 -1.83 25.39 -25.69
N MET D 145 -2.11 24.58 -26.71
CA MET D 145 -1.01 24.01 -27.49
C MET D 145 -0.28 25.08 -28.28
N LEU D 146 -1.01 25.98 -28.93
CA LEU D 146 -0.35 27.07 -29.64
C LEU D 146 0.53 27.87 -28.70
N VAL D 147 0.00 28.22 -27.52
CA VAL D 147 0.78 29.06 -26.57
C VAL D 147 2.04 28.29 -26.15
N ARG D 148 1.92 26.97 -25.94
CA ARG D 148 3.09 26.13 -25.53
C ARG D 148 4.23 26.33 -26.52
N SER D 149 3.95 26.34 -27.83
CA SER D 149 5.02 26.42 -28.86
C SER D 149 5.75 27.76 -28.81
N ASN D 150 5.12 28.80 -28.24
CA ASN D 150 5.73 30.17 -28.17
C ASN D 150 5.97 30.70 -29.59
N ALA D 151 5.26 30.16 -30.59
CA ALA D 151 5.38 30.67 -31.98
C ALA D 151 4.28 31.70 -32.19
N VAL D 152 3.02 31.28 -32.16
CA VAL D 152 1.93 32.24 -32.24
C VAL D 152 1.98 33.13 -31.01
N ASP D 153 1.89 34.44 -31.21
CA ASP D 153 1.97 35.39 -30.12
C ASP D 153 0.80 36.36 -30.03
N VAL D 154 -0.25 36.17 -30.81
CA VAL D 154 -1.49 36.94 -30.67
C VAL D 154 -2.64 36.00 -31.00
N ILE D 155 -3.27 35.43 -29.97
CA ILE D 155 -4.33 34.44 -30.16
C ILE D 155 -5.66 35.09 -29.81
N ILE D 156 -6.60 35.02 -30.75
CA ILE D 156 -7.92 35.61 -30.59
C ILE D 156 -8.92 34.46 -30.46
N VAL D 157 -9.68 34.45 -29.37
CA VAL D 157 -10.70 33.44 -29.15
C VAL D 157 -12.05 34.13 -29.22
N ASP D 158 -12.74 33.97 -30.34
CA ASP D 158 -14.01 34.65 -30.59
C ASP D 158 -15.16 33.90 -29.91
N SER D 159 -16.10 34.67 -29.38
CA SER D 159 -17.35 34.13 -28.85
C SER D 159 -17.10 33.08 -27.78
N VAL D 160 -16.59 33.54 -26.64
CA VAL D 160 -16.49 32.68 -25.47
C VAL D 160 -17.81 31.95 -25.23
N ALA D 161 -18.93 32.60 -25.54
CA ALA D 161 -20.23 32.00 -25.28
C ALA D 161 -20.42 30.70 -26.02
N ALA D 162 -19.77 30.52 -27.17
CA ALA D 162 -20.03 29.36 -28.01
C ALA D 162 -19.24 28.13 -27.64
N LEU D 163 -18.34 28.22 -26.65
CA LEU D 163 -17.53 27.07 -26.25
C LEU D 163 -18.42 26.09 -25.47
N VAL D 164 -19.30 25.42 -26.21
CA VAL D 164 -20.18 24.44 -25.58
C VAL D 164 -19.34 23.29 -25.04
N PRO D 165 -19.51 22.89 -23.78
CA PRO D 165 -18.71 21.77 -23.27
C PRO D 165 -19.04 20.47 -24.00
N LYS D 166 -18.02 19.64 -24.16
CA LYS D 166 -18.22 18.37 -24.85
C LYS D 166 -19.23 17.50 -24.12
N ALA D 167 -19.10 17.42 -22.79
CA ALA D 167 -19.99 16.54 -22.02
C ALA D 167 -21.43 16.98 -22.12
N GLU D 168 -21.71 18.20 -22.58
CA GLU D 168 -23.07 18.65 -22.78
C GLU D 168 -23.53 18.54 -24.22
N ILE D 169 -22.59 18.48 -25.17
CA ILE D 169 -22.98 18.34 -26.57
C ILE D 169 -23.71 17.03 -26.79
N GLU D 170 -23.23 15.95 -26.16
CA GLU D 170 -23.93 14.68 -26.24
C GLU D 170 -25.21 14.66 -25.41
N GLY D 171 -25.30 15.53 -24.40
CA GLY D 171 -26.50 15.59 -23.61
C GLY D 171 -27.68 16.12 -24.40
N GLU D 172 -28.88 15.71 -23.98
CA GLU D 172 -30.09 16.09 -24.70
C GLU D 172 -30.36 17.58 -24.51
N MET D 173 -31.19 18.13 -25.38
CA MET D 173 -31.55 19.53 -25.29
C MET D 173 -32.37 19.80 -24.03
N GLY D 174 -32.12 20.94 -23.41
CA GLY D 174 -32.87 21.35 -22.25
C GLY D 174 -32.39 20.78 -20.93
N ASP D 175 -31.37 19.93 -20.93
CA ASP D 175 -30.84 19.41 -19.69
C ASP D 175 -30.22 20.53 -18.87
N ALA D 176 -30.54 20.55 -17.57
CA ALA D 176 -30.11 21.63 -16.70
C ALA D 176 -28.64 21.48 -16.30
N HIS D 177 -27.78 21.51 -17.32
CA HIS D 177 -26.34 21.52 -17.11
C HIS D 177 -25.89 22.94 -16.78
N VAL D 178 -26.16 23.34 -15.55
CA VAL D 178 -25.89 24.70 -15.09
C VAL D 178 -24.47 24.76 -14.54
N GLY D 179 -23.68 25.69 -15.08
CA GLY D 179 -22.35 25.93 -14.59
C GLY D 179 -21.25 25.14 -15.26
N LEU D 180 -21.59 24.16 -16.11
CA LEU D 180 -20.55 23.35 -16.74
C LEU D 180 -19.60 24.23 -17.54
N GLN D 181 -20.14 25.17 -18.33
CA GLN D 181 -19.27 26.03 -19.13
C GLN D 181 -18.41 26.92 -18.24
N ALA D 182 -18.97 27.41 -17.13
CA ALA D 182 -18.18 28.23 -16.24
C ALA D 182 -17.02 27.44 -15.64
N ARG D 183 -17.28 26.19 -15.23
CA ARG D 183 -16.19 25.35 -14.74
C ARG D 183 -15.14 25.13 -15.82
N LEU D 184 -15.58 24.87 -17.05
CA LEU D 184 -14.63 24.69 -18.14
C LEU D 184 -13.75 25.93 -18.29
N MET D 185 -14.37 27.11 -18.28
CA MET D 185 -13.62 28.34 -18.47
C MET D 185 -12.63 28.56 -17.33
N SER D 186 -13.06 28.29 -16.09
CA SER D 186 -12.16 28.48 -14.96
C SER D 186 -10.96 27.53 -15.05
N GLN D 187 -11.21 26.26 -15.39
CA GLN D 187 -10.10 25.33 -15.54
C GLN D 187 -9.16 25.77 -16.65
N ALA D 188 -9.72 26.20 -17.78
CA ALA D 188 -8.86 26.62 -18.89
C ALA D 188 -8.01 27.82 -18.50
N LEU D 189 -8.61 28.81 -17.84
CA LEU D 189 -7.85 29.98 -17.43
C LEU D 189 -6.77 29.62 -16.44
N ARG D 190 -7.08 28.77 -15.46
CA ARG D 190 -6.05 28.36 -14.52
C ARG D 190 -4.95 27.57 -15.19
N LYS D 191 -5.26 26.88 -16.29
CA LYS D 191 -4.26 26.07 -16.97
C LYS D 191 -3.37 26.87 -17.92
N ILE D 192 -3.87 27.97 -18.47
CA ILE D 192 -3.12 28.68 -19.51
C ILE D 192 -2.84 30.12 -19.10
N THR D 193 -2.97 30.44 -17.83
CA THR D 193 -2.65 31.79 -17.38
C THR D 193 -1.15 31.99 -17.15
N GLY D 194 -0.39 30.91 -17.06
CA GLY D 194 1.05 31.03 -16.86
C GLY D 194 1.81 30.91 -18.15
N ASN D 195 1.41 29.98 -19.01
CA ASN D 195 2.09 29.82 -20.29
C ASN D 195 2.09 31.13 -21.07
N ILE D 196 1.04 31.93 -20.94
CA ILE D 196 1.03 33.23 -21.61
C ILE D 196 2.21 34.07 -21.16
N LYS D 197 2.46 34.12 -19.86
CA LYS D 197 3.53 34.96 -19.35
C LYS D 197 4.88 34.50 -19.89
N ASN D 198 5.15 33.20 -19.87
CA ASN D 198 6.42 32.70 -20.37
C ASN D 198 6.62 33.05 -21.83
N ALA D 199 5.55 33.14 -22.60
CA ALA D 199 5.59 33.65 -23.96
C ALA D 199 5.15 35.10 -23.96
N ASN D 200 4.97 35.67 -25.14
CA ASN D 200 4.41 37.01 -25.27
C ASN D 200 3.04 36.99 -25.93
N CYS D 201 2.37 35.84 -25.91
CA CYS D 201 1.05 35.74 -26.50
C CYS D 201 0.13 36.80 -25.90
N LEU D 202 -1.04 36.95 -26.51
CA LEU D 202 -2.02 37.92 -26.01
C LEU D 202 -3.40 37.35 -26.32
N VAL D 203 -3.94 36.56 -25.41
CA VAL D 203 -5.17 35.83 -25.65
C VAL D 203 -6.34 36.79 -25.44
N ILE D 204 -7.06 37.09 -26.51
CA ILE D 204 -8.16 38.03 -26.48
C ILE D 204 -9.46 37.26 -26.62
N PHE D 205 -10.21 37.17 -25.52
CA PHE D 205 -11.51 36.52 -25.54
C PHE D 205 -12.56 37.54 -25.98
N ILE D 206 -13.71 37.05 -26.41
CA ILE D 206 -14.83 37.90 -26.83
C ILE D 206 -16.09 37.31 -26.23
N ASN D 207 -16.69 38.01 -25.27
CA ASN D 207 -17.90 37.54 -24.63
C ASN D 207 -19.10 38.29 -25.18
N GLN D 208 -20.27 38.01 -24.63
CA GLN D 208 -21.52 38.57 -25.11
C GLN D 208 -22.38 39.02 -23.95
N ILE D 209 -23.26 39.98 -24.21
CA ILE D 209 -24.11 40.53 -23.17
C ILE D 209 -25.33 39.66 -22.98
N ARG D 210 -25.62 39.30 -21.73
CA ARG D 210 -26.80 38.51 -21.40
C ARG D 210 -27.41 39.08 -20.13
N MET D 211 -28.52 39.81 -20.28
CA MET D 211 -29.14 40.44 -19.12
C MET D 211 -29.51 39.40 -18.09
N LYS D 212 -29.16 39.66 -16.83
CA LYS D 212 -29.51 38.74 -15.75
C LYS D 212 -30.85 39.13 -15.14
N ILE D 213 -31.48 38.16 -14.49
CA ILE D 213 -32.75 38.39 -13.82
C ILE D 213 -32.54 38.36 -12.31
N GLY D 214 -33.60 38.64 -11.57
CA GLY D 214 -33.47 38.75 -10.12
C GLY D 214 -33.41 40.19 -9.64
N VAL D 215 -32.27 40.62 -9.09
CA VAL D 215 -32.19 41.97 -8.56
C VAL D 215 -31.79 42.93 -9.67
N MET D 216 -32.46 44.07 -9.73
CA MET D 216 -32.20 45.15 -10.67
C MET D 216 -31.88 46.47 -9.99
N PHE D 217 -30.91 46.49 -9.05
CA PHE D 217 -30.47 47.77 -8.53
C PHE D 217 -29.85 48.61 -9.63
N GLY D 218 -29.04 48.00 -10.47
CA GLY D 218 -28.44 48.69 -11.60
C GLY D 218 -27.62 47.79 -12.52
N ASN D 219 -27.45 48.21 -13.77
CA ASN D 219 -26.66 47.47 -14.76
C ASN D 219 -27.04 46.00 -14.77
N PRO D 220 -28.24 45.67 -15.26
CA PRO D 220 -28.65 44.26 -15.27
C PRO D 220 -27.75 43.36 -16.09
N GLU D 221 -27.18 43.87 -17.19
CA GLU D 221 -26.46 43.02 -18.11
C GLU D 221 -25.18 42.48 -17.45
N THR D 222 -24.85 41.23 -17.81
CA THR D 222 -23.65 40.57 -17.32
C THR D 222 -22.98 39.87 -18.49
N THR D 223 -21.77 39.37 -18.24
CA THR D 223 -20.99 38.73 -19.29
C THR D 223 -21.54 37.35 -19.60
N THR D 224 -20.90 36.66 -20.55
CA THR D 224 -21.49 35.44 -21.09
C THR D 224 -21.47 34.29 -20.08
N GLY D 225 -20.34 34.09 -19.40
CA GLY D 225 -20.26 32.96 -18.50
C GLY D 225 -18.95 32.87 -17.73
N GLY D 226 -19.05 32.51 -16.46
CA GLY D 226 -17.88 32.38 -15.62
C GLY D 226 -17.50 33.67 -14.95
N ASN D 227 -17.35 33.66 -13.63
CA ASN D 227 -16.71 34.77 -12.94
C ASN D 227 -15.20 34.70 -13.04
N ALA D 228 -14.64 33.57 -13.45
CA ALA D 228 -13.20 33.43 -13.54
C ALA D 228 -12.60 34.39 -14.56
N LEU D 229 -13.24 34.58 -15.70
CA LEU D 229 -12.67 35.43 -16.73
C LEU D 229 -12.47 36.86 -16.27
N LYS D 230 -13.32 37.34 -15.36
CA LYS D 230 -13.20 38.72 -14.90
C LYS D 230 -11.97 38.95 -14.02
N PHE D 231 -11.39 37.89 -13.45
CA PHE D 231 -10.24 38.08 -12.57
C PHE D 231 -8.93 38.13 -13.35
N TYR D 232 -8.63 37.09 -14.14
CA TYR D 232 -7.35 37.03 -14.82
C TYR D 232 -7.21 38.07 -15.93
N ALA D 233 -8.32 38.52 -16.50
CA ALA D 233 -8.26 39.46 -17.63
C ALA D 233 -7.58 40.73 -17.16
N SER D 234 -6.35 40.95 -17.62
CA SER D 234 -5.59 42.12 -17.18
C SER D 234 -6.18 43.40 -17.76
N VAL D 235 -6.90 43.30 -18.86
CA VAL D 235 -7.57 44.44 -19.47
C VAL D 235 -8.94 44.00 -19.97
N ARG D 236 -9.93 44.85 -19.77
CA ARG D 236 -11.29 44.61 -20.21
C ARG D 236 -11.71 45.75 -21.12
N LEU D 237 -12.50 45.44 -22.14
CA LEU D 237 -13.01 46.45 -23.04
C LEU D 237 -14.52 46.31 -23.17
N ASP D 238 -15.21 47.44 -23.28
CA ASP D 238 -16.64 47.47 -23.53
C ASP D 238 -16.89 48.26 -24.80
N ILE D 239 -17.39 47.57 -25.83
CA ILE D 239 -17.64 48.19 -27.13
C ILE D 239 -19.14 48.27 -27.34
N ARG D 240 -19.63 49.46 -27.66
CA ARG D 240 -21.04 49.67 -27.91
C ARG D 240 -21.22 50.58 -29.11
N ARG D 241 -22.02 50.14 -30.06
CA ARG D 241 -22.32 50.97 -31.22
C ARG D 241 -23.14 52.18 -30.78
N THR D 242 -22.78 53.34 -31.29
CA THR D 242 -23.43 54.60 -30.90
C THR D 242 -24.29 55.18 -32.01
N GLY D 243 -23.71 55.38 -33.20
CA GLY D 243 -24.44 55.96 -34.30
C GLY D 243 -23.86 55.54 -35.63
N ALA D 244 -24.71 55.43 -36.64
CA ALA D 244 -24.27 55.04 -37.97
C ALA D 244 -23.81 56.25 -38.76
N VAL D 245 -22.63 56.15 -39.35
CA VAL D 245 -22.11 57.21 -40.21
C VAL D 245 -22.59 56.97 -41.63
N LYS D 246 -23.36 57.92 -42.17
CA LYS D 246 -23.96 57.77 -43.48
C LYS D 246 -23.76 59.05 -44.29
N GLU D 247 -23.62 58.87 -45.61
CA GLU D 247 -23.47 59.98 -46.55
C GLU D 247 -24.77 60.31 -47.27
N GLY D 248 -25.90 60.24 -46.58
CA GLY D 248 -27.17 60.58 -47.17
C GLY D 248 -27.84 59.40 -47.83
N ASP D 249 -27.04 58.54 -48.47
CA ASP D 249 -27.58 57.38 -49.17
C ASP D 249 -27.61 56.14 -48.28
N GLU D 250 -26.44 55.72 -47.80
CA GLU D 250 -26.35 54.50 -47.00
C GLU D 250 -25.35 54.70 -45.88
N VAL D 251 -25.47 53.87 -44.85
CA VAL D 251 -24.59 53.96 -43.69
C VAL D 251 -23.24 53.34 -44.07
N VAL D 252 -22.21 54.18 -44.13
CA VAL D 252 -20.90 53.69 -44.56
C VAL D 252 -20.19 52.97 -43.42
N GLY D 253 -20.51 53.35 -42.18
CA GLY D 253 -19.87 52.75 -41.02
C GLY D 253 -20.72 52.83 -39.76
N SER D 254 -20.07 53.07 -38.62
CA SER D 254 -20.80 53.22 -37.33
C SER D 254 -19.81 53.53 -36.21
N GLU D 255 -19.65 54.80 -35.84
CA GLU D 255 -18.78 55.17 -34.69
C GLU D 255 -19.11 54.27 -33.50
N THR D 256 -18.09 53.74 -32.82
CA THR D 256 -18.31 52.84 -31.65
C THR D 256 -17.45 53.29 -30.47
N ARG D 257 -18.02 53.36 -29.28
CA ARG D 257 -17.28 53.81 -28.07
C ARG D 257 -16.63 52.61 -27.38
N VAL D 258 -15.45 52.81 -26.78
CA VAL D 258 -14.81 51.74 -26.02
C VAL D 258 -14.47 52.28 -24.64
N LYS D 259 -15.07 51.68 -23.62
CA LYS D 259 -14.95 52.15 -22.24
C LYS D 259 -14.26 51.09 -21.41
N VAL D 260 -12.93 51.19 -21.28
CA VAL D 260 -12.19 50.21 -20.49
C VAL D 260 -12.82 50.09 -19.11
N VAL D 261 -13.26 48.89 -18.77
CA VAL D 261 -13.98 48.67 -17.52
C VAL D 261 -13.03 48.14 -16.46
N LYS D 262 -11.96 47.47 -16.89
CA LYS D 262 -10.94 47.00 -15.98
C LYS D 262 -9.59 47.14 -16.67
N ASN D 263 -8.59 47.53 -15.90
CA ASN D 263 -7.26 47.67 -16.46
C ASN D 263 -6.24 47.46 -15.35
N LYS D 264 -5.29 46.57 -15.59
CA LYS D 264 -4.24 46.26 -14.65
C LYS D 264 -2.92 46.88 -15.02
N VAL D 265 -2.93 47.92 -15.86
CA VAL D 265 -1.70 48.60 -16.25
C VAL D 265 -1.82 50.12 -16.25
N SER D 266 -2.98 50.69 -15.96
CA SER D 266 -3.14 52.14 -15.95
C SER D 266 -4.53 52.45 -15.41
N PRO D 267 -4.83 53.72 -15.16
CA PRO D 267 -6.16 54.06 -14.62
C PRO D 267 -7.25 53.59 -15.56
N PRO D 268 -8.10 52.68 -15.11
CA PRO D 268 -8.98 51.91 -15.99
C PRO D 268 -10.38 52.49 -16.22
N PHE D 269 -10.44 53.75 -16.61
CA PHE D 269 -11.70 54.35 -17.07
C PHE D 269 -11.34 55.51 -18.01
N ARG D 270 -11.52 55.27 -19.30
CA ARG D 270 -11.27 56.33 -20.31
C ARG D 270 -12.08 56.00 -21.57
N GLN D 271 -13.28 56.57 -21.69
CA GLN D 271 -14.14 56.32 -22.87
C GLN D 271 -13.39 56.82 -24.11
N ALA D 272 -12.98 55.90 -24.98
CA ALA D 272 -12.22 56.27 -26.20
C ALA D 272 -13.14 56.16 -27.41
N GLU D 273 -13.50 57.30 -27.99
CA GLU D 273 -14.42 57.29 -29.15
C GLU D 273 -13.65 57.24 -30.47
N PHE D 274 -14.16 56.51 -31.45
CA PHE D 274 -13.57 56.32 -32.76
C PHE D 274 -14.64 55.83 -33.72
N GLN D 275 -14.32 55.90 -35.01
CA GLN D 275 -15.25 55.56 -36.07
C GLN D 275 -14.77 54.31 -36.79
N ILE D 276 -15.70 53.39 -37.07
CA ILE D 276 -15.38 52.14 -37.75
C ILE D 276 -16.29 52.03 -38.96
N LEU D 277 -15.79 52.46 -40.12
CA LEU D 277 -16.48 52.28 -41.38
C LEU D 277 -16.21 50.88 -41.91
N TYR D 278 -17.01 50.45 -42.89
CA TYR D 278 -16.96 49.08 -43.39
C TYR D 278 -15.99 48.96 -44.56
N GLY D 279 -15.33 47.82 -44.64
CA GLY D 279 -14.38 47.56 -45.70
C GLY D 279 -12.98 48.07 -45.39
N LYS D 280 -12.83 49.39 -45.35
CA LYS D 280 -11.51 49.96 -45.05
C LYS D 280 -11.08 49.61 -43.64
N GLY D 281 -11.99 49.68 -42.68
CA GLY D 281 -11.66 49.31 -41.32
C GLY D 281 -11.80 50.45 -40.34
N ILE D 282 -10.81 50.60 -39.46
CA ILE D 282 -10.85 51.66 -38.46
C ILE D 282 -10.35 52.96 -39.06
N TYR D 283 -10.95 54.07 -38.62
CA TYR D 283 -10.68 55.37 -39.23
C TYR D 283 -9.60 56.11 -38.43
N ARG D 284 -8.36 55.64 -38.56
CA ARG D 284 -7.26 56.25 -37.76
C ARG D 284 -7.03 57.68 -38.23
N THR D 285 -7.14 57.93 -39.54
CA THR D 285 -6.90 59.28 -40.12
C THR D 285 -7.77 60.32 -39.42
N GLY D 286 -9.10 60.18 -39.50
CA GLY D 286 -10.01 61.18 -38.90
C GLY D 286 -9.82 61.27 -37.40
N GLU D 287 -9.52 60.15 -36.75
CA GLU D 287 -9.26 60.18 -35.28
C GLU D 287 -8.07 61.08 -35.01
N ILE D 288 -6.93 60.85 -35.68
CA ILE D 288 -5.71 61.69 -35.49
C ILE D 288 -6.09 63.17 -35.65
N ILE D 289 -6.90 63.50 -36.65
CA ILE D 289 -7.35 64.91 -36.88
C ILE D 289 -8.05 65.42 -35.60
N ASP D 290 -9.06 64.70 -35.10
CA ASP D 290 -9.84 65.18 -33.92
C ASP D 290 -8.95 65.22 -32.67
N LEU D 291 -7.94 64.37 -32.61
CA LEU D 291 -7.03 64.36 -31.48
C LEU D 291 -6.04 65.51 -31.55
N GLY D 292 -5.48 65.77 -32.74
CA GLY D 292 -4.56 66.88 -32.89
C GLY D 292 -5.20 68.21 -32.56
N VAL D 293 -6.41 68.45 -33.08
CA VAL D 293 -7.07 69.72 -32.84
C VAL D 293 -7.39 69.88 -31.35
N GLN D 294 -7.85 68.81 -30.70
CA GLN D 294 -8.10 68.90 -29.26
C GLN D 294 -6.83 69.10 -28.46
N LEU D 295 -5.71 68.57 -28.94
CA LEU D 295 -4.41 68.86 -28.34
C LEU D 295 -3.91 70.25 -28.68
N GLY D 296 -4.60 70.96 -29.58
CA GLY D 296 -4.20 72.28 -30.00
C GLY D 296 -3.24 72.31 -31.16
N LEU D 297 -2.72 71.17 -31.58
CA LEU D 297 -1.84 71.15 -32.74
C LEU D 297 -2.54 71.72 -33.97
N VAL D 298 -3.86 71.59 -34.03
CA VAL D 298 -4.66 72.18 -35.08
C VAL D 298 -5.14 73.54 -34.61
N GLU D 299 -4.77 74.59 -35.35
CA GLU D 299 -5.20 75.94 -34.99
C GLU D 299 -6.68 76.15 -35.22
N LYS D 300 -7.37 75.21 -35.89
CA LYS D 300 -8.80 75.30 -36.15
C LYS D 300 -9.14 76.59 -36.88
N SER D 301 -8.37 76.87 -37.93
CA SER D 301 -8.57 78.07 -38.73
C SER D 301 -9.83 77.91 -39.56
N GLY D 302 -10.89 78.61 -39.16
CA GLY D 302 -12.14 78.56 -39.89
C GLY D 302 -12.69 77.15 -39.98
N ALA D 303 -13.32 76.85 -41.12
CA ALA D 303 -13.89 75.55 -41.40
C ALA D 303 -12.89 74.61 -42.07
N TRP D 304 -11.67 75.06 -42.29
CA TRP D 304 -10.62 74.26 -42.90
C TRP D 304 -9.64 73.81 -41.81
N TYR D 305 -9.06 72.63 -42.01
CA TYR D 305 -8.11 72.10 -41.05
C TYR D 305 -6.68 72.28 -41.57
N SER D 306 -5.80 72.69 -40.67
CA SER D 306 -4.39 72.87 -41.02
C SER D 306 -3.54 72.44 -39.83
N TYR D 307 -2.56 71.57 -40.10
CA TYR D 307 -1.69 71.09 -39.04
C TYR D 307 -0.94 72.27 -38.44
N GLN D 308 -0.11 72.92 -39.26
CA GLN D 308 0.57 74.15 -38.85
C GLN D 308 0.34 75.27 -39.86
N GLY D 309 0.58 75.03 -41.15
CA GLY D 309 0.23 75.98 -42.18
C GLY D 309 -0.26 75.30 -43.44
N SER D 310 -0.58 74.01 -43.33
CA SER D 310 -0.91 73.18 -44.48
C SER D 310 -2.27 73.51 -45.08
N LYS D 311 -3.24 73.90 -44.26
CA LYS D 311 -4.61 74.11 -44.71
C LYS D 311 -5.13 72.85 -45.40
N ILE D 312 -4.91 71.71 -44.74
CA ILE D 312 -5.20 70.40 -45.30
C ILE D 312 -6.70 70.17 -45.23
N GLY D 313 -7.38 70.31 -46.36
CA GLY D 313 -8.81 70.07 -46.43
C GLY D 313 -9.63 71.18 -45.82
N GLN D 314 -10.95 71.14 -46.04
CA GLN D 314 -11.89 72.09 -45.46
C GLN D 314 -13.02 71.27 -44.84
N GLY D 315 -12.81 70.84 -43.61
CA GLY D 315 -13.71 69.93 -42.93
C GLY D 315 -13.03 68.63 -42.57
N LYS D 316 -13.63 67.93 -41.60
CA LYS D 316 -13.04 66.69 -41.12
C LYS D 316 -12.93 65.68 -42.26
N ALA D 317 -13.99 65.53 -43.06
CA ALA D 317 -13.99 64.55 -44.14
C ALA D 317 -12.99 64.92 -45.24
N ASN D 318 -13.06 66.14 -45.76
CA ASN D 318 -12.17 66.51 -46.84
C ASN D 318 -10.71 66.50 -46.40
N ALA D 319 -10.46 66.92 -45.15
CA ALA D 319 -9.09 66.93 -44.59
C ALA D 319 -8.47 65.53 -44.67
N ALA D 320 -9.27 64.49 -44.40
CA ALA D 320 -8.74 63.11 -44.39
C ALA D 320 -7.94 62.83 -45.66
N LYS D 321 -8.43 63.28 -46.82
CA LYS D 321 -7.67 63.12 -48.09
C LYS D 321 -6.32 63.81 -47.94
N TYR D 322 -6.29 65.08 -47.52
CA TYR D 322 -5.06 65.84 -47.41
C TYR D 322 -4.13 65.25 -46.35
N LEU D 323 -4.68 64.50 -45.41
CA LEU D 323 -3.86 63.73 -44.48
C LEU D 323 -3.30 62.46 -45.10
N GLU D 324 -4.09 61.75 -45.91
CA GLU D 324 -3.71 60.44 -46.42
C GLU D 324 -2.80 60.52 -47.64
N ASP D 325 -2.89 61.58 -48.44
CA ASP D 325 -1.99 61.69 -49.58
C ASP D 325 -0.53 61.83 -49.12
N ASN D 326 -0.30 62.51 -48.01
CA ASN D 326 1.06 62.71 -47.50
C ASN D 326 1.26 61.89 -46.23
N PRO D 327 1.89 60.71 -46.31
CA PRO D 327 2.08 59.91 -45.10
C PRO D 327 2.95 60.60 -44.06
N GLU D 328 3.86 61.48 -44.47
CA GLU D 328 4.77 62.09 -43.50
C GLU D 328 4.02 62.96 -42.50
N ILE D 329 3.05 63.75 -42.96
CA ILE D 329 2.28 64.58 -42.04
C ILE D 329 1.50 63.70 -41.06
N GLY D 330 0.90 62.62 -41.55
CA GLY D 330 0.19 61.73 -40.67
C GLY D 330 1.10 61.11 -39.63
N SER D 331 2.28 60.68 -40.04
CA SER D 331 3.24 60.10 -39.09
C SER D 331 3.65 61.13 -38.04
N VAL D 332 3.93 62.36 -38.47
CA VAL D 332 4.35 63.40 -37.53
C VAL D 332 3.24 63.67 -36.53
N LEU D 333 2.00 63.81 -37.00
CA LEU D 333 0.89 64.07 -36.10
C LEU D 333 0.69 62.92 -35.12
N GLU D 334 0.74 61.68 -35.63
CA GLU D 334 0.53 60.52 -34.78
C GLU D 334 1.65 60.35 -33.76
N LYS D 335 2.87 60.77 -34.09
CA LYS D 335 3.96 60.71 -33.13
C LYS D 335 3.84 61.82 -32.09
N THR D 336 3.54 63.05 -32.51
CA THR D 336 3.44 64.15 -31.56
C THR D 336 2.28 63.93 -30.58
N ILE D 337 1.12 63.51 -31.09
CA ILE D 337 -0.03 63.31 -30.22
C ILE D 337 0.27 62.22 -29.20
N ARG D 338 0.84 61.12 -29.66
CA ARG D 338 1.09 60.01 -28.75
C ARG D 338 2.20 60.35 -27.76
N ASP D 339 3.18 61.14 -28.18
CA ASP D 339 4.19 61.60 -27.23
C ASP D 339 3.57 62.48 -26.16
N GLN D 340 2.68 63.39 -26.56
CA GLN D 340 2.07 64.27 -25.57
C GLN D 340 1.20 63.50 -24.58
N LEU D 341 0.36 62.58 -25.09
CA LEU D 341 -0.63 61.93 -24.25
C LEU D 341 -0.19 60.55 -23.78
N LEU D 342 0.05 59.64 -24.74
CA LEU D 342 0.50 58.30 -24.39
C LEU D 342 1.80 58.33 -23.61
N ALA D 343 2.80 59.05 -24.11
CA ALA D 343 4.11 59.08 -23.49
C ALA D 343 4.08 59.89 -22.19
N GLY E 16 0.37 13.09 47.60
CA GLY E 16 -0.35 14.31 47.92
C GLY E 16 0.03 15.48 47.02
N ASP E 17 -0.32 16.69 47.44
CA ASP E 17 -0.01 17.87 46.64
C ASP E 17 1.47 17.93 46.30
N GLU E 18 2.33 17.65 47.28
CA GLU E 18 3.76 17.61 47.00
C GLU E 18 4.08 16.50 46.01
N ASN E 19 3.42 15.35 46.14
CA ASN E 19 3.63 14.27 45.19
C ASN E 19 3.20 14.67 43.79
N LYS E 20 2.04 15.33 43.67
CA LYS E 20 1.59 15.78 42.36
C LYS E 20 2.59 16.77 41.77
N LYS E 21 3.07 17.71 42.59
CA LYS E 21 4.04 18.69 42.09
C LYS E 21 5.32 18.01 41.64
N ARG E 22 5.81 17.04 42.42
CA ARG E 22 7.03 16.34 42.02
C ARG E 22 6.82 15.58 40.72
N ALA E 23 5.68 14.91 40.57
CA ALA E 23 5.43 14.17 39.34
C ALA E 23 5.34 15.12 38.15
N LEU E 24 4.67 16.25 38.32
CA LEU E 24 4.57 17.23 37.24
C LEU E 24 5.94 17.75 36.86
N ALA E 25 6.78 18.06 37.86
CA ALA E 25 8.12 18.54 37.57
C ALA E 25 8.94 17.49 36.84
N ALA E 26 8.82 16.22 37.25
CA ALA E 26 9.55 15.16 36.58
C ALA E 26 9.13 15.03 35.13
N ALA E 27 7.82 15.03 34.87
CA ALA E 27 7.34 14.91 33.50
C ALA E 27 7.79 16.10 32.66
N LEU E 28 7.70 17.31 33.21
CA LEU E 28 8.12 18.49 32.46
C LEU E 28 9.62 18.44 32.17
N GLY E 29 10.42 17.99 33.13
CA GLY E 29 11.84 17.85 32.88
C GLY E 29 12.15 16.82 31.82
N GLN E 30 11.41 15.71 31.82
CA GLN E 30 11.57 14.72 30.77
C GLN E 30 11.27 15.32 29.40
N ILE E 31 10.16 16.06 29.30
CA ILE E 31 9.83 16.70 28.03
C ILE E 31 10.93 17.66 27.62
N GLU E 32 11.41 18.48 28.56
CA GLU E 32 12.49 19.41 28.25
C GLU E 32 13.71 18.70 27.70
N ARG E 33 14.22 17.70 28.42
CA ARG E 33 15.44 17.03 28.02
C ARG E 33 15.27 16.19 26.77
N GLN E 34 14.04 15.83 26.40
CA GLN E 34 13.83 15.08 25.17
C GLN E 34 13.42 15.97 24.01
N PHE E 35 12.76 17.09 24.26
CA PHE E 35 12.25 17.93 23.18
C PHE E 35 12.83 19.34 23.17
N GLY E 36 13.37 19.81 24.29
CA GLY E 36 13.95 21.14 24.36
C GLY E 36 13.22 22.01 25.38
N LYS E 37 13.02 23.27 25.01
CA LYS E 37 12.36 24.23 25.88
C LYS E 37 10.95 24.57 25.43
N GLY E 38 10.35 23.75 24.56
CA GLY E 38 9.01 24.02 24.05
C GLY E 38 7.90 23.20 24.67
N ALA E 39 8.17 22.61 25.84
CA ALA E 39 7.14 21.83 26.54
C ALA E 39 6.14 22.74 27.23
N VAL E 40 6.55 23.95 27.61
CA VAL E 40 5.68 24.95 28.21
C VAL E 40 6.19 26.32 27.83
N MET E 41 5.27 27.24 27.55
CA MET E 41 5.66 28.61 27.26
C MET E 41 6.29 29.24 28.49
N ARG E 42 7.22 30.17 28.27
CA ARG E 42 7.86 30.85 29.40
C ARG E 42 6.88 31.86 30.00
N MET E 43 6.60 31.70 31.30
CA MET E 43 5.59 32.54 31.95
C MET E 43 5.99 34.01 31.89
N GLY E 44 7.20 34.32 32.33
CA GLY E 44 7.65 35.70 32.27
C GLY E 44 8.05 36.17 30.90
N ASP E 45 8.17 35.27 29.93
CA ASP E 45 8.56 35.63 28.57
C ASP E 45 7.35 36.01 27.72
N HIS E 46 6.26 35.26 27.86
CA HIS E 46 5.06 35.45 27.03
C HIS E 46 4.07 36.32 27.78
N GLU E 47 4.42 37.59 27.96
CA GLU E 47 3.58 38.53 28.68
C GLU E 47 3.40 39.81 27.88
N ARG E 48 3.60 39.73 26.57
CA ARG E 48 3.48 40.90 25.71
C ARG E 48 2.08 41.46 25.79
N GLN E 49 1.98 42.77 25.98
CA GLN E 49 0.68 43.43 26.03
C GLN E 49 -0.03 43.33 24.68
N ALA E 50 0.70 43.52 23.59
CA ALA E 50 0.14 43.46 22.25
C ALA E 50 0.97 42.52 21.40
N ILE E 51 0.29 41.70 20.61
CA ILE E 51 1.00 40.86 19.63
C ILE E 51 1.57 41.74 18.53
N PRO E 52 2.80 41.53 18.09
CA PRO E 52 3.40 42.43 17.09
C PRO E 52 2.55 42.45 15.82
N ALA E 53 2.39 43.63 15.26
CA ALA E 53 1.52 43.83 14.10
C ALA E 53 2.24 44.64 13.03
N ILE E 54 1.85 44.40 11.78
CA ILE E 54 2.36 45.12 10.63
C ILE E 54 1.24 46.02 10.13
N SER E 55 1.46 47.33 10.17
CA SER E 55 0.41 48.26 9.77
C SER E 55 -0.02 47.97 8.35
N THR E 56 -1.30 48.19 8.07
CA THR E 56 -1.86 47.93 6.75
C THR E 56 -1.93 49.17 5.89
N GLY E 57 -1.27 50.25 6.30
CA GLY E 57 -1.25 51.46 5.50
C GLY E 57 -2.47 52.33 5.62
N SER E 58 -3.41 51.98 6.49
CA SER E 58 -4.61 52.79 6.68
C SER E 58 -5.03 52.71 8.14
N LEU E 59 -5.57 53.82 8.67
CA LEU E 59 -6.07 53.80 10.03
C LEU E 59 -7.39 53.05 10.14
N GLY E 60 -8.20 53.00 9.08
CA GLY E 60 -9.45 52.27 9.16
C GLY E 60 -9.22 50.80 9.48
N LEU E 61 -8.32 50.16 8.75
CA LEU E 61 -8.03 48.75 9.00
C LEU E 61 -7.30 48.53 10.31
N ASP E 62 -6.38 49.41 10.67
CA ASP E 62 -5.70 49.27 11.96
C ASP E 62 -6.69 49.34 13.11
N ILE E 63 -7.64 50.27 13.05
CA ILE E 63 -8.67 50.34 14.06
C ILE E 63 -9.52 49.08 14.03
N ALA E 64 -9.93 48.65 12.83
CA ALA E 64 -10.81 47.49 12.75
C ALA E 64 -10.17 46.24 13.34
N LEU E 65 -8.91 45.97 13.01
CA LEU E 65 -8.24 44.78 13.51
C LEU E 65 -8.03 44.83 15.02
N GLY E 66 -8.12 45.99 15.64
CA GLY E 66 -7.96 46.07 17.08
C GLY E 66 -6.51 46.15 17.51
N ILE E 67 -5.64 45.39 16.86
CA ILE E 67 -4.21 45.44 17.19
C ILE E 67 -3.42 46.34 16.26
N GLY E 68 -4.10 47.16 15.45
CA GLY E 68 -3.42 48.11 14.61
C GLY E 68 -2.53 47.50 13.56
N GLY E 69 -3.03 46.50 12.84
CA GLY E 69 -2.32 45.89 11.74
C GLY E 69 -2.49 44.39 11.71
N LEU E 70 -2.06 43.79 10.61
CA LEU E 70 -2.11 42.34 10.49
C LEU E 70 -1.21 41.71 11.55
N PRO E 71 -1.65 40.63 12.20
CA PRO E 71 -0.79 39.97 13.18
C PRO E 71 0.44 39.38 12.52
N LYS E 72 1.52 39.31 13.27
CA LYS E 72 2.78 38.75 12.78
C LYS E 72 2.87 37.28 13.19
N GLY E 73 3.21 36.43 12.23
CA GLY E 73 3.32 35.02 12.49
C GLY E 73 2.08 34.20 12.21
N ARG E 74 1.02 34.81 11.71
CA ARG E 74 -0.23 34.12 11.44
C ARG E 74 -0.65 34.35 10.00
N ILE E 75 -1.13 33.29 9.37
CA ILE E 75 -1.68 33.41 8.02
C ILE E 75 -2.78 34.44 8.03
N VAL E 76 -2.93 35.15 6.91
CA VAL E 76 -4.01 36.10 6.70
C VAL E 76 -4.51 35.91 5.28
N GLU E 77 -5.82 35.97 5.10
CA GLU E 77 -6.42 35.67 3.82
C GLU E 77 -7.49 36.70 3.49
N ILE E 78 -7.33 37.37 2.35
CA ILE E 78 -8.25 38.41 1.93
C ILE E 78 -8.82 38.04 0.56
N TYR E 79 -10.03 38.50 0.30
CA TYR E 79 -10.73 38.15 -0.92
C TYR E 79 -11.73 39.25 -1.25
N GLY E 80 -12.25 39.20 -2.47
CA GLY E 80 -13.26 40.14 -2.90
C GLY E 80 -13.47 40.11 -4.39
N PRO E 81 -14.49 40.82 -4.87
CA PRO E 81 -14.81 40.79 -6.29
C PRO E 81 -13.63 41.24 -7.15
N GLU E 82 -13.81 41.12 -8.45
CA GLU E 82 -12.78 41.55 -9.39
C GLU E 82 -12.57 43.06 -9.29
N SER E 83 -11.35 43.55 -9.50
CA SER E 83 -11.07 45.02 -9.36
C SER E 83 -11.74 45.60 -8.11
N SER E 84 -11.44 45.01 -6.94
CA SER E 84 -11.99 45.56 -5.67
C SER E 84 -10.87 46.22 -4.87
N GLY E 85 -9.66 45.65 -4.90
CA GLY E 85 -8.51 46.29 -4.22
C GLY E 85 -7.65 45.31 -3.45
N LYS E 86 -7.46 44.08 -3.93
CA LYS E 86 -6.70 43.13 -3.14
C LYS E 86 -5.20 43.32 -3.36
N THR E 87 -4.77 43.32 -4.62
CA THR E 87 -3.34 43.45 -4.90
C THR E 87 -2.80 44.77 -4.41
N THR E 88 -3.55 45.85 -4.59
CA THR E 88 -3.07 47.15 -4.15
C THR E 88 -2.93 47.20 -2.63
N LEU E 89 -3.88 46.59 -1.92
CA LEU E 89 -3.78 46.57 -0.46
C LEU E 89 -2.58 45.76 0.01
N THR E 90 -2.35 44.60 -0.62
CA THR E 90 -1.17 43.82 -0.24
C THR E 90 0.12 44.58 -0.55
N LEU E 91 0.15 45.30 -1.67
CA LEU E 91 1.34 46.09 -1.98
C LEU E 91 1.53 47.20 -0.95
N SER E 92 0.45 47.82 -0.51
CA SER E 92 0.57 48.83 0.53
C SER E 92 1.10 48.23 1.82
N VAL E 93 0.64 47.03 2.17
CA VAL E 93 1.17 46.35 3.34
C VAL E 93 2.66 46.09 3.18
N ILE E 94 3.08 45.62 2.01
CA ILE E 94 4.50 45.38 1.77
C ILE E 94 5.29 46.67 1.95
N ALA E 95 4.78 47.77 1.41
CA ALA E 95 5.47 49.04 1.55
C ALA E 95 5.59 49.44 3.01
N GLU E 96 4.53 49.26 3.78
CA GLU E 96 4.59 49.60 5.20
C GLU E 96 5.59 48.72 5.94
N ALA E 97 5.68 47.44 5.57
CA ALA E 97 6.66 46.57 6.20
C ALA E 97 8.09 47.02 5.89
N GLN E 98 8.35 47.45 4.65
CA GLN E 98 9.70 47.85 4.30
C GLN E 98 10.14 49.08 5.08
N LYS E 99 9.23 49.97 5.44
CA LYS E 99 9.61 51.11 6.27
C LYS E 99 10.23 50.64 7.58
N GLN E 100 9.88 49.44 8.03
CA GLN E 100 10.49 48.88 9.22
C GLN E 100 11.72 48.05 8.91
N GLY E 101 12.25 48.12 7.70
CA GLY E 101 13.46 47.40 7.36
C GLY E 101 13.30 45.90 7.45
N ALA E 102 12.22 45.37 6.89
CA ALA E 102 11.97 43.94 6.88
C ALA E 102 11.90 43.44 5.45
N THR E 103 12.68 42.40 5.15
CA THR E 103 12.64 41.82 3.82
C THR E 103 11.26 41.27 3.53
N CYS E 104 10.81 41.41 2.29
CA CYS E 104 9.47 40.99 1.91
C CYS E 104 9.49 40.38 0.51
N ALA E 105 8.78 39.27 0.37
CA ALA E 105 8.66 38.57 -0.90
C ALA E 105 7.31 38.88 -1.52
N PHE E 106 7.09 38.36 -2.72
CA PHE E 106 5.78 38.45 -3.36
C PHE E 106 5.72 37.37 -4.43
N VAL E 107 5.19 36.21 -4.06
CA VAL E 107 5.11 35.07 -4.97
C VAL E 107 3.72 35.05 -5.58
N ASP E 108 3.59 35.68 -6.74
CA ASP E 108 2.32 35.75 -7.45
C ASP E 108 2.24 34.60 -8.43
N ALA E 109 1.11 33.89 -8.41
CA ALA E 109 0.92 32.74 -9.28
C ALA E 109 0.11 33.07 -10.53
N GLU E 110 -0.65 34.16 -10.53
CA GLU E 110 -1.46 34.53 -11.68
C GLU E 110 -0.65 35.23 -12.76
N HIS E 111 0.61 35.54 -12.49
CA HIS E 111 1.46 36.24 -13.45
C HIS E 111 0.83 37.57 -13.86
N ALA E 112 0.69 38.47 -12.89
CA ALA E 112 0.14 39.80 -13.15
C ALA E 112 0.71 40.74 -12.09
N LEU E 113 1.73 41.50 -12.47
CA LEU E 113 2.35 42.44 -11.56
C LEU E 113 2.95 43.58 -12.36
N ASP E 114 2.84 44.79 -11.82
CA ASP E 114 3.43 45.97 -12.45
C ASP E 114 4.44 46.59 -11.51
N PRO E 115 5.72 46.21 -11.58
CA PRO E 115 6.71 46.85 -10.72
C PRO E 115 6.74 48.35 -10.90
N ASP E 116 6.40 48.84 -12.08
CA ASP E 116 6.27 50.29 -12.26
C ASP E 116 5.19 50.84 -11.34
N TYR E 117 4.03 50.18 -11.27
CA TYR E 117 3.00 50.63 -10.36
C TYR E 117 3.41 50.47 -8.90
N ALA E 118 3.99 49.32 -8.55
CA ALA E 118 4.44 49.14 -7.17
C ALA E 118 5.37 50.26 -6.76
N GLY E 119 6.22 50.72 -7.68
CA GLY E 119 7.05 51.88 -7.38
C GLY E 119 6.23 53.10 -7.04
N LYS E 120 5.14 53.33 -7.79
CA LYS E 120 4.28 54.46 -7.48
C LYS E 120 3.65 54.32 -6.11
N LEU E 121 3.34 53.08 -5.71
CA LEU E 121 2.73 52.88 -4.40
C LEU E 121 3.69 53.26 -3.28
N GLY E 122 4.96 52.91 -3.42
CA GLY E 122 5.95 53.26 -2.42
C GLY E 122 6.92 52.14 -2.10
N VAL E 123 6.57 50.91 -2.50
CA VAL E 123 7.41 49.76 -2.21
C VAL E 123 8.75 49.92 -2.92
N ASN E 124 9.80 49.40 -2.29
CA ASN E 124 11.14 49.43 -2.87
C ASN E 124 11.27 48.29 -3.86
N VAL E 125 10.77 48.49 -5.08
CA VAL E 125 10.83 47.43 -6.08
C VAL E 125 12.25 46.89 -6.18
N ASP E 126 13.25 47.73 -5.94
CA ASP E 126 14.63 47.28 -5.89
C ASP E 126 14.86 46.26 -4.78
N ASP E 127 14.06 46.27 -3.73
CA ASP E 127 14.18 45.32 -2.62
C ASP E 127 12.86 44.58 -2.50
N LEU E 128 12.73 43.50 -3.26
CA LEU E 128 11.50 42.72 -3.24
C LEU E 128 11.70 41.43 -4.02
N LEU E 129 11.62 40.29 -3.34
CA LEU E 129 11.73 39.00 -3.99
C LEU E 129 10.40 38.71 -4.69
N VAL E 130 10.47 38.34 -5.96
CA VAL E 130 9.28 38.09 -6.76
C VAL E 130 9.44 36.76 -7.47
N SER E 131 8.35 36.00 -7.54
CA SER E 131 8.35 34.72 -8.21
C SER E 131 7.12 34.62 -9.10
N GLN E 132 7.24 33.84 -10.17
CA GLN E 132 6.10 33.53 -11.05
C GLN E 132 6.09 32.03 -11.29
N PRO E 133 5.89 31.24 -10.23
CA PRO E 133 5.95 29.78 -10.39
C PRO E 133 4.91 29.29 -11.37
N ASP E 134 5.31 28.29 -12.17
CA ASP E 134 4.44 27.82 -13.23
C ASP E 134 3.39 26.84 -12.74
N THR E 135 3.56 26.28 -11.55
CA THR E 135 2.62 25.31 -11.01
C THR E 135 2.31 25.63 -9.56
N GLY E 136 1.18 25.09 -9.08
CA GLY E 136 0.78 25.37 -7.71
C GLY E 136 1.74 24.82 -6.68
N GLU E 137 2.16 23.56 -6.85
CA GLU E 137 3.08 22.97 -5.89
C GLU E 137 4.40 23.73 -5.87
N GLN E 138 4.85 24.20 -7.03
CA GLN E 138 6.07 25.00 -7.06
C GLN E 138 5.91 26.28 -6.26
N ALA E 139 4.78 26.96 -6.40
CA ALA E 139 4.56 28.19 -5.65
C ALA E 139 4.51 27.91 -4.15
N LEU E 140 3.84 26.85 -3.75
CA LEU E 140 3.76 26.54 -2.33
C LEU E 140 5.12 26.13 -1.78
N GLU E 141 5.91 25.39 -2.56
CA GLU E 141 7.25 25.05 -2.12
C GLU E 141 8.12 26.28 -1.97
N ILE E 142 8.02 27.23 -2.90
CA ILE E 142 8.80 28.46 -2.78
C ILE E 142 8.39 29.21 -1.53
N THR E 143 7.09 29.37 -1.30
CA THR E 143 6.64 30.08 -0.11
C THR E 143 6.90 29.30 1.17
N ASP E 144 7.20 28.01 1.07
CA ASP E 144 7.52 27.23 2.25
C ASP E 144 8.99 27.35 2.60
N MET E 145 9.88 26.93 1.68
CA MET E 145 11.30 27.04 1.98
C MET E 145 11.73 28.48 2.20
N LEU E 146 10.97 29.43 1.67
CA LEU E 146 11.31 30.83 1.89
C LEU E 146 11.15 31.23 3.35
N VAL E 147 10.08 30.77 3.99
CA VAL E 147 9.85 31.12 5.38
C VAL E 147 10.82 30.39 6.31
N ARG E 148 11.17 29.15 5.99
CA ARG E 148 12.10 28.42 6.84
C ARG E 148 13.40 29.19 7.01
N SER E 149 13.77 29.99 6.01
CA SER E 149 14.99 30.79 6.11
C SER E 149 14.95 31.74 7.29
N ASN E 150 13.76 32.13 7.75
CA ASN E 150 13.58 33.11 8.81
C ASN E 150 14.03 34.49 8.39
N ALA E 151 14.35 34.69 7.12
CA ALA E 151 14.82 36.00 6.66
C ALA E 151 13.65 36.88 6.26
N VAL E 152 12.83 36.43 5.32
CA VAL E 152 11.72 37.24 4.84
C VAL E 152 10.65 37.32 5.91
N ASP E 153 10.21 38.54 6.22
CA ASP E 153 9.22 38.76 7.25
C ASP E 153 7.81 38.94 6.73
N VAL E 154 7.62 39.17 5.44
CA VAL E 154 6.30 39.27 4.84
C VAL E 154 6.32 38.51 3.53
N ILE E 155 5.33 37.64 3.33
CA ILE E 155 5.18 36.89 2.09
C ILE E 155 3.76 37.09 1.59
N ILE E 156 3.63 37.39 0.29
CA ILE E 156 2.34 37.57 -0.34
C ILE E 156 2.23 36.54 -1.45
N VAL E 157 1.17 35.73 -1.43
CA VAL E 157 0.92 34.76 -2.48
C VAL E 157 -0.37 35.16 -3.17
N ASP E 158 -0.25 35.66 -4.39
CA ASP E 158 -1.35 36.26 -5.12
C ASP E 158 -2.21 35.20 -5.79
N SER E 159 -3.51 35.47 -5.83
CA SER E 159 -4.46 34.66 -6.59
C SER E 159 -4.35 33.17 -6.25
N VAL E 160 -4.67 32.86 -5.00
CA VAL E 160 -4.69 31.46 -4.56
C VAL E 160 -5.51 30.62 -5.52
N ALA E 161 -6.43 31.24 -6.26
CA ALA E 161 -7.19 30.52 -7.27
C ALA E 161 -6.33 30.07 -8.44
N ALA E 162 -5.14 30.65 -8.61
CA ALA E 162 -4.32 30.33 -9.78
C ALA E 162 -3.31 29.23 -9.52
N LEU E 163 -3.24 28.70 -8.30
CA LEU E 163 -2.30 27.62 -8.00
C LEU E 163 -2.84 26.32 -8.59
N VAL E 164 -2.58 26.11 -9.87
CA VAL E 164 -3.02 24.88 -10.53
C VAL E 164 -2.11 23.74 -10.10
N PRO E 165 -2.65 22.64 -9.59
CA PRO E 165 -1.80 21.51 -9.20
C PRO E 165 -1.12 20.90 -10.42
N LYS E 166 0.08 20.36 -10.19
CA LYS E 166 0.84 19.76 -11.29
C LYS E 166 0.05 18.65 -11.95
N ALA E 167 -0.63 17.81 -11.15
CA ALA E 167 -1.36 16.69 -11.73
C ALA E 167 -2.42 17.15 -12.71
N GLU E 168 -2.88 18.39 -12.59
CA GLU E 168 -3.92 18.90 -13.48
C GLU E 168 -3.38 19.71 -14.64
N ILE E 169 -2.20 20.33 -14.48
CA ILE E 169 -1.63 21.11 -15.56
C ILE E 169 -1.22 20.20 -16.72
N GLU E 170 -0.59 19.07 -16.41
CA GLU E 170 -0.09 18.19 -17.45
C GLU E 170 -1.16 17.31 -18.07
N GLY E 171 -2.37 17.31 -17.50
CA GLY E 171 -3.47 16.55 -18.05
C GLY E 171 -4.25 17.33 -19.10
N GLU E 172 -5.43 16.80 -19.42
CA GLU E 172 -6.30 17.41 -20.41
C GLU E 172 -7.21 18.45 -19.77
N MET E 173 -7.99 19.13 -20.60
CA MET E 173 -8.95 20.12 -20.15
C MET E 173 -10.33 19.51 -19.99
N GLY E 174 -10.97 19.81 -18.86
CA GLY E 174 -12.31 19.37 -18.58
C GLY E 174 -12.45 17.97 -18.02
N ASP E 175 -11.35 17.30 -17.72
CA ASP E 175 -11.43 15.98 -17.12
C ASP E 175 -11.70 16.08 -15.62
N ALA E 176 -11.98 14.93 -15.00
CA ALA E 176 -12.39 14.86 -13.60
C ALA E 176 -11.16 15.04 -12.70
N HIS E 177 -10.74 16.29 -12.59
CA HIS E 177 -9.69 16.73 -11.67
C HIS E 177 -10.28 17.68 -10.64
N VAL E 178 -11.47 17.36 -10.14
CA VAL E 178 -12.19 18.21 -9.22
C VAL E 178 -11.82 17.83 -7.80
N GLY E 179 -11.39 18.81 -7.02
CA GLY E 179 -10.99 18.60 -5.64
C GLY E 179 -9.49 18.54 -5.41
N LEU E 180 -8.70 18.37 -6.47
CA LEU E 180 -7.25 18.27 -6.27
C LEU E 180 -6.68 19.53 -5.66
N GLN E 181 -7.10 20.70 -6.15
CA GLN E 181 -6.52 21.94 -5.64
C GLN E 181 -6.85 22.13 -4.17
N ALA E 182 -8.05 21.73 -3.75
CA ALA E 182 -8.40 21.86 -2.33
C ALA E 182 -7.49 20.99 -1.48
N ARG E 183 -7.21 19.77 -1.91
CA ARG E 183 -6.30 18.91 -1.17
C ARG E 183 -4.91 19.54 -1.11
N LEU E 184 -4.44 20.08 -2.23
CA LEU E 184 -3.12 20.71 -2.24
C LEU E 184 -3.08 21.87 -1.25
N MET E 185 -4.13 22.69 -1.24
CA MET E 185 -4.16 23.84 -0.33
C MET E 185 -4.15 23.38 1.12
N SER E 186 -4.96 22.36 1.45
CA SER E 186 -4.99 21.90 2.83
C SER E 186 -3.63 21.36 3.26
N GLN E 187 -2.99 20.56 2.40
CA GLN E 187 -1.67 20.05 2.74
C GLN E 187 -0.65 21.18 2.90
N ALA E 188 -0.70 22.16 2.00
CA ALA E 188 0.25 23.26 2.07
C ALA E 188 0.09 24.04 3.37
N LEU E 189 -1.15 24.33 3.75
CA LEU E 189 -1.35 25.00 5.04
C LEU E 189 -0.88 24.14 6.19
N ARG E 190 -1.17 22.84 6.15
CA ARG E 190 -0.72 21.94 7.21
C ARG E 190 0.79 22.04 7.39
N LYS E 191 1.54 22.08 6.29
CA LYS E 191 2.99 22.11 6.39
C LYS E 191 3.57 23.51 6.59
N ILE E 192 2.82 24.57 6.32
CA ILE E 192 3.35 25.92 6.49
C ILE E 192 3.02 26.55 7.82
N THR E 193 1.87 26.25 8.41
CA THR E 193 1.44 26.96 9.60
C THR E 193 2.39 26.69 10.76
N GLY E 194 2.93 25.47 10.84
CA GLY E 194 3.88 25.18 11.89
C GLY E 194 5.13 26.03 11.84
N ASN E 195 5.70 26.21 10.66
CA ASN E 195 6.91 27.01 10.51
C ASN E 195 6.65 28.50 10.60
N ILE E 196 5.47 28.97 10.21
CA ILE E 196 5.24 30.41 10.18
C ILE E 196 5.37 30.99 11.59
N LYS E 197 4.78 30.34 12.58
CA LYS E 197 4.80 30.90 13.93
C LYS E 197 6.23 31.02 14.45
N ASN E 198 7.05 30.00 14.21
CA ASN E 198 8.46 30.10 14.58
C ASN E 198 9.17 31.21 13.81
N ALA E 199 8.91 31.35 12.52
CA ALA E 199 9.60 32.33 11.70
C ALA E 199 9.11 33.76 11.92
N ASN E 200 8.00 33.94 12.63
CA ASN E 200 7.47 35.26 12.89
C ASN E 200 7.22 36.04 11.60
N CYS E 201 6.87 35.32 10.55
CA CYS E 201 6.60 35.93 9.26
C CYS E 201 5.13 36.30 9.18
N LEU E 202 4.64 36.56 7.97
CA LEU E 202 3.24 36.91 7.75
C LEU E 202 2.88 36.54 6.33
N VAL E 203 2.05 35.51 6.16
CA VAL E 203 1.66 35.01 4.85
C VAL E 203 0.26 35.50 4.54
N ILE E 204 0.07 36.06 3.36
CA ILE E 204 -1.21 36.65 2.96
C ILE E 204 -1.64 35.99 1.66
N PHE E 205 -2.79 35.34 1.67
CA PHE E 205 -3.35 34.72 0.48
C PHE E 205 -4.41 35.61 -0.13
N ILE E 206 -4.24 35.94 -1.40
CA ILE E 206 -5.23 36.70 -2.16
C ILE E 206 -6.17 35.66 -2.76
N ASN E 207 -7.41 35.65 -2.29
CA ASN E 207 -8.39 34.70 -2.77
C ASN E 207 -9.38 35.39 -3.70
N GLN E 208 -10.06 34.61 -4.51
CA GLN E 208 -11.04 35.14 -5.44
C GLN E 208 -12.45 34.73 -5.02
N ILE E 209 -13.45 35.14 -5.79
CA ILE E 209 -14.85 34.91 -5.45
C ILE E 209 -15.46 33.98 -6.48
N ARG E 210 -16.11 32.92 -6.00
CA ARG E 210 -16.86 32.00 -6.84
C ARG E 210 -18.30 31.96 -6.34
N MET E 211 -19.24 31.99 -7.27
CA MET E 211 -20.66 32.09 -6.91
C MET E 211 -21.28 30.70 -7.03
N LYS E 212 -21.38 30.02 -5.89
CA LYS E 212 -21.79 28.61 -5.88
C LYS E 212 -23.22 28.46 -6.38
N ILE E 213 -23.51 27.26 -6.88
CA ILE E 213 -24.79 26.97 -7.51
C ILE E 213 -25.68 26.23 -6.52
N GLY E 214 -26.98 26.42 -6.67
CA GLY E 214 -27.96 25.70 -5.85
C GLY E 214 -27.94 26.05 -4.39
N VAL E 215 -27.88 27.34 -4.06
CA VAL E 215 -27.96 27.82 -2.69
C VAL E 215 -28.97 28.96 -2.68
N MET E 216 -30.16 28.70 -2.14
CA MET E 216 -31.23 29.70 -2.12
C MET E 216 -31.31 30.47 -0.80
N PHE E 217 -30.57 30.05 0.22
CA PHE E 217 -30.58 30.72 1.51
C PHE E 217 -29.15 31.08 1.88
N GLY E 218 -28.96 32.29 2.40
CA GLY E 218 -27.65 32.74 2.82
C GLY E 218 -26.97 33.61 1.79
N ASN E 219 -25.64 33.58 1.82
CA ASN E 219 -24.84 34.36 0.90
C ASN E 219 -24.30 33.47 -0.20
N PRO E 220 -24.75 33.61 -1.45
CA PRO E 220 -24.30 32.68 -2.50
C PRO E 220 -22.81 32.69 -2.72
N GLU E 221 -22.15 33.83 -2.55
CA GLU E 221 -20.74 33.94 -2.86
C GLU E 221 -19.92 33.00 -1.99
N THR E 222 -18.85 32.45 -2.58
CA THR E 222 -17.95 31.57 -1.85
C THR E 222 -16.57 31.67 -2.47
N THR E 223 -15.56 31.77 -1.62
CA THR E 223 -14.19 31.82 -2.09
C THR E 223 -13.81 30.50 -2.72
N THR E 224 -12.67 30.50 -3.43
CA THR E 224 -12.17 29.31 -4.07
C THR E 224 -11.06 28.69 -3.22
N GLY E 225 -10.40 27.68 -3.78
CA GLY E 225 -9.31 27.04 -3.09
C GLY E 225 -9.72 26.31 -1.84
N GLY E 226 -10.81 25.56 -1.88
CA GLY E 226 -11.21 24.74 -0.76
C GLY E 226 -11.46 25.55 0.49
N ASN E 227 -11.94 24.85 1.52
CA ASN E 227 -12.21 25.47 2.80
C ASN E 227 -11.22 25.04 3.88
N ALA E 228 -10.06 24.51 3.49
CA ALA E 228 -9.02 24.23 4.45
C ALA E 228 -8.26 25.47 4.87
N LEU E 229 -8.51 26.61 4.22
CA LEU E 229 -7.77 27.83 4.49
C LEU E 229 -8.50 28.77 5.43
N LYS E 230 -9.82 28.62 5.59
CA LYS E 230 -10.54 29.52 6.48
C LYS E 230 -10.42 29.06 7.93
N PHE E 231 -9.99 27.83 8.17
CA PHE E 231 -9.72 27.40 9.54
C PHE E 231 -8.37 27.92 10.02
N TYR E 232 -7.34 27.81 9.17
CA TYR E 232 -6.02 28.28 9.53
C TYR E 232 -5.87 29.79 9.47
N ALA E 233 -6.61 30.46 8.58
CA ALA E 233 -6.47 31.88 8.38
C ALA E 233 -6.75 32.61 9.69
N SER E 234 -5.71 33.21 10.27
CA SER E 234 -5.84 33.87 11.56
C SER E 234 -6.74 35.09 11.47
N VAL E 235 -6.90 35.68 10.29
CA VAL E 235 -7.75 36.85 10.10
C VAL E 235 -8.05 36.99 8.62
N ARG E 236 -9.34 37.07 8.28
CA ARG E 236 -9.78 37.10 6.90
C ARG E 236 -10.52 38.40 6.64
N LEU E 237 -10.08 39.13 5.62
CA LEU E 237 -10.72 40.37 5.22
C LEU E 237 -11.64 40.12 4.04
N ASP E 238 -12.50 41.09 3.77
CA ASP E 238 -13.46 41.01 2.66
C ASP E 238 -13.52 42.38 2.02
N ILE E 239 -12.73 42.59 0.97
CA ILE E 239 -12.56 43.90 0.37
C ILE E 239 -13.50 44.04 -0.82
N ARG E 240 -14.21 45.16 -0.87
CA ARG E 240 -15.16 45.42 -1.94
C ARG E 240 -15.07 46.88 -2.35
N ARG E 241 -15.33 47.15 -3.62
CA ARG E 241 -15.29 48.50 -4.16
C ARG E 241 -16.70 49.04 -4.27
N THR E 242 -16.97 50.14 -3.56
CA THR E 242 -18.32 50.70 -3.52
C THR E 242 -18.52 51.77 -4.58
N GLY E 243 -17.76 52.86 -4.50
CA GLY E 243 -17.92 53.95 -5.44
C GLY E 243 -16.61 54.41 -6.04
N ALA E 244 -16.67 55.38 -6.95
CA ALA E 244 -15.48 55.87 -7.62
C ALA E 244 -15.37 57.36 -7.37
N VAL E 245 -14.16 57.83 -7.06
CA VAL E 245 -13.95 59.25 -6.83
C VAL E 245 -13.56 59.94 -8.12
N LYS E 246 -14.20 61.07 -8.40
CA LYS E 246 -14.07 61.75 -9.67
C LYS E 246 -13.60 63.18 -9.45
N GLU E 247 -12.67 63.62 -10.29
CA GLU E 247 -12.23 65.02 -10.31
C GLU E 247 -13.00 65.72 -11.43
N GLY E 248 -14.25 66.06 -11.14
CA GLY E 248 -15.11 66.68 -12.13
C GLY E 248 -15.77 65.68 -13.05
N ASP E 249 -15.01 65.07 -13.94
CA ASP E 249 -15.58 64.14 -14.90
C ASP E 249 -14.82 62.82 -14.96
N GLU E 250 -13.51 62.87 -14.74
CA GLU E 250 -12.64 61.71 -14.85
C GLU E 250 -12.36 61.13 -13.48
N VAL E 251 -12.22 59.81 -13.43
CA VAL E 251 -12.05 59.08 -12.18
C VAL E 251 -10.57 59.04 -11.83
N VAL E 252 -10.29 59.19 -10.54
CA VAL E 252 -8.91 59.20 -10.06
C VAL E 252 -8.71 58.09 -9.02
N GLY E 253 -9.78 57.69 -8.36
CA GLY E 253 -9.68 56.67 -7.36
C GLY E 253 -11.01 55.99 -7.11
N SER E 254 -10.97 54.97 -6.23
CA SER E 254 -12.13 54.16 -5.97
C SER E 254 -12.39 54.11 -4.47
N GLU E 255 -13.67 54.05 -4.10
CA GLU E 255 -14.05 53.98 -2.70
C GLU E 255 -14.11 52.52 -2.27
N THR E 256 -13.15 52.10 -1.46
CA THR E 256 -13.05 50.72 -1.01
C THR E 256 -13.75 50.59 0.34
N ARG E 257 -14.20 49.38 0.66
CA ARG E 257 -14.86 49.09 1.92
C ARG E 257 -14.41 47.72 2.40
N VAL E 258 -13.49 47.70 3.37
CA VAL E 258 -12.89 46.47 3.88
C VAL E 258 -13.66 46.02 5.11
N LYS E 259 -14.11 44.77 5.11
CA LYS E 259 -14.89 44.22 6.21
C LYS E 259 -14.17 43.00 6.75
N VAL E 260 -13.88 43.01 8.05
CA VAL E 260 -13.17 41.89 8.68
C VAL E 260 -14.19 40.81 9.02
N VAL E 261 -14.23 39.74 8.22
CA VAL E 261 -15.19 38.67 8.43
C VAL E 261 -14.70 37.60 9.37
N LYS E 262 -13.48 37.71 9.89
CA LYS E 262 -13.00 36.76 10.88
C LYS E 262 -11.80 37.38 11.57
N ASN E 263 -11.54 36.95 12.80
CA ASN E 263 -10.40 37.51 13.52
C ASN E 263 -10.13 36.69 14.76
N LYS E 264 -8.87 36.30 14.94
CA LYS E 264 -8.44 35.61 16.15
C LYS E 264 -7.63 36.49 17.09
N VAL E 265 -7.65 37.81 16.92
CA VAL E 265 -6.91 38.70 17.78
C VAL E 265 -7.74 39.86 18.30
N SER E 266 -8.97 40.04 17.81
CA SER E 266 -9.85 41.09 18.29
C SER E 266 -11.23 40.86 17.68
N PRO E 267 -12.26 41.53 18.20
CA PRO E 267 -13.62 41.25 17.74
C PRO E 267 -13.72 41.40 16.24
N PRO E 268 -14.43 40.50 15.58
CA PRO E 268 -14.56 40.55 14.13
C PRO E 268 -15.66 41.51 13.69
N PHE E 269 -15.89 41.56 12.38
CA PHE E 269 -16.95 42.38 11.79
C PHE E 269 -16.78 43.85 12.14
N ARG E 270 -15.54 44.33 12.11
CA ARG E 270 -15.22 45.74 12.34
C ARG E 270 -14.95 46.43 11.00
N GLN E 271 -15.95 46.41 10.13
CA GLN E 271 -15.74 46.89 8.77
C GLN E 271 -15.33 48.35 8.76
N ALA E 272 -14.30 48.66 7.97
CA ALA E 272 -13.78 50.01 7.89
C ALA E 272 -13.65 50.43 6.42
N GLU E 273 -13.99 51.69 6.15
CA GLU E 273 -14.03 52.21 4.81
C GLU E 273 -12.89 53.19 4.58
N PHE E 274 -12.39 53.22 3.35
CA PHE E 274 -11.33 54.16 2.98
C PHE E 274 -11.33 54.31 1.47
N GLN E 275 -10.64 55.34 1.01
CA GLN E 275 -10.55 55.66 -0.41
C GLN E 275 -9.11 55.50 -0.87
N ILE E 276 -8.92 54.81 -2.00
CA ILE E 276 -7.59 54.54 -2.54
C ILE E 276 -7.46 55.26 -3.86
N LEU E 277 -6.34 55.97 -4.03
CA LEU E 277 -6.10 56.75 -5.24
C LEU E 277 -5.09 56.04 -6.11
N TYR E 278 -5.33 56.06 -7.42
CA TYR E 278 -4.46 55.39 -8.37
C TYR E 278 -3.07 56.00 -8.36
N GLY E 279 -2.04 55.16 -8.29
CA GLY E 279 -0.68 55.64 -8.30
C GLY E 279 -0.23 56.15 -6.94
N LYS E 280 -1.00 57.07 -6.37
CA LYS E 280 -0.60 57.67 -5.09
C LYS E 280 -0.78 56.70 -3.93
N GLY E 281 -1.50 55.60 -4.14
CA GLY E 281 -1.67 54.61 -3.10
C GLY E 281 -2.97 54.77 -2.33
N ILE E 282 -2.96 54.40 -1.05
CA ILE E 282 -4.13 54.59 -0.21
C ILE E 282 -4.14 56.01 0.34
N TYR E 283 -5.33 56.52 0.63
CA TYR E 283 -5.49 57.91 1.05
C TYR E 283 -5.51 57.99 2.57
N ARG E 284 -4.31 57.91 3.15
CA ARG E 284 -4.20 58.00 4.61
C ARG E 284 -4.70 59.34 5.12
N THR E 285 -4.30 60.44 4.47
CA THR E 285 -4.72 61.75 4.93
C THR E 285 -6.22 61.93 4.85
N GLY E 286 -6.85 61.43 3.79
CA GLY E 286 -8.28 61.59 3.64
C GLY E 286 -9.07 61.00 4.78
N GLU E 287 -8.60 59.87 5.32
CA GLU E 287 -9.31 59.21 6.42
C GLU E 287 -8.84 59.71 7.79
N ILE E 288 -7.61 60.19 7.90
CA ILE E 288 -7.17 60.76 9.17
C ILE E 288 -8.04 61.95 9.54
N ILE E 289 -8.30 62.84 8.57
CA ILE E 289 -9.13 64.00 8.84
C ILE E 289 -10.54 63.57 9.24
N ASP E 290 -11.10 62.61 8.51
CA ASP E 290 -12.46 62.18 8.82
C ASP E 290 -12.56 61.61 10.22
N LEU E 291 -11.61 60.74 10.60
CA LEU E 291 -11.64 60.19 11.95
C LEU E 291 -11.40 61.26 13.00
N GLY E 292 -10.47 62.19 12.74
CA GLY E 292 -10.22 63.24 13.71
C GLY E 292 -11.45 64.11 13.95
N VAL E 293 -12.16 64.47 12.87
CA VAL E 293 -13.34 65.30 13.03
C VAL E 293 -14.45 64.52 13.72
N GLN E 294 -14.67 63.27 13.32
CA GLN E 294 -15.74 62.50 13.94
C GLN E 294 -15.47 62.29 15.43
N LEU E 295 -14.23 61.97 15.79
CA LEU E 295 -13.90 61.74 17.18
C LEU E 295 -14.08 63.01 18.01
N GLY E 296 -13.72 64.16 17.46
CA GLY E 296 -13.91 65.42 18.15
C GLY E 296 -12.70 66.34 18.06
N LEU E 297 -11.55 65.78 17.68
CA LEU E 297 -10.34 66.59 17.63
C LEU E 297 -10.45 67.69 16.58
N VAL E 298 -11.00 67.38 15.42
CA VAL E 298 -11.12 68.31 14.29
C VAL E 298 -12.53 68.87 14.29
N GLU E 299 -12.65 70.19 14.17
CA GLU E 299 -13.94 70.86 14.26
C GLU E 299 -14.34 71.42 12.91
N LYS E 300 -15.61 71.24 12.55
CA LYS E 300 -16.18 71.76 11.33
C LYS E 300 -17.49 72.47 11.66
N SER E 301 -17.77 73.54 10.91
CA SER E 301 -19.02 74.28 11.07
C SER E 301 -20.06 73.79 10.06
N GLY E 302 -20.32 72.48 10.11
CA GLY E 302 -21.22 71.85 9.16
C GLY E 302 -20.54 71.53 7.84
N ALA E 303 -20.07 72.57 7.14
CA ALA E 303 -19.37 72.37 5.88
C ALA E 303 -18.08 73.16 5.80
N TRP E 304 -17.50 73.56 6.94
CA TRP E 304 -16.26 74.33 6.99
C TRP E 304 -15.30 73.64 7.95
N TYR E 305 -14.26 73.03 7.41
CA TYR E 305 -13.29 72.32 8.25
C TYR E 305 -12.46 73.30 9.05
N SER E 306 -12.10 72.89 10.27
CA SER E 306 -11.21 73.67 11.12
C SER E 306 -10.55 72.74 12.12
N TYR E 307 -9.42 73.22 12.66
CA TYR E 307 -8.69 72.48 13.68
C TYR E 307 -8.10 73.48 14.66
N GLN E 308 -8.42 73.31 15.94
CA GLN E 308 -7.97 74.25 16.98
C GLN E 308 -8.49 75.65 16.69
N GLY E 309 -9.69 75.73 16.12
CA GLY E 309 -10.31 77.00 15.74
C GLY E 309 -9.80 77.57 14.43
N SER E 310 -8.49 77.43 14.19
CA SER E 310 -7.86 77.93 12.94
C SER E 310 -8.48 77.23 11.71
N LYS E 311 -8.76 78.00 10.66
CA LYS E 311 -9.43 77.43 9.46
C LYS E 311 -8.41 76.71 8.57
N ILE E 312 -8.61 75.41 8.33
CA ILE E 312 -7.73 74.61 7.49
C ILE E 312 -8.09 74.75 6.02
N GLY E 313 -9.37 74.86 5.71
CA GLY E 313 -9.81 75.02 4.34
C GLY E 313 -11.25 74.60 4.19
N GLN E 314 -11.75 74.59 2.95
CA GLN E 314 -13.17 74.21 2.69
C GLN E 314 -13.18 72.97 1.80
N GLY E 315 -13.63 71.84 2.34
CA GLY E 315 -13.67 70.60 1.55
C GLY E 315 -12.50 69.68 1.89
N LYS E 316 -12.69 68.37 1.72
CA LYS E 316 -11.64 67.38 2.10
C LYS E 316 -10.33 67.75 1.42
N ALA E 317 -10.37 68.06 0.12
CA ALA E 317 -9.16 68.46 -0.63
C ALA E 317 -8.40 69.52 0.16
N ASN E 318 -9.09 70.55 0.63
CA ASN E 318 -8.41 71.63 1.33
C ASN E 318 -7.90 71.17 2.68
N ALA E 319 -8.70 70.40 3.41
CA ALA E 319 -8.23 69.87 4.68
C ALA E 319 -7.00 69.01 4.49
N ALA E 320 -7.01 68.15 3.47
CA ALA E 320 -5.88 67.28 3.20
C ALA E 320 -4.65 68.07 2.83
N LYS E 321 -4.80 69.12 2.03
CA LYS E 321 -3.64 69.94 1.69
C LYS E 321 -3.08 70.61 2.94
N TYR E 322 -3.95 71.14 3.80
CA TYR E 322 -3.47 71.75 5.04
C TYR E 322 -2.71 70.75 5.88
N LEU E 323 -3.22 69.52 5.98
CA LEU E 323 -2.56 68.53 6.82
C LEU E 323 -1.27 68.03 6.18
N GLU E 324 -1.22 67.94 4.85
CA GLU E 324 -0.03 67.44 4.19
C GLU E 324 1.12 68.45 4.25
N ASP E 325 0.81 69.74 4.10
CA ASP E 325 1.90 70.72 4.06
C ASP E 325 2.75 70.64 5.33
N ASN E 326 2.14 70.30 6.45
CA ASN E 326 2.87 70.13 7.71
C ASN E 326 2.74 68.69 8.19
N PRO E 327 3.72 67.83 7.94
CA PRO E 327 3.61 66.42 8.36
C PRO E 327 3.47 66.23 9.86
N GLU E 328 4.05 67.12 10.67
CA GLU E 328 3.98 66.94 12.11
C GLU E 328 2.55 66.99 12.61
N ILE E 329 1.74 67.88 12.04
CA ILE E 329 0.33 67.96 12.42
C ILE E 329 -0.34 66.62 12.18
N GLY E 330 -0.15 66.05 10.99
CA GLY E 330 -0.75 64.76 10.69
C GLY E 330 -0.26 63.65 11.59
N SER E 331 1.05 63.61 11.86
CA SER E 331 1.59 62.57 12.71
C SER E 331 1.01 62.65 14.12
N VAL E 332 0.96 63.86 14.70
CA VAL E 332 0.42 64.00 16.05
C VAL E 332 -1.06 63.65 16.06
N LEU E 333 -1.81 64.11 15.06
CA LEU E 333 -3.24 63.80 15.03
C LEU E 333 -3.46 62.30 14.95
N GLU E 334 -2.71 61.61 14.09
CA GLU E 334 -2.86 60.16 13.99
C GLU E 334 -2.44 59.46 15.27
N LYS E 335 -1.40 59.95 15.95
CA LYS E 335 -1.02 59.37 17.23
C LYS E 335 -2.16 59.49 18.24
N THR E 336 -2.77 60.66 18.33
CA THR E 336 -3.91 60.82 19.22
C THR E 336 -5.07 59.92 18.83
N ILE E 337 -5.35 59.79 17.54
CA ILE E 337 -6.44 58.94 17.09
C ILE E 337 -6.20 57.50 17.52
N ARG E 338 -5.00 56.99 17.26
CA ARG E 338 -4.71 55.61 17.63
C ARG E 338 -4.77 55.42 19.14
N ASP E 339 -4.24 56.39 19.90
CA ASP E 339 -4.29 56.30 21.35
C ASP E 339 -5.73 56.22 21.86
N GLN E 340 -6.62 57.05 21.32
CA GLN E 340 -7.98 57.14 21.80
C GLN E 340 -8.90 56.06 21.22
N LEU E 341 -8.47 55.34 20.18
CA LEU E 341 -9.29 54.30 19.58
C LEU E 341 -8.64 52.93 19.60
N LEU E 342 -7.33 52.86 19.32
CA LEU E 342 -6.69 51.55 19.21
C LEU E 342 -6.76 50.79 20.53
N ALA E 343 -6.47 51.47 21.64
CA ALA E 343 -6.46 50.81 22.95
C ALA E 343 -7.43 51.50 23.91
N GLY F 16 -20.55 -30.03 42.58
CA GLY F 16 -21.04 -29.37 41.39
C GLY F 16 -20.85 -27.86 41.44
N ASP F 17 -21.94 -27.15 41.73
CA ASP F 17 -21.86 -25.68 41.80
C ASP F 17 -20.75 -25.25 42.75
N GLU F 18 -20.56 -25.98 43.85
CA GLU F 18 -19.44 -25.69 44.72
C GLU F 18 -18.12 -25.90 44.00
N ASN F 19 -18.02 -26.96 43.20
CA ASN F 19 -16.81 -27.18 42.43
C ASN F 19 -16.57 -26.03 41.45
N LYS F 20 -17.63 -25.58 40.79
CA LYS F 20 -17.50 -24.44 39.87
C LYS F 20 -17.02 -23.20 40.61
N LYS F 21 -17.60 -22.93 41.78
CA LYS F 21 -17.20 -21.75 42.55
C LYS F 21 -15.75 -21.86 42.98
N ARG F 22 -15.31 -23.05 43.41
CA ARG F 22 -13.92 -23.23 43.81
C ARG F 22 -12.98 -23.00 42.63
N ALA F 23 -13.33 -23.54 41.46
CA ALA F 23 -12.48 -23.35 40.28
C ALA F 23 -12.40 -21.86 39.91
N LEU F 24 -13.54 -21.18 39.95
CA LEU F 24 -13.55 -19.76 39.64
C LEU F 24 -12.70 -18.98 40.64
N ALA F 25 -12.81 -19.31 41.93
CA ALA F 25 -12.01 -18.63 42.93
C ALA F 25 -10.53 -18.86 42.71
N ALA F 26 -10.15 -20.09 42.35
CA ALA F 26 -8.75 -20.38 42.08
C ALA F 26 -8.25 -19.55 40.90
N ALA F 27 -9.03 -19.50 39.82
CA ALA F 27 -8.62 -18.72 38.66
C ALA F 27 -8.48 -17.26 39.00
N LEU F 28 -9.45 -16.69 39.72
CA LEU F 28 -9.37 -15.29 40.09
C LEU F 28 -8.16 -15.01 40.97
N GLY F 29 -7.90 -15.89 41.93
CA GLY F 29 -6.74 -15.71 42.78
C GLY F 29 -5.44 -15.74 41.99
N GLN F 30 -5.34 -16.66 41.03
CA GLN F 30 -4.13 -16.74 40.22
C GLN F 30 -3.97 -15.49 39.37
N ILE F 31 -5.07 -15.00 38.79
CA ILE F 31 -5.00 -13.77 38.01
C ILE F 31 -4.53 -12.61 38.88
N GLU F 32 -5.10 -12.48 40.08
CA GLU F 32 -4.66 -11.45 41.00
C GLU F 32 -3.18 -11.57 41.32
N ARG F 33 -2.71 -12.78 41.59
CA ARG F 33 -1.33 -13.03 41.95
C ARG F 33 -0.35 -12.75 40.83
N GLN F 34 -0.75 -12.96 39.57
CA GLN F 34 0.20 -12.77 38.48
C GLN F 34 0.19 -11.33 37.97
N PHE F 35 -1.00 -10.77 37.75
CA PHE F 35 -1.09 -9.44 37.14
C PHE F 35 -1.24 -8.34 38.19
N GLY F 36 -2.08 -8.57 39.18
CA GLY F 36 -2.29 -7.60 40.23
C GLY F 36 -3.72 -7.67 40.73
N LYS F 37 -4.21 -6.54 41.24
CA LYS F 37 -5.60 -6.44 41.69
C LYS F 37 -6.50 -5.94 40.57
N GLY F 38 -6.40 -6.58 39.41
CA GLY F 38 -7.09 -6.10 38.22
C GLY F 38 -7.79 -7.19 37.44
N ALA F 39 -8.42 -8.14 38.14
CA ALA F 39 -9.20 -9.17 37.46
C ALA F 39 -10.69 -8.87 37.55
N VAL F 40 -11.16 -8.50 38.74
CA VAL F 40 -12.53 -8.05 38.94
C VAL F 40 -12.51 -6.81 39.82
N MET F 41 -13.20 -5.76 39.39
CA MET F 41 -13.31 -4.56 40.21
C MET F 41 -14.05 -4.88 41.50
N ARG F 42 -13.62 -4.23 42.58
CA ARG F 42 -14.31 -4.34 43.85
C ARG F 42 -15.75 -3.85 43.71
N MET F 43 -16.69 -4.67 44.20
CA MET F 43 -18.10 -4.40 43.96
C MET F 43 -18.54 -3.09 44.63
N GLY F 44 -18.53 -3.06 45.96
CA GLY F 44 -19.01 -1.89 46.66
C GLY F 44 -18.18 -0.65 46.41
N ASP F 45 -16.87 -0.83 46.25
CA ASP F 45 -15.99 0.32 46.04
C ASP F 45 -16.42 1.14 44.84
N HIS F 46 -16.64 0.48 43.70
CA HIS F 46 -16.99 1.17 42.46
C HIS F 46 -18.50 1.40 42.39
N GLU F 47 -18.96 2.32 43.22
CA GLU F 47 -20.36 2.77 43.19
C GLU F 47 -20.35 4.28 43.39
N ARG F 48 -20.23 5.03 42.29
CA ARG F 48 -20.26 6.48 42.31
C ARG F 48 -21.63 6.96 41.89
N GLN F 49 -22.24 7.82 42.72
CA GLN F 49 -23.57 8.32 42.42
C GLN F 49 -23.66 8.87 41.00
N ALA F 50 -22.64 9.61 40.58
CA ALA F 50 -22.55 10.11 39.21
C ALA F 50 -21.11 10.01 38.75
N ILE F 51 -20.92 9.87 37.44
CA ILE F 51 -19.56 9.86 36.89
C ILE F 51 -18.94 11.23 37.11
N PRO F 52 -17.69 11.32 37.58
CA PRO F 52 -17.10 12.63 37.83
C PRO F 52 -16.99 13.46 36.57
N ALA F 53 -17.69 14.59 36.53
CA ALA F 53 -17.78 15.40 35.32
C ALA F 53 -17.25 16.80 35.58
N ILE F 54 -16.65 17.38 34.54
CA ILE F 54 -16.11 18.73 34.58
C ILE F 54 -17.09 19.66 33.92
N SER F 55 -17.60 20.63 34.67
CA SER F 55 -18.61 21.54 34.12
C SER F 55 -18.04 22.27 32.92
N THR F 56 -18.85 22.38 31.87
CA THR F 56 -18.42 22.99 30.63
C THR F 56 -18.83 24.44 30.49
N GLY F 57 -19.01 25.16 31.59
CA GLY F 57 -19.22 26.59 31.53
C GLY F 57 -20.59 27.02 31.06
N SER F 58 -21.50 26.10 30.82
CA SER F 58 -22.84 26.47 30.38
C SER F 58 -23.83 25.42 30.86
N LEU F 59 -25.01 25.87 31.31
CA LEU F 59 -26.05 24.92 31.65
C LEU F 59 -26.57 24.17 30.45
N GLY F 60 -26.52 24.76 29.26
CA GLY F 60 -27.00 24.05 28.09
C GLY F 60 -26.30 22.72 27.89
N LEU F 61 -24.98 22.72 28.00
CA LEU F 61 -24.24 21.47 27.86
C LEU F 61 -24.30 20.62 29.12
N ASP F 62 -24.29 21.23 30.30
CA ASP F 62 -24.35 20.43 31.52
C ASP F 62 -25.63 19.61 31.58
N ILE F 63 -26.77 20.21 31.22
CA ILE F 63 -28.02 19.48 31.17
C ILE F 63 -28.02 18.50 30.00
N ALA F 64 -27.49 18.92 28.85
CA ALA F 64 -27.54 18.06 27.67
C ALA F 64 -26.76 16.78 27.89
N LEU F 65 -25.60 16.87 28.53
CA LEU F 65 -24.78 15.69 28.74
C LEU F 65 -25.38 14.72 29.75
N GLY F 66 -26.20 15.21 30.66
CA GLY F 66 -26.82 14.33 31.64
C GLY F 66 -26.02 14.17 32.91
N ILE F 67 -24.69 14.14 32.79
CA ILE F 67 -23.84 14.03 33.97
C ILE F 67 -23.30 15.40 34.36
N GLY F 68 -23.95 16.45 33.88
CA GLY F 68 -23.57 17.79 34.28
C GLY F 68 -22.13 18.14 33.97
N GLY F 69 -21.68 17.83 32.76
CA GLY F 69 -20.33 18.16 32.35
C GLY F 69 -19.66 17.03 31.60
N LEU F 70 -18.55 17.31 30.94
CA LEU F 70 -17.87 16.28 30.18
C LEU F 70 -17.40 15.19 31.14
N PRO F 71 -17.53 13.91 30.78
CA PRO F 71 -17.07 12.85 31.67
C PRO F 71 -15.57 12.88 31.81
N LYS F 72 -15.10 12.58 33.01
CA LYS F 72 -13.66 12.54 33.26
C LYS F 72 -13.10 11.18 32.92
N GLY F 73 -11.86 11.15 32.46
CA GLY F 73 -11.23 9.91 32.09
C GLY F 73 -11.59 9.39 30.72
N ARG F 74 -12.21 10.20 29.87
CA ARG F 74 -12.60 9.76 28.55
C ARG F 74 -12.31 10.83 27.52
N ILE F 75 -11.83 10.39 26.36
CA ILE F 75 -11.63 11.28 25.22
C ILE F 75 -12.94 11.99 24.94
N VAL F 76 -12.86 13.27 24.54
CA VAL F 76 -14.04 14.06 24.10
C VAL F 76 -13.67 14.69 22.76
N GLU F 77 -14.62 14.89 21.85
CA GLU F 77 -14.26 15.44 20.51
C GLU F 77 -15.26 16.52 20.11
N ILE F 78 -14.81 17.77 19.98
CA ILE F 78 -15.73 18.85 19.51
C ILE F 78 -15.26 19.38 18.15
N TYR F 79 -16.13 19.33 17.13
CA TYR F 79 -15.78 19.84 15.82
C TYR F 79 -16.87 20.79 15.36
N GLY F 80 -16.52 21.66 14.42
CA GLY F 80 -17.47 22.61 13.87
C GLY F 80 -16.86 23.52 12.83
N PRO F 81 -17.71 24.12 11.99
CA PRO F 81 -17.22 24.99 10.92
C PRO F 81 -16.31 26.08 11.46
N GLU F 82 -15.69 26.81 10.53
CA GLU F 82 -14.76 27.86 10.90
C GLU F 82 -15.45 28.89 11.78
N SER F 83 -14.72 29.43 12.76
CA SER F 83 -15.29 30.48 13.66
C SER F 83 -16.63 30.03 14.23
N SER F 84 -16.72 28.77 14.66
CA SER F 84 -17.99 28.25 15.25
C SER F 84 -17.98 28.49 16.76
N GLY F 85 -16.85 28.23 17.41
CA GLY F 85 -16.74 28.42 18.86
C GLY F 85 -16.16 27.19 19.53
N LYS F 86 -15.17 26.55 18.91
CA LYS F 86 -14.55 25.39 19.55
C LYS F 86 -13.52 25.82 20.58
N THR F 87 -12.59 26.68 20.19
CA THR F 87 -11.51 27.04 21.10
C THR F 87 -12.05 27.79 22.32
N THR F 88 -13.03 28.66 22.12
CA THR F 88 -13.60 29.38 23.26
C THR F 88 -14.29 28.42 24.22
N LEU F 89 -15.00 27.43 23.69
CA LEU F 89 -15.62 26.44 24.56
C LEU F 89 -14.58 25.66 25.36
N THR F 90 -13.50 25.25 24.69
CA THR F 90 -12.46 24.52 25.41
C THR F 90 -11.83 25.40 26.48
N LEU F 91 -11.62 26.68 26.19
CA LEU F 91 -11.06 27.57 27.20
C LEU F 91 -12.01 27.76 28.36
N SER F 92 -13.31 27.83 28.09
CA SER F 92 -14.28 27.92 29.18
C SER F 92 -14.22 26.67 30.05
N VAL F 93 -14.10 25.50 29.43
CA VAL F 93 -13.95 24.27 30.20
C VAL F 93 -12.69 24.32 31.05
N ILE F 94 -11.59 24.81 30.48
CA ILE F 94 -10.34 24.88 31.23
C ILE F 94 -10.48 25.81 32.42
N ALA F 95 -11.13 26.96 32.22
CA ALA F 95 -11.34 27.88 33.33
C ALA F 95 -12.20 27.25 34.41
N GLU F 96 -13.24 26.52 34.00
CA GLU F 96 -14.09 25.85 34.98
C GLU F 96 -13.30 24.83 35.79
N ALA F 97 -12.46 24.05 35.12
CA ALA F 97 -11.62 23.10 35.84
C ALA F 97 -10.64 23.80 36.77
N GLN F 98 -10.04 24.91 36.32
CA GLN F 98 -9.08 25.61 37.16
C GLN F 98 -9.74 26.17 38.40
N LYS F 99 -10.94 26.72 38.28
CA LYS F 99 -11.66 27.16 39.47
C LYS F 99 -11.89 26.02 40.44
N GLN F 100 -12.01 24.78 39.94
CA GLN F 100 -12.17 23.66 40.85
C GLN F 100 -10.87 23.34 41.58
N GLY F 101 -9.73 23.52 40.92
CA GLY F 101 -8.46 23.26 41.58
C GLY F 101 -7.65 22.14 40.97
N ALA F 102 -7.71 21.99 39.65
CA ALA F 102 -6.93 20.99 38.95
C ALA F 102 -6.11 21.64 37.84
N THR F 103 -4.89 21.14 37.66
CA THR F 103 -4.00 21.66 36.63
C THR F 103 -4.48 21.23 35.25
N CYS F 104 -4.41 22.16 34.30
CA CYS F 104 -4.88 21.92 32.94
C CYS F 104 -3.81 22.31 31.93
N ALA F 105 -3.72 21.57 30.84
CA ALA F 105 -2.70 21.76 29.84
C ALA F 105 -3.34 21.92 28.47
N PHE F 106 -2.95 22.98 27.76
CA PHE F 106 -3.46 23.27 26.44
C PHE F 106 -2.34 23.07 25.42
N VAL F 107 -2.48 22.04 24.59
CA VAL F 107 -1.51 21.76 23.53
C VAL F 107 -2.18 22.04 22.20
N ASP F 108 -1.64 22.97 21.44
CA ASP F 108 -2.23 23.41 20.19
C ASP F 108 -1.27 23.14 19.05
N ALA F 109 -1.84 22.89 17.88
CA ALA F 109 -1.03 22.62 16.69
C ALA F 109 -1.01 23.76 15.69
N GLU F 110 -2.12 24.50 15.53
CA GLU F 110 -2.13 25.63 14.61
C GLU F 110 -1.40 26.83 15.17
N HIS F 111 -0.81 26.73 16.35
CA HIS F 111 -0.07 27.83 16.95
C HIS F 111 -0.92 29.09 17.01
N ALA F 112 -2.24 28.91 17.15
CA ALA F 112 -3.17 30.03 17.24
C ALA F 112 -3.77 30.04 18.64
N LEU F 113 -3.40 31.05 19.42
CA LEU F 113 -3.94 31.23 20.75
C LEU F 113 -3.54 32.61 21.24
N ASP F 114 -4.52 33.39 21.67
CA ASP F 114 -4.26 34.72 22.18
C ASP F 114 -4.33 34.69 23.70
N PRO F 115 -3.22 34.49 24.41
CA PRO F 115 -3.31 34.35 25.86
C PRO F 115 -3.99 35.51 26.55
N ASP F 116 -3.88 36.73 26.01
CA ASP F 116 -4.63 37.83 26.57
C ASP F 116 -6.13 37.55 26.55
N TYR F 117 -6.64 37.12 25.39
CA TYR F 117 -8.06 36.80 25.31
C TYR F 117 -8.42 35.62 26.21
N ALA F 118 -7.56 34.61 26.26
CA ALA F 118 -7.83 33.48 27.15
C ALA F 118 -7.98 33.96 28.58
N GLY F 119 -7.06 34.80 29.06
CA GLY F 119 -7.19 35.34 30.39
C GLY F 119 -8.45 36.18 30.53
N LYS F 120 -8.87 36.83 29.46
CA LYS F 120 -10.13 37.57 29.50
C LYS F 120 -11.30 36.64 29.75
N LEU F 121 -11.28 35.45 29.15
CA LEU F 121 -12.37 34.51 29.35
C LEU F 121 -12.48 34.10 30.82
N GLY F 122 -11.35 33.86 31.46
CA GLY F 122 -11.37 33.48 32.86
C GLY F 122 -10.27 32.50 33.23
N VAL F 123 -9.61 31.95 32.22
CA VAL F 123 -8.53 31.01 32.47
C VAL F 123 -7.37 31.73 33.15
N ASN F 124 -6.85 31.13 34.21
CA ASN F 124 -5.70 31.67 34.93
C ASN F 124 -4.45 31.34 34.12
N VAL F 125 -4.18 32.15 33.10
CA VAL F 125 -3.11 31.82 32.17
C VAL F 125 -1.78 31.67 32.88
N ASP F 126 -1.62 32.32 34.04
CA ASP F 126 -0.36 32.22 34.77
C ASP F 126 -0.01 30.76 35.03
N ASP F 127 -1.01 29.91 35.25
CA ASP F 127 -0.84 28.49 35.52
C ASP F 127 -1.54 27.70 34.42
N LEU F 128 -0.84 27.51 33.29
CA LEU F 128 -1.41 26.80 32.17
C LEU F 128 -0.27 26.33 31.27
N LEU F 129 -0.14 25.02 31.15
CA LEU F 129 0.98 24.42 30.44
C LEU F 129 0.64 24.37 28.96
N VAL F 130 1.03 25.41 28.23
CA VAL F 130 0.72 25.55 26.82
C VAL F 130 1.92 25.10 26.01
N SER F 131 1.72 24.09 25.18
CA SER F 131 2.76 23.56 24.31
C SER F 131 2.33 23.72 22.87
N GLN F 132 3.27 24.10 22.01
CA GLN F 132 3.00 24.30 20.59
C GLN F 132 4.00 23.49 19.78
N PRO F 133 3.79 22.18 19.67
CA PRO F 133 4.76 21.33 18.99
C PRO F 133 4.88 21.69 17.52
N ASP F 134 6.08 21.49 16.98
CA ASP F 134 6.35 21.76 15.58
C ASP F 134 5.94 20.62 14.67
N THR F 135 5.53 19.48 15.21
CA THR F 135 5.14 18.34 14.40
C THR F 135 4.02 17.58 15.09
N GLY F 136 3.27 16.79 14.31
CA GLY F 136 2.14 16.07 14.86
C GLY F 136 2.55 15.02 15.87
N GLU F 137 3.54 14.19 15.53
CA GLU F 137 3.96 13.12 16.43
C GLU F 137 4.41 13.70 17.77
N GLN F 138 5.08 14.85 17.74
CA GLN F 138 5.53 15.48 18.97
C GLN F 138 4.35 15.88 19.86
N ALA F 139 3.28 16.39 19.26
CA ALA F 139 2.11 16.77 20.06
C ALA F 139 1.51 15.56 20.76
N LEU F 140 1.36 14.45 20.04
CA LEU F 140 0.82 13.25 20.66
C LEU F 140 1.76 12.73 21.75
N GLU F 141 3.07 12.79 21.52
CA GLU F 141 4.01 12.38 22.55
C GLU F 141 3.88 13.24 23.80
N ILE F 142 3.74 14.55 23.62
CA ILE F 142 3.60 15.44 24.77
C ILE F 142 2.32 15.12 25.54
N THR F 143 1.22 14.91 24.82
CA THR F 143 -0.01 14.53 25.51
C THR F 143 0.14 13.22 26.27
N ASP F 144 0.80 12.23 25.67
CA ASP F 144 1.00 10.96 26.37
C ASP F 144 1.83 11.16 27.63
N MET F 145 2.92 11.93 27.54
CA MET F 145 3.74 12.17 28.73
C MET F 145 2.95 12.87 29.82
N LEU F 146 2.21 13.91 29.46
CA LEU F 146 1.42 14.62 30.46
C LEU F 146 0.40 13.69 31.11
N VAL F 147 -0.26 12.87 30.30
CA VAL F 147 -1.25 11.94 30.86
C VAL F 147 -0.59 10.99 31.84
N ARG F 148 0.54 10.40 31.45
CA ARG F 148 1.21 9.45 32.33
C ARG F 148 1.67 10.14 33.61
N SER F 149 1.95 11.44 33.55
CA SER F 149 2.41 12.14 34.74
C SER F 149 1.37 12.17 35.84
N ASN F 150 0.10 11.92 35.53
CA ASN F 150 -0.98 11.94 36.52
C ASN F 150 -1.09 13.28 37.24
N ALA F 151 -0.40 14.29 36.73
CA ALA F 151 -0.46 15.62 37.35
C ALA F 151 -1.51 16.50 36.67
N VAL F 152 -1.41 16.66 35.36
CA VAL F 152 -2.36 17.46 34.60
C VAL F 152 -3.70 16.75 34.60
N ASP F 153 -4.77 17.49 34.86
CA ASP F 153 -6.10 16.90 34.96
C ASP F 153 -6.93 17.07 33.69
N VAL F 154 -6.79 18.20 32.99
CA VAL F 154 -7.50 18.45 31.74
C VAL F 154 -6.48 18.69 30.65
N ILE F 155 -6.60 17.97 29.55
CA ILE F 155 -5.72 18.12 28.40
C ILE F 155 -6.56 18.47 27.18
N ILE F 156 -6.19 19.53 26.50
CA ILE F 156 -6.87 19.96 25.29
C ILE F 156 -5.88 19.98 24.14
N VAL F 157 -6.09 19.11 23.16
CA VAL F 157 -5.29 19.10 21.94
C VAL F 157 -6.11 19.76 20.86
N ASP F 158 -5.56 20.80 20.25
CA ASP F 158 -6.30 21.67 19.34
C ASP F 158 -6.00 21.28 17.91
N SER F 159 -7.04 21.31 17.08
CA SER F 159 -6.89 21.15 15.63
C SER F 159 -6.23 19.81 15.27
N VAL F 160 -6.97 18.74 15.52
CA VAL F 160 -6.50 17.42 15.13
C VAL F 160 -6.09 17.42 13.65
N ALA F 161 -6.65 18.33 12.87
CA ALA F 161 -6.26 18.41 11.46
C ALA F 161 -4.88 19.03 11.28
N ALA F 162 -4.32 19.66 12.31
CA ALA F 162 -3.03 20.30 12.17
C ALA F 162 -1.87 19.44 12.66
N LEU F 163 -2.13 18.21 13.08
CA LEU F 163 -1.05 17.30 13.48
C LEU F 163 -0.44 16.69 12.22
N VAL F 164 0.50 17.42 11.64
CA VAL F 164 1.18 16.94 10.43
C VAL F 164 2.21 15.88 10.82
N PRO F 165 2.19 14.69 10.22
CA PRO F 165 3.18 13.68 10.55
C PRO F 165 4.58 14.14 10.17
N LYS F 166 5.56 13.68 10.94
CA LYS F 166 6.95 14.05 10.68
C LYS F 166 7.35 13.72 9.24
N ALA F 167 6.88 12.57 8.74
CA ALA F 167 7.22 12.19 7.37
C ALA F 167 6.72 13.22 6.38
N GLU F 168 5.50 13.72 6.57
CA GLU F 168 4.95 14.69 5.64
C GLU F 168 5.76 15.98 5.65
N ILE F 169 6.19 16.43 6.83
CA ILE F 169 7.00 17.63 6.90
C ILE F 169 8.35 17.42 6.22
N GLU F 170 8.97 16.26 6.45
CA GLU F 170 10.27 16.00 5.82
C GLU F 170 10.14 16.01 4.30
N GLY F 171 9.07 15.44 3.77
CA GLY F 171 8.86 15.41 2.34
C GLY F 171 8.51 16.78 1.78
N GLU F 172 8.38 16.82 0.47
CA GLU F 172 8.08 18.05 -0.24
C GLU F 172 6.59 18.14 -0.54
N MET F 173 6.15 19.33 -0.91
CA MET F 173 4.74 19.58 -1.17
C MET F 173 4.33 18.85 -2.45
N GLY F 174 3.25 18.07 -2.37
CA GLY F 174 2.77 17.32 -3.52
C GLY F 174 3.11 15.84 -3.48
N ASP F 175 3.82 15.35 -2.49
CA ASP F 175 4.15 13.93 -2.47
C ASP F 175 2.92 13.12 -2.07
N ALA F 176 2.94 11.85 -2.47
CA ALA F 176 1.81 10.95 -2.22
C ALA F 176 1.94 10.39 -0.81
N HIS F 177 1.20 11.00 0.11
CA HIS F 177 1.18 10.61 1.51
C HIS F 177 -0.25 10.33 1.96
N VAL F 178 -0.98 9.56 1.17
CA VAL F 178 -2.42 9.40 1.40
C VAL F 178 -2.64 8.53 2.63
N GLY F 179 -3.48 9.01 3.54
CA GLY F 179 -3.82 8.24 4.72
C GLY F 179 -2.75 8.19 5.77
N LEU F 180 -1.68 8.96 5.63
CA LEU F 180 -0.58 8.90 6.58
C LEU F 180 -1.03 9.35 7.96
N GLN F 181 -1.81 10.44 8.03
CA GLN F 181 -2.19 10.99 9.32
C GLN F 181 -3.21 10.15 10.06
N ALA F 182 -4.07 9.42 9.34
CA ALA F 182 -5.04 8.57 10.00
C ALA F 182 -4.34 7.46 10.79
N ARG F 183 -3.28 6.89 10.22
CA ARG F 183 -2.52 5.90 10.97
C ARG F 183 -1.99 6.49 12.26
N LEU F 184 -1.41 7.69 12.19
CA LEU F 184 -0.87 8.31 13.39
C LEU F 184 -1.95 8.54 14.43
N MET F 185 -3.11 9.05 13.99
CA MET F 185 -4.19 9.32 14.93
C MET F 185 -4.67 8.03 15.58
N SER F 186 -4.90 6.99 14.79
CA SER F 186 -5.38 5.74 15.35
C SER F 186 -4.38 5.15 16.33
N GLN F 187 -3.10 5.15 15.95
CA GLN F 187 -2.09 4.61 16.85
C GLN F 187 -1.99 5.43 18.13
N ALA F 188 -2.00 6.76 18.03
CA ALA F 188 -1.89 7.57 19.23
C ALA F 188 -3.05 7.32 20.17
N LEU F 189 -4.26 7.22 19.64
CA LEU F 189 -5.40 6.89 20.50
C LEU F 189 -5.26 5.50 21.12
N ARG F 190 -4.81 4.52 20.35
CA ARG F 190 -4.67 3.17 20.87
C ARG F 190 -3.78 3.14 22.11
N LYS F 191 -2.77 4.01 22.17
CA LYS F 191 -1.88 4.09 23.32
C LYS F 191 -2.42 4.98 24.43
N ILE F 192 -3.02 6.12 24.08
CA ILE F 192 -3.50 7.06 25.08
C ILE F 192 -4.71 6.58 25.84
N THR F 193 -5.65 5.87 25.18
CA THR F 193 -6.92 5.58 25.82
C THR F 193 -6.75 4.85 27.13
N GLY F 194 -5.80 3.91 27.18
CA GLY F 194 -5.59 3.15 28.40
C GLY F 194 -5.15 3.96 29.59
N ASN F 195 -4.16 4.83 29.41
CA ASN F 195 -3.65 5.64 30.52
C ASN F 195 -4.67 6.63 31.04
N ILE F 196 -5.54 7.15 30.19
CA ILE F 196 -6.44 8.21 30.62
C ILE F 196 -7.35 7.74 31.75
N LYS F 197 -7.94 6.55 31.60
CA LYS F 197 -8.86 6.08 32.63
C LYS F 197 -8.14 5.92 33.96
N ASN F 198 -6.93 5.38 33.94
CA ASN F 198 -6.14 5.28 35.16
C ASN F 198 -5.82 6.65 35.75
N ALA F 199 -5.53 7.64 34.90
CA ALA F 199 -5.13 8.96 35.35
C ALA F 199 -6.32 9.89 35.57
N ASN F 200 -7.53 9.46 35.22
CA ASN F 200 -8.72 10.28 35.42
C ASN F 200 -8.58 11.64 34.76
N CYS F 201 -7.90 11.67 33.63
CA CYS F 201 -7.70 12.91 32.89
C CYS F 201 -8.96 13.23 32.08
N LEU F 202 -8.84 14.15 31.13
CA LEU F 202 -9.95 14.48 30.24
C LEU F 202 -9.39 15.13 28.99
N VAL F 203 -9.18 14.35 27.94
CA VAL F 203 -8.55 14.82 26.72
C VAL F 203 -9.63 15.24 25.75
N ILE F 204 -9.51 16.44 25.20
CA ILE F 204 -10.47 17.01 24.28
C ILE F 204 -9.77 17.28 22.96
N PHE F 205 -10.31 16.73 21.88
CA PHE F 205 -9.76 16.95 20.55
C PHE F 205 -10.65 17.92 19.77
N ILE F 206 -10.02 18.80 19.00
CA ILE F 206 -10.72 19.82 18.25
C ILE F 206 -10.51 19.50 16.77
N ASN F 207 -11.50 18.88 16.14
CA ASN F 207 -11.44 18.56 14.73
C ASN F 207 -11.90 19.75 13.90
N GLN F 208 -11.95 19.53 12.59
CA GLN F 208 -12.39 20.54 11.64
C GLN F 208 -13.26 19.88 10.60
N ILE F 209 -14.34 20.55 10.21
CA ILE F 209 -15.27 19.99 9.24
C ILE F 209 -14.69 20.18 7.85
N ARG F 210 -14.62 19.09 7.08
CA ARG F 210 -14.01 19.10 5.76
C ARG F 210 -14.85 18.20 4.85
N MET F 211 -15.79 18.85 4.15
CA MET F 211 -16.77 18.11 3.30
C MET F 211 -16.09 17.07 2.42
N LYS F 212 -16.66 15.86 2.40
CA LYS F 212 -16.10 14.78 1.55
C LYS F 212 -16.66 14.88 0.13
N ILE F 213 -16.21 14.00 -0.77
CA ILE F 213 -16.60 14.07 -2.21
C ILE F 213 -17.41 12.82 -2.59
N GLY F 214 -18.28 12.95 -3.58
CA GLY F 214 -19.12 11.87 -4.05
C GLY F 214 -20.27 11.51 -3.14
N VAL F 215 -20.64 12.37 -2.20
CA VAL F 215 -21.74 12.08 -1.28
C VAL F 215 -22.99 11.80 -2.10
N MET F 216 -23.26 12.65 -3.09
CA MET F 216 -24.32 12.44 -4.05
C MET F 216 -25.70 12.72 -3.46
N PHE F 217 -25.77 12.90 -2.14
CA PHE F 217 -26.98 13.39 -1.50
C PHE F 217 -26.75 13.41 0.01
N GLY F 218 -27.54 14.20 0.71
CA GLY F 218 -27.50 14.21 2.15
C GLY F 218 -26.33 15.04 2.70
N ASN F 219 -26.12 14.91 4.00
CA ASN F 219 -25.10 15.65 4.73
C ASN F 219 -23.70 15.31 4.23
N PRO F 220 -23.02 16.24 3.56
CA PRO F 220 -21.66 15.95 3.08
C PRO F 220 -20.56 16.29 4.08
N GLU F 221 -20.88 16.98 5.17
CA GLU F 221 -19.86 17.33 6.16
C GLU F 221 -19.11 16.08 6.59
N THR F 222 -17.81 16.21 6.78
CA THR F 222 -17.01 15.08 7.22
C THR F 222 -15.86 15.57 8.07
N THR F 223 -15.77 15.06 9.29
CA THR F 223 -14.70 15.42 10.20
C THR F 223 -13.36 14.93 9.65
N THR F 224 -12.31 15.66 9.98
CA THR F 224 -10.97 15.36 9.51
C THR F 224 -10.25 14.46 10.50
N GLY F 225 -8.97 14.21 10.21
CA GLY F 225 -8.16 13.41 11.10
C GLY F 225 -8.59 11.95 11.21
N GLY F 226 -8.93 11.34 10.08
CA GLY F 226 -9.28 9.94 10.09
C GLY F 226 -10.51 9.66 10.93
N ASN F 227 -10.93 8.40 10.89
CA ASN F 227 -12.11 7.97 11.63
C ASN F 227 -11.78 6.96 12.72
N ALA F 228 -10.54 6.96 13.21
CA ALA F 228 -10.22 6.17 14.40
C ALA F 228 -10.51 6.91 15.69
N LEU F 229 -10.81 8.20 15.61
CA LEU F 229 -11.10 8.99 16.79
C LEU F 229 -12.56 8.92 17.22
N LYS F 230 -13.47 8.60 16.30
CA LYS F 230 -14.88 8.61 16.64
C LYS F 230 -15.32 7.32 17.30
N PHE F 231 -14.44 6.34 17.44
CA PHE F 231 -14.77 5.15 18.20
C PHE F 231 -14.41 5.30 19.67
N TYR F 232 -13.23 5.86 19.94
CA TYR F 232 -12.81 6.06 21.33
C TYR F 232 -13.49 7.26 21.97
N ALA F 233 -13.85 8.27 21.20
CA ALA F 233 -14.41 9.49 21.74
C ALA F 233 -15.64 9.17 22.58
N SER F 234 -15.55 9.42 23.89
CA SER F 234 -16.67 9.12 24.78
C SER F 234 -17.88 9.99 24.47
N VAL F 235 -17.66 11.25 24.13
CA VAL F 235 -18.74 12.18 23.81
C VAL F 235 -18.25 13.14 22.73
N ARG F 236 -18.96 13.18 21.62
CA ARG F 236 -18.59 14.03 20.48
C ARG F 236 -19.64 15.11 20.30
N LEU F 237 -19.20 16.36 20.30
CA LEU F 237 -20.09 17.49 20.14
C LEU F 237 -20.08 17.94 18.69
N ASP F 238 -20.92 18.92 18.38
CA ASP F 238 -21.01 19.49 17.03
C ASP F 238 -21.45 20.93 17.21
N ILE F 239 -20.49 21.83 17.35
CA ILE F 239 -20.76 23.20 17.74
C ILE F 239 -20.78 24.08 16.49
N ARG F 240 -21.85 24.83 16.31
CA ARG F 240 -22.03 25.70 15.16
C ARG F 240 -22.56 27.04 15.59
N ARG F 241 -22.35 28.04 14.75
CA ARG F 241 -22.77 29.41 15.03
C ARG F 241 -23.99 29.70 14.16
N THR F 242 -25.10 30.06 14.79
CA THR F 242 -26.33 30.31 14.05
C THR F 242 -26.45 31.77 13.63
N GLY F 243 -26.47 32.68 14.59
CA GLY F 243 -26.62 34.08 14.29
C GLY F 243 -25.58 34.97 14.93
N ALA F 244 -25.96 36.19 15.29
CA ALA F 244 -25.04 37.12 15.93
C ALA F 244 -25.85 38.13 16.73
N VAL F 245 -25.32 38.53 17.88
CA VAL F 245 -26.00 39.48 18.75
C VAL F 245 -25.48 40.88 18.46
N LYS F 246 -26.37 41.76 18.00
CA LYS F 246 -25.98 43.10 17.56
C LYS F 246 -26.70 44.14 18.41
N GLU F 247 -25.93 45.08 18.95
CA GLU F 247 -26.48 46.25 19.65
C GLU F 247 -26.76 47.38 18.66
N GLY F 248 -27.65 47.14 17.73
CA GLY F 248 -28.03 48.12 16.73
C GLY F 248 -27.12 48.17 15.54
N ASP F 249 -25.82 48.37 15.77
CA ASP F 249 -24.84 48.49 14.70
C ASP F 249 -23.67 47.54 14.82
N GLU F 250 -23.15 47.29 16.02
CA GLU F 250 -21.98 46.47 16.22
C GLU F 250 -22.38 45.10 16.73
N VAL F 251 -21.51 44.12 16.52
CA VAL F 251 -21.71 42.75 16.97
C VAL F 251 -20.75 42.47 18.12
N VAL F 252 -21.29 42.05 19.25
CA VAL F 252 -20.49 41.76 20.43
C VAL F 252 -20.49 40.30 20.80
N GLY F 253 -21.34 39.48 20.20
CA GLY F 253 -21.36 38.06 20.50
C GLY F 253 -22.09 37.30 19.43
N SER F 254 -21.96 35.98 19.48
CA SER F 254 -22.55 35.11 18.47
C SER F 254 -23.29 33.98 19.14
N GLU F 255 -24.52 33.74 18.70
CA GLU F 255 -25.28 32.60 19.20
C GLU F 255 -24.67 31.30 18.70
N THR F 256 -24.65 30.29 19.55
CA THR F 256 -24.13 28.98 19.19
C THR F 256 -25.20 27.92 19.38
N ARG F 257 -24.94 26.74 18.84
CA ARG F 257 -25.83 25.59 18.97
C ARG F 257 -24.99 24.33 19.03
N VAL F 258 -24.80 23.80 20.24
CA VAL F 258 -24.00 22.60 20.45
C VAL F 258 -24.94 21.40 20.44
N LYS F 259 -24.64 20.43 19.58
CA LYS F 259 -25.43 19.21 19.48
C LYS F 259 -24.55 18.04 19.87
N VAL F 260 -25.04 17.23 20.81
CA VAL F 260 -24.27 16.09 21.31
C VAL F 260 -24.53 14.91 20.37
N VAL F 261 -23.70 14.80 19.33
CA VAL F 261 -23.99 13.85 18.26
C VAL F 261 -23.70 12.42 18.69
N LYS F 262 -22.83 12.26 19.68
CA LYS F 262 -22.52 10.93 20.22
C LYS F 262 -22.36 11.04 21.73
N ASN F 263 -22.65 9.95 22.43
CA ASN F 263 -22.52 9.97 23.88
C ASN F 263 -22.53 8.55 24.43
N LYS F 264 -21.80 8.36 25.53
CA LYS F 264 -21.75 7.10 26.25
C LYS F 264 -22.01 7.27 27.74
N VAL F 265 -22.69 8.33 28.14
CA VAL F 265 -23.00 8.52 29.56
C VAL F 265 -24.44 8.99 29.72
N SER F 266 -25.07 9.36 28.60
CA SER F 266 -26.46 9.76 28.60
C SER F 266 -26.96 9.72 27.16
N PRO F 267 -28.27 9.72 26.96
CA PRO F 267 -28.80 9.62 25.60
C PRO F 267 -28.24 10.74 24.73
N PRO F 268 -27.91 10.43 23.49
CA PRO F 268 -27.31 11.43 22.60
C PRO F 268 -28.37 12.34 21.99
N PHE F 269 -27.90 13.34 21.24
CA PHE F 269 -28.76 14.23 20.48
C PHE F 269 -29.55 15.18 21.39
N ARG F 270 -28.92 15.60 22.49
CA ARG F 270 -29.53 16.54 23.43
C ARG F 270 -29.03 17.94 23.10
N GLN F 271 -29.52 18.46 21.98
CA GLN F 271 -29.05 19.75 21.49
C GLN F 271 -29.23 20.84 22.54
N ALA F 272 -28.21 21.69 22.67
CA ALA F 272 -28.24 22.81 23.60
C ALA F 272 -27.78 24.07 22.89
N GLU F 273 -28.32 25.21 23.32
CA GLU F 273 -28.08 26.48 22.66
C GLU F 273 -27.74 27.55 23.69
N PHE F 274 -26.92 28.51 23.29
CA PHE F 274 -26.49 29.57 24.19
C PHE F 274 -25.66 30.58 23.41
N GLN F 275 -25.50 31.77 23.99
CA GLN F 275 -24.73 32.83 23.36
C GLN F 275 -23.30 32.88 23.89
N ILE F 276 -22.40 33.35 23.05
CA ILE F 276 -21.00 33.56 23.40
C ILE F 276 -20.74 35.06 23.25
N LEU F 277 -20.34 35.71 24.34
CA LEU F 277 -20.06 37.13 24.31
C LEU F 277 -18.56 37.35 24.29
N TYR F 278 -18.09 38.10 23.30
CA TYR F 278 -16.66 38.32 23.11
C TYR F 278 -16.06 38.93 24.36
N GLY F 279 -14.93 38.39 24.79
CA GLY F 279 -14.29 38.84 26.01
C GLY F 279 -14.95 38.31 27.27
N LYS F 280 -16.26 38.55 27.42
CA LYS F 280 -16.97 38.07 28.59
C LYS F 280 -17.17 36.56 28.59
N GLY F 281 -16.88 35.89 27.48
CA GLY F 281 -17.01 34.43 27.45
C GLY F 281 -18.45 33.99 27.27
N ILE F 282 -18.78 32.85 27.91
CA ILE F 282 -20.11 32.29 27.80
C ILE F 282 -21.10 33.13 28.60
N TYR F 283 -22.32 33.25 28.08
CA TYR F 283 -23.36 34.05 28.74
C TYR F 283 -24.28 33.13 29.53
N ARG F 284 -23.76 32.64 30.65
CA ARG F 284 -24.52 31.72 31.48
C ARG F 284 -25.71 32.41 32.15
N THR F 285 -25.57 33.69 32.48
CA THR F 285 -26.65 34.40 33.15
C THR F 285 -27.93 34.44 32.32
N GLY F 286 -27.82 34.49 31.00
CA GLY F 286 -29.00 34.49 30.17
C GLY F 286 -29.57 33.09 30.00
N GLU F 287 -28.68 32.10 29.97
CA GLU F 287 -29.12 30.72 29.81
C GLU F 287 -29.91 30.26 31.04
N ILE F 288 -29.46 30.63 32.23
CA ILE F 288 -30.20 30.26 33.44
C ILE F 288 -31.59 30.88 33.41
N ILE F 289 -31.68 32.14 32.99
CA ILE F 289 -32.98 32.79 32.90
C ILE F 289 -33.86 32.08 31.90
N ASP F 290 -33.31 31.72 30.74
CA ASP F 290 -34.12 31.04 29.73
C ASP F 290 -34.65 29.72 30.28
N LEU F 291 -33.80 28.92 30.92
CA LEU F 291 -34.26 27.65 31.47
C LEU F 291 -35.31 27.87 32.55
N GLY F 292 -35.08 28.82 33.45
CA GLY F 292 -36.00 29.05 34.54
C GLY F 292 -37.35 29.54 34.09
N VAL F 293 -37.40 30.32 33.01
CA VAL F 293 -38.67 30.85 32.54
C VAL F 293 -39.57 29.73 32.03
N GLN F 294 -39.01 28.81 31.25
CA GLN F 294 -39.82 27.71 30.73
C GLN F 294 -40.11 26.67 31.81
N LEU F 295 -39.17 26.45 32.74
CA LEU F 295 -39.46 25.58 33.86
C LEU F 295 -40.58 26.14 34.72
N GLY F 296 -40.57 27.44 34.96
CA GLY F 296 -41.62 28.07 35.73
C GLY F 296 -41.10 28.85 36.92
N LEU F 297 -39.87 28.57 37.34
CA LEU F 297 -39.31 29.24 38.50
C LEU F 297 -39.20 30.74 38.26
N VAL F 298 -39.23 31.16 37.00
CA VAL F 298 -39.27 32.57 36.62
C VAL F 298 -40.48 32.79 35.73
N GLU F 299 -41.27 33.81 36.05
CA GLU F 299 -42.53 34.06 35.36
C GLU F 299 -42.43 35.32 34.50
N LYS F 300 -42.90 35.20 33.25
CA LYS F 300 -43.04 36.34 32.36
C LYS F 300 -44.42 36.30 31.74
N SER F 301 -45.17 37.39 31.87
CA SER F 301 -46.49 37.50 31.26
C SER F 301 -46.30 37.95 29.81
N GLY F 302 -45.84 37.00 28.99
CA GLY F 302 -45.59 37.27 27.59
C GLY F 302 -44.26 37.96 27.35
N ALA F 303 -44.16 39.24 27.74
CA ALA F 303 -42.94 39.98 27.48
C ALA F 303 -42.45 40.74 28.72
N TRP F 304 -42.98 40.43 29.90
CA TRP F 304 -42.57 41.10 31.14
C TRP F 304 -41.95 40.05 32.06
N TYR F 305 -40.64 40.12 32.24
CA TYR F 305 -39.97 39.19 33.13
C TYR F 305 -40.36 39.47 34.58
N SER F 306 -40.62 38.38 35.31
CA SER F 306 -41.03 38.48 36.70
C SER F 306 -40.43 37.31 37.48
N TYR F 307 -40.39 37.47 38.80
CA TYR F 307 -39.78 36.48 39.67
C TYR F 307 -40.33 36.66 41.07
N GLN F 308 -41.01 35.63 41.59
CA GLN F 308 -41.63 35.68 42.90
C GLN F 308 -42.63 36.83 43.00
N GLY F 309 -43.37 37.06 41.92
CA GLY F 309 -44.35 38.13 41.90
C GLY F 309 -43.76 39.52 41.85
N SER F 310 -42.48 39.65 41.53
CA SER F 310 -41.81 40.94 41.43
C SER F 310 -41.38 41.17 40.00
N LYS F 311 -41.68 42.36 39.46
CA LYS F 311 -41.28 42.68 38.07
C LYS F 311 -39.75 42.89 38.06
N ILE F 312 -39.00 41.83 37.75
CA ILE F 312 -37.51 41.93 37.77
C ILE F 312 -37.06 43.01 36.80
N GLY F 313 -37.92 43.34 35.83
CA GLY F 313 -37.60 44.44 34.95
C GLY F 313 -38.10 44.17 33.55
N GLN F 314 -37.52 44.84 32.57
CA GLN F 314 -37.96 44.68 31.16
C GLN F 314 -36.74 44.41 30.28
N GLY F 315 -36.57 43.15 29.85
CA GLY F 315 -35.46 42.84 28.92
C GLY F 315 -34.51 41.80 29.47
N LYS F 316 -33.88 41.02 28.58
CA LYS F 316 -32.92 39.98 29.02
C LYS F 316 -31.74 40.64 29.73
N ALA F 317 -31.17 41.68 29.12
CA ALA F 317 -30.05 42.43 29.75
C ALA F 317 -30.50 42.93 31.12
N ASN F 318 -31.71 43.48 31.20
CA ASN F 318 -32.23 43.92 32.49
C ASN F 318 -32.33 42.77 33.48
N ALA F 319 -32.83 41.61 33.04
CA ALA F 319 -32.92 40.47 33.94
C ALA F 319 -31.53 40.00 34.35
N ALA F 320 -30.59 40.00 33.41
CA ALA F 320 -29.22 39.61 33.72
C ALA F 320 -28.61 40.54 34.76
N LYS F 321 -28.84 41.85 34.62
CA LYS F 321 -28.36 42.79 35.63
C LYS F 321 -29.02 42.55 36.98
N TYR F 322 -30.33 42.29 36.96
CA TYR F 322 -31.04 42.04 38.21
C TYR F 322 -30.51 40.79 38.91
N LEU F 323 -30.12 39.78 38.15
CA LEU F 323 -29.52 38.58 38.73
C LEU F 323 -28.08 38.80 39.15
N GLU F 324 -27.34 39.63 38.41
CA GLU F 324 -25.95 39.87 38.73
C GLU F 324 -25.81 40.67 40.02
N ASP F 325 -26.73 41.61 40.26
CA ASP F 325 -26.65 42.39 41.49
C ASP F 325 -26.76 41.49 42.71
N ASN F 326 -27.41 40.33 42.57
CA ASN F 326 -27.62 39.39 43.67
C ASN F 326 -27.09 38.02 43.25
N PRO F 327 -25.81 37.74 43.43
CA PRO F 327 -25.27 36.45 42.97
C PRO F 327 -25.93 35.24 43.61
N GLU F 328 -26.33 35.35 44.87
CA GLU F 328 -26.99 34.22 45.53
C GLU F 328 -28.30 33.89 44.85
N ILE F 329 -29.02 34.90 44.37
CA ILE F 329 -30.26 34.63 43.65
C ILE F 329 -29.97 33.80 42.41
N GLY F 330 -28.91 34.13 41.69
CA GLY F 330 -28.55 33.34 40.52
C GLY F 330 -28.15 31.92 40.89
N SER F 331 -27.34 31.78 41.94
CA SER F 331 -26.90 30.43 42.34
C SER F 331 -28.06 29.57 42.81
N VAL F 332 -29.06 30.16 43.47
CA VAL F 332 -30.23 29.37 43.88
C VAL F 332 -30.96 28.84 42.66
N LEU F 333 -31.21 29.68 41.66
CA LEU F 333 -31.88 29.21 40.45
C LEU F 333 -31.05 28.15 39.74
N GLU F 334 -29.73 28.35 39.67
CA GLU F 334 -28.89 27.38 39.00
C GLU F 334 -28.86 26.04 39.72
N LYS F 335 -28.86 26.04 41.05
CA LYS F 335 -28.94 24.80 41.80
C LYS F 335 -30.29 24.12 41.63
N THR F 336 -31.38 24.89 41.69
CA THR F 336 -32.70 24.30 41.56
C THR F 336 -32.91 23.70 40.18
N ILE F 337 -32.52 24.42 39.12
CA ILE F 337 -32.72 23.91 37.77
C ILE F 337 -31.91 22.64 37.55
N ARG F 338 -30.67 22.62 38.04
CA ARG F 338 -29.88 21.39 37.94
C ARG F 338 -30.55 20.26 38.70
N ASP F 339 -31.02 20.52 39.92
CA ASP F 339 -31.63 19.47 40.71
C ASP F 339 -32.91 18.97 40.08
N GLN F 340 -33.58 19.77 39.24
CA GLN F 340 -34.80 19.34 38.61
C GLN F 340 -34.59 18.67 37.25
N LEU F 341 -33.58 19.09 36.49
CA LEU F 341 -33.35 18.56 35.15
C LEU F 341 -32.19 17.59 35.07
N LEU F 342 -31.03 17.97 35.60
CA LEU F 342 -29.86 17.09 35.54
C LEU F 342 -30.10 15.80 36.29
N ALA F 343 -30.71 15.88 37.47
CA ALA F 343 -30.97 14.69 38.28
C ALA F 343 -32.45 14.32 38.24
N GLY G 16 -9.16 -60.10 4.07
CA GLY G 16 -9.88 -59.13 3.28
C GLY G 16 -10.50 -58.02 4.10
N ASP G 17 -11.82 -57.88 4.00
CA ASP G 17 -12.51 -56.84 4.76
C ASP G 17 -12.31 -57.04 6.26
N GLU G 18 -12.36 -58.29 6.72
CA GLU G 18 -12.09 -58.53 8.13
C GLU G 18 -10.69 -58.06 8.51
N ASN G 19 -9.72 -58.21 7.61
CA ASN G 19 -8.38 -57.73 7.90
C ASN G 19 -8.36 -56.23 8.11
N LYS G 20 -9.03 -55.48 7.23
CA LYS G 20 -9.10 -54.03 7.39
C LYS G 20 -9.80 -53.68 8.69
N LYS G 21 -10.90 -54.36 9.00
CA LYS G 21 -11.62 -54.06 10.23
C LYS G 21 -10.74 -54.29 11.46
N ARG G 22 -10.04 -55.43 11.50
CA ARG G 22 -9.17 -55.70 12.62
C ARG G 22 -8.06 -54.67 12.73
N ALA G 23 -7.45 -54.31 11.60
CA ALA G 23 -6.37 -53.33 11.64
C ALA G 23 -6.87 -51.98 12.13
N LEU G 24 -8.02 -51.55 11.66
CA LEU G 24 -8.57 -50.27 12.10
C LEU G 24 -8.90 -50.31 13.58
N ALA G 25 -9.49 -51.42 14.05
CA ALA G 25 -9.79 -51.52 15.46
C ALA G 25 -8.53 -51.45 16.30
N ALA G 26 -7.47 -52.14 15.87
CA ALA G 26 -6.21 -52.08 16.59
C ALA G 26 -5.65 -50.67 16.60
N ALA G 27 -5.70 -49.98 15.46
CA ALA G 27 -5.17 -48.62 15.39
C ALA G 27 -5.94 -47.70 16.33
N LEU G 28 -7.27 -47.76 16.30
CA LEU G 28 -8.05 -46.93 17.22
C LEU G 28 -7.74 -47.27 18.67
N GLY G 29 -7.70 -48.56 19.00
CA GLY G 29 -7.42 -48.96 20.37
C GLY G 29 -6.09 -48.41 20.85
N GLN G 30 -5.09 -48.37 19.96
CA GLN G 30 -3.81 -47.81 20.35
C GLN G 30 -3.96 -46.34 20.70
N ILE G 31 -4.71 -45.58 19.90
CA ILE G 31 -4.89 -44.16 20.18
C ILE G 31 -5.50 -43.97 21.56
N GLU G 32 -6.60 -44.67 21.85
CA GLU G 32 -7.28 -44.51 23.13
C GLU G 32 -6.35 -44.79 24.30
N ARG G 33 -5.34 -45.63 24.10
CA ARG G 33 -4.39 -45.97 25.16
C ARG G 33 -3.16 -45.09 25.14
N GLN G 34 -3.14 -44.04 24.33
CA GLN G 34 -2.01 -43.12 24.28
C GLN G 34 -2.41 -41.69 24.60
N PHE G 35 -3.51 -41.20 24.02
CA PHE G 35 -3.94 -39.83 24.24
C PHE G 35 -5.13 -39.73 25.16
N GLY G 36 -6.05 -40.67 25.09
CA GLY G 36 -7.21 -40.66 25.95
C GLY G 36 -8.42 -41.18 25.20
N LYS G 37 -9.57 -40.56 25.46
CA LYS G 37 -10.83 -40.93 24.84
C LYS G 37 -11.22 -39.97 23.73
N GLY G 38 -10.31 -39.09 23.32
CA GLY G 38 -10.60 -38.13 22.26
C GLY G 38 -10.15 -38.60 20.90
N ALA G 39 -9.89 -39.91 20.78
CA ALA G 39 -9.52 -40.47 19.49
C ALA G 39 -10.68 -40.39 18.50
N VAL G 40 -11.90 -40.59 18.98
CA VAL G 40 -13.08 -40.55 18.13
C VAL G 40 -14.31 -40.25 18.99
N MET G 41 -15.09 -39.26 18.56
CA MET G 41 -16.35 -38.97 19.22
C MET G 41 -17.34 -40.12 19.02
N ARG G 42 -18.40 -40.11 19.83
CA ARG G 42 -19.43 -41.12 19.70
C ARG G 42 -20.48 -40.71 18.67
N MET G 43 -20.73 -41.61 17.71
CA MET G 43 -21.54 -41.30 16.55
C MET G 43 -23.00 -41.03 16.90
N GLY G 44 -23.45 -41.37 18.11
CA GLY G 44 -24.81 -41.10 18.50
C GLY G 44 -24.93 -40.31 19.78
N ASP G 45 -23.84 -40.26 20.55
CA ASP G 45 -23.85 -39.51 21.80
C ASP G 45 -24.02 -38.02 21.54
N HIS G 46 -23.28 -37.48 20.57
CA HIS G 46 -23.26 -36.05 20.31
C HIS G 46 -24.51 -35.56 19.58
N GLU G 47 -25.06 -36.36 18.67
CA GLU G 47 -26.24 -35.98 17.92
C GLU G 47 -27.51 -36.04 18.75
N ARG G 48 -27.42 -36.52 19.99
CA ARG G 48 -28.61 -36.57 20.84
C ARG G 48 -29.19 -35.17 21.03
N GLN G 49 -28.34 -34.15 21.10
CA GLN G 49 -28.79 -32.78 21.16
C GLN G 49 -27.99 -31.93 20.18
N ALA G 50 -28.67 -30.92 19.63
CA ALA G 50 -28.01 -29.98 18.74
C ALA G 50 -27.05 -29.09 19.52
N ILE G 51 -26.44 -28.14 18.81
CA ILE G 51 -25.50 -27.23 19.47
C ILE G 51 -26.28 -26.27 20.37
N PRO G 52 -25.98 -26.21 21.66
CA PRO G 52 -26.72 -25.29 22.54
C PRO G 52 -26.49 -23.84 22.13
N ALA G 53 -27.49 -23.00 22.36
CA ALA G 53 -27.42 -21.60 21.98
C ALA G 53 -27.77 -20.72 23.16
N ILE G 54 -27.20 -19.51 23.15
CA ILE G 54 -27.50 -18.47 24.13
C ILE G 54 -28.35 -17.42 23.45
N SER G 55 -29.59 -17.27 23.91
CA SER G 55 -30.48 -16.30 23.28
C SER G 55 -29.87 -14.92 23.33
N THR G 56 -29.92 -14.21 22.21
CA THR G 56 -29.28 -12.91 22.10
C THR G 56 -30.19 -11.75 22.46
N GLY G 57 -31.29 -12.02 23.16
CA GLY G 57 -32.14 -10.94 23.64
C GLY G 57 -33.07 -10.35 22.60
N SER G 58 -32.96 -10.82 21.36
CA SER G 58 -33.79 -10.30 20.24
C SER G 58 -34.33 -11.48 19.43
N LEU G 59 -35.66 -11.62 19.34
CA LEU G 59 -36.29 -12.75 18.61
C LEU G 59 -35.74 -12.84 17.18
N GLY G 60 -35.59 -11.71 16.49
CA GLY G 60 -35.08 -11.67 15.11
C GLY G 60 -33.65 -12.17 15.01
N LEU G 61 -32.74 -11.69 15.86
CA LEU G 61 -31.41 -12.30 15.82
C LEU G 61 -31.49 -13.81 15.98
N ASP G 62 -32.32 -14.29 16.91
CA ASP G 62 -32.45 -15.74 17.07
C ASP G 62 -32.98 -16.38 15.80
N ILE G 63 -33.97 -15.75 15.16
CA ILE G 63 -34.46 -16.28 13.89
C ILE G 63 -33.34 -16.31 12.87
N ALA G 64 -32.58 -15.22 12.76
CA ALA G 64 -31.56 -15.12 11.72
C ALA G 64 -30.48 -16.17 11.92
N LEU G 65 -30.04 -16.38 13.16
CA LEU G 65 -28.97 -17.34 13.41
C LEU G 65 -29.40 -18.77 13.15
N GLY G 66 -30.68 -19.03 13.00
CA GLY G 66 -31.11 -20.41 12.77
C GLY G 66 -31.18 -21.26 14.02
N ILE G 67 -30.10 -21.29 14.81
CA ILE G 67 -30.11 -22.06 16.05
C ILE G 67 -30.71 -21.30 17.22
N GLY G 68 -31.21 -20.09 16.99
CA GLY G 68 -31.81 -19.32 18.06
C GLY G 68 -30.81 -18.88 19.10
N GLY G 69 -29.89 -18.01 18.72
CA GLY G 69 -28.91 -17.46 19.63
C GLY G 69 -27.49 -17.84 19.25
N LEU G 70 -26.56 -17.11 19.82
CA LEU G 70 -25.14 -17.38 19.57
C LEU G 70 -24.81 -18.79 20.03
N PRO G 71 -24.05 -19.56 19.27
CA PRO G 71 -23.77 -20.94 19.68
C PRO G 71 -22.70 -20.98 20.77
N LYS G 72 -22.99 -21.69 21.84
CA LYS G 72 -22.01 -21.86 22.90
C LYS G 72 -20.86 -22.70 22.41
N GLY G 73 -19.65 -22.28 22.77
CA GLY G 73 -18.46 -23.00 22.39
C GLY G 73 -17.82 -22.58 21.09
N ARG G 74 -17.99 -21.33 20.67
CA ARG G 74 -17.35 -20.84 19.47
C ARG G 74 -17.13 -19.33 19.55
N ILE G 75 -16.06 -18.89 18.92
CA ILE G 75 -15.75 -17.46 18.81
C ILE G 75 -16.85 -16.80 18.01
N VAL G 76 -17.30 -15.64 18.46
CA VAL G 76 -18.28 -14.85 17.75
C VAL G 76 -17.81 -13.40 17.75
N GLU G 77 -17.71 -12.81 16.56
CA GLU G 77 -17.14 -11.48 16.40
C GLU G 77 -18.15 -10.59 15.68
N ILE G 78 -18.50 -9.47 16.30
CA ILE G 78 -19.50 -8.55 15.78
C ILE G 78 -18.89 -7.17 15.67
N TYR G 79 -19.05 -6.53 14.52
CA TYR G 79 -18.44 -5.24 14.23
C TYR G 79 -19.47 -4.30 13.64
N GLY G 80 -19.10 -3.03 13.57
CA GLY G 80 -19.95 -2.02 12.99
C GLY G 80 -19.47 -0.62 13.29
N PRO G 81 -19.99 0.36 12.57
CA PRO G 81 -19.54 1.75 12.76
C PRO G 81 -19.79 2.21 14.18
N GLU G 82 -19.38 3.45 14.45
CA GLU G 82 -19.52 4.03 15.81
C GLU G 82 -20.99 4.17 16.20
N SER G 83 -21.28 4.08 17.50
CA SER G 83 -22.67 4.19 18.03
C SER G 83 -23.63 3.36 17.17
N SER G 84 -23.29 2.09 16.93
CA SER G 84 -24.17 1.19 16.15
C SER G 84 -24.94 0.28 17.11
N GLY G 85 -24.35 0.00 18.27
CA GLY G 85 -25.05 -0.82 19.28
C GLY G 85 -24.29 -2.07 19.64
N LYS G 86 -22.97 -2.09 19.41
CA LYS G 86 -22.23 -3.32 19.67
C LYS G 86 -22.19 -3.64 21.17
N THR G 87 -21.79 -2.66 21.98
CA THR G 87 -21.72 -2.90 23.42
C THR G 87 -23.10 -3.21 23.99
N THR G 88 -24.14 -2.54 23.50
CA THR G 88 -25.48 -2.82 23.98
C THR G 88 -25.91 -4.25 23.65
N LEU G 89 -25.60 -4.70 22.44
CA LEU G 89 -25.96 -6.07 22.06
C LEU G 89 -25.22 -7.08 22.93
N THR G 90 -23.93 -6.85 23.16
CA THR G 90 -23.18 -7.76 24.03
C THR G 90 -23.73 -7.76 25.44
N LEU G 91 -24.13 -6.59 25.94
CA LEU G 91 -24.71 -6.53 27.29
C LEU G 91 -26.03 -7.26 27.35
N SER G 92 -26.83 -7.19 26.30
CA SER G 92 -28.07 -7.95 26.27
C SER G 92 -27.78 -9.45 26.30
N VAL G 93 -26.77 -9.89 25.54
CA VAL G 93 -26.39 -11.31 25.58
C VAL G 93 -25.95 -11.70 26.99
N ILE G 94 -25.16 -10.84 27.63
CA ILE G 94 -24.72 -11.12 28.99
C ILE G 94 -25.91 -11.24 29.92
N ALA G 95 -26.90 -10.36 29.75
CA ALA G 95 -28.10 -10.42 30.58
C ALA G 95 -28.84 -11.72 30.38
N GLU G 96 -28.97 -12.16 29.13
CA GLU G 96 -29.64 -13.44 28.88
C GLU G 96 -28.88 -14.59 29.54
N ALA G 97 -27.56 -14.60 29.41
CA ALA G 97 -26.78 -15.68 30.00
C ALA G 97 -26.92 -15.69 31.51
N GLN G 98 -26.87 -14.52 32.15
CA GLN G 98 -27.03 -14.46 33.59
C GLN G 98 -28.41 -14.92 34.02
N LYS G 99 -29.45 -14.50 33.28
CA LYS G 99 -30.80 -14.93 33.61
C LYS G 99 -30.94 -16.44 33.52
N GLN G 100 -30.34 -17.05 32.51
CA GLN G 100 -30.34 -18.51 32.44
C GLN G 100 -29.59 -19.13 33.61
N GLY G 101 -28.76 -18.35 34.29
CA GLY G 101 -28.05 -18.85 35.45
C GLY G 101 -26.60 -19.16 35.20
N ALA G 102 -25.93 -18.33 34.41
CA ALA G 102 -24.54 -18.53 34.03
C ALA G 102 -23.69 -17.36 34.52
N THR G 103 -22.39 -17.61 34.62
CA THR G 103 -21.44 -16.58 35.04
C THR G 103 -20.78 -15.95 33.82
N CYS G 104 -20.84 -14.63 33.74
CA CYS G 104 -20.35 -13.88 32.59
C CYS G 104 -19.25 -12.93 33.03
N ALA G 105 -18.33 -12.65 32.09
CA ALA G 105 -17.18 -11.80 32.38
C ALA G 105 -16.92 -10.89 31.21
N PHE G 106 -16.98 -9.59 31.46
CA PHE G 106 -16.78 -8.57 30.44
C PHE G 106 -15.40 -7.96 30.60
N VAL G 107 -14.49 -8.31 29.70
CA VAL G 107 -13.12 -7.82 29.74
C VAL G 107 -13.02 -6.60 28.84
N ASP G 108 -13.37 -5.44 29.37
CA ASP G 108 -13.30 -4.19 28.65
C ASP G 108 -11.90 -3.98 28.09
N ALA G 109 -11.82 -3.22 27.00
CA ALA G 109 -10.55 -2.94 26.34
C ALA G 109 -10.18 -1.48 26.40
N GLU G 110 -11.05 -0.58 25.94
CA GLU G 110 -10.74 0.85 26.00
C GLU G 110 -11.27 1.51 27.26
N HIS G 111 -11.47 0.77 28.33
CA HIS G 111 -11.84 1.35 29.61
C HIS G 111 -13.08 2.23 29.46
N ALA G 112 -13.99 1.81 28.59
CA ALA G 112 -15.22 2.53 28.32
C ALA G 112 -16.39 1.63 28.68
N LEU G 113 -17.04 1.93 29.80
CA LEU G 113 -18.21 1.17 30.23
C LEU G 113 -18.86 1.89 31.39
N ASP G 114 -20.17 2.03 31.32
CA ASP G 114 -20.92 2.68 32.39
C ASP G 114 -21.69 1.63 33.16
N PRO G 115 -21.21 1.19 34.31
CA PRO G 115 -21.92 0.12 35.04
C PRO G 115 -23.35 0.49 35.37
N ASP G 116 -23.68 1.77 35.54
CA ASP G 116 -25.07 2.15 35.72
C ASP G 116 -25.91 1.76 34.51
N TYR G 117 -25.41 2.03 33.31
CA TYR G 117 -26.16 1.66 32.11
C TYR G 117 -26.31 0.16 32.00
N ALA G 118 -25.23 -0.59 32.26
CA ALA G 118 -25.33 -2.04 32.22
C ALA G 118 -26.39 -2.52 33.21
N GLY G 119 -26.37 -1.99 34.42
CA GLY G 119 -27.40 -2.36 35.38
C GLY G 119 -28.79 -2.05 34.87
N LYS G 120 -28.93 -0.92 34.17
CA LYS G 120 -30.23 -0.58 33.59
C LYS G 120 -30.67 -1.64 32.59
N LEU G 121 -29.75 -2.13 31.76
CA LEU G 121 -30.13 -3.11 30.75
C LEU G 121 -30.67 -4.40 31.35
N GLY G 122 -30.41 -4.67 32.62
CA GLY G 122 -30.89 -5.85 33.29
C GLY G 122 -29.80 -6.81 33.74
N VAL G 123 -28.55 -6.59 33.31
CA VAL G 123 -27.46 -7.45 33.73
C VAL G 123 -27.10 -7.15 35.19
N ASN G 124 -27.02 -8.20 36.01
CA ASN G 124 -26.64 -8.03 37.40
C ASN G 124 -25.16 -7.69 37.49
N VAL G 125 -24.85 -6.41 37.68
CA VAL G 125 -23.46 -5.99 37.67
C VAL G 125 -22.66 -6.74 38.72
N ASP G 126 -23.21 -6.86 39.94
CA ASP G 126 -22.46 -7.45 41.04
C ASP G 126 -22.01 -8.86 40.70
N ASP G 127 -22.76 -9.57 39.87
CA ASP G 127 -22.37 -10.91 39.45
C ASP G 127 -21.42 -10.91 38.27
N LEU G 128 -21.17 -9.76 37.66
CA LEU G 128 -20.41 -9.66 36.42
C LEU G 128 -18.95 -9.34 36.72
N LEU G 129 -18.05 -9.99 36.00
CA LEU G 129 -16.62 -9.81 36.17
C LEU G 129 -16.11 -8.83 35.12
N VAL G 130 -15.59 -7.69 35.55
CA VAL G 130 -15.08 -6.66 34.67
C VAL G 130 -13.57 -6.61 34.79
N SER G 131 -12.90 -6.42 33.67
CA SER G 131 -11.45 -6.27 33.65
C SER G 131 -11.09 -4.99 32.90
N GLN G 132 -9.96 -4.40 33.27
CA GLN G 132 -9.46 -3.19 32.63
C GLN G 132 -8.01 -3.43 32.24
N PRO G 133 -7.78 -4.35 31.31
CA PRO G 133 -6.41 -4.67 30.91
C PRO G 133 -5.71 -3.44 30.37
N ASP G 134 -4.43 -3.31 30.73
CA ASP G 134 -3.66 -2.16 30.28
C ASP G 134 -3.10 -2.39 28.87
N THR G 135 -2.47 -3.54 28.66
CA THR G 135 -1.94 -3.89 27.35
C THR G 135 -2.74 -5.03 26.73
N GLY G 136 -2.50 -5.26 25.45
CA GLY G 136 -3.25 -6.31 24.76
C GLY G 136 -2.91 -7.70 25.27
N GLU G 137 -1.63 -7.98 25.47
CA GLU G 137 -1.23 -9.30 25.95
C GLU G 137 -1.90 -9.62 27.28
N GLN G 138 -1.96 -8.65 28.19
CA GLN G 138 -2.59 -8.89 29.48
C GLN G 138 -4.06 -9.23 29.31
N ALA G 139 -4.77 -8.51 28.45
CA ALA G 139 -6.19 -8.79 28.25
C ALA G 139 -6.40 -10.18 27.67
N LEU G 140 -5.62 -10.53 26.66
CA LEU G 140 -5.77 -11.84 26.04
C LEU G 140 -5.43 -12.95 27.03
N GLU G 141 -4.39 -12.76 27.84
CA GLU G 141 -4.04 -13.75 28.85
C GLU G 141 -5.14 -13.90 29.89
N ILE G 142 -5.75 -12.79 30.29
CA ILE G 142 -6.86 -12.86 31.25
C ILE G 142 -8.01 -13.65 30.65
N THR G 143 -8.33 -13.40 29.38
CA THR G 143 -9.40 -14.16 28.74
C THR G 143 -9.06 -15.64 28.71
N ASP G 144 -7.82 -15.98 28.38
CA ASP G 144 -7.44 -17.39 28.34
C ASP G 144 -7.56 -18.03 29.71
N MET G 145 -7.11 -17.32 30.76
CA MET G 145 -7.22 -17.87 32.11
C MET G 145 -8.68 -18.11 32.47
N LEU G 146 -9.54 -17.13 32.23
CA LEU G 146 -10.95 -17.32 32.57
C LEU G 146 -11.55 -18.49 31.80
N VAL G 147 -11.22 -18.61 30.52
CA VAL G 147 -11.74 -19.73 29.74
C VAL G 147 -11.27 -21.06 30.32
N ARG G 148 -9.99 -21.16 30.62
CA ARG G 148 -9.46 -22.40 31.19
C ARG G 148 -10.10 -22.73 32.53
N SER G 149 -10.55 -21.71 33.27
CA SER G 149 -11.13 -21.96 34.58
C SER G 149 -12.37 -22.84 34.50
N ASN G 150 -13.00 -22.95 33.33
CA ASN G 150 -14.25 -23.70 33.19
C ASN G 150 -15.35 -23.13 34.08
N ALA G 151 -15.23 -21.86 34.44
CA ALA G 151 -16.22 -21.18 35.26
C ALA G 151 -17.09 -20.23 34.45
N VAL G 152 -16.48 -19.32 33.70
CA VAL G 152 -17.21 -18.30 32.96
C VAL G 152 -17.78 -18.90 31.69
N ASP G 153 -19.07 -18.66 31.44
CA ASP G 153 -19.71 -19.16 30.23
C ASP G 153 -19.79 -18.13 29.11
N VAL G 154 -19.58 -16.85 29.40
CA VAL G 154 -19.58 -15.81 28.39
C VAL G 154 -18.44 -14.85 28.68
N ILE G 155 -17.65 -14.53 27.66
CA ILE G 155 -16.54 -13.60 27.79
C ILE G 155 -16.67 -12.59 26.67
N ILE G 156 -16.69 -11.31 27.01
CA ILE G 156 -16.83 -10.24 26.03
C ILE G 156 -15.57 -9.39 26.08
N VAL G 157 -14.94 -9.18 24.94
CA VAL G 157 -13.80 -8.29 24.82
C VAL G 157 -14.27 -7.02 24.14
N ASP G 158 -14.19 -5.90 24.86
CA ASP G 158 -14.93 -4.71 24.44
C ASP G 158 -14.51 -4.26 23.05
N SER G 159 -13.22 -4.24 22.76
CA SER G 159 -12.77 -3.87 21.43
C SER G 159 -11.51 -4.64 21.11
N VAL G 160 -11.30 -4.87 19.81
CA VAL G 160 -10.11 -5.54 19.32
C VAL G 160 -9.10 -4.54 18.77
N ALA G 161 -9.56 -3.33 18.44
CA ALA G 161 -8.62 -2.29 18.04
C ALA G 161 -7.88 -1.70 19.23
N ALA G 162 -8.41 -1.90 20.44
CA ALA G 162 -7.79 -1.31 21.62
C ALA G 162 -6.78 -2.22 22.28
N LEU G 163 -6.64 -3.46 21.82
CA LEU G 163 -5.66 -4.38 22.40
C LEU G 163 -4.27 -3.98 21.89
N VAL G 164 -3.73 -2.93 22.49
CA VAL G 164 -2.42 -2.42 22.09
C VAL G 164 -1.36 -3.44 22.48
N PRO G 165 -0.50 -3.88 21.55
CA PRO G 165 0.57 -4.80 21.92
C PRO G 165 1.54 -4.14 22.90
N LYS G 166 2.12 -4.97 23.77
CA LYS G 166 3.00 -4.44 24.80
C LYS G 166 4.15 -3.64 24.19
N ALA G 167 4.76 -4.16 23.12
CA ALA G 167 5.87 -3.44 22.51
C ALA G 167 5.44 -2.07 22.01
N GLU G 168 4.27 -1.99 21.39
CA GLU G 168 3.82 -0.71 20.85
C GLU G 168 3.65 0.33 21.94
N ILE G 169 3.02 -0.04 23.05
CA ILE G 169 2.82 0.91 24.14
C ILE G 169 4.15 1.30 24.76
N GLU G 170 5.04 0.32 24.94
CA GLU G 170 6.34 0.62 25.51
C GLU G 170 7.14 1.57 24.62
N GLY G 171 7.11 1.34 23.31
CA GLY G 171 7.90 2.10 22.38
C GLY G 171 7.34 3.50 22.15
N GLU G 172 8.09 4.27 21.37
CA GLU G 172 7.73 5.65 21.10
C GLU G 172 6.60 5.71 20.07
N MET G 173 6.01 6.89 19.94
CA MET G 173 4.86 7.08 19.06
C MET G 173 5.29 7.17 17.61
N GLY G 174 4.36 6.81 16.72
CA GLY G 174 4.64 6.88 15.31
C GLY G 174 5.77 5.99 14.83
N ASP G 175 5.94 4.81 15.41
CA ASP G 175 6.95 3.88 14.96
C ASP G 175 6.35 2.90 13.95
N ALA G 176 7.21 2.19 13.23
CA ALA G 176 6.77 1.24 12.21
C ALA G 176 6.52 -0.14 12.82
N HIS G 177 5.67 -0.14 13.85
CA HIS G 177 5.24 -1.39 14.48
C HIS G 177 4.04 -1.90 13.68
N VAL G 178 4.33 -2.44 12.51
CA VAL G 178 3.30 -2.93 11.60
C VAL G 178 3.18 -4.44 11.77
N GLY G 179 1.98 -4.91 12.09
CA GLY G 179 1.71 -6.32 12.22
C GLY G 179 1.73 -6.85 13.64
N LEU G 180 2.31 -6.13 14.59
CA LEU G 180 2.39 -6.64 15.94
C LEU G 180 1.02 -7.05 16.46
N GLN G 181 0.03 -6.18 16.31
CA GLN G 181 -1.30 -6.51 16.79
C GLN G 181 -1.88 -7.70 16.05
N ALA G 182 -1.62 -7.78 14.74
CA ALA G 182 -2.13 -8.92 13.97
C ALA G 182 -1.53 -10.23 14.46
N ARG G 183 -0.23 -10.26 14.69
CA ARG G 183 0.39 -11.49 15.20
C ARG G 183 -0.14 -11.83 16.57
N LEU G 184 -0.30 -10.82 17.44
CA LEU G 184 -0.84 -11.08 18.76
C LEU G 184 -2.24 -11.70 18.66
N MET G 185 -3.08 -11.15 17.79
CA MET G 185 -4.44 -11.68 17.65
C MET G 185 -4.42 -13.11 17.12
N SER G 186 -3.57 -13.38 16.12
CA SER G 186 -3.51 -14.73 15.59
C SER G 186 -3.07 -15.72 16.65
N GLN G 187 -2.05 -15.36 17.43
CA GLN G 187 -1.59 -16.26 18.49
C GLN G 187 -2.67 -16.49 19.54
N ALA G 188 -3.33 -15.41 19.96
CA ALA G 188 -4.37 -15.57 20.97
C ALA G 188 -5.48 -16.47 20.48
N LEU G 189 -5.92 -16.29 19.24
CA LEU G 189 -6.96 -17.16 18.71
C LEU G 189 -6.50 -18.59 18.63
N ARG G 190 -5.26 -18.82 18.18
CA ARG G 190 -4.75 -20.17 18.06
C ARG G 190 -4.74 -20.88 19.41
N LYS G 191 -4.31 -20.16 20.45
CA LYS G 191 -4.30 -20.75 21.80
C LYS G 191 -5.70 -20.91 22.38
N ILE G 192 -6.63 -20.02 22.07
CA ILE G 192 -7.92 -20.00 22.77
C ILE G 192 -8.94 -20.93 22.14
N THR G 193 -8.85 -21.16 20.83
CA THR G 193 -9.89 -21.92 20.16
C THR G 193 -9.96 -23.34 20.68
N GLY G 194 -8.82 -23.95 20.98
CA GLY G 194 -8.86 -25.29 21.53
C GLY G 194 -9.48 -25.39 22.90
N ASN G 195 -9.21 -24.45 23.80
CA ASN G 195 -9.81 -24.45 25.12
C ASN G 195 -11.28 -24.09 25.12
N ILE G 196 -11.74 -23.27 24.19
CA ILE G 196 -13.13 -22.83 24.25
C ILE G 196 -14.08 -24.01 24.09
N LYS G 197 -13.83 -24.87 23.11
CA LYS G 197 -14.75 -26.00 22.89
C LYS G 197 -14.78 -26.91 24.11
N ASN G 198 -13.62 -27.20 24.70
CA ASN G 198 -13.62 -28.03 25.89
C ASN G 198 -14.35 -27.35 27.05
N ALA G 199 -14.21 -26.04 27.18
CA ALA G 199 -14.82 -25.32 28.29
C ALA G 199 -16.23 -24.84 28.00
N ASN G 200 -16.72 -25.01 26.78
CA ASN G 200 -18.10 -24.64 26.44
C ASN G 200 -18.39 -23.18 26.76
N CYS G 201 -17.41 -22.33 26.54
CA CYS G 201 -17.59 -20.90 26.74
C CYS G 201 -18.10 -20.26 25.45
N LEU G 202 -18.16 -18.94 25.42
CA LEU G 202 -18.63 -18.21 24.23
C LEU G 202 -17.96 -16.85 24.22
N VAL G 203 -16.80 -16.75 23.56
CA VAL G 203 -16.01 -15.53 23.54
C VAL G 203 -16.51 -14.67 22.39
N ILE G 204 -16.87 -13.43 22.70
CA ILE G 204 -17.40 -12.49 21.72
C ILE G 204 -16.41 -11.37 21.56
N PHE G 205 -15.85 -11.24 20.36
CA PHE G 205 -14.93 -10.16 20.04
C PHE G 205 -15.68 -9.03 19.35
N ILE G 206 -15.53 -7.82 19.87
CA ILE G 206 -16.13 -6.62 19.29
C ILE G 206 -15.04 -5.90 18.54
N ASN G 207 -15.28 -5.62 17.27
CA ASN G 207 -14.28 -5.04 16.39
C ASN G 207 -14.79 -3.74 15.81
N GLN G 208 -13.88 -2.91 15.32
CA GLN G 208 -14.23 -1.60 14.78
C GLN G 208 -14.09 -1.62 13.26
N ILE G 209 -14.34 -0.49 12.62
CA ILE G 209 -14.34 -0.37 11.16
C ILE G 209 -13.28 0.63 10.75
N ARG G 210 -12.37 0.22 9.86
CA ARG G 210 -11.29 1.12 9.37
C ARG G 210 -11.23 1.06 7.84
N MET G 211 -11.40 2.19 7.16
CA MET G 211 -11.47 2.18 5.67
C MET G 211 -10.14 1.70 5.08
N LYS G 212 -10.18 0.66 4.25
CA LYS G 212 -8.95 0.16 3.59
C LYS G 212 -8.65 1.05 2.39
N ILE G 213 -7.45 1.63 2.34
CA ILE G 213 -7.04 2.48 1.18
C ILE G 213 -6.57 1.57 0.04
N GLY G 214 -6.80 1.98 -1.20
CA GLY G 214 -6.45 1.23 -2.40
C GLY G 214 -7.39 0.11 -2.78
N VAL G 215 -8.52 -0.04 -2.07
CA VAL G 215 -9.49 -1.07 -2.47
C VAL G 215 -10.19 -0.67 -3.76
N MET G 216 -10.53 0.61 -3.88
CA MET G 216 -11.28 1.09 -5.05
C MET G 216 -12.56 0.30 -5.23
N PHE G 217 -12.52 -0.70 -6.11
CA PHE G 217 -13.69 -1.53 -6.35
C PHE G 217 -14.01 -2.35 -5.10
N GLY G 218 -15.30 -2.46 -4.78
CA GLY G 218 -15.74 -3.22 -3.64
C GLY G 218 -16.01 -2.34 -2.43
N ASN G 219 -16.18 -3.00 -1.30
CA ASN G 219 -16.49 -2.31 -0.05
C ASN G 219 -15.21 -1.90 0.68
N PRO G 220 -14.92 -0.61 0.79
CA PRO G 220 -13.72 -0.21 1.54
C PRO G 220 -13.72 -0.66 2.98
N GLU G 221 -14.88 -0.88 3.58
CA GLU G 221 -14.92 -1.23 5.00
C GLU G 221 -14.04 -2.44 5.29
N THR G 222 -13.27 -2.35 6.36
CA THR G 222 -12.40 -3.43 6.78
C THR G 222 -12.27 -3.40 8.30
N THR G 223 -12.55 -4.53 8.93
CA THR G 223 -12.40 -4.62 10.38
C THR G 223 -10.93 -4.52 10.75
N THR G 224 -10.68 -4.12 12.00
CA THR G 224 -9.31 -3.95 12.46
C THR G 224 -8.83 -5.18 13.20
N GLY G 225 -7.60 -5.13 13.70
CA GLY G 225 -7.05 -6.26 14.43
C GLY G 225 -6.73 -7.46 13.57
N GLY G 226 -6.11 -7.24 12.41
CA GLY G 226 -5.66 -8.33 11.58
C GLY G 226 -6.79 -9.18 11.04
N ASN G 227 -6.47 -9.99 10.04
CA ASN G 227 -7.44 -10.85 9.39
C ASN G 227 -7.28 -12.31 9.79
N ALA G 228 -6.86 -12.59 11.02
CA ALA G 228 -6.87 -13.95 11.53
C ALA G 228 -8.09 -14.25 12.37
N LEU G 229 -8.83 -13.24 12.79
CA LEU G 229 -10.05 -13.47 13.57
C LEU G 229 -11.21 -13.92 12.71
N LYS G 230 -11.22 -13.59 11.41
CA LYS G 230 -12.38 -13.90 10.60
C LYS G 230 -12.37 -15.36 10.15
N PHE G 231 -11.27 -16.08 10.37
CA PHE G 231 -11.26 -17.50 10.04
C PHE G 231 -11.79 -18.34 11.19
N TYR G 232 -11.44 -17.99 12.43
CA TYR G 232 -11.92 -18.73 13.58
C TYR G 232 -13.33 -18.35 13.98
N ALA G 233 -13.75 -17.12 13.73
CA ALA G 233 -15.05 -16.62 14.19
C ALA G 233 -16.14 -17.52 13.63
N SER G 234 -16.89 -18.17 14.53
CA SER G 234 -17.92 -19.09 14.10
C SER G 234 -19.09 -18.36 13.44
N VAL G 235 -19.43 -17.18 13.94
CA VAL G 235 -20.53 -16.38 13.41
C VAL G 235 -20.20 -14.91 13.59
N ARG G 236 -20.14 -14.18 12.48
CA ARG G 236 -19.77 -12.77 12.49
C ARG G 236 -20.97 -11.91 12.12
N LEU G 237 -21.31 -10.98 12.99
CA LEU G 237 -22.43 -10.07 12.77
C LEU G 237 -21.93 -8.75 12.20
N ASP G 238 -22.87 -7.94 11.74
CA ASP G 238 -22.58 -6.63 11.15
C ASP G 238 -23.74 -5.72 11.53
N ILE G 239 -23.59 -5.01 12.63
CA ILE G 239 -24.69 -4.25 13.23
C ILE G 239 -24.52 -2.78 12.89
N ARG G 240 -25.55 -2.18 12.30
CA ARG G 240 -25.52 -0.79 11.92
C ARG G 240 -26.77 -0.10 12.42
N ARG G 241 -26.65 1.21 12.65
CA ARG G 241 -27.73 2.01 13.22
C ARG G 241 -28.33 2.83 12.08
N THR G 242 -29.60 2.59 11.79
CA THR G 242 -30.23 3.16 10.61
C THR G 242 -31.08 4.40 10.91
N GLY G 243 -32.04 4.27 11.82
CA GLY G 243 -33.01 5.30 12.06
C GLY G 243 -32.83 6.00 13.40
N ALA G 244 -33.95 6.48 13.93
CA ALA G 244 -33.99 7.10 15.25
C ALA G 244 -35.45 7.26 15.65
N VAL G 245 -35.83 6.62 16.75
CA VAL G 245 -37.22 6.66 17.20
C VAL G 245 -37.43 7.89 18.07
N LYS G 246 -38.48 8.65 17.76
CA LYS G 246 -38.69 9.94 18.40
C LYS G 246 -40.12 10.07 18.89
N GLU G 247 -40.29 10.76 20.01
CA GLU G 247 -41.60 11.18 20.50
C GLU G 247 -41.95 12.58 20.02
N GLY G 248 -41.88 12.77 18.71
CA GLY G 248 -42.17 14.06 18.12
C GLY G 248 -40.98 14.98 18.07
N ASP G 249 -40.27 15.11 19.19
CA ASP G 249 -39.14 16.03 19.29
C ASP G 249 -37.86 15.42 19.84
N GLU G 250 -37.93 14.47 20.77
CA GLU G 250 -36.74 13.91 21.40
C GLU G 250 -36.54 12.47 20.97
N VAL G 251 -35.27 12.09 20.80
CA VAL G 251 -34.90 10.75 20.39
C VAL G 251 -34.73 9.90 21.63
N VAL G 252 -35.41 8.76 21.67
CA VAL G 252 -35.33 7.84 22.79
C VAL G 252 -34.80 6.47 22.41
N GLY G 253 -34.69 6.17 21.12
CA GLY G 253 -34.15 4.89 20.70
C GLY G 253 -33.80 4.95 19.23
N SER G 254 -32.95 4.02 18.80
CA SER G 254 -32.42 4.04 17.45
C SER G 254 -32.67 2.71 16.77
N GLU G 255 -33.23 2.77 15.56
CA GLU G 255 -33.38 1.56 14.75
C GLU G 255 -32.02 0.95 14.48
N THR G 256 -31.96 -0.39 14.49
CA THR G 256 -30.74 -1.12 14.24
C THR G 256 -31.00 -2.23 13.24
N ARG G 257 -30.00 -2.57 12.44
CA ARG G 257 -30.09 -3.64 11.47
C ARG G 257 -28.88 -4.54 11.61
N VAL G 258 -29.12 -5.78 12.01
CA VAL G 258 -28.05 -6.76 12.22
C VAL G 258 -28.06 -7.73 11.05
N LYS G 259 -26.91 -7.91 10.43
CA LYS G 259 -26.76 -8.78 9.27
C LYS G 259 -25.73 -9.84 9.57
N VAL G 260 -26.11 -11.11 9.46
CA VAL G 260 -25.23 -12.23 9.79
C VAL G 260 -24.36 -12.46 8.56
N VAL G 261 -23.20 -11.81 8.53
CA VAL G 261 -22.37 -11.81 7.33
C VAL G 261 -21.64 -13.14 7.18
N LYS G 262 -21.49 -13.89 8.27
CA LYS G 262 -20.88 -15.22 8.20
C LYS G 262 -21.50 -16.11 9.26
N ASN G 263 -21.43 -17.42 9.04
CA ASN G 263 -22.02 -18.36 9.98
C ASN G 263 -21.59 -19.78 9.60
N LYS G 264 -21.37 -20.61 10.62
CA LYS G 264 -21.08 -22.03 10.41
C LYS G 264 -22.17 -22.96 10.91
N VAL G 265 -23.18 -22.43 11.61
CA VAL G 265 -24.22 -23.28 12.20
C VAL G 265 -25.58 -23.10 11.53
N SER G 266 -25.67 -22.29 10.49
CA SER G 266 -26.91 -22.12 9.74
C SER G 266 -26.67 -21.19 8.56
N PRO G 267 -27.61 -21.10 7.63
CA PRO G 267 -27.39 -20.27 6.44
C PRO G 267 -27.05 -18.84 6.83
N PRO G 268 -26.13 -18.21 6.12
CA PRO G 268 -25.74 -16.84 6.46
C PRO G 268 -26.64 -15.82 5.78
N PHE G 269 -26.37 -14.55 6.06
CA PHE G 269 -27.02 -13.44 5.37
C PHE G 269 -28.50 -13.31 5.75
N ARG G 270 -28.81 -13.56 7.02
CA ARG G 270 -30.18 -13.45 7.54
C ARG G 270 -30.31 -12.12 8.29
N GLN G 271 -30.36 -11.03 7.53
CA GLN G 271 -30.44 -9.71 8.15
C GLN G 271 -31.73 -9.58 8.95
N ALA G 272 -31.62 -9.01 10.15
CA ALA G 272 -32.75 -8.84 11.04
C ALA G 272 -32.70 -7.45 11.67
N GLU G 273 -33.86 -6.80 11.74
CA GLU G 273 -33.96 -5.42 12.21
C GLU G 273 -34.74 -5.36 13.51
N PHE G 274 -34.34 -4.42 14.37
CA PHE G 274 -35.01 -4.24 15.66
C PHE G 274 -34.65 -2.87 16.21
N GLN G 275 -35.23 -2.55 17.36
CA GLN G 275 -35.06 -1.26 17.99
C GLN G 275 -34.29 -1.37 19.30
N ILE G 276 -33.53 -0.32 19.61
CA ILE G 276 -32.75 -0.24 20.84
C ILE G 276 -33.23 1.01 21.58
N LEU G 277 -34.08 0.82 22.58
CA LEU G 277 -34.54 1.93 23.39
C LEU G 277 -33.52 2.20 24.50
N TYR G 278 -33.13 3.48 24.63
CA TYR G 278 -32.13 3.84 25.63
C TYR G 278 -32.63 3.53 27.02
N GLY G 279 -31.78 2.91 27.83
CA GLY G 279 -32.14 2.59 29.19
C GLY G 279 -32.86 1.26 29.32
N LYS G 280 -33.81 0.99 28.42
CA LYS G 280 -34.60 -0.24 28.50
C LYS G 280 -34.03 -1.36 27.65
N GLY G 281 -32.90 -1.17 26.98
CA GLY G 281 -32.29 -2.23 26.22
C GLY G 281 -32.91 -2.44 24.85
N ILE G 282 -33.06 -3.70 24.44
CA ILE G 282 -33.66 -4.00 23.15
C ILE G 282 -35.17 -4.13 23.32
N TYR G 283 -35.90 -3.83 22.25
CA TYR G 283 -37.36 -3.77 22.27
C TYR G 283 -37.92 -5.07 21.74
N ARG G 284 -37.84 -6.12 22.55
CA ARG G 284 -38.33 -7.42 22.12
C ARG G 284 -39.82 -7.41 21.87
N THR G 285 -40.58 -6.65 22.65
CA THR G 285 -42.04 -6.68 22.54
C THR G 285 -42.53 -6.23 21.18
N GLY G 286 -41.96 -5.16 20.62
CA GLY G 286 -42.37 -4.71 19.32
C GLY G 286 -41.94 -5.69 18.24
N GLU G 287 -40.79 -6.31 18.46
CA GLU G 287 -40.32 -7.34 17.54
C GLU G 287 -41.31 -8.51 17.48
N ILE G 288 -41.81 -8.92 18.64
CA ILE G 288 -42.76 -10.03 18.67
C ILE G 288 -44.04 -9.66 17.93
N ILE G 289 -44.50 -8.41 18.10
CA ILE G 289 -45.71 -7.98 17.41
C ILE G 289 -45.49 -7.96 15.91
N ASP G 290 -44.35 -7.45 15.46
CA ASP G 290 -44.07 -7.44 14.02
C ASP G 290 -44.05 -8.85 13.47
N LEU G 291 -43.36 -9.77 14.17
CA LEU G 291 -43.32 -11.15 13.70
C LEU G 291 -44.70 -11.78 13.68
N GLY G 292 -45.52 -11.51 14.70
CA GLY G 292 -46.86 -12.07 14.72
C GLY G 292 -47.71 -11.57 13.56
N VAL G 293 -47.67 -10.26 13.30
CA VAL G 293 -48.45 -9.73 12.18
C VAL G 293 -47.95 -10.30 10.87
N GLN G 294 -46.63 -10.50 10.76
CA GLN G 294 -46.10 -11.12 9.55
C GLN G 294 -46.63 -12.54 9.39
N LEU G 295 -46.66 -13.30 10.49
CA LEU G 295 -47.22 -14.65 10.45
C LEU G 295 -48.74 -14.68 10.53
N GLY G 296 -49.37 -13.58 10.91
CA GLY G 296 -50.81 -13.53 11.00
C GLY G 296 -51.40 -13.93 12.33
N LEU G 297 -50.58 -14.38 13.28
CA LEU G 297 -51.10 -14.68 14.61
C LEU G 297 -51.67 -13.43 15.27
N VAL G 298 -51.17 -12.27 14.88
CA VAL G 298 -51.71 -10.98 15.31
C VAL G 298 -52.31 -10.33 14.07
N GLU G 299 -53.65 -10.20 14.01
CA GLU G 299 -54.30 -9.71 12.77
C GLU G 299 -54.39 -8.17 12.72
N LYS G 300 -53.91 -7.57 11.64
CA LYS G 300 -53.95 -6.08 11.52
C LYS G 300 -54.95 -5.67 10.44
N SER G 301 -55.92 -4.78 10.74
CA SER G 301 -56.84 -4.44 9.64
C SER G 301 -56.29 -3.22 8.90
N GLY G 302 -55.30 -3.47 8.06
CA GLY G 302 -54.65 -2.42 7.29
C GLY G 302 -53.62 -1.65 8.09
N ALA G 303 -54.07 -0.91 9.12
CA ALA G 303 -53.17 -0.20 10.00
C ALA G 303 -53.63 -0.23 11.46
N TRP G 304 -54.35 -1.28 11.87
CA TRP G 304 -54.88 -1.39 13.22
C TRP G 304 -54.59 -2.80 13.74
N TYR G 305 -53.72 -2.89 14.75
CA TYR G 305 -53.38 -4.19 15.30
C TYR G 305 -54.56 -4.79 16.06
N SER G 306 -54.68 -6.11 15.98
CA SER G 306 -55.73 -6.81 16.70
C SER G 306 -55.30 -8.25 16.94
N TYR G 307 -55.85 -8.84 17.99
CA TYR G 307 -55.48 -10.19 18.43
C TYR G 307 -56.73 -11.00 18.69
N GLN G 308 -56.79 -12.20 18.14
CA GLN G 308 -57.97 -13.06 18.26
C GLN G 308 -59.20 -12.37 17.68
N GLY G 309 -58.98 -11.48 16.73
CA GLY G 309 -60.04 -10.63 16.24
C GLY G 309 -60.43 -9.52 17.18
N SER G 310 -59.56 -9.18 18.14
CA SER G 310 -59.82 -8.14 19.12
C SER G 310 -58.90 -6.95 18.88
N LYS G 311 -59.49 -5.76 18.85
CA LYS G 311 -58.71 -4.55 18.63
C LYS G 311 -57.75 -4.35 19.79
N ILE G 312 -56.47 -4.65 19.56
CA ILE G 312 -55.48 -4.61 20.63
C ILE G 312 -54.93 -3.21 20.86
N GLY G 313 -55.16 -2.29 19.94
CA GLY G 313 -54.67 -0.94 20.09
C GLY G 313 -54.57 -0.25 18.75
N GLN G 314 -54.21 1.02 18.80
CA GLN G 314 -54.02 1.85 17.61
C GLN G 314 -52.60 2.41 17.69
N GLY G 315 -51.64 1.68 17.14
CA GLY G 315 -50.24 2.04 17.22
C GLY G 315 -49.44 1.01 18.00
N LYS G 316 -48.18 0.88 17.59
CA LYS G 316 -47.32 -0.16 18.17
C LYS G 316 -47.26 -0.02 19.69
N ALA G 317 -47.25 1.20 20.19
CA ALA G 317 -47.15 1.40 21.64
C ALA G 317 -48.36 0.81 22.35
N ASN G 318 -49.56 0.99 21.80
CA ASN G 318 -50.74 0.43 22.43
C ASN G 318 -50.70 -1.10 22.44
N ALA G 319 -50.26 -1.71 21.35
CA ALA G 319 -50.13 -3.16 21.33
C ALA G 319 -49.09 -3.63 22.35
N ALA G 320 -48.00 -2.87 22.49
CA ALA G 320 -46.98 -3.21 23.47
C ALA G 320 -47.55 -3.12 24.88
N LYS G 321 -48.37 -2.11 25.15
CA LYS G 321 -49.05 -2.04 26.44
C LYS G 321 -49.96 -3.24 26.64
N TYR G 322 -50.71 -3.61 25.59
CA TYR G 322 -51.60 -4.76 25.66
C TYR G 322 -50.85 -6.03 26.01
N LEU G 323 -49.67 -6.23 25.42
CA LEU G 323 -48.88 -7.43 25.67
C LEU G 323 -48.14 -7.38 27.01
N GLU G 324 -47.66 -6.21 27.41
CA GLU G 324 -46.90 -6.10 28.64
C GLU G 324 -47.75 -6.40 29.87
N ASP G 325 -49.01 -5.97 29.86
CA ASP G 325 -49.87 -6.20 31.02
C ASP G 325 -50.06 -7.69 31.28
N ASN G 326 -50.33 -8.48 30.24
CA ASN G 326 -50.52 -9.92 30.35
C ASN G 326 -49.30 -10.62 29.77
N PRO G 327 -48.26 -10.86 30.57
CA PRO G 327 -47.05 -11.48 30.03
C PRO G 327 -47.27 -12.88 29.47
N GLU G 328 -48.30 -13.60 29.92
CA GLU G 328 -48.54 -14.94 29.41
C GLU G 328 -48.83 -14.91 27.91
N ILE G 329 -49.63 -13.93 27.46
CA ILE G 329 -49.93 -13.85 26.04
C ILE G 329 -48.65 -13.65 25.24
N GLY G 330 -47.77 -12.77 25.72
CA GLY G 330 -46.52 -12.55 25.01
C GLY G 330 -45.63 -13.79 25.00
N SER G 331 -45.54 -14.49 26.13
CA SER G 331 -44.73 -15.69 26.19
C SER G 331 -45.23 -16.74 25.21
N VAL G 332 -46.55 -16.98 25.20
CA VAL G 332 -47.09 -17.97 24.28
C VAL G 332 -46.88 -17.53 22.84
N LEU G 333 -47.05 -16.24 22.56
CA LEU G 333 -46.86 -15.76 21.19
C LEU G 333 -45.44 -16.01 20.73
N GLU G 334 -44.46 -15.70 21.57
CA GLU G 334 -43.08 -15.92 21.17
C GLU G 334 -42.78 -17.41 21.05
N LYS G 335 -43.34 -18.23 21.92
CA LYS G 335 -43.13 -19.68 21.80
C LYS G 335 -43.65 -20.20 20.47
N THR G 336 -44.87 -19.80 20.09
CA THR G 336 -45.40 -20.25 18.81
C THR G 336 -44.58 -19.71 17.65
N ILE G 337 -44.16 -18.45 17.72
CA ILE G 337 -43.37 -17.87 16.64
C ILE G 337 -42.07 -18.64 16.46
N ARG G 338 -41.40 -18.96 17.57
CA ARG G 338 -40.18 -19.76 17.47
C ARG G 338 -40.48 -21.14 16.89
N ASP G 339 -41.56 -21.78 17.35
CA ASP G 339 -41.88 -23.10 16.85
C ASP G 339 -42.13 -23.10 15.34
N GLN G 340 -42.69 -22.00 14.82
CA GLN G 340 -43.02 -21.96 13.40
C GLN G 340 -41.90 -21.42 12.54
N LEU G 341 -40.95 -20.67 13.10
CA LEU G 341 -39.90 -20.06 12.30
C LEU G 341 -38.51 -20.59 12.63
N LEU G 342 -38.13 -20.59 13.91
CA LEU G 342 -36.78 -20.97 14.29
C LEU G 342 -36.47 -22.39 13.86
N ALA G 343 -37.41 -23.31 14.04
CA ALA G 343 -37.21 -24.70 13.65
C ALA G 343 -37.77 -24.97 12.25
N GLY H 16 32.32 -56.51 -21.52
CA GLY H 16 31.67 -55.30 -21.98
C GLY H 16 30.21 -55.24 -21.59
N ASP H 17 29.32 -55.31 -22.59
CA ASP H 17 27.89 -55.26 -22.31
C ASP H 17 27.47 -56.39 -21.39
N GLU H 18 27.96 -57.62 -21.66
CA GLU H 18 27.58 -58.74 -20.81
C GLU H 18 28.09 -58.54 -19.39
N ASN H 19 29.32 -58.04 -19.25
CA ASN H 19 29.84 -57.77 -17.91
C ASN H 19 28.98 -56.74 -17.18
N LYS H 20 28.61 -55.66 -17.86
CA LYS H 20 27.78 -54.64 -17.22
C LYS H 20 26.43 -55.21 -16.83
N LYS H 21 25.81 -56.00 -17.72
CA LYS H 21 24.52 -56.58 -17.40
C LYS H 21 24.62 -57.50 -16.18
N ARG H 22 25.66 -58.34 -16.14
CA ARG H 22 25.82 -59.23 -15.00
C ARG H 22 26.02 -58.45 -13.71
N ALA H 23 26.86 -57.41 -13.75
CA ALA H 23 27.10 -56.61 -12.55
C ALA H 23 25.81 -55.94 -12.08
N LEU H 24 25.04 -55.39 -13.01
CA LEU H 24 23.79 -54.73 -12.64
C LEU H 24 22.81 -55.73 -12.05
N ALA H 25 22.70 -56.91 -12.65
CA ALA H 25 21.78 -57.92 -12.11
C ALA H 25 22.20 -58.34 -10.71
N ALA H 26 23.50 -58.53 -10.48
CA ALA H 26 23.95 -58.89 -9.14
C ALA H 26 23.66 -57.77 -8.15
N ALA H 27 23.88 -56.51 -8.55
CA ALA H 27 23.61 -55.40 -7.66
C ALA H 27 22.13 -55.34 -7.30
N LEU H 28 21.25 -55.53 -8.28
CA LEU H 28 19.83 -55.55 -7.98
C LEU H 28 19.47 -56.72 -7.07
N GLY H 29 20.06 -57.87 -7.30
CA GLY H 29 19.82 -59.00 -6.43
C GLY H 29 20.23 -58.75 -4.99
N GLN H 30 21.34 -58.05 -4.78
CA GLN H 30 21.75 -57.72 -3.41
C GLN H 30 20.68 -56.91 -2.70
N ILE H 31 20.18 -55.86 -3.35
CA ILE H 31 19.11 -55.06 -2.74
C ILE H 31 17.87 -55.89 -2.50
N GLU H 32 17.62 -56.89 -3.33
CA GLU H 32 16.45 -57.74 -3.13
C GLU H 32 16.52 -58.43 -1.77
N ARG H 33 17.69 -58.95 -1.41
CA ARG H 33 17.81 -59.63 -0.13
C ARG H 33 18.07 -58.70 1.03
N GLN H 34 18.49 -57.46 0.78
CA GLN H 34 18.77 -56.54 1.88
C GLN H 34 17.62 -55.60 2.21
N PHE H 35 16.66 -55.41 1.30
CA PHE H 35 15.53 -54.53 1.56
C PHE H 35 14.22 -55.09 1.04
N GLY H 36 14.17 -56.39 0.75
CA GLY H 36 12.97 -57.00 0.21
C GLY H 36 12.81 -56.76 -1.27
N LYS H 37 11.85 -55.91 -1.65
CA LYS H 37 11.62 -55.54 -3.04
C LYS H 37 11.58 -54.02 -3.09
N GLY H 38 12.75 -53.39 -3.13
CA GLY H 38 12.83 -51.95 -2.99
C GLY H 38 13.26 -51.23 -4.25
N ALA H 39 13.95 -51.92 -5.15
CA ALA H 39 14.39 -51.34 -6.41
C ALA H 39 13.55 -51.96 -7.53
N VAL H 40 12.60 -51.19 -8.04
CA VAL H 40 11.78 -51.64 -9.17
C VAL H 40 12.69 -51.90 -10.35
N MET H 41 12.75 -53.16 -10.78
CA MET H 41 13.62 -53.51 -11.89
C MET H 41 13.34 -52.64 -13.10
N ARG H 42 12.09 -52.27 -13.30
CA ARG H 42 11.67 -51.48 -14.46
C ARG H 42 10.26 -50.99 -14.19
N MET H 43 9.99 -49.75 -14.55
CA MET H 43 8.63 -49.25 -14.39
C MET H 43 7.66 -50.02 -15.27
N GLY H 44 8.18 -50.77 -16.25
CA GLY H 44 7.33 -51.55 -17.12
C GLY H 44 6.77 -52.83 -16.53
N ASP H 45 7.48 -53.44 -15.57
CA ASP H 45 7.02 -54.72 -15.03
C ASP H 45 5.67 -54.59 -14.35
N HIS H 46 5.48 -53.52 -13.57
CA HIS H 46 4.24 -53.36 -12.82
C HIS H 46 3.07 -53.06 -13.76
N GLU H 47 1.90 -52.88 -13.16
CA GLU H 47 0.73 -52.45 -13.89
C GLU H 47 0.92 -51.04 -14.40
N ARG H 48 0.43 -50.78 -15.62
CA ARG H 48 0.52 -49.46 -16.23
C ARG H 48 -0.79 -48.67 -16.09
N GLN H 49 -1.50 -48.87 -14.97
CA GLN H 49 -2.80 -48.26 -14.78
C GLN H 49 -2.66 -46.89 -14.14
N ALA H 50 -3.51 -45.95 -14.59
CA ALA H 50 -3.46 -44.60 -14.07
C ALA H 50 -3.77 -44.58 -12.58
N ILE H 51 -3.18 -43.63 -11.88
CA ILE H 51 -3.39 -43.55 -10.43
C ILE H 51 -4.85 -43.32 -10.13
N PRO H 52 -5.46 -44.08 -9.23
CA PRO H 52 -6.89 -43.85 -8.92
C PRO H 52 -7.11 -42.47 -8.35
N ALA H 53 -8.28 -41.91 -8.63
CA ALA H 53 -8.64 -40.58 -8.17
C ALA H 53 -9.97 -40.65 -7.42
N ILE H 54 -10.00 -40.05 -6.23
CA ILE H 54 -11.25 -39.92 -5.48
C ILE H 54 -12.04 -38.76 -6.05
N SER H 55 -13.22 -39.05 -6.58
CA SER H 55 -14.01 -38.01 -7.22
C SER H 55 -14.30 -36.89 -6.23
N THR H 56 -14.06 -35.66 -6.65
CA THR H 56 -14.21 -34.51 -5.77
C THR H 56 -15.63 -33.98 -5.72
N GLY H 57 -16.62 -34.75 -6.19
CA GLY H 57 -18.02 -34.29 -6.06
C GLY H 57 -18.37 -33.12 -6.96
N SER H 58 -17.48 -32.75 -7.88
CA SER H 58 -17.74 -31.61 -8.80
C SER H 58 -17.20 -31.97 -10.18
N LEU H 59 -18.09 -32.16 -11.16
CA LEU H 59 -17.66 -32.57 -12.53
C LEU H 59 -16.59 -31.60 -13.03
N GLY H 60 -16.80 -30.29 -12.84
CA GLY H 60 -15.82 -29.28 -13.28
C GLY H 60 -14.44 -29.54 -12.71
N LEU H 61 -14.35 -29.79 -11.39
CA LEU H 61 -13.03 -29.99 -10.74
C LEU H 61 -12.42 -31.30 -11.22
N ASP H 62 -13.21 -32.37 -11.28
CA ASP H 62 -12.73 -33.61 -11.87
C ASP H 62 -12.04 -33.36 -13.20
N ILE H 63 -12.66 -32.57 -14.07
CA ILE H 63 -12.01 -32.24 -15.34
C ILE H 63 -10.76 -31.42 -15.10
N ALA H 64 -10.82 -30.47 -14.17
CA ALA H 64 -9.67 -29.57 -13.96
C ALA H 64 -8.44 -30.34 -13.55
N LEU H 65 -8.57 -31.27 -12.60
CA LEU H 65 -7.42 -32.00 -12.11
C LEU H 65 -6.81 -32.91 -13.16
N GLY H 66 -7.50 -33.15 -14.27
CA GLY H 66 -6.96 -33.96 -15.33
C GLY H 66 -7.31 -35.43 -15.21
N ILE H 67 -7.23 -35.98 -13.99
CA ILE H 67 -7.55 -37.39 -13.78
C ILE H 67 -8.96 -37.59 -13.26
N GLY H 68 -9.72 -36.52 -13.05
CA GLY H 68 -11.06 -36.65 -12.53
C GLY H 68 -11.09 -37.02 -11.06
N GLY H 69 -10.61 -36.12 -10.22
CA GLY H 69 -10.60 -36.32 -8.78
C GLY H 69 -9.23 -36.09 -8.18
N LEU H 70 -9.23 -35.93 -6.87
CA LEU H 70 -7.97 -35.83 -6.15
C LEU H 70 -7.20 -37.13 -6.31
N PRO H 71 -5.90 -37.09 -6.54
CA PRO H 71 -5.13 -38.34 -6.67
C PRO H 71 -5.00 -39.02 -5.32
N LYS H 72 -5.17 -40.34 -5.32
CA LYS H 72 -5.01 -41.11 -4.10
C LYS H 72 -3.53 -41.39 -3.86
N GLY H 73 -3.14 -41.35 -2.60
CA GLY H 73 -1.75 -41.57 -2.24
C GLY H 73 -0.88 -40.35 -2.30
N ARG H 74 -1.45 -39.15 -2.37
CA ARG H 74 -0.67 -37.92 -2.43
C ARG H 74 -1.29 -36.88 -1.53
N ILE H 75 -0.43 -36.10 -0.87
CA ILE H 75 -0.89 -34.99 -0.04
C ILE H 75 -1.52 -33.94 -0.94
N VAL H 76 -2.73 -33.51 -0.61
CA VAL H 76 -3.44 -32.47 -1.34
C VAL H 76 -3.79 -31.36 -0.38
N GLU H 77 -3.45 -30.12 -0.75
CA GLU H 77 -3.62 -28.99 0.15
C GLU H 77 -4.42 -27.90 -0.54
N ILE H 78 -5.51 -27.48 0.10
CA ILE H 78 -6.45 -26.53 -0.47
C ILE H 78 -6.63 -25.38 0.52
N TYR H 79 -6.61 -24.16 0.02
CA TYR H 79 -6.69 -22.97 0.86
C TYR H 79 -7.57 -21.93 0.18
N GLY H 80 -7.89 -20.88 0.92
CA GLY H 80 -8.68 -19.80 0.38
C GLY H 80 -9.22 -18.87 1.45
N PRO H 81 -9.77 -17.74 1.04
CA PRO H 81 -10.25 -16.75 2.00
C PRO H 81 -11.30 -17.34 2.92
N GLU H 82 -11.71 -16.54 3.92
CA GLU H 82 -12.73 -17.01 4.90
C GLU H 82 -14.08 -17.22 4.23
N SER H 83 -14.89 -18.14 4.77
CA SER H 83 -16.24 -18.42 4.22
C SER H 83 -16.18 -18.73 2.72
N SER H 84 -15.08 -19.33 2.25
CA SER H 84 -14.94 -19.64 0.82
C SER H 84 -15.59 -21.00 0.53
N GLY H 85 -15.49 -21.93 1.48
CA GLY H 85 -16.15 -23.20 1.27
C GLY H 85 -15.17 -24.36 1.25
N LYS H 86 -14.07 -24.22 1.99
CA LYS H 86 -13.08 -25.30 2.02
C LYS H 86 -13.64 -26.53 2.72
N THR H 87 -14.22 -26.35 3.90
CA THR H 87 -14.73 -27.49 4.64
C THR H 87 -15.86 -28.18 3.88
N THR H 88 -16.67 -27.42 3.15
CA THR H 88 -17.75 -28.04 2.39
C THR H 88 -17.20 -28.90 1.26
N LEU H 89 -16.15 -28.44 0.58
CA LEU H 89 -15.56 -29.25 -0.46
C LEU H 89 -14.92 -30.51 0.12
N THR H 90 -14.25 -30.38 1.27
CA THR H 90 -13.70 -31.56 1.91
C THR H 90 -14.81 -32.53 2.31
N LEU H 91 -15.95 -32.02 2.79
CA LEU H 91 -17.06 -32.89 3.12
C LEU H 91 -17.59 -33.60 1.87
N SER H 92 -17.67 -32.89 0.76
CA SER H 92 -18.15 -33.52 -0.47
C SER H 92 -17.20 -34.63 -0.91
N VAL H 93 -15.89 -34.39 -0.83
CA VAL H 93 -14.94 -35.43 -1.21
C VAL H 93 -15.03 -36.61 -0.26
N ILE H 94 -15.28 -36.34 1.03
CA ILE H 94 -15.47 -37.45 1.96
C ILE H 94 -16.69 -38.27 1.58
N ALA H 95 -17.77 -37.61 1.20
CA ALA H 95 -18.96 -38.35 0.78
C ALA H 95 -18.67 -39.18 -0.45
N GLU H 96 -17.92 -38.62 -1.41
CA GLU H 96 -17.57 -39.38 -2.61
C GLU H 96 -16.73 -40.60 -2.27
N ALA H 97 -15.77 -40.46 -1.37
CA ALA H 97 -14.96 -41.60 -0.98
C ALA H 97 -15.79 -42.62 -0.20
N GLN H 98 -16.75 -42.15 0.59
CA GLN H 98 -17.60 -43.07 1.34
C GLN H 98 -18.45 -43.94 0.42
N LYS H 99 -19.10 -43.31 -0.56
CA LYS H 99 -20.02 -44.08 -1.39
C LYS H 99 -19.29 -45.19 -2.15
N GLN H 100 -17.97 -45.09 -2.29
CA GLN H 100 -17.18 -46.18 -2.85
C GLN H 100 -16.95 -47.29 -1.83
N GLY H 101 -17.21 -47.03 -0.55
CA GLY H 101 -17.04 -48.05 0.46
C GLY H 101 -15.68 -48.02 1.13
N ALA H 102 -15.19 -46.82 1.43
CA ALA H 102 -13.89 -46.63 2.05
C ALA H 102 -14.04 -45.80 3.31
N THR H 103 -13.51 -46.30 4.43
CA THR H 103 -13.55 -45.55 5.67
C THR H 103 -12.84 -44.22 5.50
N CYS H 104 -13.45 -43.16 6.02
CA CYS H 104 -12.89 -41.83 5.99
C CYS H 104 -12.43 -41.45 7.40
N ALA H 105 -11.93 -40.23 7.54
CA ALA H 105 -11.51 -39.76 8.86
C ALA H 105 -11.25 -38.26 8.79
N PHE H 106 -11.98 -37.49 9.59
CA PHE H 106 -11.86 -36.05 9.64
C PHE H 106 -11.16 -35.65 10.92
N VAL H 107 -10.01 -34.99 10.81
CA VAL H 107 -9.25 -34.52 11.96
C VAL H 107 -9.52 -33.03 12.13
N ASP H 108 -10.31 -32.69 13.14
CA ASP H 108 -10.66 -31.32 13.44
C ASP H 108 -9.44 -30.58 13.95
N ALA H 109 -9.33 -29.30 13.59
CA ALA H 109 -8.26 -28.45 14.07
C ALA H 109 -8.77 -27.23 14.82
N GLU H 110 -9.78 -26.55 14.28
CA GLU H 110 -10.39 -25.42 14.97
C GLU H 110 -11.53 -25.82 15.87
N HIS H 111 -11.80 -27.11 16.00
CA HIS H 111 -12.95 -27.56 16.77
C HIS H 111 -14.24 -26.95 16.26
N ALA H 112 -14.28 -26.68 14.96
CA ALA H 112 -15.47 -26.12 14.31
C ALA H 112 -15.96 -27.13 13.28
N LEU H 113 -17.05 -27.81 13.59
CA LEU H 113 -17.68 -28.72 12.67
C LEU H 113 -19.11 -28.96 13.13
N ASP H 114 -20.03 -29.00 12.19
CA ASP H 114 -21.44 -29.22 12.50
C ASP H 114 -21.85 -30.58 11.97
N PRO H 115 -21.80 -31.64 12.77
CA PRO H 115 -22.13 -32.96 12.23
C PRO H 115 -23.51 -33.03 11.60
N ASP H 116 -24.46 -32.22 12.05
CA ASP H 116 -25.74 -32.15 11.35
C ASP H 116 -25.55 -31.64 9.93
N TYR H 117 -24.73 -30.62 9.75
CA TYR H 117 -24.49 -30.12 8.40
C TYR H 117 -23.79 -31.18 7.55
N ALA H 118 -22.84 -31.90 8.13
CA ALA H 118 -22.22 -32.99 7.39
C ALA H 118 -23.26 -34.02 6.98
N GLY H 119 -24.18 -34.36 7.89
CA GLY H 119 -25.24 -35.29 7.54
C GLY H 119 -26.09 -34.78 6.40
N LYS H 120 -26.36 -33.48 6.37
CA LYS H 120 -27.12 -32.93 5.26
C LYS H 120 -26.33 -32.98 3.96
N LEU H 121 -25.02 -32.80 4.01
CA LEU H 121 -24.21 -32.88 2.80
C LEU H 121 -24.27 -34.26 2.18
N GLY H 122 -24.44 -35.29 3.00
CA GLY H 122 -24.53 -36.65 2.49
C GLY H 122 -23.60 -37.60 3.21
N VAL H 123 -22.54 -37.07 3.82
CA VAL H 123 -21.59 -37.92 4.52
C VAL H 123 -22.33 -38.77 5.54
N ASN H 124 -21.90 -40.02 5.65
CA ASN H 124 -22.53 -40.97 6.57
C ASN H 124 -21.95 -40.73 7.95
N VAL H 125 -22.41 -39.66 8.61
CA VAL H 125 -21.79 -39.24 9.86
C VAL H 125 -21.73 -40.38 10.87
N ASP H 126 -22.58 -41.39 10.70
CA ASP H 126 -22.54 -42.53 11.62
C ASP H 126 -21.24 -43.30 11.53
N ASP H 127 -20.51 -43.21 10.42
CA ASP H 127 -19.25 -43.93 10.24
C ASP H 127 -18.20 -42.92 9.77
N LEU H 128 -17.66 -42.14 10.71
CA LEU H 128 -16.74 -41.07 10.39
C LEU H 128 -15.89 -40.81 11.62
N LEU H 129 -14.58 -40.99 11.47
CA LEU H 129 -13.64 -40.83 12.57
C LEU H 129 -13.31 -39.36 12.71
N VAL H 130 -13.73 -38.76 13.82
CA VAL H 130 -13.55 -37.34 14.08
C VAL H 130 -12.66 -37.17 15.29
N SER H 131 -11.62 -36.34 15.16
CA SER H 131 -10.74 -36.01 16.26
C SER H 131 -10.65 -34.51 16.41
N GLN H 132 -10.53 -34.05 17.64
CA GLN H 132 -10.38 -32.63 17.95
C GLN H 132 -9.18 -32.45 18.87
N PRO H 133 -7.99 -32.71 18.35
CA PRO H 133 -6.80 -32.62 19.20
C PRO H 133 -6.63 -31.23 19.77
N ASP H 134 -6.26 -31.18 21.05
CA ASP H 134 -6.07 -29.89 21.71
C ASP H 134 -4.82 -29.19 21.22
N THR H 135 -3.76 -29.94 20.95
CA THR H 135 -2.48 -29.37 20.55
C THR H 135 -2.16 -29.73 19.12
N GLY H 136 -1.24 -28.96 18.53
CA GLY H 136 -0.85 -29.20 17.16
C GLY H 136 -0.13 -30.52 16.96
N GLU H 137 0.82 -30.84 17.84
CA GLU H 137 1.58 -32.06 17.68
C GLU H 137 0.70 -33.29 17.78
N GLN H 138 -0.30 -33.25 18.67
CA GLN H 138 -1.21 -34.37 18.80
C GLN H 138 -2.00 -34.60 17.51
N ALA H 139 -2.40 -33.54 16.83
CA ALA H 139 -3.14 -33.71 15.58
C ALA H 139 -2.29 -34.42 14.53
N LEU H 140 -1.02 -34.02 14.39
CA LEU H 140 -0.16 -34.69 13.43
C LEU H 140 0.12 -36.13 13.84
N GLU H 141 0.31 -36.38 15.14
CA GLU H 141 0.49 -37.75 15.59
C GLU H 141 -0.70 -38.62 15.23
N ILE H 142 -1.92 -38.12 15.46
CA ILE H 142 -3.10 -38.91 15.13
C ILE H 142 -3.22 -39.11 13.62
N THR H 143 -3.00 -38.05 12.84
CA THR H 143 -3.13 -38.18 11.40
C THR H 143 -2.08 -39.09 10.80
N ASP H 144 -0.93 -39.24 11.44
CA ASP H 144 0.07 -40.21 11.01
C ASP H 144 -0.27 -41.62 11.46
N MET H 145 -0.73 -41.79 12.70
CA MET H 145 -0.94 -43.13 13.21
C MET H 145 -2.22 -43.74 12.64
N LEU H 146 -3.13 -42.91 12.15
CA LEU H 146 -4.24 -43.44 11.37
C LEU H 146 -3.76 -43.94 10.02
N VAL H 147 -2.94 -43.14 9.33
CA VAL H 147 -2.47 -43.55 8.01
C VAL H 147 -1.67 -44.84 8.09
N ARG H 148 -0.89 -45.00 9.16
CA ARG H 148 -0.04 -46.20 9.31
C ARG H 148 -0.89 -47.47 9.48
N SER H 149 -2.20 -47.31 9.74
CA SER H 149 -3.10 -48.48 9.93
C SER H 149 -3.46 -49.14 8.60
N ASN H 150 -3.28 -48.41 7.49
CA ASN H 150 -3.64 -48.94 6.14
C ASN H 150 -5.13 -49.33 6.14
N ALA H 151 -5.97 -48.53 6.80
CA ALA H 151 -7.43 -48.81 6.84
C ALA H 151 -8.17 -47.52 6.46
N VAL H 152 -7.83 -46.39 7.09
CA VAL H 152 -8.43 -45.13 6.67
C VAL H 152 -7.95 -44.79 5.27
N ASP H 153 -8.88 -44.35 4.41
CA ASP H 153 -8.57 -44.03 3.03
C ASP H 153 -8.61 -42.55 2.71
N VAL H 154 -9.21 -41.73 3.57
CA VAL H 154 -9.21 -40.29 3.39
C VAL H 154 -9.05 -39.64 4.75
N ILE H 155 -8.04 -38.79 4.88
CA ILE H 155 -7.78 -38.06 6.11
C ILE H 155 -7.87 -36.58 5.78
N ILE H 156 -8.69 -35.86 6.51
CA ILE H 156 -8.85 -34.42 6.32
C ILE H 156 -8.35 -33.73 7.57
N VAL H 157 -7.45 -32.78 7.41
CA VAL H 157 -7.01 -31.92 8.49
C VAL H 157 -7.78 -30.60 8.39
N ASP H 158 -8.56 -30.29 9.41
CA ASP H 158 -9.51 -29.19 9.28
C ASP H 158 -8.81 -27.87 8.99
N SER H 159 -7.66 -27.64 9.61
CA SER H 159 -6.91 -26.44 9.32
C SER H 159 -5.46 -26.66 9.71
N VAL H 160 -4.57 -25.91 9.06
CA VAL H 160 -3.15 -25.94 9.40
C VAL H 160 -2.76 -24.76 10.26
N ALA H 161 -3.50 -23.66 10.22
CA ALA H 161 -3.22 -22.56 11.14
C ALA H 161 -3.54 -22.92 12.58
N ALA H 162 -4.48 -23.85 12.80
CA ALA H 162 -4.91 -24.20 14.14
C ALA H 162 -3.95 -25.15 14.85
N LEU H 163 -2.93 -25.66 14.17
CA LEU H 163 -1.99 -26.59 14.78
C LEU H 163 -1.05 -25.81 15.69
N VAL H 164 -1.51 -25.52 16.89
CA VAL H 164 -0.68 -24.81 17.87
C VAL H 164 0.32 -25.78 18.47
N PRO H 165 1.62 -25.55 18.34
CA PRO H 165 2.59 -26.48 18.91
C PRO H 165 2.54 -26.46 20.43
N LYS H 166 2.88 -27.61 21.03
CA LYS H 166 2.88 -27.70 22.49
C LYS H 166 3.75 -26.63 23.12
N ALA H 167 4.93 -26.39 22.54
CA ALA H 167 5.84 -25.41 23.11
C ALA H 167 5.24 -24.02 23.14
N GLU H 168 4.20 -23.79 22.33
CA GLU H 168 3.54 -22.49 22.30
C GLU H 168 2.29 -22.47 23.15
N ILE H 169 1.58 -23.60 23.26
CA ILE H 169 0.41 -23.65 24.11
C ILE H 169 0.82 -23.59 25.58
N GLU H 170 1.94 -24.24 25.94
CA GLU H 170 2.40 -24.20 27.32
C GLU H 170 2.85 -22.81 27.71
N GLY H 171 3.54 -22.11 26.81
CA GLY H 171 4.12 -20.83 27.16
C GLY H 171 3.08 -19.75 27.36
N GLU H 172 3.57 -18.56 27.71
CA GLU H 172 2.69 -17.43 27.93
C GLU H 172 2.42 -16.70 26.63
N MET H 173 1.31 -15.96 26.61
CA MET H 173 0.88 -15.27 25.41
C MET H 173 1.81 -14.14 25.06
N GLY H 174 2.04 -13.94 23.77
CA GLY H 174 2.90 -12.89 23.29
C GLY H 174 4.37 -13.24 23.24
N ASP H 175 4.74 -14.47 23.55
CA ASP H 175 6.14 -14.87 23.48
C ASP H 175 6.59 -14.99 22.03
N ALA H 176 7.91 -14.92 21.84
CA ALA H 176 8.49 -14.99 20.50
C ALA H 176 8.93 -16.42 20.24
N HIS H 177 8.16 -17.13 19.42
CA HIS H 177 8.48 -18.48 18.96
C HIS H 177 8.41 -18.54 17.44
N VAL H 178 8.99 -17.53 16.78
CA VAL H 178 8.85 -17.41 15.34
C VAL H 178 9.35 -18.68 14.67
N GLY H 179 8.58 -19.19 13.71
CA GLY H 179 9.00 -20.28 12.88
C GLY H 179 8.92 -21.65 13.51
N LEU H 180 8.39 -21.77 14.73
CA LEU H 180 8.31 -23.08 15.36
C LEU H 180 7.23 -23.93 14.70
N GLN H 181 6.08 -23.34 14.41
CA GLN H 181 5.02 -24.09 13.74
C GLN H 181 5.49 -24.56 12.37
N ALA H 182 6.24 -23.73 11.65
CA ALA H 182 6.74 -24.15 10.34
C ALA H 182 7.67 -25.34 10.48
N ARG H 183 8.54 -25.33 11.49
CA ARG H 183 9.42 -26.47 11.70
C ARG H 183 8.63 -27.72 12.02
N LEU H 184 7.60 -27.59 12.86
CA LEU H 184 6.75 -28.74 13.15
C LEU H 184 6.12 -29.28 11.88
N MET H 185 5.62 -28.39 11.02
CA MET H 185 4.99 -28.84 9.77
C MET H 185 5.98 -29.56 8.87
N SER H 186 7.17 -29.00 8.71
CA SER H 186 8.14 -29.66 7.84
C SER H 186 8.52 -31.03 8.39
N GLN H 187 8.74 -31.13 9.69
CA GLN H 187 9.07 -32.42 10.28
C GLN H 187 7.92 -33.41 10.11
N ALA H 188 6.68 -32.98 10.35
CA ALA H 188 5.56 -33.87 10.21
C ALA H 188 5.44 -34.38 8.80
N LEU H 189 5.57 -33.50 7.80
CA LEU H 189 5.50 -33.93 6.42
C LEU H 189 6.62 -34.91 6.09
N ARG H 190 7.84 -34.62 6.53
CA ARG H 190 8.94 -35.54 6.25
C ARG H 190 8.65 -36.91 6.81
N LYS H 191 8.11 -36.99 8.03
CA LYS H 191 7.81 -38.28 8.63
C LYS H 191 6.58 -38.96 8.04
N ILE H 192 5.66 -38.21 7.46
CA ILE H 192 4.39 -38.79 7.04
C ILE H 192 4.36 -39.17 5.56
N THR H 193 5.04 -38.40 4.69
CA THR H 193 4.87 -38.62 3.25
C THR H 193 5.23 -40.04 2.85
N GLY H 194 6.14 -40.68 3.57
CA GLY H 194 6.52 -42.02 3.21
C GLY H 194 5.47 -43.08 3.46
N ASN H 195 4.52 -42.81 4.34
CA ASN H 195 3.45 -43.76 4.64
C ASN H 195 2.26 -43.62 3.72
N ILE H 196 1.96 -42.41 3.26
CA ILE H 196 0.79 -42.21 2.41
C ILE H 196 0.88 -43.10 1.18
N LYS H 197 1.99 -43.05 0.46
CA LYS H 197 2.11 -43.80 -0.78
C LYS H 197 2.01 -45.29 -0.52
N ASN H 198 2.57 -45.76 0.59
CA ASN H 198 2.51 -47.18 0.92
C ASN H 198 1.09 -47.60 1.28
N ALA H 199 0.32 -46.72 1.89
CA ALA H 199 -1.04 -47.04 2.31
C ALA H 199 -2.09 -46.58 1.31
N ASN H 200 -1.68 -45.89 0.24
CA ASN H 200 -2.62 -45.42 -0.78
C ASN H 200 -3.74 -44.59 -0.15
N CYS H 201 -3.41 -43.86 0.90
CA CYS H 201 -4.36 -43.00 1.58
C CYS H 201 -4.47 -41.68 0.82
N LEU H 202 -5.13 -40.68 1.41
CA LEU H 202 -5.27 -39.38 0.79
C LEU H 202 -5.42 -38.34 1.89
N VAL H 203 -4.40 -37.53 2.11
CA VAL H 203 -4.39 -36.54 3.19
C VAL H 203 -4.62 -35.17 2.59
N ILE H 204 -5.62 -34.46 3.10
CA ILE H 204 -5.98 -33.14 2.60
C ILE H 204 -5.78 -32.14 3.72
N PHE H 205 -4.96 -31.12 3.47
CA PHE H 205 -4.77 -30.04 4.42
C PHE H 205 -5.62 -28.85 4.01
N ILE H 206 -5.97 -28.03 5.00
CA ILE H 206 -6.81 -26.85 4.79
C ILE H 206 -6.06 -25.67 5.40
N ASN H 207 -5.33 -24.94 4.57
CA ASN H 207 -4.61 -23.76 5.03
C ASN H 207 -5.53 -22.56 5.07
N GLN H 208 -4.98 -21.44 5.47
CA GLN H 208 -5.67 -20.16 5.46
C GLN H 208 -4.80 -19.10 4.78
N ILE H 209 -5.35 -17.91 4.64
CA ILE H 209 -4.65 -16.82 3.96
C ILE H 209 -4.23 -15.78 5.00
N ARG H 210 -2.96 -15.39 4.96
CA ARG H 210 -2.41 -14.37 5.85
C ARG H 210 -1.46 -13.53 4.99
N MET H 211 -1.95 -12.38 4.53
CA MET H 211 -1.15 -11.57 3.62
C MET H 211 0.14 -11.15 4.30
N LYS H 212 1.24 -11.23 3.56
CA LYS H 212 2.55 -10.85 4.08
C LYS H 212 2.76 -9.34 3.92
N ILE H 213 3.81 -8.86 4.55
CA ILE H 213 4.16 -7.44 4.51
C ILE H 213 5.53 -7.29 3.86
N GLY H 214 5.77 -6.09 3.32
CA GLY H 214 7.05 -5.80 2.69
C GLY H 214 7.20 -6.36 1.30
N VAL H 215 6.11 -6.79 0.66
CA VAL H 215 6.14 -7.29 -0.72
C VAL H 215 5.20 -6.40 -1.52
N MET H 216 5.74 -5.35 -2.13
CA MET H 216 4.93 -4.42 -2.90
C MET H 216 4.60 -4.94 -4.29
N PHE H 217 5.38 -5.87 -4.83
CA PHE H 217 5.16 -6.40 -6.16
C PHE H 217 4.64 -7.82 -6.06
N GLY H 218 3.55 -8.10 -6.76
CA GLY H 218 2.99 -9.44 -6.80
C GLY H 218 1.73 -9.62 -5.98
N ASN H 219 1.54 -10.82 -5.44
CA ASN H 219 0.38 -11.11 -4.62
C ASN H 219 0.80 -11.18 -3.16
N PRO H 220 0.41 -10.22 -2.32
CA PRO H 220 0.77 -10.30 -0.90
C PRO H 220 0.19 -11.51 -0.20
N GLU H 221 -0.92 -12.05 -0.69
CA GLU H 221 -1.54 -13.18 -0.02
C GLU H 221 -0.57 -14.36 0.05
N THR H 222 -0.59 -15.05 1.18
CA THR H 222 0.34 -16.15 1.40
C THR H 222 -0.26 -17.12 2.40
N THR H 223 -0.29 -18.39 2.03
CA THR H 223 -0.78 -19.41 2.93
C THR H 223 -0.01 -19.37 4.24
N THR H 224 -0.51 -20.09 5.23
CA THR H 224 0.11 -20.15 6.54
C THR H 224 0.78 -21.51 6.74
N GLY H 225 1.28 -21.71 7.96
CA GLY H 225 1.93 -22.98 8.27
C GLY H 225 3.20 -23.23 7.50
N GLY H 226 4.03 -22.22 7.36
CA GLY H 226 5.32 -22.39 6.70
C GLY H 226 5.18 -22.77 5.25
N ASN H 227 6.33 -22.81 4.58
CA ASN H 227 6.39 -23.15 3.16
C ASN H 227 7.03 -24.51 2.92
N ALA H 228 6.98 -25.40 3.89
CA ALA H 228 7.41 -26.77 3.68
C ALA H 228 6.30 -27.64 3.13
N LEU H 229 5.04 -27.24 3.30
CA LEU H 229 3.93 -28.02 2.79
C LEU H 229 3.74 -27.85 1.30
N LYS H 230 4.14 -26.72 0.73
CA LYS H 230 3.87 -26.47 -0.68
C LYS H 230 4.77 -27.31 -1.58
N PHE H 231 5.86 -27.84 -1.04
CA PHE H 231 6.70 -28.74 -1.83
C PHE H 231 6.11 -30.14 -1.89
N TYR H 232 5.67 -30.67 -0.75
CA TYR H 232 5.11 -32.01 -0.73
C TYR H 232 3.70 -32.08 -1.31
N ALA H 233 2.99 -30.95 -1.33
CA ALA H 233 1.60 -30.93 -1.78
C ALA H 233 1.54 -31.39 -3.23
N SER H 234 0.91 -32.53 -3.46
CA SER H 234 0.81 -33.06 -4.81
C SER H 234 -0.04 -32.17 -5.71
N VAL H 235 -1.12 -31.61 -5.17
CA VAL H 235 -2.03 -30.75 -5.91
C VAL H 235 -2.66 -29.75 -4.95
N ARG H 236 -2.46 -28.47 -5.22
CA ARG H 236 -2.91 -27.40 -4.33
C ARG H 236 -4.00 -26.58 -5.00
N LEU H 237 -5.20 -26.64 -4.45
CA LEU H 237 -6.34 -25.89 -4.96
C LEU H 237 -6.37 -24.51 -4.32
N ASP H 238 -7.34 -23.70 -4.75
CA ASP H 238 -7.49 -22.35 -4.25
C ASP H 238 -8.95 -21.95 -4.39
N ILE H 239 -9.74 -22.22 -3.37
CA ILE H 239 -11.18 -21.98 -3.42
C ILE H 239 -11.45 -20.53 -3.07
N ARG H 240 -12.28 -19.87 -3.86
CA ARG H 240 -12.71 -18.51 -3.59
C ARG H 240 -14.18 -18.37 -3.94
N ARG H 241 -14.92 -17.69 -3.08
CA ARG H 241 -16.37 -17.55 -3.22
C ARG H 241 -16.66 -16.20 -3.85
N THR H 242 -16.85 -16.19 -5.16
CA THR H 242 -16.95 -14.93 -5.89
C THR H 242 -18.34 -14.31 -5.77
N GLY H 243 -19.37 -15.01 -6.22
CA GLY H 243 -20.70 -14.49 -6.29
C GLY H 243 -21.60 -14.98 -5.16
N ALA H 244 -22.90 -14.82 -5.38
CA ALA H 244 -23.92 -15.32 -4.46
C ALA H 244 -25.15 -15.63 -5.28
N VAL H 245 -25.82 -16.73 -4.94
CA VAL H 245 -26.99 -17.20 -5.68
C VAL H 245 -28.22 -16.98 -4.81
N LYS H 246 -29.21 -16.29 -5.36
CA LYS H 246 -30.37 -15.85 -4.61
C LYS H 246 -31.66 -16.31 -5.29
N GLU H 247 -32.59 -16.80 -4.49
CA GLU H 247 -33.93 -17.16 -4.96
C GLU H 247 -34.89 -16.00 -4.70
N GLY H 248 -34.79 -15.00 -5.57
CA GLY H 248 -35.60 -13.81 -5.43
C GLY H 248 -34.93 -12.76 -4.57
N ASP H 249 -34.87 -13.01 -3.28
CA ASP H 249 -34.23 -12.07 -2.35
C ASP H 249 -33.26 -12.74 -1.40
N GLU H 250 -33.55 -13.96 -0.97
CA GLU H 250 -32.73 -14.65 0.03
C GLU H 250 -31.63 -15.47 -0.64
N VAL H 251 -30.48 -15.54 0.01
CA VAL H 251 -29.34 -16.28 -0.50
C VAL H 251 -29.48 -17.74 -0.10
N VAL H 252 -29.34 -18.64 -1.05
CA VAL H 252 -29.49 -20.07 -0.80
C VAL H 252 -28.19 -20.80 -1.12
N GLY H 253 -27.27 -20.12 -1.80
CA GLY H 253 -25.98 -20.72 -2.10
C GLY H 253 -24.94 -19.70 -2.51
N SER H 254 -23.72 -20.15 -2.78
CA SER H 254 -22.63 -19.25 -3.13
C SER H 254 -21.92 -19.76 -4.38
N GLU H 255 -21.26 -18.84 -5.08
CA GLU H 255 -20.58 -19.12 -6.33
C GLU H 255 -19.09 -19.26 -6.06
N THR H 256 -18.56 -20.47 -6.15
CA THR H 256 -17.15 -20.71 -5.93
C THR H 256 -16.37 -20.66 -7.24
N ARG H 257 -15.05 -20.71 -7.13
CA ARG H 257 -14.17 -20.69 -8.29
C ARG H 257 -12.85 -21.33 -7.89
N VAL H 258 -12.70 -22.63 -8.12
CA VAL H 258 -11.54 -23.39 -7.70
C VAL H 258 -10.49 -23.31 -8.80
N LYS H 259 -9.26 -22.98 -8.40
CA LYS H 259 -8.15 -22.85 -9.35
C LYS H 259 -7.00 -23.74 -8.92
N VAL H 260 -6.72 -24.76 -9.73
CA VAL H 260 -5.65 -25.71 -9.44
C VAL H 260 -4.33 -24.97 -9.65
N VAL H 261 -3.74 -24.48 -8.56
CA VAL H 261 -2.56 -23.63 -8.68
C VAL H 261 -1.27 -24.43 -8.62
N LYS H 262 -1.38 -25.77 -8.50
CA LYS H 262 -0.19 -26.66 -8.45
C LYS H 262 -0.66 -28.08 -8.76
N ASN H 263 0.08 -28.85 -9.58
CA ASN H 263 -0.41 -30.19 -9.98
C ASN H 263 0.70 -31.11 -10.47
N LYS H 264 0.83 -32.30 -9.88
CA LYS H 264 1.79 -33.29 -10.34
C LYS H 264 1.14 -34.42 -11.11
N VAL H 265 -0.08 -34.25 -11.61
CA VAL H 265 -0.77 -35.27 -12.37
C VAL H 265 -1.41 -34.74 -13.65
N SER H 266 -1.32 -33.44 -13.91
CA SER H 266 -1.80 -32.83 -15.13
C SER H 266 -1.43 -31.35 -15.11
N PRO H 267 -1.46 -30.66 -16.24
CA PRO H 267 -1.04 -29.26 -16.25
C PRO H 267 -1.85 -28.44 -15.26
N PRO H 268 -1.23 -27.47 -14.61
CA PRO H 268 -1.92 -26.69 -13.58
C PRO H 268 -2.76 -25.58 -14.19
N PHE H 269 -3.35 -24.77 -13.32
CA PHE H 269 -4.12 -23.58 -13.68
C PHE H 269 -5.34 -23.90 -14.53
N ARG H 270 -6.00 -25.03 -14.27
CA ARG H 270 -7.24 -25.38 -14.96
C ARG H 270 -8.45 -25.04 -14.09
N GLN H 271 -8.63 -23.76 -13.84
CA GLN H 271 -9.67 -23.32 -12.92
C GLN H 271 -11.05 -23.76 -13.38
N ALA H 272 -11.87 -24.19 -12.42
CA ALA H 272 -13.24 -24.62 -12.68
C ALA H 272 -14.18 -23.90 -11.72
N GLU H 273 -15.36 -23.57 -12.22
CA GLU H 273 -16.36 -22.85 -11.44
C GLU H 273 -17.57 -23.73 -11.21
N PHE H 274 -18.14 -23.63 -10.01
CA PHE H 274 -19.31 -24.42 -9.66
C PHE H 274 -20.08 -23.72 -8.56
N GLN H 275 -21.39 -23.96 -8.54
CA GLN H 275 -22.28 -23.34 -7.58
C GLN H 275 -22.53 -24.30 -6.42
N ILE H 276 -22.46 -23.78 -5.19
CA ILE H 276 -22.65 -24.57 -3.99
C ILE H 276 -23.92 -24.10 -3.29
N LEU H 277 -24.80 -25.05 -2.96
CA LEU H 277 -26.07 -24.76 -2.33
C LEU H 277 -26.02 -25.20 -0.87
N TYR H 278 -26.42 -24.31 0.03
CA TYR H 278 -26.40 -24.65 1.45
C TYR H 278 -27.30 -25.84 1.72
N GLY H 279 -26.80 -26.80 2.47
CA GLY H 279 -27.56 -27.99 2.77
C GLY H 279 -27.54 -29.08 1.71
N LYS H 280 -27.65 -28.69 0.44
CA LYS H 280 -27.66 -29.66 -0.64
C LYS H 280 -26.26 -29.99 -1.16
N GLY H 281 -25.23 -29.34 -0.67
CA GLY H 281 -23.90 -29.66 -1.16
C GLY H 281 -23.59 -28.95 -2.47
N ILE H 282 -22.64 -29.51 -3.22
CA ILE H 282 -22.23 -28.91 -4.48
C ILE H 282 -23.28 -29.20 -5.55
N TYR H 283 -23.58 -28.18 -6.36
CA TYR H 283 -24.63 -28.27 -7.37
C TYR H 283 -24.04 -28.91 -8.62
N ARG H 284 -24.01 -30.24 -8.62
CA ARG H 284 -23.47 -30.96 -9.77
C ARG H 284 -24.40 -30.91 -10.97
N THR H 285 -25.71 -30.98 -10.74
CA THR H 285 -26.66 -31.00 -11.84
C THR H 285 -26.59 -29.75 -12.70
N GLY H 286 -26.19 -28.62 -12.13
CA GLY H 286 -25.99 -27.43 -12.91
C GLY H 286 -24.76 -27.51 -13.77
N GLU H 287 -23.68 -28.08 -13.20
CA GLU H 287 -22.45 -28.25 -13.95
C GLU H 287 -22.65 -29.19 -15.13
N ILE H 288 -23.38 -30.28 -14.91
CA ILE H 288 -23.57 -31.27 -15.97
C ILE H 288 -24.28 -30.68 -17.18
N ILE H 289 -25.14 -29.68 -16.97
CA ILE H 289 -25.81 -29.02 -18.08
C ILE H 289 -24.95 -27.90 -18.66
N ASP H 290 -24.25 -27.15 -17.80
CA ASP H 290 -23.40 -26.08 -18.31
C ASP H 290 -22.34 -26.65 -19.24
N LEU H 291 -21.69 -27.73 -18.84
CA LEU H 291 -20.72 -28.37 -19.72
C LEU H 291 -21.39 -28.95 -20.96
N GLY H 292 -22.50 -29.68 -20.77
CA GLY H 292 -23.15 -30.31 -21.90
C GLY H 292 -23.58 -29.36 -22.99
N VAL H 293 -24.20 -28.25 -22.65
CA VAL H 293 -24.68 -27.32 -23.67
C VAL H 293 -23.52 -26.75 -24.47
N GLN H 294 -22.40 -26.43 -23.83
CA GLN H 294 -21.30 -25.79 -24.54
C GLN H 294 -20.42 -26.80 -25.26
N LEU H 295 -20.58 -28.10 -25.00
CA LEU H 295 -19.90 -29.13 -25.79
C LEU H 295 -20.69 -29.55 -27.01
N GLY H 296 -22.01 -29.72 -26.88
CA GLY H 296 -22.81 -30.13 -28.01
C GLY H 296 -23.88 -31.12 -27.64
N LEU H 297 -23.73 -31.77 -26.49
CA LEU H 297 -24.74 -32.72 -26.04
C LEU H 297 -26.08 -32.04 -25.79
N VAL H 298 -26.05 -30.82 -25.26
CA VAL H 298 -27.25 -30.05 -24.96
C VAL H 298 -27.28 -28.82 -25.85
N GLU H 299 -28.40 -28.61 -26.53
CA GLU H 299 -28.57 -27.46 -27.41
C GLU H 299 -29.64 -26.54 -26.85
N LYS H 300 -29.33 -25.25 -26.79
CA LYS H 300 -30.21 -24.24 -26.21
C LYS H 300 -30.69 -23.31 -27.32
N SER H 301 -31.99 -23.01 -27.31
CA SER H 301 -32.60 -22.14 -28.31
C SER H 301 -32.49 -20.68 -27.84
N GLY H 302 -31.29 -20.13 -28.00
CA GLY H 302 -31.02 -18.76 -27.61
C GLY H 302 -30.89 -18.61 -26.11
N ALA H 303 -32.00 -18.80 -25.40
CA ALA H 303 -32.00 -18.81 -23.95
C ALA H 303 -32.85 -19.94 -23.39
N TRP H 304 -33.20 -20.92 -24.22
CA TRP H 304 -34.06 -22.04 -23.82
C TRP H 304 -33.27 -23.33 -24.03
N TYR H 305 -33.17 -24.14 -22.99
CA TYR H 305 -32.41 -25.39 -23.09
C TYR H 305 -33.23 -26.47 -23.78
N SER H 306 -32.54 -27.21 -24.65
CA SER H 306 -33.18 -28.30 -25.38
C SER H 306 -32.20 -29.46 -25.47
N TYR H 307 -32.74 -30.66 -25.69
CA TYR H 307 -31.91 -31.87 -25.77
C TYR H 307 -32.63 -32.90 -26.63
N GLN H 308 -31.94 -33.39 -27.66
CA GLN H 308 -32.50 -34.40 -28.56
C GLN H 308 -33.80 -33.89 -29.19
N GLY H 309 -33.87 -32.60 -29.47
CA GLY H 309 -35.08 -32.02 -30.02
C GLY H 309 -36.22 -31.89 -29.05
N SER H 310 -35.94 -31.84 -27.76
CA SER H 310 -36.97 -31.72 -26.74
C SER H 310 -36.73 -30.46 -25.92
N LYS H 311 -37.80 -29.74 -25.61
CA LYS H 311 -37.72 -28.60 -24.72
C LYS H 311 -37.57 -29.11 -23.29
N ILE H 312 -36.32 -29.28 -22.86
CA ILE H 312 -36.05 -29.86 -21.56
C ILE H 312 -36.63 -28.99 -20.44
N GLY H 313 -36.50 -27.67 -20.58
CA GLY H 313 -37.04 -26.77 -19.58
C GLY H 313 -36.75 -25.34 -19.95
N GLN H 314 -37.16 -24.45 -19.06
CA GLN H 314 -37.00 -23.00 -19.23
C GLN H 314 -36.03 -22.51 -18.17
N GLY H 315 -34.74 -22.52 -18.50
CA GLY H 315 -33.71 -22.03 -17.61
C GLY H 315 -33.03 -23.15 -16.84
N LYS H 316 -32.06 -22.74 -16.03
CA LYS H 316 -31.26 -23.70 -15.29
C LYS H 316 -32.13 -24.59 -14.40
N ALA H 317 -33.02 -23.99 -13.62
CA ALA H 317 -33.78 -24.76 -12.64
C ALA H 317 -34.67 -25.80 -13.31
N ASN H 318 -35.36 -25.42 -14.37
CA ASN H 318 -36.23 -26.37 -15.05
C ASN H 318 -35.43 -27.51 -15.68
N ALA H 319 -34.28 -27.21 -16.28
CA ALA H 319 -33.45 -28.27 -16.84
C ALA H 319 -32.94 -29.19 -15.74
N ALA H 320 -32.55 -28.62 -14.60
CA ALA H 320 -32.11 -29.44 -13.47
C ALA H 320 -33.23 -30.35 -12.99
N LYS H 321 -34.46 -29.85 -12.96
CA LYS H 321 -35.59 -30.73 -12.65
C LYS H 321 -35.71 -31.83 -13.68
N TYR H 322 -35.69 -31.46 -14.97
CA TYR H 322 -35.82 -32.45 -16.03
C TYR H 322 -34.79 -33.55 -15.89
N LEU H 323 -33.60 -33.20 -15.40
CA LEU H 323 -32.53 -34.18 -15.25
C LEU H 323 -32.64 -34.96 -13.94
N GLU H 324 -33.08 -34.31 -12.86
CA GLU H 324 -33.25 -35.00 -11.59
C GLU H 324 -34.30 -36.09 -11.70
N ASP H 325 -35.42 -35.79 -12.36
CA ASP H 325 -36.48 -36.79 -12.47
C ASP H 325 -35.95 -38.09 -13.07
N ASN H 326 -35.05 -37.99 -14.04
CA ASN H 326 -34.49 -39.16 -14.71
C ASN H 326 -33.01 -39.27 -14.39
N PRO H 327 -32.62 -39.95 -13.32
CA PRO H 327 -31.20 -40.06 -12.99
C PRO H 327 -30.38 -40.75 -14.08
N GLU H 328 -30.98 -41.67 -14.84
CA GLU H 328 -30.24 -42.36 -15.88
C GLU H 328 -29.74 -41.39 -16.94
N ILE H 329 -30.59 -40.44 -17.33
CA ILE H 329 -30.17 -39.46 -18.33
C ILE H 329 -28.97 -38.68 -17.84
N GLY H 330 -29.01 -38.24 -16.59
CA GLY H 330 -27.88 -37.51 -16.03
C GLY H 330 -26.62 -38.36 -15.98
N SER H 331 -26.75 -39.62 -15.57
CA SER H 331 -25.59 -40.49 -15.51
C SER H 331 -24.96 -40.66 -16.89
N VAL H 332 -25.78 -40.92 -17.90
CA VAL H 332 -25.23 -41.11 -19.25
C VAL H 332 -24.59 -39.82 -19.75
N LEU H 333 -25.24 -38.69 -19.48
CA LEU H 333 -24.69 -37.41 -19.94
C LEU H 333 -23.34 -37.13 -19.28
N GLU H 334 -23.24 -37.37 -17.98
CA GLU H 334 -21.96 -37.16 -17.31
C GLU H 334 -20.91 -38.14 -17.79
N LYS H 335 -21.28 -39.40 -18.03
CA LYS H 335 -20.33 -40.37 -18.54
C LYS H 335 -19.78 -39.94 -19.89
N THR H 336 -20.65 -39.50 -20.79
CA THR H 336 -20.18 -39.05 -22.10
C THR H 336 -19.33 -37.80 -21.99
N ILE H 337 -19.72 -36.85 -21.12
CA ILE H 337 -18.91 -35.65 -20.94
C ILE H 337 -17.51 -36.01 -20.46
N ARG H 338 -17.42 -36.91 -19.48
CA ARG H 338 -16.10 -37.33 -19.03
C ARG H 338 -15.33 -38.06 -20.13
N ASP H 339 -15.99 -38.98 -20.84
CA ASP H 339 -15.30 -39.71 -21.90
C ASP H 339 -14.74 -38.80 -22.99
N GLN H 340 -15.41 -37.69 -23.31
CA GLN H 340 -14.89 -36.82 -24.34
C GLN H 340 -14.21 -35.55 -23.83
N LEU H 341 -14.07 -35.38 -22.52
CA LEU H 341 -13.42 -34.17 -22.03
C LEU H 341 -12.26 -34.46 -21.08
N LEU H 342 -12.37 -35.52 -20.29
CA LEU H 342 -11.41 -35.77 -19.22
C LEU H 342 -10.10 -36.33 -19.77
N ALA H 343 -10.14 -37.54 -20.31
CA ALA H 343 -8.95 -38.18 -20.85
C ALA H 343 -8.51 -37.49 -22.15
N GLY I 16 73.32 -34.16 -6.68
CA GLY I 16 72.15 -33.80 -5.90
C GLY I 16 70.85 -34.18 -6.58
N ASP I 17 70.65 -33.66 -7.80
CA ASP I 17 69.43 -33.96 -8.53
C ASP I 17 69.29 -35.45 -8.80
N GLU I 18 70.39 -36.12 -9.14
CA GLU I 18 70.30 -37.55 -9.44
C GLU I 18 69.80 -38.32 -8.21
N ASN I 19 70.31 -37.98 -7.04
CA ASN I 19 69.86 -38.65 -5.82
C ASN I 19 68.38 -38.40 -5.57
N LYS I 20 67.92 -37.18 -5.80
CA LYS I 20 66.51 -36.88 -5.63
C LYS I 20 65.65 -37.68 -6.60
N LYS I 21 66.07 -37.77 -7.85
CA LYS I 21 65.31 -38.56 -8.83
C LYS I 21 65.27 -40.02 -8.41
N ARG I 22 66.40 -40.57 -7.96
CA ARG I 22 66.42 -41.96 -7.52
C ARG I 22 65.47 -42.18 -6.35
N ALA I 23 65.52 -41.29 -5.35
CA ALA I 23 64.65 -41.45 -4.19
C ALA I 23 63.19 -41.34 -4.57
N LEU I 24 62.84 -40.38 -5.43
CA LEU I 24 61.45 -40.25 -5.86
C LEU I 24 61.00 -41.48 -6.62
N ALA I 25 61.85 -42.01 -7.50
CA ALA I 25 61.49 -43.22 -8.22
C ALA I 25 61.27 -44.38 -7.27
N ALA I 26 62.14 -44.52 -6.26
CA ALA I 26 61.97 -45.60 -5.30
C ALA I 26 60.67 -45.46 -4.53
N ALA I 27 60.35 -44.24 -4.08
CA ALA I 27 59.12 -44.04 -3.33
C ALA I 27 57.91 -44.35 -4.19
N LEU I 28 57.90 -43.88 -5.44
CA LEU I 28 56.78 -44.17 -6.33
C LEU I 28 56.65 -45.65 -6.59
N GLY I 29 57.77 -46.34 -6.80
CA GLY I 29 57.70 -47.78 -7.01
C GLY I 29 57.14 -48.50 -5.81
N GLN I 30 57.54 -48.09 -4.60
CA GLN I 30 56.99 -48.70 -3.40
C GLN I 30 55.49 -48.45 -3.29
N ILE I 31 55.05 -47.22 -3.57
CA ILE I 31 53.62 -46.92 -3.52
C ILE I 31 52.88 -47.80 -4.50
N GLU I 32 53.39 -47.93 -5.73
CA GLU I 32 52.75 -48.79 -6.71
C GLU I 32 52.68 -50.23 -6.24
N ARG I 33 53.78 -50.76 -5.69
CA ARG I 33 53.77 -52.15 -5.23
C ARG I 33 52.78 -52.36 -4.09
N GLN I 34 52.51 -51.32 -3.30
CA GLN I 34 51.62 -51.51 -2.15
C GLN I 34 50.17 -51.17 -2.49
N PHE I 35 49.94 -50.07 -3.19
CA PHE I 35 48.58 -49.63 -3.48
C PHE I 35 48.20 -49.69 -4.95
N GLY I 36 48.94 -50.44 -5.77
CA GLY I 36 48.56 -50.50 -7.17
C GLY I 36 49.11 -49.30 -7.95
N LYS I 37 48.44 -49.01 -9.06
CA LYS I 37 48.82 -47.89 -9.93
C LYS I 37 47.98 -46.67 -9.55
N GLY I 38 48.21 -46.16 -8.35
CA GLY I 38 47.45 -45.05 -7.84
C GLY I 38 48.27 -44.04 -7.06
N ALA I 39 49.57 -44.03 -7.29
CA ALA I 39 50.44 -43.05 -6.64
C ALA I 39 50.46 -41.74 -7.41
N VAL I 40 50.70 -41.82 -8.71
CA VAL I 40 50.62 -40.67 -9.60
C VAL I 40 49.82 -41.07 -10.82
N MET I 41 48.89 -40.21 -11.24
CA MET I 41 48.20 -40.45 -12.50
C MET I 41 49.22 -40.49 -13.63
N ARG I 42 48.98 -41.39 -14.59
CA ARG I 42 49.83 -41.47 -15.77
C ARG I 42 49.91 -40.11 -16.46
N MET I 43 51.13 -39.68 -16.76
CA MET I 43 51.37 -38.33 -17.24
C MET I 43 50.67 -38.10 -18.58
N GLY I 44 50.55 -39.13 -19.40
CA GLY I 44 49.98 -38.95 -20.72
C GLY I 44 48.56 -39.45 -20.88
N ASP I 45 48.16 -40.42 -20.07
CA ASP I 45 46.87 -41.09 -20.28
C ASP I 45 45.72 -40.09 -20.14
N HIS I 46 45.79 -39.21 -19.15
CA HIS I 46 44.68 -38.31 -18.83
C HIS I 46 44.90 -36.94 -19.48
N GLU I 47 44.81 -36.94 -20.82
CA GLU I 47 44.85 -35.71 -21.62
C GLU I 47 43.56 -35.69 -22.44
N ARG I 48 42.49 -35.17 -21.84
CA ARG I 48 41.22 -35.00 -22.53
C ARG I 48 41.03 -33.54 -22.87
N GLN I 49 40.81 -33.25 -24.16
CA GLN I 49 40.56 -31.87 -24.56
C GLN I 49 39.29 -31.33 -23.91
N ALA I 50 38.31 -32.20 -23.68
CA ALA I 50 37.08 -31.84 -22.99
C ALA I 50 36.79 -32.84 -21.88
N ILE I 51 36.23 -32.35 -20.78
CA ILE I 51 35.81 -33.26 -19.72
C ILE I 51 34.51 -33.93 -20.13
N PRO I 52 34.37 -35.25 -19.99
CA PRO I 52 33.13 -35.91 -20.46
C PRO I 52 31.90 -35.31 -19.83
N ALA I 53 30.91 -34.95 -20.64
CA ALA I 53 29.71 -34.28 -20.16
C ALA I 53 28.47 -34.99 -20.68
N ILE I 54 27.37 -34.83 -19.94
CA ILE I 54 26.08 -35.39 -20.29
C ILE I 54 25.13 -34.25 -20.60
N SER I 55 24.68 -34.18 -21.86
CA SER I 55 23.88 -33.05 -22.29
C SER I 55 22.64 -32.92 -21.41
N THR I 56 22.32 -31.68 -21.04
CA THR I 56 21.20 -31.42 -20.15
C THR I 56 19.89 -31.18 -20.90
N GLY I 57 19.86 -31.39 -22.21
CA GLY I 57 18.63 -31.26 -22.96
C GLY I 57 18.22 -29.85 -23.28
N SER I 58 19.09 -28.86 -23.05
CA SER I 58 18.76 -27.48 -23.36
C SER I 58 20.03 -26.74 -23.74
N LEU I 59 20.06 -26.18 -24.96
CA LEU I 59 21.22 -25.42 -25.40
C LEU I 59 21.48 -24.22 -24.49
N GLY I 60 20.46 -23.72 -23.80
CA GLY I 60 20.68 -22.62 -22.87
C GLY I 60 21.61 -23.02 -21.73
N LEU I 61 21.47 -24.25 -21.24
CA LEU I 61 22.28 -24.69 -20.12
C LEU I 61 23.66 -25.17 -20.52
N ASP I 62 23.79 -25.89 -21.64
CA ASP I 62 25.11 -26.39 -22.02
C ASP I 62 26.10 -25.26 -22.22
N ILE I 63 25.62 -24.12 -22.74
CA ILE I 63 26.48 -22.95 -22.84
C ILE I 63 26.90 -22.47 -21.45
N ALA I 64 25.94 -22.42 -20.53
CA ALA I 64 26.25 -21.91 -19.19
C ALA I 64 27.25 -22.81 -18.48
N LEU I 65 27.18 -24.11 -18.72
CA LEU I 65 28.06 -25.06 -18.05
C LEU I 65 29.44 -25.13 -18.67
N GLY I 66 29.71 -24.36 -19.70
CA GLY I 66 31.07 -24.36 -20.26
C GLY I 66 31.45 -25.60 -21.02
N ILE I 67 31.17 -26.78 -20.46
CA ILE I 67 31.47 -28.03 -21.16
C ILE I 67 30.26 -28.59 -21.90
N GLY I 68 29.18 -27.83 -22.02
CA GLY I 68 28.03 -28.29 -22.76
C GLY I 68 27.39 -29.52 -22.16
N GLY I 69 26.92 -29.41 -20.93
CA GLY I 69 26.29 -30.50 -20.22
C GLY I 69 26.85 -30.66 -18.82
N LEU I 70 26.17 -31.51 -18.07
CA LEU I 70 26.62 -31.80 -16.71
C LEU I 70 27.89 -32.63 -16.76
N PRO I 71 28.83 -32.42 -15.83
CA PRO I 71 30.02 -33.27 -15.78
C PRO I 71 29.66 -34.66 -15.32
N LYS I 72 30.50 -35.62 -15.67
CA LYS I 72 30.32 -37.01 -15.26
C LYS I 72 31.35 -37.38 -14.21
N GLY I 73 30.92 -38.15 -13.22
CA GLY I 73 31.76 -38.47 -12.09
C GLY I 73 31.72 -37.49 -10.95
N ARG I 74 30.87 -36.46 -11.03
CA ARG I 74 30.82 -35.43 -10.01
C ARG I 74 29.39 -35.22 -9.55
N ILE I 75 29.23 -35.11 -8.24
CA ILE I 75 27.94 -34.77 -7.65
C ILE I 75 27.45 -33.48 -8.28
N VAL I 76 26.14 -33.35 -8.41
CA VAL I 76 25.51 -32.12 -8.88
C VAL I 76 24.25 -31.90 -8.07
N GLU I 77 23.98 -30.66 -7.69
CA GLU I 77 22.85 -30.35 -6.82
C GLU I 77 22.09 -29.17 -7.38
N ILE I 78 20.78 -29.35 -7.55
CA ILE I 78 19.90 -28.35 -8.13
C ILE I 78 18.76 -28.09 -7.17
N TYR I 79 18.48 -26.82 -6.89
CA TYR I 79 17.46 -26.46 -5.94
C TYR I 79 16.68 -25.27 -6.45
N GLY I 80 15.39 -25.21 -6.11
CA GLY I 80 14.55 -24.13 -6.53
C GLY I 80 13.18 -24.16 -5.90
N PRO I 81 12.53 -23.00 -5.85
CA PRO I 81 11.22 -22.90 -5.18
C PRO I 81 10.25 -23.94 -5.68
N GLU I 82 9.14 -24.05 -4.95
CA GLU I 82 8.12 -25.05 -5.27
C GLU I 82 7.67 -24.91 -6.71
N SER I 83 7.50 -26.06 -7.40
CA SER I 83 7.07 -26.07 -8.83
C SER I 83 7.93 -25.13 -9.68
N SER I 84 9.26 -25.20 -9.54
CA SER I 84 10.15 -24.37 -10.39
C SER I 84 10.52 -25.16 -11.66
N GLY I 85 10.55 -26.49 -11.57
CA GLY I 85 10.87 -27.33 -12.74
C GLY I 85 12.04 -28.25 -12.49
N LYS I 86 12.30 -28.65 -11.23
CA LYS I 86 13.49 -29.46 -10.98
C LYS I 86 13.32 -30.87 -11.53
N THR I 87 12.19 -31.49 -11.24
CA THR I 87 11.99 -32.88 -11.66
C THR I 87 11.98 -32.99 -13.18
N THR I 88 11.40 -32.02 -13.88
CA THR I 88 11.40 -32.06 -15.34
C THR I 88 12.81 -31.94 -15.90
N LEU I 89 13.62 -31.04 -15.33
CA LEU I 89 15.00 -30.93 -15.79
C LEU I 89 15.75 -32.23 -15.57
N THR I 90 15.58 -32.84 -14.39
CA THR I 90 16.25 -34.10 -14.11
C THR I 90 15.78 -35.20 -15.07
N LEU I 91 14.49 -35.23 -15.37
CA LEU I 91 13.98 -36.24 -16.31
C LEU I 91 14.54 -36.00 -17.70
N SER I 92 14.69 -34.74 -18.11
CA SER I 92 15.29 -34.47 -19.41
C SER I 92 16.74 -34.94 -19.45
N VAL I 93 17.47 -34.73 -18.36
CA VAL I 93 18.84 -35.23 -18.29
C VAL I 93 18.85 -36.74 -18.42
N ILE I 94 17.95 -37.43 -17.71
CA ILE I 94 17.88 -38.88 -17.82
C ILE I 94 17.55 -39.28 -19.25
N ALA I 95 16.66 -38.54 -19.90
CA ALA I 95 16.30 -38.86 -21.27
C ALA I 95 17.51 -38.76 -22.19
N GLU I 96 18.31 -37.70 -22.01
CA GLU I 96 19.52 -37.55 -22.83
C GLU I 96 20.50 -38.69 -22.56
N ALA I 97 20.70 -39.04 -21.29
CA ALA I 97 21.64 -40.10 -20.97
C ALA I 97 21.16 -41.44 -21.54
N GLN I 98 19.85 -41.68 -21.55
CA GLN I 98 19.35 -42.92 -22.12
C GLN I 98 19.47 -42.92 -23.64
N LYS I 99 19.07 -41.83 -24.29
CA LYS I 99 19.20 -41.77 -25.74
C LYS I 99 20.65 -41.95 -26.16
N GLN I 100 21.60 -41.48 -25.34
CA GLN I 100 23.00 -41.75 -25.62
C GLN I 100 23.34 -43.21 -25.41
N GLY I 101 22.52 -43.93 -24.64
CA GLY I 101 22.70 -45.37 -24.48
C GLY I 101 23.24 -45.78 -23.12
N ALA I 102 22.98 -44.97 -22.10
CA ALA I 102 23.49 -45.22 -20.77
C ALA I 102 22.33 -45.45 -19.79
N THR I 103 22.41 -46.56 -19.06
CA THR I 103 21.38 -46.90 -18.09
C THR I 103 21.30 -45.82 -17.03
N CYS I 104 20.09 -45.57 -16.52
CA CYS I 104 19.87 -44.57 -15.50
C CYS I 104 19.09 -45.18 -14.34
N ALA I 105 19.01 -44.42 -13.25
CA ALA I 105 18.27 -44.85 -12.05
C ALA I 105 17.75 -43.61 -11.35
N PHE I 106 16.47 -43.63 -10.99
CA PHE I 106 15.82 -42.53 -10.32
C PHE I 106 15.38 -42.98 -8.94
N VAL I 107 16.07 -42.52 -7.91
CA VAL I 107 15.75 -42.86 -6.53
C VAL I 107 14.88 -41.75 -5.95
N ASP I 108 13.57 -41.99 -5.94
CA ASP I 108 12.59 -41.01 -5.52
C ASP I 108 12.45 -41.04 -4.01
N ALA I 109 12.34 -39.87 -3.40
CA ALA I 109 12.14 -39.78 -1.96
C ALA I 109 10.72 -39.41 -1.58
N GLU I 110 10.20 -38.29 -2.08
CA GLU I 110 8.85 -37.87 -1.75
C GLU I 110 7.78 -38.78 -2.35
N HIS I 111 8.17 -39.86 -3.01
CA HIS I 111 7.21 -40.74 -3.65
C HIS I 111 6.32 -39.98 -4.63
N ALA I 112 6.88 -38.97 -5.30
CA ALA I 112 6.15 -38.17 -6.27
C ALA I 112 6.80 -38.38 -7.64
N LEU I 113 6.13 -39.16 -8.49
CA LEU I 113 6.61 -39.40 -9.84
C LEU I 113 5.46 -39.91 -10.68
N ASP I 114 5.10 -39.17 -11.71
CA ASP I 114 4.07 -39.63 -12.64
C ASP I 114 4.73 -40.33 -13.81
N PRO I 115 4.81 -41.66 -13.82
CA PRO I 115 5.49 -42.33 -14.92
C PRO I 115 4.92 -42.00 -16.28
N ASP I 116 3.62 -41.71 -16.37
CA ASP I 116 3.06 -41.27 -17.63
C ASP I 116 3.70 -39.96 -18.07
N TYR I 117 3.87 -39.02 -17.15
CA TYR I 117 4.55 -37.77 -17.51
C TYR I 117 5.99 -38.03 -17.90
N ALA I 118 6.67 -38.93 -17.19
CA ALA I 118 8.04 -39.26 -17.58
C ALA I 118 8.09 -39.79 -18.99
N GLY I 119 7.16 -40.67 -19.35
CA GLY I 119 7.11 -41.17 -20.72
C GLY I 119 6.85 -40.07 -21.71
N LYS I 120 5.95 -39.14 -21.39
CA LYS I 120 5.72 -38.01 -22.27
C LYS I 120 6.99 -37.21 -22.49
N LEU I 121 7.80 -37.07 -21.44
CA LEU I 121 9.03 -36.27 -21.57
C LEU I 121 10.01 -36.90 -22.53
N GLY I 122 10.07 -38.23 -22.57
CA GLY I 122 10.94 -38.90 -23.51
C GLY I 122 11.70 -40.07 -22.91
N VAL I 123 11.85 -40.06 -21.59
CA VAL I 123 12.59 -41.11 -20.91
C VAL I 123 11.97 -42.46 -21.22
N ASN I 124 12.82 -43.43 -21.53
CA ASN I 124 12.37 -44.77 -21.85
C ASN I 124 11.93 -45.46 -20.56
N VAL I 125 10.71 -45.15 -20.11
CA VAL I 125 10.30 -45.55 -18.77
C VAL I 125 10.43 -47.06 -18.60
N ASP I 126 10.20 -47.83 -19.66
CA ASP I 126 10.31 -49.27 -19.56
C ASP I 126 11.71 -49.68 -19.15
N ASP I 127 12.71 -48.84 -19.39
CA ASP I 127 14.10 -49.09 -19.02
C ASP I 127 14.51 -47.96 -18.10
N LEU I 128 14.21 -48.10 -16.80
CA LEU I 128 14.52 -47.09 -15.82
C LEU I 128 14.34 -47.68 -14.45
N LEU I 129 15.33 -47.49 -13.58
CA LEU I 129 15.30 -48.02 -12.24
C LEU I 129 14.75 -46.96 -11.30
N VAL I 130 13.58 -47.24 -10.73
CA VAL I 130 12.91 -46.30 -9.84
C VAL I 130 12.79 -46.94 -8.47
N SER I 131 13.20 -46.22 -7.44
CA SER I 131 13.08 -46.68 -6.07
C SER I 131 12.28 -45.67 -5.28
N GLN I 132 11.60 -46.16 -4.25
CA GLN I 132 10.83 -45.32 -3.34
C GLN I 132 11.19 -45.71 -1.91
N PRO I 133 12.41 -45.42 -1.48
CA PRO I 133 12.85 -45.82 -0.15
C PRO I 133 11.99 -45.19 0.93
N ASP I 134 11.71 -45.94 1.98
CA ASP I 134 10.91 -45.43 3.08
C ASP I 134 11.69 -44.40 3.89
N THR I 135 12.92 -44.71 4.25
CA THR I 135 13.74 -43.86 5.09
C THR I 135 14.94 -43.32 4.32
N GLY I 136 15.45 -42.18 4.78
CA GLY I 136 16.61 -41.60 4.10
C GLY I 136 17.79 -42.54 4.07
N GLU I 137 18.04 -43.26 5.16
CA GLU I 137 19.18 -44.17 5.19
C GLU I 137 19.06 -45.21 4.09
N GLN I 138 17.85 -45.75 3.88
CA GLN I 138 17.68 -46.74 2.83
C GLN I 138 17.92 -46.13 1.45
N ALA I 139 17.44 -44.91 1.21
CA ALA I 139 17.70 -44.27 -0.07
C ALA I 139 19.18 -44.10 -0.32
N LEU I 140 19.91 -43.65 0.69
CA LEU I 140 21.34 -43.43 0.51
C LEU I 140 22.09 -44.75 0.33
N GLU I 141 21.69 -45.79 1.06
CA GLU I 141 22.30 -47.10 0.86
C GLU I 141 22.05 -47.62 -0.55
N ILE I 142 20.82 -47.45 -1.05
CA ILE I 142 20.51 -47.92 -2.40
C ILE I 142 21.34 -47.16 -3.42
N THR I 143 21.47 -45.84 -3.27
CA THR I 143 22.26 -45.09 -4.23
C THR I 143 23.72 -45.50 -4.17
N ASP I 144 24.25 -45.74 -2.97
CA ASP I 144 25.62 -46.21 -2.86
C ASP I 144 25.81 -47.54 -3.55
N MET I 145 24.89 -48.48 -3.33
CA MET I 145 25.02 -49.78 -3.98
C MET I 145 24.96 -49.64 -5.50
N LEU I 146 24.22 -48.63 -5.96
CA LEU I 146 24.16 -48.35 -7.43
C LEU I 146 25.42 -47.61 -7.91
N VAL I 147 26.07 -46.78 -7.07
CA VAL I 147 27.35 -46.13 -7.50
C VAL I 147 28.49 -47.16 -7.43
N ARG I 148 28.29 -48.27 -6.72
CA ARG I 148 29.32 -49.33 -6.64
C ARG I 148 29.11 -50.34 -7.77
N SER I 149 27.87 -50.52 -8.23
CA SER I 149 27.61 -51.53 -9.25
C SER I 149 28.33 -51.24 -10.56
N ASN I 150 28.67 -49.98 -10.83
CA ASN I 150 29.30 -49.58 -12.10
C ASN I 150 28.37 -49.76 -13.29
N ALA I 151 27.11 -50.13 -13.04
CA ALA I 151 26.17 -50.37 -14.13
C ALA I 151 25.44 -49.10 -14.53
N VAL I 152 24.90 -48.38 -13.55
CA VAL I 152 24.12 -47.17 -13.83
C VAL I 152 25.07 -46.01 -14.06
N ASP I 153 24.68 -45.09 -14.94
CA ASP I 153 25.48 -43.91 -15.22
C ASP I 153 24.89 -42.61 -14.69
N VAL I 154 23.58 -42.56 -14.45
CA VAL I 154 22.95 -41.39 -13.84
C VAL I 154 22.04 -41.88 -12.73
N ILE I 155 22.20 -41.32 -11.54
CA ILE I 155 21.43 -41.73 -10.37
C ILE I 155 20.77 -40.48 -9.80
N ILE I 156 19.58 -40.18 -10.28
CA ILE I 156 18.82 -39.03 -9.82
C ILE I 156 18.27 -39.36 -8.45
N VAL I 157 18.68 -38.62 -7.43
CA VAL I 157 18.06 -38.70 -6.11
C VAL I 157 17.40 -37.36 -5.85
N ASP I 158 16.08 -37.37 -5.78
CA ASP I 158 15.30 -36.14 -5.71
C ASP I 158 14.85 -35.89 -4.28
N SER I 159 14.66 -34.62 -3.95
CA SER I 159 14.16 -34.20 -2.65
C SER I 159 15.09 -34.69 -1.53
N VAL I 160 16.29 -34.12 -1.51
CA VAL I 160 17.20 -34.35 -0.39
C VAL I 160 16.49 -34.09 0.92
N ALA I 161 15.60 -33.09 0.94
CA ALA I 161 14.88 -32.77 2.16
C ALA I 161 13.94 -33.87 2.61
N ALA I 162 13.42 -34.67 1.68
CA ALA I 162 12.36 -35.60 2.02
C ALA I 162 12.86 -36.94 2.51
N LEU I 163 14.17 -37.14 2.58
CA LEU I 163 14.69 -38.41 3.10
C LEU I 163 14.90 -38.26 4.60
N VAL I 164 14.01 -38.87 5.37
CA VAL I 164 14.01 -38.73 6.84
C VAL I 164 14.93 -39.78 7.43
N PRO I 165 15.71 -39.45 8.46
CA PRO I 165 16.53 -40.47 9.12
C PRO I 165 15.66 -41.51 9.79
N LYS I 166 16.20 -42.72 9.90
CA LYS I 166 15.45 -43.81 10.52
C LYS I 166 15.09 -43.48 11.95
N ALA I 167 16.02 -42.89 12.70
CA ALA I 167 15.75 -42.57 14.09
C ALA I 167 14.58 -41.60 14.22
N GLU I 168 14.53 -40.59 13.35
CA GLU I 168 13.47 -39.60 13.45
C GLU I 168 12.13 -40.17 13.01
N ILE I 169 12.14 -41.09 12.04
CA ILE I 169 10.89 -41.69 11.59
C ILE I 169 10.31 -42.59 12.67
N GLU I 170 11.18 -43.33 13.37
CA GLU I 170 10.68 -44.18 14.44
C GLU I 170 10.27 -43.39 15.68
N GLY I 171 10.79 -42.19 15.87
CA GLY I 171 10.45 -41.40 17.04
C GLY I 171 9.12 -40.71 16.91
N GLU I 172 8.68 -40.13 18.03
CA GLU I 172 7.41 -39.44 18.08
C GLU I 172 7.52 -38.05 17.46
N MET I 173 6.37 -37.50 17.10
CA MET I 173 6.34 -36.17 16.49
C MET I 173 6.84 -35.12 17.46
N GLY I 174 7.51 -34.10 16.93
CA GLY I 174 8.04 -33.04 17.76
C GLY I 174 9.29 -33.38 18.53
N ASP I 175 9.92 -34.51 18.24
CA ASP I 175 11.16 -34.86 18.92
C ASP I 175 12.30 -33.97 18.44
N ALA I 176 13.07 -33.45 19.41
CA ALA I 176 14.17 -32.55 19.11
C ALA I 176 15.31 -33.37 18.53
N HIS I 177 15.28 -33.56 17.22
CA HIS I 177 16.29 -34.30 16.49
C HIS I 177 17.06 -33.35 15.57
N VAL I 178 17.34 -32.15 16.06
CA VAL I 178 17.97 -31.13 15.22
C VAL I 178 19.33 -31.63 14.75
N GLY I 179 19.60 -31.44 13.45
CA GLY I 179 20.90 -31.72 12.89
C GLY I 179 21.12 -33.15 12.46
N LEU I 180 20.24 -34.08 12.84
CA LEU I 180 20.46 -35.47 12.48
C LEU I 180 20.48 -35.67 10.97
N GLN I 181 19.54 -35.05 10.26
CA GLN I 181 19.55 -35.18 8.81
C GLN I 181 20.84 -34.68 8.21
N ALA I 182 21.33 -33.53 8.69
CA ALA I 182 22.56 -33.00 8.15
C ALA I 182 23.72 -33.95 8.38
N ARG I 183 23.77 -34.56 9.56
CA ARG I 183 24.82 -35.53 9.86
C ARG I 183 24.75 -36.72 8.90
N LEU I 184 23.55 -37.25 8.69
CA LEU I 184 23.40 -38.38 7.79
C LEU I 184 23.82 -38.01 6.38
N MET I 185 23.41 -36.83 5.91
CA MET I 185 23.79 -36.40 4.57
C MET I 185 25.30 -36.26 4.45
N SER I 186 25.95 -35.66 5.45
CA SER I 186 27.39 -35.52 5.40
C SER I 186 28.08 -36.88 5.34
N GLN I 187 27.64 -37.81 6.18
CA GLN I 187 28.24 -39.14 6.15
C GLN I 187 28.05 -39.82 4.80
N ALA I 188 26.84 -39.74 4.24
CA ALA I 188 26.59 -40.40 2.96
C ALA I 188 27.43 -39.78 1.86
N LEU I 189 27.55 -38.45 1.84
CA LEU I 189 28.38 -37.83 0.82
C LEU I 189 29.84 -38.25 0.98
N ARG I 190 30.35 -38.24 2.20
CA ARG I 190 31.71 -38.70 2.43
C ARG I 190 31.92 -40.11 1.89
N LYS I 191 30.96 -41.01 2.14
CA LYS I 191 31.11 -42.39 1.71
C LYS I 191 30.97 -42.59 0.21
N ILE I 192 30.11 -41.82 -0.46
CA ILE I 192 29.84 -42.09 -1.87
C ILE I 192 30.73 -41.30 -2.82
N THR I 193 31.19 -40.10 -2.43
CA THR I 193 31.94 -39.29 -3.38
C THR I 193 33.12 -40.04 -3.96
N GLY I 194 33.71 -40.95 -3.18
CA GLY I 194 34.84 -41.72 -3.68
C GLY I 194 34.51 -42.67 -4.80
N ASN I 195 33.40 -43.41 -4.69
CA ASN I 195 33.07 -44.40 -5.70
C ASN I 195 32.50 -43.81 -6.96
N ILE I 196 31.97 -42.59 -6.90
CA ILE I 196 31.38 -41.99 -8.09
C ILE I 196 32.44 -41.76 -9.16
N LYS I 197 33.59 -41.21 -8.77
CA LYS I 197 34.63 -40.95 -9.74
C LYS I 197 35.13 -42.25 -10.36
N ASN I 198 35.32 -43.29 -9.54
CA ASN I 198 35.78 -44.56 -10.08
C ASN I 198 34.76 -45.17 -11.02
N ALA I 199 33.48 -45.09 -10.67
CA ALA I 199 32.42 -45.64 -11.52
C ALA I 199 32.01 -44.69 -12.63
N ASN I 200 32.46 -43.45 -12.59
CA ASN I 200 32.17 -42.47 -13.63
C ASN I 200 30.66 -42.34 -13.87
N CYS I 201 29.92 -42.24 -12.78
CA CYS I 201 28.49 -42.01 -12.81
C CYS I 201 28.21 -40.54 -12.57
N LEU I 202 26.94 -40.20 -12.43
CA LEU I 202 26.53 -38.83 -12.17
C LEU I 202 25.36 -38.85 -11.21
N VAL I 203 25.49 -38.18 -10.08
CA VAL I 203 24.48 -38.17 -9.04
C VAL I 203 24.05 -36.73 -8.80
N ILE I 204 22.78 -36.44 -9.05
CA ILE I 204 22.25 -35.09 -8.89
C ILE I 204 21.14 -35.10 -7.87
N PHE I 205 21.33 -34.36 -6.78
CA PHE I 205 20.34 -34.23 -5.72
C PHE I 205 19.38 -33.09 -6.04
N ILE I 206 18.27 -33.06 -5.31
CA ILE I 206 17.23 -32.05 -5.50
C ILE I 206 16.91 -31.51 -4.12
N ASN I 207 17.36 -30.30 -3.83
CA ASN I 207 17.07 -29.68 -2.54
C ASN I 207 15.79 -28.85 -2.64
N GLN I 208 15.56 -28.02 -1.64
CA GLN I 208 14.41 -27.14 -1.59
C GLN I 208 14.83 -25.84 -0.91
N ILE I 209 13.87 -24.95 -0.69
CA ILE I 209 14.14 -23.62 -0.15
C ILE I 209 13.45 -23.49 1.19
N ARG I 210 14.21 -23.09 2.21
CA ARG I 210 13.67 -22.85 3.54
C ARG I 210 14.31 -21.60 4.09
N MET I 211 13.51 -20.56 4.28
CA MET I 211 14.04 -19.29 4.77
C MET I 211 14.60 -19.46 6.17
N LYS I 212 15.79 -18.92 6.40
CA LYS I 212 16.43 -18.99 7.70
C LYS I 212 16.01 -17.78 8.52
N ILE I 213 15.80 -18.01 9.80
CA ILE I 213 15.28 -16.96 10.69
C ILE I 213 16.41 -16.06 11.12
N GLY I 214 16.11 -14.78 11.29
CA GLY I 214 17.03 -13.83 11.88
C GLY I 214 18.11 -13.30 10.97
N VAL I 215 18.00 -13.48 9.66
CA VAL I 215 18.97 -12.90 8.74
C VAL I 215 18.39 -11.62 8.15
N MET I 216 18.78 -10.49 8.72
CA MET I 216 18.28 -9.20 8.26
C MET I 216 19.08 -8.63 7.10
N PHE I 217 20.23 -9.23 6.77
CA PHE I 217 21.11 -8.69 5.74
C PHE I 217 21.64 -9.86 4.92
N GLY I 218 21.09 -10.05 3.73
CA GLY I 218 21.53 -11.13 2.86
C GLY I 218 20.34 -11.69 2.09
N ASN I 219 20.43 -12.97 1.71
CA ASN I 219 19.28 -13.63 1.05
C ASN I 219 18.76 -14.73 1.99
N PRO I 220 17.57 -14.58 2.60
CA PRO I 220 17.06 -15.56 3.56
C PRO I 220 16.93 -16.96 2.93
N GLU I 221 16.53 -17.03 1.67
CA GLU I 221 16.34 -18.33 0.98
C GLU I 221 17.60 -19.19 1.12
N THR I 222 17.47 -20.37 1.72
CA THR I 222 18.63 -21.30 1.80
C THR I 222 18.17 -22.73 1.51
N THR I 223 19.08 -23.57 1.05
CA THR I 223 18.75 -24.95 0.81
C THR I 223 18.63 -25.71 2.13
N THR I 224 18.09 -26.91 2.05
CA THR I 224 17.91 -27.78 3.21
C THR I 224 18.95 -28.89 3.18
N GLY I 225 18.78 -29.84 4.08
CA GLY I 225 19.70 -30.98 4.12
C GLY I 225 21.11 -30.61 4.51
N GLY I 226 21.27 -29.75 5.51
CA GLY I 226 22.58 -29.39 5.96
C GLY I 226 23.40 -28.74 4.86
N ASN I 227 24.61 -28.34 5.23
CA ASN I 227 25.54 -27.72 4.29
C ASN I 227 26.81 -28.53 4.09
N ALA I 228 26.70 -29.86 4.13
CA ALA I 228 27.78 -30.72 3.68
C ALA I 228 27.67 -31.07 2.22
N LEU I 229 26.58 -30.67 1.56
CA LEU I 229 26.39 -30.95 0.15
C LEU I 229 26.90 -29.85 -0.76
N LYS I 230 27.01 -28.62 -0.26
CA LYS I 230 27.49 -27.53 -1.10
C LYS I 230 29.00 -27.50 -1.21
N PHE I 231 29.69 -28.38 -0.50
CA PHE I 231 31.13 -28.52 -0.67
C PHE I 231 31.47 -29.59 -1.69
N TYR I 232 30.86 -30.77 -1.59
CA TYR I 232 31.15 -31.83 -2.54
C TYR I 232 30.53 -31.58 -3.90
N ALA I 233 29.40 -30.87 -3.95
CA ALA I 233 28.67 -30.68 -5.19
C ALA I 233 29.55 -29.99 -6.22
N SER I 234 29.84 -30.70 -7.31
CA SER I 234 30.69 -30.15 -8.35
C SER I 234 30.07 -28.93 -9.02
N VAL I 235 28.76 -28.96 -9.27
CA VAL I 235 28.06 -27.85 -9.90
C VAL I 235 26.66 -27.76 -9.31
N ARG I 236 26.27 -26.56 -8.90
CA ARG I 236 24.99 -26.33 -8.25
C ARG I 236 24.16 -25.33 -9.05
N LEU I 237 22.99 -25.75 -9.48
CA LEU I 237 22.08 -24.91 -10.24
C LEU I 237 21.01 -24.34 -9.32
N ASP I 238 20.33 -23.30 -9.81
CA ASP I 238 19.29 -22.59 -9.05
C ASP I 238 18.17 -22.28 -10.03
N ILE I 239 17.26 -23.22 -10.20
CA ILE I 239 16.23 -23.13 -11.24
C ILE I 239 14.99 -22.50 -10.65
N ARG I 240 14.58 -21.36 -11.22
CA ARG I 240 13.39 -20.64 -10.78
C ARG I 240 12.46 -20.45 -11.96
N ARG I 241 11.17 -20.32 -11.65
CA ARG I 241 10.12 -20.26 -12.66
C ARG I 241 9.51 -18.87 -12.62
N THR I 242 10.03 -17.98 -13.46
CA THR I 242 9.64 -16.57 -13.43
C THR I 242 8.31 -16.34 -14.14
N GLY I 243 8.26 -16.62 -15.44
CA GLY I 243 7.08 -16.35 -16.22
C GLY I 243 6.31 -17.62 -16.57
N ALA I 244 5.13 -17.42 -17.16
CA ALA I 244 4.29 -18.52 -17.59
C ALA I 244 3.79 -18.27 -19.00
N VAL I 245 4.25 -19.07 -19.96
CA VAL I 245 3.85 -18.87 -21.34
C VAL I 245 2.44 -19.38 -21.54
N LYS I 246 1.51 -18.45 -21.73
CA LYS I 246 0.09 -18.78 -21.87
C LYS I 246 -0.33 -18.56 -23.31
N GLU I 247 -0.81 -19.61 -23.94
CA GLU I 247 -1.29 -19.55 -25.32
C GLU I 247 -2.75 -19.12 -25.31
N GLY I 248 -3.01 -17.90 -25.73
CA GLY I 248 -4.37 -17.36 -25.66
C GLY I 248 -4.78 -17.06 -24.23
N ASP I 249 -5.68 -17.88 -23.68
CA ASP I 249 -6.16 -17.67 -22.32
C ASP I 249 -5.64 -18.70 -21.33
N GLU I 250 -5.45 -19.94 -21.75
CA GLU I 250 -4.96 -20.98 -20.86
C GLU I 250 -3.45 -21.13 -20.99
N VAL I 251 -2.80 -21.40 -19.86
CA VAL I 251 -1.34 -21.48 -19.80
C VAL I 251 -0.90 -22.86 -20.25
N VAL I 252 0.14 -22.91 -21.09
CA VAL I 252 0.65 -24.17 -21.59
C VAL I 252 2.12 -24.39 -21.25
N GLY I 253 2.81 -23.38 -20.73
CA GLY I 253 4.19 -23.56 -20.33
C GLY I 253 4.68 -22.55 -19.32
N SER I 254 5.91 -22.73 -18.83
CA SER I 254 6.45 -21.84 -17.81
C SER I 254 7.81 -21.32 -18.25
N GLU I 255 8.07 -20.06 -17.93
CA GLU I 255 9.33 -19.41 -18.25
C GLU I 255 10.30 -19.63 -17.09
N THR I 256 11.17 -20.64 -17.22
CA THR I 256 12.15 -20.94 -16.21
C THR I 256 13.44 -20.18 -16.47
N ARG I 257 14.22 -20.00 -15.42
CA ARG I 257 15.55 -19.42 -15.50
C ARG I 257 16.49 -20.22 -14.61
N VAL I 258 17.58 -20.72 -15.20
CA VAL I 258 18.56 -21.52 -14.48
C VAL I 258 19.84 -20.72 -14.35
N LYS I 259 20.31 -20.56 -13.11
CA LYS I 259 21.54 -19.84 -12.84
C LYS I 259 22.53 -20.79 -12.19
N VAL I 260 23.73 -20.88 -12.76
CA VAL I 260 24.76 -21.81 -12.27
C VAL I 260 25.46 -21.09 -11.12
N VAL I 261 24.95 -21.30 -9.91
CA VAL I 261 25.43 -20.55 -8.76
C VAL I 261 26.87 -20.94 -8.40
N LYS I 262 27.21 -22.21 -8.58
CA LYS I 262 28.57 -22.66 -8.32
C LYS I 262 28.98 -23.66 -9.39
N ASN I 263 30.28 -23.70 -9.69
CA ASN I 263 30.78 -24.63 -10.68
C ASN I 263 32.27 -24.84 -10.47
N LYS I 264 32.72 -26.07 -10.73
CA LYS I 264 34.13 -26.44 -10.64
C LYS I 264 34.68 -26.95 -11.96
N VAL I 265 34.00 -26.68 -13.07
CA VAL I 265 34.49 -27.06 -14.40
C VAL I 265 34.38 -25.93 -15.40
N SER I 266 33.76 -24.82 -15.03
CA SER I 266 33.63 -23.65 -15.90
C SER I 266 33.16 -22.47 -15.06
N PRO I 267 33.30 -21.25 -15.55
CA PRO I 267 32.99 -20.08 -14.73
C PRO I 267 31.56 -20.12 -14.22
N PRO I 268 31.31 -19.66 -13.01
CA PRO I 268 29.97 -19.69 -12.45
C PRO I 268 29.14 -18.50 -12.92
N PHE I 269 27.91 -18.45 -12.43
CA PHE I 269 26.99 -17.34 -12.66
C PHE I 269 26.71 -17.09 -14.14
N ARG I 270 26.56 -18.16 -14.93
CA ARG I 270 26.17 -18.06 -16.33
C ARG I 270 24.68 -18.39 -16.45
N GLN I 271 23.86 -17.53 -15.85
CA GLN I 271 22.43 -17.80 -15.80
C GLN I 271 21.87 -17.96 -17.21
N ALA I 272 21.04 -18.98 -17.40
CA ALA I 272 20.43 -19.26 -18.69
C ALA I 272 18.91 -19.34 -18.51
N GLU I 273 18.19 -18.98 -19.57
CA GLU I 273 16.74 -19.01 -19.57
C GLU I 273 16.24 -19.86 -20.72
N PHE I 274 15.09 -20.49 -20.50
CA PHE I 274 14.46 -21.31 -21.53
C PHE I 274 13.02 -21.55 -21.14
N GLN I 275 12.26 -22.12 -22.07
CA GLN I 275 10.84 -22.38 -21.89
C GLN I 275 10.61 -23.85 -21.61
N ILE I 276 9.64 -24.15 -20.77
CA ILE I 276 9.26 -25.52 -20.43
C ILE I 276 7.80 -25.71 -20.81
N LEU I 277 7.54 -26.67 -21.69
CA LEU I 277 6.20 -26.91 -22.20
C LEU I 277 5.65 -28.20 -21.61
N TYR I 278 4.47 -28.11 -21.02
CA TYR I 278 3.86 -29.25 -20.36
C TYR I 278 3.61 -30.35 -21.37
N GLY I 279 3.86 -31.59 -20.97
CA GLY I 279 3.60 -32.72 -21.85
C GLY I 279 4.72 -33.01 -22.82
N LYS I 280 5.22 -31.98 -23.51
CA LYS I 280 6.28 -32.19 -24.47
C LYS I 280 7.65 -32.08 -23.83
N GLY I 281 7.82 -31.19 -22.87
CA GLY I 281 9.07 -31.07 -22.16
C GLY I 281 9.66 -29.68 -22.34
N ILE I 282 10.98 -29.64 -22.53
CA ILE I 282 11.66 -28.36 -22.72
C ILE I 282 11.57 -27.97 -24.19
N TYR I 283 11.45 -26.66 -24.43
CA TYR I 283 11.24 -26.13 -25.77
C TYR I 283 12.58 -25.76 -26.37
N ARG I 284 13.31 -26.78 -26.84
CA ARG I 284 14.66 -26.56 -27.35
C ARG I 284 14.68 -25.61 -28.53
N THR I 285 13.71 -25.75 -29.44
CA THR I 285 13.70 -24.92 -30.64
C THR I 285 13.58 -23.45 -30.29
N GLY I 286 12.82 -23.10 -29.25
CA GLY I 286 12.69 -21.71 -28.88
C GLY I 286 14.02 -21.04 -28.63
N GLU I 287 14.81 -21.57 -27.69
CA GLU I 287 16.08 -20.93 -27.39
C GLU I 287 17.13 -21.20 -28.45
N ILE I 288 17.02 -22.29 -29.22
CA ILE I 288 17.95 -22.45 -30.34
C ILE I 288 17.78 -21.31 -31.32
N ILE I 289 16.54 -20.99 -31.68
CA ILE I 289 16.29 -19.87 -32.58
C ILE I 289 16.71 -18.57 -31.92
N ASP I 290 16.40 -18.38 -30.64
CA ASP I 290 16.75 -17.13 -29.98
C ASP I 290 18.26 -16.91 -29.98
N LEU I 291 19.03 -17.93 -29.61
CA LEU I 291 20.48 -17.79 -29.61
C LEU I 291 21.03 -17.63 -31.02
N GLY I 292 20.46 -18.35 -31.99
CA GLY I 292 20.90 -18.17 -33.36
C GLY I 292 20.72 -16.74 -33.84
N VAL I 293 19.58 -16.14 -33.53
CA VAL I 293 19.31 -14.78 -33.98
C VAL I 293 20.19 -13.79 -33.22
N GLN I 294 20.32 -13.97 -31.90
CA GLN I 294 21.16 -13.05 -31.14
C GLN I 294 22.61 -13.11 -31.58
N LEU I 295 23.12 -14.32 -31.81
CA LEU I 295 24.49 -14.47 -32.28
C LEU I 295 24.68 -13.82 -33.65
N GLY I 296 23.70 -13.97 -34.53
CA GLY I 296 23.76 -13.35 -35.83
C GLY I 296 23.52 -14.32 -36.97
N LEU I 297 23.55 -15.62 -36.67
CA LEU I 297 23.34 -16.62 -37.71
C LEU I 297 21.92 -16.57 -38.24
N VAL I 298 21.01 -15.96 -37.49
CA VAL I 298 19.63 -15.77 -37.92
C VAL I 298 19.36 -14.29 -38.05
N GLU I 299 19.12 -13.83 -39.27
CA GLU I 299 18.91 -12.41 -39.50
C GLU I 299 17.49 -12.01 -39.10
N LYS I 300 17.38 -10.94 -38.32
CA LYS I 300 16.10 -10.43 -37.86
C LYS I 300 15.93 -9.01 -38.35
N SER I 301 14.72 -8.69 -38.82
CA SER I 301 14.41 -7.39 -39.40
C SER I 301 13.77 -6.45 -38.38
N GLY I 302 14.23 -6.52 -37.12
CA GLY I 302 13.62 -5.77 -36.06
C GLY I 302 12.44 -6.50 -35.47
N ALA I 303 11.42 -6.75 -36.28
CA ALA I 303 10.24 -7.50 -35.85
C ALA I 303 9.88 -8.63 -36.80
N TRP I 304 10.66 -8.85 -37.86
CA TRP I 304 10.34 -9.82 -38.90
C TRP I 304 11.45 -10.86 -38.91
N TYR I 305 11.08 -12.13 -38.76
CA TYR I 305 12.07 -13.18 -38.73
C TYR I 305 12.39 -13.69 -40.14
N SER I 306 13.67 -14.01 -40.36
CA SER I 306 14.11 -14.57 -41.62
C SER I 306 15.44 -15.27 -41.42
N TYR I 307 15.71 -16.28 -42.25
CA TYR I 307 16.96 -17.03 -42.22
C TYR I 307 17.53 -17.12 -43.63
N GLN I 308 18.82 -16.80 -43.76
CA GLN I 308 19.48 -16.85 -45.06
C GLN I 308 18.75 -15.97 -46.07
N GLY I 309 18.22 -14.85 -45.60
CA GLY I 309 17.46 -13.97 -46.46
C GLY I 309 16.12 -14.52 -46.88
N SER I 310 15.55 -15.46 -46.13
CA SER I 310 14.27 -16.06 -46.43
C SER I 310 13.29 -15.75 -45.31
N LYS I 311 12.08 -15.32 -45.68
CA LYS I 311 11.06 -14.96 -44.70
C LYS I 311 10.52 -16.25 -44.11
N ILE I 312 11.12 -16.66 -43.00
CA ILE I 312 10.90 -18.00 -42.43
C ILE I 312 9.51 -18.13 -41.86
N GLY I 313 9.05 -17.09 -41.18
CA GLY I 313 7.86 -17.14 -40.36
C GLY I 313 7.82 -15.91 -39.49
N GLN I 314 6.66 -15.70 -38.85
CA GLN I 314 6.43 -14.50 -38.06
C GLN I 314 6.13 -14.88 -36.62
N GLY I 315 7.10 -14.65 -35.74
CA GLY I 315 6.97 -15.03 -34.35
C GLY I 315 7.68 -16.33 -34.02
N LYS I 316 7.83 -16.58 -32.72
CA LYS I 316 8.47 -17.82 -32.31
C LYS I 316 7.74 -19.03 -32.86
N ALA I 317 6.41 -18.95 -32.98
CA ALA I 317 5.65 -20.09 -33.47
C ALA I 317 5.96 -20.39 -34.93
N ASN I 318 5.92 -19.37 -35.80
CA ASN I 318 6.26 -19.61 -37.20
C ASN I 318 7.70 -20.07 -37.35
N ALA I 319 8.62 -19.44 -36.59
CA ALA I 319 10.00 -19.88 -36.66
C ALA I 319 10.14 -21.33 -36.25
N ALA I 320 9.44 -21.73 -35.19
CA ALA I 320 9.50 -23.11 -34.72
C ALA I 320 8.95 -24.07 -35.77
N LYS I 321 7.84 -23.71 -36.40
CA LYS I 321 7.31 -24.58 -37.45
C LYS I 321 8.29 -24.70 -38.61
N TYR I 322 8.88 -23.58 -39.02
CA TYR I 322 9.83 -23.60 -40.13
C TYR I 322 11.04 -24.45 -39.80
N LEU I 323 11.47 -24.45 -38.53
CA LEU I 323 12.62 -25.25 -38.16
C LEU I 323 12.25 -26.71 -37.90
N GLU I 324 11.02 -26.96 -37.51
CA GLU I 324 10.59 -28.33 -37.23
C GLU I 324 10.35 -29.10 -38.53
N ASP I 325 9.87 -28.42 -39.56
CA ASP I 325 9.62 -29.11 -40.82
C ASP I 325 10.91 -29.72 -41.36
N ASN I 326 12.07 -29.10 -41.06
CA ASN I 326 13.35 -29.73 -41.48
C ASN I 326 14.32 -29.79 -40.29
N PRO I 327 14.41 -30.94 -39.58
CA PRO I 327 15.32 -31.10 -38.43
C PRO I 327 16.80 -30.88 -38.79
N GLU I 328 17.22 -31.26 -40.01
CA GLU I 328 18.62 -31.10 -40.45
C GLU I 328 19.03 -29.62 -40.33
N ILE I 329 18.25 -28.70 -40.88
CA ILE I 329 18.52 -27.27 -40.78
C ILE I 329 18.76 -26.89 -39.32
N GLY I 330 17.86 -27.33 -38.43
CA GLY I 330 18.03 -27.03 -37.02
C GLY I 330 19.29 -27.65 -36.44
N SER I 331 19.58 -28.89 -36.83
CA SER I 331 20.77 -29.56 -36.33
C SER I 331 22.03 -28.81 -36.73
N VAL I 332 22.10 -28.39 -37.99
CA VAL I 332 23.24 -27.61 -38.45
C VAL I 332 23.35 -26.29 -37.70
N LEU I 333 22.22 -25.61 -37.53
CA LEU I 333 22.27 -24.32 -36.85
C LEU I 333 22.78 -24.48 -35.42
N GLU I 334 22.27 -25.48 -34.71
CA GLU I 334 22.74 -25.69 -33.35
C GLU I 334 24.19 -26.17 -33.32
N LYS I 335 24.61 -26.98 -34.30
CA LYS I 335 26.00 -27.39 -34.33
C LYS I 335 26.91 -26.19 -34.48
N THR I 336 26.59 -25.28 -35.38
CA THR I 336 27.40 -24.07 -35.53
C THR I 336 27.34 -23.20 -34.28
N ILE I 337 26.17 -23.09 -33.65
CA ILE I 337 26.06 -22.27 -32.46
C ILE I 337 26.94 -22.82 -31.34
N ARG I 338 26.94 -24.16 -31.18
CA ARG I 338 27.81 -24.77 -30.18
C ARG I 338 29.27 -24.56 -30.54
N ASP I 339 29.65 -24.83 -31.79
CA ASP I 339 31.05 -24.67 -32.18
C ASP I 339 31.51 -23.24 -32.02
N GLN I 340 30.60 -22.26 -32.06
CA GLN I 340 30.97 -20.86 -31.91
C GLN I 340 31.01 -20.41 -30.46
N LEU I 341 30.04 -20.82 -29.64
CA LEU I 341 29.94 -20.31 -28.27
C LEU I 341 30.48 -21.27 -27.23
N LEU I 342 30.10 -22.55 -27.29
CA LEU I 342 30.50 -23.48 -26.25
C LEU I 342 32.02 -23.61 -26.16
N ALA I 343 32.69 -23.74 -27.30
CA ALA I 343 34.13 -23.91 -27.32
C ALA I 343 34.85 -22.58 -27.50
N GLY J 16 82.53 -27.34 41.36
CA GLY J 16 81.39 -26.44 41.28
C GLY J 16 80.89 -26.23 39.86
N ASP J 17 81.06 -25.02 39.34
CA ASP J 17 80.63 -24.74 37.98
C ASP J 17 81.39 -25.59 36.96
N GLU J 18 82.70 -25.77 37.18
CA GLU J 18 83.47 -26.62 36.28
C GLU J 18 83.01 -28.07 36.37
N ASN J 19 82.63 -28.52 37.56
CA ASN J 19 82.10 -29.86 37.70
C ASN J 19 80.81 -30.03 36.92
N LYS J 20 79.90 -29.05 37.01
CA LYS J 20 78.69 -29.09 36.22
C LYS J 20 79.00 -29.08 34.74
N LYS J 21 79.97 -28.27 34.32
CA LYS J 21 80.33 -28.22 32.91
C LYS J 21 80.85 -29.56 32.42
N ARG J 22 81.72 -30.20 33.20
CA ARG J 22 82.22 -31.51 32.79
C ARG J 22 81.10 -32.53 32.73
N ALA J 23 80.21 -32.52 33.72
CA ALA J 23 79.10 -33.48 33.72
C ALA J 23 78.20 -33.27 32.51
N LEU J 24 77.86 -32.01 32.21
CA LEU J 24 77.01 -31.73 31.06
C LEU J 24 77.69 -32.15 29.77
N ALA J 25 79.00 -31.88 29.64
CA ALA J 25 79.71 -32.28 28.45
C ALA J 25 79.70 -33.80 28.29
N ALA J 26 79.92 -34.52 29.39
CA ALA J 26 79.88 -35.98 29.32
C ALA J 26 78.51 -36.47 28.90
N ALA J 27 77.45 -35.91 29.48
CA ALA J 27 76.10 -36.34 29.12
C ALA J 27 75.80 -36.05 27.66
N LEU J 28 76.19 -34.86 27.18
CA LEU J 28 75.95 -34.51 25.79
C LEU J 28 76.72 -35.45 24.86
N GLY J 29 77.96 -35.77 25.21
CA GLY J 29 78.71 -36.71 24.39
C GLY J 29 78.07 -38.08 24.35
N GLN J 30 77.58 -38.54 25.50
CA GLN J 30 76.90 -39.83 25.53
C GLN J 30 75.65 -39.82 24.65
N ILE J 31 74.86 -38.74 24.73
CA ILE J 31 73.68 -38.64 23.88
C ILE J 31 74.08 -38.65 22.41
N GLU J 32 75.08 -37.85 22.05
CA GLU J 32 75.54 -37.82 20.67
C GLU J 32 75.97 -39.19 20.18
N ARG J 33 76.76 -39.91 20.97
CA ARG J 33 77.24 -41.22 20.55
C ARG J 33 76.12 -42.24 20.47
N GLN J 34 75.11 -42.12 21.33
CA GLN J 34 74.01 -43.09 21.33
C GLN J 34 72.97 -42.76 20.27
N PHE J 35 72.37 -41.57 20.36
CA PHE J 35 71.33 -41.17 19.41
C PHE J 35 71.89 -40.50 18.16
N GLY J 36 73.00 -39.79 18.29
CA GLY J 36 73.57 -39.08 17.15
C GLY J 36 73.72 -37.60 17.41
N LYS J 37 73.79 -36.80 16.34
CA LYS J 37 73.92 -35.35 16.47
C LYS J 37 72.52 -34.75 16.62
N GLY J 38 71.78 -35.29 17.59
CA GLY J 38 70.42 -34.85 17.83
C GLY J 38 70.19 -34.44 19.27
N ALA J 39 71.27 -34.13 19.97
CA ALA J 39 71.16 -33.68 21.36
C ALA J 39 70.80 -32.20 21.43
N VAL J 40 71.67 -31.35 20.90
CA VAL J 40 71.47 -29.90 20.91
C VAL J 40 71.91 -29.35 19.56
N MET J 41 71.13 -28.42 19.02
CA MET J 41 71.48 -27.78 17.77
C MET J 41 72.78 -26.99 17.90
N ARG J 42 73.58 -27.02 16.83
CA ARG J 42 74.80 -26.23 16.77
C ARG J 42 74.48 -24.75 16.96
N MET J 43 75.25 -24.10 17.83
CA MET J 43 74.99 -22.70 18.11
C MET J 43 75.26 -21.83 16.89
N GLY J 44 76.06 -22.33 15.95
CA GLY J 44 76.37 -21.58 14.75
C GLY J 44 75.57 -21.94 13.51
N ASP J 45 75.54 -23.23 13.16
CA ASP J 45 74.89 -23.63 11.92
C ASP J 45 73.40 -23.28 11.94
N HIS J 46 72.73 -23.57 13.06
CA HIS J 46 71.32 -23.18 13.23
C HIS J 46 71.27 -21.75 13.77
N GLU J 47 71.64 -20.82 12.90
CA GLU J 47 71.50 -19.39 13.15
C GLU J 47 70.99 -18.69 11.90
N ARG J 48 70.03 -19.32 11.23
CA ARG J 48 69.45 -18.72 10.03
C ARG J 48 68.71 -17.44 10.38
N GLN J 49 69.02 -16.37 9.65
CA GLN J 49 68.36 -15.09 9.92
C GLN J 49 66.86 -15.20 9.70
N ALA J 50 66.44 -15.83 8.61
CA ALA J 50 65.04 -15.96 8.26
C ALA J 50 64.71 -17.41 7.97
N ILE J 51 63.49 -17.82 8.30
CA ILE J 51 63.03 -19.18 7.99
C ILE J 51 62.67 -19.24 6.51
N PRO J 52 63.15 -20.23 5.77
CA PRO J 52 62.80 -20.30 4.34
C PRO J 52 61.30 -20.39 4.16
N ALA J 53 60.81 -19.74 3.10
CA ALA J 53 59.38 -19.68 2.88
C ALA J 53 59.09 -19.88 1.39
N ILE J 54 57.85 -20.27 1.10
CA ILE J 54 57.37 -20.45 -0.26
C ILE J 54 56.34 -19.38 -0.54
N SER J 55 56.59 -18.56 -1.55
CA SER J 55 55.66 -17.48 -1.88
C SER J 55 54.29 -18.06 -2.19
N THR J 56 53.27 -17.43 -1.62
CA THR J 56 51.90 -17.89 -1.82
C THR J 56 51.27 -17.35 -3.09
N GLY J 57 52.06 -16.75 -3.98
CA GLY J 57 51.53 -16.23 -5.21
C GLY J 57 50.81 -14.91 -5.09
N SER J 58 50.82 -14.29 -3.92
CA SER J 58 50.20 -13.00 -3.72
C SER J 58 50.97 -12.26 -2.64
N LEU J 59 51.23 -10.97 -2.88
CA LEU J 59 52.00 -10.19 -1.93
C LEU J 59 51.19 -9.84 -0.69
N GLY J 60 49.86 -9.76 -0.81
CA GLY J 60 49.05 -9.46 0.35
C GLY J 60 49.22 -10.51 1.44
N LEU J 61 49.21 -11.78 1.07
CA LEU J 61 49.46 -12.84 2.05
C LEU J 61 50.91 -12.83 2.53
N ASP J 62 51.86 -12.56 1.64
CA ASP J 62 53.26 -12.55 2.05
C ASP J 62 53.50 -11.52 3.13
N ILE J 63 52.89 -10.35 2.99
CA ILE J 63 53.00 -9.33 4.03
C ILE J 63 52.45 -9.86 5.34
N ALA J 64 51.25 -10.42 5.33
CA ALA J 64 50.61 -10.84 6.57
C ALA J 64 51.40 -11.93 7.26
N LEU J 65 51.92 -12.89 6.50
CA LEU J 65 52.64 -14.01 7.10
C LEU J 65 53.93 -13.60 7.77
N GLY J 66 54.44 -12.40 7.49
CA GLY J 66 55.67 -11.96 8.10
C GLY J 66 56.91 -12.48 7.40
N ILE J 67 56.87 -13.72 6.96
CA ILE J 67 58.00 -14.30 6.23
C ILE J 67 57.87 -14.08 4.72
N GLY J 68 56.67 -13.72 4.26
CA GLY J 68 56.47 -13.53 2.84
C GLY J 68 56.02 -14.80 2.14
N GLY J 69 55.48 -15.72 2.91
CA GLY J 69 55.00 -16.97 2.37
C GLY J 69 54.93 -18.02 3.46
N LEU J 70 54.38 -19.17 3.10
CA LEU J 70 54.25 -20.26 4.05
C LEU J 70 55.63 -20.77 4.44
N PRO J 71 55.83 -21.27 5.64
CA PRO J 71 57.16 -21.76 6.04
C PRO J 71 57.47 -23.13 5.47
N LYS J 72 58.63 -23.68 5.85
CA LYS J 72 58.99 -25.04 5.50
C LYS J 72 58.84 -25.96 6.71
N GLY J 73 58.62 -27.23 6.43
CA GLY J 73 58.50 -28.21 7.51
C GLY J 73 57.39 -27.90 8.49
N ARG J 74 56.38 -27.17 8.05
CA ARG J 74 55.30 -26.74 8.94
C ARG J 74 53.95 -27.05 8.31
N ILE J 75 53.19 -27.93 8.95
CA ILE J 75 51.83 -28.17 8.52
C ILE J 75 51.10 -26.84 8.45
N VAL J 76 50.29 -26.66 7.41
CA VAL J 76 49.49 -25.46 7.23
C VAL J 76 48.08 -25.89 6.87
N GLU J 77 47.09 -25.29 7.52
CA GLU J 77 45.70 -25.69 7.31
C GLU J 77 44.87 -24.47 6.97
N ILE J 78 44.26 -24.47 5.79
CA ILE J 78 43.46 -23.37 5.30
C ILE J 78 42.03 -23.87 5.10
N TYR J 79 41.07 -23.14 5.64
CA TYR J 79 39.68 -23.52 5.57
C TYR J 79 38.85 -22.29 5.19
N GLY J 80 37.67 -22.55 4.63
CA GLY J 80 36.78 -21.48 4.28
C GLY J 80 35.48 -21.98 3.69
N PRO J 81 34.47 -21.11 3.63
CA PRO J 81 33.16 -21.54 3.13
C PRO J 81 33.26 -22.15 1.74
N GLU J 82 32.15 -22.73 1.31
CA GLU J 82 32.10 -23.38 0.01
C GLU J 82 32.35 -22.37 -1.11
N SER J 83 33.05 -22.83 -2.14
CA SER J 83 33.36 -21.98 -3.30
C SER J 83 34.05 -20.69 -2.86
N SER J 84 34.99 -20.82 -1.92
CA SER J 84 35.68 -19.65 -1.42
C SER J 84 36.99 -19.39 -2.15
N GLY J 85 37.68 -20.44 -2.57
CA GLY J 85 38.90 -20.27 -3.32
C GLY J 85 40.11 -20.97 -2.75
N LYS J 86 39.88 -21.98 -1.90
CA LYS J 86 40.99 -22.70 -1.30
C LYS J 86 41.82 -23.41 -2.36
N THR J 87 41.16 -24.09 -3.29
CA THR J 87 41.88 -24.87 -4.29
C THR J 87 42.73 -23.97 -5.18
N THR J 88 42.20 -22.81 -5.56
CA THR J 88 43.00 -21.91 -6.39
C THR J 88 44.24 -21.42 -5.65
N LEU J 89 44.09 -21.09 -4.37
CA LEU J 89 45.24 -20.66 -3.60
C LEU J 89 46.30 -21.74 -3.50
N THR J 90 45.87 -22.98 -3.21
CA THR J 90 46.86 -24.06 -3.12
C THR J 90 47.50 -24.31 -4.48
N LEU J 91 46.74 -24.19 -5.57
CA LEU J 91 47.33 -24.35 -6.90
C LEU J 91 48.35 -23.24 -7.18
N SER J 92 48.06 -22.02 -6.76
CA SER J 92 49.04 -20.94 -6.92
C SER J 92 50.31 -21.24 -6.13
N VAL J 93 50.15 -21.78 -4.92
CA VAL J 93 51.33 -22.19 -4.16
C VAL J 93 52.12 -23.23 -4.92
N ILE J 94 51.42 -24.21 -5.51
CA ILE J 94 52.10 -25.24 -6.29
C ILE J 94 52.85 -24.62 -7.46
N ALA J 95 52.22 -23.64 -8.13
CA ALA J 95 52.86 -22.99 -9.25
C ALA J 95 54.13 -22.27 -8.83
N GLU J 96 54.08 -21.56 -7.71
CA GLU J 96 55.28 -20.88 -7.21
C GLU J 96 56.38 -21.88 -6.88
N ALA J 97 56.01 -22.97 -6.20
CA ALA J 97 57.01 -23.97 -5.83
C ALA J 97 57.65 -24.59 -7.07
N GLN J 98 56.84 -24.88 -8.09
CA GLN J 98 57.40 -25.42 -9.33
C GLN J 98 58.31 -24.39 -10.01
N LYS J 99 57.91 -23.12 -10.02
CA LYS J 99 58.75 -22.09 -10.61
C LYS J 99 60.11 -22.04 -9.92
N GLN J 100 60.14 -22.15 -8.59
CA GLN J 100 61.42 -22.21 -7.91
C GLN J 100 62.22 -23.45 -8.29
N GLY J 101 61.58 -24.44 -8.90
CA GLY J 101 62.27 -25.66 -9.29
C GLY J 101 62.20 -26.72 -8.21
N ALA J 102 61.02 -26.94 -7.65
CA ALA J 102 60.82 -27.91 -6.58
C ALA J 102 59.70 -28.85 -6.96
N THR J 103 59.97 -30.15 -6.87
CA THR J 103 58.95 -31.15 -7.16
C THR J 103 57.79 -31.00 -6.20
N CYS J 104 56.57 -31.02 -6.73
CA CYS J 104 55.37 -30.88 -5.94
C CYS J 104 54.58 -32.18 -5.93
N ALA J 105 53.45 -32.17 -5.22
CA ALA J 105 52.60 -33.35 -5.13
C ALA J 105 51.26 -32.94 -4.55
N PHE J 106 50.18 -33.22 -5.28
CA PHE J 106 48.83 -32.87 -4.88
C PHE J 106 48.02 -34.14 -4.70
N VAL J 107 47.58 -34.41 -3.47
CA VAL J 107 46.80 -35.59 -3.16
C VAL J 107 45.34 -35.18 -3.04
N ASP J 108 44.51 -35.67 -3.94
CA ASP J 108 43.11 -35.29 -4.02
C ASP J 108 42.28 -36.22 -3.16
N ALA J 109 41.31 -35.66 -2.44
CA ALA J 109 40.41 -36.44 -1.61
C ALA J 109 39.00 -36.50 -2.14
N GLU J 110 38.39 -35.35 -2.46
CA GLU J 110 37.05 -35.35 -3.02
C GLU J 110 37.00 -35.81 -4.47
N HIS J 111 38.13 -36.25 -5.02
CA HIS J 111 38.16 -36.63 -6.42
C HIS J 111 37.62 -35.50 -7.30
N ALA J 112 37.96 -34.27 -6.93
CA ALA J 112 37.53 -33.07 -7.64
C ALA J 112 38.77 -32.31 -8.07
N LEU J 113 39.21 -32.51 -9.31
CA LEU J 113 40.34 -31.79 -9.87
C LEU J 113 40.35 -31.89 -11.38
N ASP J 114 40.41 -30.75 -12.06
CA ASP J 114 40.52 -30.74 -13.51
C ASP J 114 41.88 -30.19 -13.90
N PRO J 115 42.85 -31.05 -14.23
CA PRO J 115 44.18 -30.53 -14.58
C PRO J 115 44.14 -29.47 -15.66
N ASP J 116 43.12 -29.49 -16.53
CA ASP J 116 43.01 -28.45 -17.53
C ASP J 116 42.90 -27.08 -16.90
N TYR J 117 42.10 -26.96 -15.84
CA TYR J 117 42.00 -25.67 -15.15
C TYR J 117 43.28 -25.33 -14.40
N ALA J 118 43.86 -26.31 -13.70
CA ALA J 118 45.10 -26.04 -12.96
C ALA J 118 46.19 -25.56 -13.91
N GLY J 119 46.17 -26.03 -15.16
CA GLY J 119 47.11 -25.55 -16.15
C GLY J 119 46.98 -24.07 -16.45
N LYS J 120 45.76 -23.53 -16.39
CA LYS J 120 45.59 -22.10 -16.61
C LYS J 120 46.31 -21.29 -15.55
N LEU J 121 46.28 -21.77 -14.30
CA LEU J 121 46.99 -21.05 -13.24
C LEU J 121 48.48 -20.99 -13.52
N GLY J 122 49.06 -22.08 -14.02
CA GLY J 122 50.46 -22.07 -14.38
C GLY J 122 51.20 -23.32 -13.96
N VAL J 123 50.58 -24.13 -13.12
CA VAL J 123 51.23 -25.35 -12.64
C VAL J 123 51.62 -26.22 -13.82
N ASN J 124 52.88 -26.68 -13.82
CA ASN J 124 53.38 -27.52 -14.88
C ASN J 124 52.81 -28.92 -14.69
N VAL J 125 51.56 -29.11 -15.12
CA VAL J 125 50.84 -30.34 -14.80
C VAL J 125 51.63 -31.56 -15.25
N ASP J 126 52.46 -31.42 -16.28
CA ASP J 126 53.24 -32.55 -16.74
C ASP J 126 54.16 -33.08 -15.66
N ASP J 127 54.46 -32.27 -14.65
CA ASP J 127 55.29 -32.68 -13.52
C ASP J 127 54.51 -32.33 -12.25
N LEU J 128 53.61 -33.21 -11.85
CA LEU J 128 52.81 -33.00 -10.66
C LEU J 128 52.27 -34.36 -10.20
N LEU J 129 52.61 -34.72 -8.97
CA LEU J 129 52.23 -36.02 -8.42
C LEU J 129 50.84 -35.88 -7.81
N VAL J 130 49.85 -36.47 -8.47
CA VAL J 130 48.46 -36.40 -8.04
C VAL J 130 47.99 -37.80 -7.70
N SER J 131 47.30 -37.92 -6.58
CA SER J 131 46.68 -39.18 -6.19
C SER J 131 45.23 -38.92 -5.82
N GLN J 132 44.39 -39.94 -6.03
CA GLN J 132 42.98 -39.87 -5.71
C GLN J 132 42.60 -41.11 -4.91
N PRO J 133 43.12 -41.22 -3.68
CA PRO J 133 42.85 -42.41 -2.87
C PRO J 133 41.38 -42.53 -2.54
N ASP J 134 40.88 -43.76 -2.58
CA ASP J 134 39.46 -44.00 -2.27
C ASP J 134 39.20 -43.90 -0.78
N THR J 135 40.07 -44.47 0.04
CA THR J 135 39.90 -44.49 1.49
C THR J 135 40.86 -43.53 2.16
N GLY J 136 40.37 -42.81 3.17
CA GLY J 136 41.19 -41.79 3.79
C GLY J 136 42.51 -42.32 4.33
N GLU J 137 42.47 -43.49 4.97
CA GLU J 137 43.70 -44.06 5.50
C GLU J 137 44.74 -44.21 4.39
N GLN J 138 44.30 -44.59 3.19
CA GLN J 138 45.24 -44.68 2.08
C GLN J 138 45.81 -43.32 1.73
N ALA J 139 44.99 -42.26 1.80
CA ALA J 139 45.50 -40.93 1.53
C ALA J 139 46.59 -40.55 2.52
N LEU J 140 46.37 -40.83 3.80
CA LEU J 140 47.37 -40.46 4.80
C LEU J 140 48.63 -41.32 4.66
N GLU J 141 48.47 -42.61 4.35
CA GLU J 141 49.63 -43.45 4.13
C GLU J 141 50.45 -42.97 2.93
N ILE J 142 49.77 -42.58 1.86
CA ILE J 142 50.48 -42.05 0.70
C ILE J 142 51.21 -40.77 1.08
N THR J 143 50.55 -39.89 1.84
CA THR J 143 51.21 -38.67 2.25
C THR J 143 52.47 -38.96 3.06
N ASP J 144 52.39 -39.90 3.99
CA ASP J 144 53.56 -40.25 4.78
C ASP J 144 54.67 -40.85 3.92
N MET J 145 54.33 -41.85 3.11
CA MET J 145 55.34 -42.51 2.28
C MET J 145 55.98 -41.50 1.34
N LEU J 146 55.23 -40.49 0.93
CA LEU J 146 55.78 -39.46 0.07
C LEU J 146 56.71 -38.53 0.84
N VAL J 147 56.30 -38.13 2.05
CA VAL J 147 57.11 -37.23 2.85
C VAL J 147 58.45 -37.87 3.18
N ARG J 148 58.43 -39.13 3.61
CA ARG J 148 59.66 -39.79 4.02
C ARG J 148 60.68 -39.85 2.88
N SER J 149 60.22 -39.76 1.64
CA SER J 149 61.14 -39.88 0.51
C SER J 149 62.14 -38.74 0.44
N ASN J 150 61.90 -37.62 1.12
CA ASN J 150 62.77 -36.45 1.07
C ASN J 150 62.80 -35.86 -0.33
N ALA J 151 61.89 -36.29 -1.20
CA ALA J 151 61.87 -35.85 -2.58
C ALA J 151 60.90 -34.70 -2.83
N VAL J 152 59.61 -34.90 -2.51
CA VAL J 152 58.61 -33.86 -2.74
C VAL J 152 58.87 -32.70 -1.79
N ASP J 153 58.49 -31.50 -2.20
CA ASP J 153 58.69 -30.32 -1.38
C ASP J 153 57.40 -29.65 -0.95
N VAL J 154 56.29 -29.89 -1.65
CA VAL J 154 54.98 -29.42 -1.23
C VAL J 154 53.99 -30.55 -1.46
N ILE J 155 53.16 -30.82 -0.47
CA ILE J 155 52.21 -31.91 -0.52
C ILE J 155 50.86 -31.37 -0.05
N ILE J 156 50.01 -31.00 -0.99
CA ILE J 156 48.68 -30.47 -0.70
C ILE J 156 47.72 -31.63 -0.59
N VAL J 157 47.10 -31.78 0.58
CA VAL J 157 46.04 -32.76 0.78
C VAL J 157 44.73 -31.98 0.83
N ASP J 158 43.81 -32.33 -0.06
CA ASP J 158 42.59 -31.55 -0.26
C ASP J 158 41.47 -32.11 0.59
N SER J 159 40.68 -31.22 1.18
CA SER J 159 39.43 -31.58 1.85
C SER J 159 39.67 -32.63 2.93
N VAL J 160 40.35 -32.20 4.00
CA VAL J 160 40.53 -33.07 5.16
C VAL J 160 39.23 -33.78 5.51
N ALA J 161 38.10 -33.11 5.30
CA ALA J 161 36.82 -33.72 5.64
C ALA J 161 36.45 -34.88 4.75
N ALA J 162 37.02 -34.96 3.55
CA ALA J 162 36.59 -35.97 2.59
C ALA J 162 37.37 -37.27 2.71
N LEU J 163 38.26 -37.40 3.69
CA LEU J 163 38.99 -38.64 3.89
C LEU J 163 38.26 -39.48 4.93
N VAL J 164 37.50 -40.45 4.43
CA VAL J 164 36.68 -41.31 5.30
C VAL J 164 37.52 -42.49 5.78
N PRO J 165 37.45 -42.85 7.06
CA PRO J 165 38.18 -44.04 7.52
C PRO J 165 37.65 -45.29 6.84
N LYS J 166 38.55 -46.25 6.62
CA LYS J 166 38.15 -47.48 5.95
C LYS J 166 37.09 -48.22 6.73
N ALA J 167 37.19 -48.20 8.07
CA ALA J 167 36.19 -48.87 8.89
C ALA J 167 34.79 -48.34 8.61
N GLU J 168 34.69 -47.05 8.28
CA GLU J 168 33.39 -46.48 7.96
C GLU J 168 32.93 -46.90 6.57
N ILE J 169 33.84 -46.91 5.59
CA ILE J 169 33.44 -47.29 4.24
C ILE J 169 32.95 -48.73 4.21
N GLU J 170 33.61 -49.61 4.95
CA GLU J 170 33.13 -50.99 5.01
C GLU J 170 31.71 -51.06 5.57
N GLY J 171 31.44 -50.31 6.63
CA GLY J 171 30.14 -50.35 7.25
C GLY J 171 29.08 -49.65 6.44
N GLU J 172 27.82 -49.91 6.81
CA GLU J 172 26.68 -49.31 6.14
C GLU J 172 26.42 -47.90 6.65
N MET J 173 25.56 -47.18 5.94
CA MET J 173 25.27 -45.79 6.29
C MET J 173 24.51 -45.71 7.61
N GLY J 174 24.69 -44.60 8.31
CA GLY J 174 24.03 -44.39 9.56
C GLY J 174 24.67 -45.06 10.76
N ASP J 175 25.80 -45.75 10.57
CA ASP J 175 26.46 -46.37 11.70
C ASP J 175 26.99 -45.32 12.66
N ALA J 176 27.01 -45.68 13.95
CA ALA J 176 27.51 -44.79 14.98
C ALA J 176 29.02 -44.97 15.11
N HIS J 177 29.75 -44.27 14.24
CA HIS J 177 31.19 -44.21 14.27
C HIS J 177 31.68 -42.81 14.59
N VAL J 178 31.03 -42.17 15.57
CA VAL J 178 31.36 -40.79 15.90
C VAL J 178 32.78 -40.72 16.44
N GLY J 179 33.56 -39.77 15.91
CA GLY J 179 34.90 -39.54 16.38
C GLY J 179 35.96 -40.39 15.73
N LEU J 180 35.59 -41.38 14.93
CA LEU J 180 36.61 -42.23 14.32
C LEU J 180 37.52 -41.43 13.41
N GLN J 181 36.94 -40.55 12.58
CA GLN J 181 37.78 -39.75 11.69
C GLN J 181 38.68 -38.81 12.47
N ALA J 182 38.18 -38.25 13.56
CA ALA J 182 39.01 -37.37 14.37
C ALA J 182 40.20 -38.12 14.94
N ARG J 183 39.97 -39.35 15.41
CA ARG J 183 41.08 -40.15 15.91
C ARG J 183 42.06 -40.48 14.80
N LEU J 184 41.55 -40.81 13.61
CA LEU J 184 42.44 -41.07 12.49
C LEU J 184 43.32 -39.86 12.19
N MET J 185 42.71 -38.67 12.14
CA MET J 185 43.49 -37.47 11.86
C MET J 185 44.50 -37.19 12.95
N SER J 186 44.10 -37.33 14.22
CA SER J 186 45.03 -37.06 15.31
C SER J 186 46.20 -38.02 15.27
N GLN J 187 45.96 -39.30 14.94
CA GLN J 187 47.06 -40.24 14.81
C GLN J 187 47.90 -39.94 13.58
N ALA J 188 47.30 -39.36 12.55
CA ALA J 188 48.05 -39.05 11.35
C ALA J 188 49.09 -37.98 11.60
N LEU J 189 48.68 -36.85 12.20
CA LEU J 189 49.63 -35.78 12.46
C LEU J 189 50.75 -36.23 13.38
N ARG J 190 50.43 -37.12 14.33
CA ARG J 190 51.44 -37.57 15.29
C ARG J 190 52.63 -38.21 14.60
N LYS J 191 52.43 -38.81 13.44
CA LYS J 191 53.49 -39.46 12.69
C LYS J 191 54.09 -38.58 11.61
N ILE J 192 53.52 -37.41 11.35
CA ILE J 192 53.97 -36.56 10.26
C ILE J 192 54.80 -35.37 10.71
N THR J 193 54.61 -34.90 11.94
CA THR J 193 55.36 -33.72 12.39
C THR J 193 56.85 -33.99 12.41
N GLY J 194 57.26 -35.16 12.86
CA GLY J 194 58.67 -35.44 12.99
C GLY J 194 59.43 -35.61 11.70
N ASN J 195 58.75 -35.95 10.60
CA ASN J 195 59.42 -36.13 9.32
C ASN J 195 59.35 -34.91 8.42
N ILE J 196 58.29 -34.09 8.54
CA ILE J 196 58.20 -32.90 7.71
C ILE J 196 59.42 -32.01 7.94
N LYS J 197 59.79 -31.80 9.20
CA LYS J 197 60.95 -30.99 9.49
C LYS J 197 62.21 -31.59 8.90
N ASN J 198 62.36 -32.92 9.00
CA ASN J 198 63.54 -33.56 8.46
C ASN J 198 63.53 -33.60 6.94
N ALA J 199 62.41 -33.24 6.31
CA ALA J 199 62.33 -33.22 4.86
C ALA J 199 62.09 -31.84 4.27
N ASN J 200 61.88 -30.82 5.10
CA ASN J 200 61.63 -29.46 4.61
C ASN J 200 60.44 -29.43 3.64
N CYS J 201 59.44 -30.25 3.92
CA CYS J 201 58.23 -30.26 3.10
C CYS J 201 57.35 -29.08 3.51
N LEU J 202 56.13 -29.05 2.99
CA LEU J 202 55.14 -28.06 3.43
C LEU J 202 53.76 -28.66 3.15
N VAL J 203 53.21 -29.34 4.15
CA VAL J 203 51.94 -30.05 4.00
C VAL J 203 50.80 -29.08 4.29
N ILE J 204 49.91 -28.93 3.32
CA ILE J 204 48.79 -28.01 3.44
C ILE J 204 47.50 -28.81 3.45
N PHE J 205 46.71 -28.65 4.50
CA PHE J 205 45.42 -29.32 4.61
C PHE J 205 44.31 -28.34 4.26
N ILE J 206 43.23 -28.87 3.70
CA ILE J 206 42.06 -28.10 3.33
C ILE J 206 40.89 -28.62 4.14
N ASN J 207 40.24 -27.74 4.89
CA ASN J 207 39.10 -28.13 5.70
C ASN J 207 37.81 -27.55 5.13
N GLN J 208 36.73 -27.75 5.86
CA GLN J 208 35.43 -27.21 5.52
C GLN J 208 34.76 -26.71 6.79
N ILE J 209 33.69 -25.95 6.63
CA ILE J 209 33.03 -25.31 7.75
C ILE J 209 31.73 -26.03 8.05
N ARG J 210 31.56 -26.45 9.30
CA ARG J 210 30.33 -27.10 9.75
C ARG J 210 29.86 -26.41 11.02
N MET J 211 28.66 -25.84 10.96
CA MET J 211 28.11 -25.13 12.12
C MET J 211 27.81 -26.13 13.21
N LYS J 212 28.49 -25.99 14.34
CA LYS J 212 28.28 -26.91 15.46
C LYS J 212 27.03 -26.51 16.25
N ILE J 213 26.50 -27.47 17.00
CA ILE J 213 25.26 -27.26 17.71
C ILE J 213 25.53 -26.60 19.06
N GLY J 214 24.56 -25.81 19.52
CA GLY J 214 24.70 -25.13 20.79
C GLY J 214 25.82 -24.13 20.83
N VAL J 215 25.92 -23.28 19.80
CA VAL J 215 26.99 -22.29 19.71
C VAL J 215 26.39 -20.89 19.74
N MET J 216 25.31 -20.72 20.50
CA MET J 216 24.64 -19.42 20.53
C MET J 216 25.60 -18.28 20.83
N PHE J 217 26.57 -18.51 21.71
CA PHE J 217 27.56 -17.51 22.09
C PHE J 217 28.87 -17.85 21.43
N GLY J 218 29.28 -17.02 20.46
CA GLY J 218 30.54 -17.21 19.79
C GLY J 218 30.41 -17.24 18.29
N ASN J 219 31.35 -17.91 17.62
CA ASN J 219 31.28 -18.07 16.18
C ASN J 219 30.77 -19.46 15.85
N PRO J 220 29.55 -19.60 15.32
CA PRO J 220 29.03 -20.95 15.05
C PRO J 220 29.92 -21.75 14.12
N GLU J 221 30.57 -21.10 13.16
CA GLU J 221 31.43 -21.81 12.22
C GLU J 221 32.43 -22.68 12.97
N THR J 222 32.74 -23.83 12.39
CA THR J 222 33.70 -24.75 12.97
C THR J 222 34.28 -25.64 11.89
N THR J 223 35.59 -25.81 11.91
CA THR J 223 36.23 -26.68 10.95
C THR J 223 35.90 -28.14 11.25
N THR J 224 36.18 -29.00 10.29
CA THR J 224 35.90 -30.42 10.40
C THR J 224 37.19 -31.20 10.58
N GLY J 225 37.07 -32.52 10.55
CA GLY J 225 38.24 -33.37 10.71
C GLY J 225 38.86 -33.30 12.08
N GLY J 226 38.04 -33.30 13.12
CA GLY J 226 38.57 -33.26 14.46
C GLY J 226 39.31 -31.96 14.73
N ASN J 227 39.79 -31.85 15.97
CA ASN J 227 40.52 -30.66 16.39
C ASN J 227 41.96 -30.95 16.76
N ALA J 228 42.48 -32.13 16.43
CA ALA J 228 43.91 -32.37 16.60
C ALA J 228 44.74 -31.65 15.56
N LEU J 229 44.15 -31.29 14.41
CA LEU J 229 44.90 -30.59 13.38
C LEU J 229 45.30 -29.20 13.82
N LYS J 230 44.43 -28.48 14.52
CA LYS J 230 44.69 -27.08 14.79
C LYS J 230 45.80 -26.88 15.82
N PHE J 231 46.18 -27.92 16.55
CA PHE J 231 47.35 -27.79 17.42
C PHE J 231 48.64 -27.84 16.62
N TYR J 232 48.74 -28.76 15.66
CA TYR J 232 49.97 -28.90 14.90
C TYR J 232 50.09 -27.86 13.80
N ALA J 233 48.97 -27.34 13.31
CA ALA J 233 48.99 -26.42 12.19
C ALA J 233 49.88 -25.22 12.53
N SER J 234 51.00 -25.10 11.82
CA SER J 234 51.93 -24.01 12.10
C SER J 234 51.32 -22.66 11.75
N VAL J 235 50.52 -22.59 10.69
CA VAL J 235 49.85 -21.37 10.28
C VAL J 235 48.50 -21.72 9.66
N ARG J 236 47.43 -21.25 10.29
CA ARG J 236 46.07 -21.58 9.88
C ARG J 236 45.42 -20.36 9.25
N LEU J 237 44.98 -20.50 8.01
CA LEU J 237 44.36 -19.42 7.27
C LEU J 237 42.84 -19.48 7.41
N ASP J 238 42.17 -18.58 6.71
CA ASP J 238 40.72 -18.51 6.70
C ASP J 238 40.29 -17.73 5.47
N ILE J 239 39.98 -18.42 4.37
CA ILE J 239 39.66 -17.78 3.11
C ILE J 239 38.15 -17.61 3.01
N ARG J 240 37.71 -16.37 2.85
CA ARG J 240 36.26 -16.08 2.79
C ARG J 240 35.98 -15.14 1.60
N ARG J 241 35.23 -15.61 0.61
CA ARG J 241 34.92 -14.80 -0.59
C ARG J 241 33.93 -13.69 -0.22
N THR J 242 34.35 -12.43 -0.37
CA THR J 242 33.49 -11.28 0.01
C THR J 242 32.59 -10.90 -1.16
N GLY J 243 33.16 -10.59 -2.32
CA GLY J 243 32.35 -10.12 -3.46
C GLY J 243 32.77 -10.71 -4.79
N ALA J 244 32.40 -10.04 -5.89
CA ALA J 244 32.74 -10.54 -7.24
C ALA J 244 33.09 -9.37 -8.16
N VAL J 245 34.05 -9.57 -9.06
CA VAL J 245 34.45 -8.54 -10.02
C VAL J 245 33.75 -8.78 -11.34
N LYS J 246 32.98 -7.77 -11.78
CA LYS J 246 32.23 -7.86 -13.02
C LYS J 246 32.88 -6.96 -14.07
N GLU J 247 32.78 -7.36 -15.33
CA GLU J 247 33.17 -6.52 -16.44
C GLU J 247 31.88 -6.12 -17.16
N GLY J 248 31.24 -5.07 -16.66
CA GLY J 248 29.99 -4.60 -17.23
C GLY J 248 28.80 -5.45 -16.88
N ASP J 249 28.77 -6.68 -17.38
CA ASP J 249 27.59 -7.53 -17.24
C ASP J 249 27.87 -8.93 -16.73
N GLU J 250 29.08 -9.46 -16.92
CA GLU J 250 29.39 -10.83 -16.53
C GLU J 250 30.51 -10.83 -15.50
N VAL J 251 30.47 -11.82 -14.61
CA VAL J 251 31.44 -11.92 -13.52
C VAL J 251 32.71 -12.59 -14.04
N VAL J 252 33.85 -11.98 -13.77
CA VAL J 252 35.13 -12.50 -14.22
C VAL J 252 36.03 -12.95 -13.09
N GLY J 253 35.77 -12.56 -11.85
CA GLY J 253 36.61 -12.96 -10.74
C GLY J 253 35.90 -12.74 -9.42
N SER J 254 36.60 -13.07 -8.34
CA SER J 254 36.05 -13.00 -7.00
C SER J 254 36.96 -12.18 -6.10
N GLU J 255 36.35 -11.50 -5.13
CA GLU J 255 37.07 -10.71 -4.14
C GLU J 255 37.20 -11.56 -2.88
N THR J 256 38.37 -12.17 -2.69
CA THR J 256 38.61 -13.07 -1.57
C THR J 256 39.38 -12.35 -0.47
N ARG J 257 39.08 -12.70 0.77
CA ARG J 257 39.74 -12.14 1.94
C ARG J 257 40.37 -13.26 2.75
N VAL J 258 41.66 -13.13 3.05
CA VAL J 258 42.39 -14.12 3.82
C VAL J 258 42.74 -13.51 5.18
N LYS J 259 42.39 -14.22 6.24
CA LYS J 259 42.63 -13.75 7.60
C LYS J 259 43.41 -14.78 8.37
N VAL J 260 44.68 -14.49 8.66
CA VAL J 260 45.54 -15.48 9.29
C VAL J 260 45.10 -15.66 10.74
N VAL J 261 44.29 -16.69 10.98
CA VAL J 261 43.72 -16.88 12.31
C VAL J 261 44.79 -17.30 13.31
N LYS J 262 45.71 -18.16 12.87
CA LYS J 262 46.78 -18.64 13.74
C LYS J 262 48.11 -18.47 13.03
N ASN J 263 49.18 -18.31 13.80
CA ASN J 263 50.52 -18.18 13.25
C ASN J 263 51.50 -18.29 14.40
N LYS J 264 52.55 -19.10 14.23
CA LYS J 264 53.64 -19.13 15.18
C LYS J 264 54.98 -18.80 14.54
N VAL J 265 54.99 -17.96 13.49
CA VAL J 265 56.21 -17.44 12.92
C VAL J 265 56.17 -15.93 12.75
N SER J 266 55.05 -15.30 13.02
CA SER J 266 54.93 -13.84 12.96
C SER J 266 53.56 -13.46 13.52
N PRO J 267 53.31 -12.18 13.73
CA PRO J 267 52.04 -11.76 14.35
C PRO J 267 50.86 -12.28 13.56
N PRO J 268 49.82 -12.75 14.24
CA PRO J 268 48.64 -13.26 13.54
C PRO J 268 47.61 -12.19 13.24
N PHE J 269 46.54 -12.57 12.57
CA PHE J 269 45.40 -11.69 12.31
C PHE J 269 45.73 -10.58 11.31
N ARG J 270 46.72 -10.80 10.45
CA ARG J 270 47.08 -9.84 9.43
C ARG J 270 46.25 -10.08 8.17
N GLN J 271 44.95 -9.84 8.31
CA GLN J 271 44.04 -10.12 7.21
C GLN J 271 44.47 -9.38 5.95
N ALA J 272 44.51 -10.11 4.84
CA ALA J 272 44.89 -9.56 3.55
C ALA J 272 43.78 -9.83 2.55
N GLU J 273 43.64 -8.93 1.58
CA GLU J 273 42.56 -9.00 0.61
C GLU J 273 43.13 -8.94 -0.80
N PHE J 274 42.42 -9.54 -1.74
CA PHE J 274 42.81 -9.48 -3.14
C PHE J 274 41.72 -10.14 -3.98
N GLN J 275 41.96 -10.19 -5.29
CA GLN J 275 40.99 -10.73 -6.24
C GLN J 275 41.58 -11.93 -6.95
N ILE J 276 40.72 -12.87 -7.32
CA ILE J 276 41.10 -14.04 -8.09
C ILE J 276 40.37 -13.99 -9.42
N LEU J 277 41.13 -14.04 -10.52
CA LEU J 277 40.55 -13.99 -11.85
C LEU J 277 40.46 -15.39 -12.43
N TYR J 278 39.28 -15.76 -12.89
CA TYR J 278 39.05 -17.11 -13.39
C TYR J 278 39.96 -17.36 -14.59
N GLY J 279 40.65 -18.49 -14.60
CA GLY J 279 41.53 -18.81 -15.70
C GLY J 279 42.90 -18.15 -15.60
N LYS J 280 42.93 -16.83 -15.46
CA LYS J 280 44.21 -16.14 -15.32
C LYS J 280 44.87 -16.47 -13.99
N GLY J 281 44.09 -16.51 -12.91
CA GLY J 281 44.64 -16.85 -11.61
C GLY J 281 44.45 -15.77 -10.57
N ILE J 282 45.50 -15.48 -9.80
CA ILE J 282 45.42 -14.44 -8.78
C ILE J 282 45.91 -13.12 -9.37
N TYR J 283 45.21 -12.04 -9.03
CA TYR J 283 45.50 -10.71 -9.59
C TYR J 283 46.67 -10.08 -8.82
N ARG J 284 47.88 -10.48 -9.23
CA ARG J 284 49.08 -9.94 -8.61
C ARG J 284 49.26 -8.46 -8.92
N THR J 285 49.03 -8.07 -10.18
CA THR J 285 49.29 -6.70 -10.58
C THR J 285 48.38 -5.71 -9.85
N GLY J 286 47.09 -6.02 -9.73
CA GLY J 286 46.21 -5.11 -9.00
C GLY J 286 46.64 -4.92 -7.57
N GLU J 287 46.99 -6.01 -6.89
CA GLU J 287 47.42 -5.89 -5.50
C GLU J 287 48.73 -5.12 -5.40
N ILE J 288 49.67 -5.33 -6.32
CA ILE J 288 50.93 -4.58 -6.24
C ILE J 288 50.67 -3.09 -6.46
N ILE J 289 49.80 -2.76 -7.41
CA ILE J 289 49.50 -1.36 -7.67
C ILE J 289 48.87 -0.71 -6.46
N ASP J 290 47.89 -1.39 -5.84
CA ASP J 290 47.26 -0.81 -4.66
C ASP J 290 48.25 -0.71 -3.50
N LEU J 291 49.13 -1.70 -3.35
CA LEU J 291 50.15 -1.64 -2.32
C LEU J 291 51.03 -0.41 -2.52
N GLY J 292 51.48 -0.18 -3.75
CA GLY J 292 52.28 1.00 -4.02
C GLY J 292 51.54 2.29 -3.75
N VAL J 293 50.28 2.39 -4.18
CA VAL J 293 49.54 3.63 -3.99
C VAL J 293 49.33 3.90 -2.52
N GLN J 294 48.93 2.89 -1.75
CA GLN J 294 48.74 3.09 -0.32
C GLN J 294 50.06 3.47 0.34
N LEU J 295 51.13 2.75 0.04
CA LEU J 295 52.43 3.09 0.59
C LEU J 295 52.86 4.48 0.16
N GLY J 296 52.64 4.82 -1.10
CA GLY J 296 52.95 6.16 -1.58
C GLY J 296 53.82 6.18 -2.82
N LEU J 297 54.42 5.03 -3.16
CA LEU J 297 55.32 5.00 -4.30
C LEU J 297 54.57 5.34 -5.60
N VAL J 298 53.37 4.81 -5.77
CA VAL J 298 52.56 5.11 -6.94
C VAL J 298 51.56 6.19 -6.56
N GLU J 299 51.91 7.45 -6.83
CA GLU J 299 51.06 8.57 -6.42
C GLU J 299 49.84 8.68 -7.32
N LYS J 300 48.72 9.03 -6.70
CA LYS J 300 47.45 9.23 -7.40
C LYS J 300 46.83 10.53 -6.92
N SER J 301 46.17 11.24 -7.84
CA SER J 301 45.48 12.50 -7.50
C SER J 301 44.00 12.20 -7.26
N GLY J 302 43.75 11.43 -6.21
CA GLY J 302 42.39 11.05 -5.87
C GLY J 302 41.87 9.92 -6.72
N ALA J 303 41.73 10.16 -8.02
CA ALA J 303 41.25 9.15 -8.95
C ALA J 303 42.14 8.96 -10.16
N TRP J 304 43.28 9.66 -10.25
CA TRP J 304 44.17 9.57 -11.40
C TRP J 304 45.45 8.87 -10.98
N TYR J 305 45.67 7.67 -11.52
CA TYR J 305 46.86 6.90 -11.18
C TYR J 305 48.07 7.44 -11.92
N SER J 306 49.20 7.51 -11.22
CA SER J 306 50.42 8.03 -11.83
C SER J 306 51.62 7.44 -11.11
N TYR J 307 52.76 7.44 -11.80
CA TYR J 307 53.97 6.81 -11.28
C TYR J 307 55.16 7.67 -11.67
N GLN J 308 55.86 8.20 -10.66
CA GLN J 308 57.00 9.11 -10.88
C GLN J 308 56.59 10.31 -11.74
N GLY J 309 55.44 10.90 -11.42
CA GLY J 309 54.92 12.00 -12.17
C GLY J 309 54.29 11.64 -13.51
N SER J 310 54.64 10.48 -14.06
CA SER J 310 54.05 10.02 -15.31
C SER J 310 52.68 9.41 -15.05
N LYS J 311 51.72 9.75 -15.91
CA LYS J 311 50.38 9.20 -15.80
C LYS J 311 50.37 7.78 -16.35
N ILE J 312 50.10 6.81 -15.48
CA ILE J 312 50.11 5.41 -15.92
C ILE J 312 48.79 5.00 -16.54
N GLY J 313 47.73 5.78 -16.37
CA GLY J 313 46.45 5.47 -16.98
C GLY J 313 45.27 5.83 -16.11
N GLN J 314 44.07 5.74 -16.68
CA GLN J 314 42.82 6.00 -15.96
C GLN J 314 42.17 4.68 -15.62
N GLY J 315 42.02 4.42 -14.32
CA GLY J 315 41.41 3.19 -13.86
C GLY J 315 42.43 2.14 -13.46
N LYS J 316 41.98 1.25 -12.58
CA LYS J 316 42.86 0.20 -12.10
C LYS J 316 43.30 -0.72 -13.23
N ALA J 317 42.39 -1.01 -14.16
CA ALA J 317 42.75 -1.85 -15.30
C ALA J 317 43.82 -1.18 -16.15
N ASN J 318 43.70 0.12 -16.39
CA ASN J 318 44.74 0.82 -17.13
C ASN J 318 46.06 0.82 -16.38
N ALA J 319 46.01 0.96 -15.05
CA ALA J 319 47.24 0.88 -14.28
C ALA J 319 47.89 -0.49 -14.42
N ALA J 320 47.09 -1.55 -14.36
CA ALA J 320 47.62 -2.90 -14.53
C ALA J 320 48.20 -3.09 -15.92
N LYS J 321 47.54 -2.54 -16.94
CA LYS J 321 48.10 -2.59 -18.29
C LYS J 321 49.44 -1.85 -18.35
N TYR J 322 49.52 -0.69 -17.71
CA TYR J 322 50.77 0.07 -17.72
C TYR J 322 51.90 -0.71 -17.08
N LEU J 323 51.61 -1.38 -15.96
CA LEU J 323 52.62 -2.15 -15.25
C LEU J 323 52.95 -3.47 -15.94
N GLU J 324 52.00 -4.03 -16.69
CA GLU J 324 52.18 -5.36 -17.26
C GLU J 324 53.10 -5.34 -18.47
N ASP J 325 53.04 -4.27 -19.27
CA ASP J 325 53.83 -4.25 -20.50
C ASP J 325 55.32 -4.32 -20.22
N ASN J 326 55.81 -3.57 -19.24
CA ASN J 326 57.21 -3.62 -18.84
C ASN J 326 57.33 -4.30 -17.48
N PRO J 327 57.83 -5.53 -17.41
CA PRO J 327 57.92 -6.21 -16.11
C PRO J 327 59.02 -5.69 -15.22
N GLU J 328 59.99 -4.96 -15.78
CA GLU J 328 61.10 -4.47 -14.96
C GLU J 328 60.60 -3.50 -13.88
N ILE J 329 59.72 -2.57 -14.26
CA ILE J 329 59.22 -1.61 -13.27
C ILE J 329 58.37 -2.32 -12.23
N GLY J 330 57.57 -3.30 -12.66
CA GLY J 330 56.80 -4.07 -11.71
C GLY J 330 57.68 -4.80 -10.72
N SER J 331 58.76 -5.41 -11.21
CA SER J 331 59.69 -6.09 -10.32
C SER J 331 60.34 -5.12 -9.34
N VAL J 332 60.74 -3.95 -9.83
CA VAL J 332 61.34 -2.95 -8.94
C VAL J 332 60.34 -2.52 -7.88
N LEU J 333 59.10 -2.27 -8.29
CA LEU J 333 58.08 -1.82 -7.34
C LEU J 333 57.79 -2.88 -6.30
N GLU J 334 57.67 -4.14 -6.73
CA GLU J 334 57.45 -5.21 -5.77
C GLU J 334 58.63 -5.38 -4.84
N LYS J 335 59.86 -5.26 -5.35
CA LYS J 335 61.03 -5.37 -4.49
C LYS J 335 61.06 -4.27 -3.45
N THR J 336 60.77 -3.03 -3.84
CA THR J 336 60.75 -1.96 -2.85
C THR J 336 59.64 -2.16 -1.82
N ILE J 337 58.44 -2.52 -2.27
CA ILE J 337 57.34 -2.74 -1.33
C ILE J 337 57.70 -3.85 -0.35
N ARG J 338 58.30 -4.92 -0.86
CA ARG J 338 58.68 -6.04 0.01
C ARG J 338 59.76 -5.62 1.00
N ASP J 339 60.84 -5.01 0.52
CA ASP J 339 61.93 -4.69 1.43
C ASP J 339 61.53 -3.63 2.44
N GLN J 340 60.45 -2.87 2.18
CA GLN J 340 59.99 -1.91 3.18
C GLN J 340 58.89 -2.43 4.09
N LEU J 341 58.09 -3.41 3.66
CA LEU J 341 56.95 -3.87 4.45
C LEU J 341 57.19 -5.24 5.08
N LEU J 342 57.70 -6.21 4.30
CA LEU J 342 57.89 -7.54 4.83
C LEU J 342 58.89 -7.57 5.98
N ALA J 343 60.01 -6.88 5.83
CA ALA J 343 61.05 -6.89 6.85
C ALA J 343 61.12 -5.55 7.58
N GLY K 16 61.08 -50.51 78.52
CA GLY K 16 60.11 -50.47 77.45
C GLY K 16 60.38 -49.37 76.45
N ASP K 17 60.14 -48.12 76.88
CA ASP K 17 60.40 -46.99 76.00
C ASP K 17 61.85 -46.97 75.57
N GLU K 18 62.77 -47.21 76.50
CA GLU K 18 64.19 -47.26 76.15
C GLU K 18 64.47 -48.39 75.18
N ASN K 19 63.85 -49.54 75.39
CA ASN K 19 64.02 -50.65 74.46
C ASN K 19 63.53 -50.30 73.07
N LYS K 20 62.37 -49.64 72.98
CA LYS K 20 61.86 -49.23 71.68
C LYS K 20 62.79 -48.23 71.00
N LYS K 21 63.31 -47.27 71.77
CA LYS K 21 64.25 -46.30 71.20
C LYS K 21 65.52 -46.99 70.71
N ARG K 22 66.02 -47.95 71.48
CA ARG K 22 67.21 -48.68 71.06
C ARG K 22 66.96 -49.46 69.78
N ALA K 23 65.81 -50.13 69.69
CA ALA K 23 65.49 -50.87 68.46
C ALA K 23 65.38 -49.93 67.27
N LEU K 24 64.73 -48.78 67.46
CA LEU K 24 64.62 -47.81 66.39
C LEU K 24 65.99 -47.33 65.94
N ALA K 25 66.87 -47.04 66.89
CA ALA K 25 68.21 -46.57 66.55
C ALA K 25 68.99 -47.64 65.80
N ALA K 26 68.87 -48.90 66.23
CA ALA K 26 69.57 -49.97 65.53
C ALA K 26 69.06 -50.10 64.10
N ALA K 27 67.74 -50.03 63.91
CA ALA K 27 67.20 -50.10 62.56
C ALA K 27 67.70 -48.94 61.70
N LEU K 28 67.70 -47.73 62.25
CA LEU K 28 68.18 -46.58 61.50
C LEU K 28 69.64 -46.74 61.13
N GLY K 29 70.46 -47.23 62.06
CA GLY K 29 71.86 -47.47 61.75
C GLY K 29 72.03 -48.49 60.65
N GLN K 30 71.23 -49.56 60.68
CA GLN K 30 71.30 -50.55 59.60
C GLN K 30 70.96 -49.91 58.26
N ILE K 31 69.88 -49.12 58.22
CA ILE K 31 69.49 -48.48 56.97
C ILE K 31 70.61 -47.57 56.48
N GLU K 32 71.20 -46.79 57.38
CA GLU K 32 72.29 -45.91 57.00
C GLU K 32 73.49 -46.67 56.46
N ARG K 33 73.86 -47.78 57.09
CA ARG K 33 75.02 -48.56 56.69
C ARG K 33 74.83 -49.28 55.36
N GLN K 34 73.65 -49.82 55.11
CA GLN K 34 73.47 -50.59 53.88
C GLN K 34 72.99 -49.72 52.71
N PHE K 35 71.92 -48.95 52.93
CA PHE K 35 71.41 -48.09 51.87
C PHE K 35 72.08 -46.73 51.88
N GLY K 36 72.10 -46.07 53.02
CA GLY K 36 72.72 -44.78 53.16
C GLY K 36 71.85 -43.85 53.97
N LYS K 37 72.02 -42.55 53.71
CA LYS K 37 71.28 -41.50 54.44
C LYS K 37 69.89 -41.33 53.82
N GLY K 38 69.11 -42.40 53.91
CA GLY K 38 67.78 -42.39 53.31
C GLY K 38 66.72 -43.00 54.18
N ALA K 39 67.04 -43.27 55.45
CA ALA K 39 66.07 -43.85 56.36
C ALA K 39 65.13 -42.79 56.93
N VAL K 40 65.70 -41.78 57.60
CA VAL K 40 64.93 -40.71 58.20
C VAL K 40 65.54 -39.39 57.79
N MET K 41 64.69 -38.42 57.43
CA MET K 41 65.16 -37.09 57.09
C MET K 41 65.82 -36.43 58.28
N ARG K 42 66.86 -35.65 58.01
CA ARG K 42 67.51 -34.88 59.07
C ARG K 42 66.57 -33.79 59.57
N MET K 43 66.31 -33.79 60.87
CA MET K 43 65.35 -32.87 61.45
C MET K 43 65.76 -31.42 61.16
N GLY K 44 66.89 -30.99 61.70
CA GLY K 44 67.33 -29.63 61.49
C GLY K 44 67.70 -29.31 60.07
N ASP K 45 68.35 -30.25 59.38
CA ASP K 45 68.78 -29.99 58.00
C ASP K 45 67.60 -29.72 57.09
N HIS K 46 66.52 -30.49 57.22
CA HIS K 46 65.33 -30.33 56.38
C HIS K 46 64.41 -29.29 57.01
N GLU K 47 64.93 -28.06 57.10
CA GLU K 47 64.20 -26.93 57.66
C GLU K 47 64.36 -25.76 56.70
N ARG K 48 63.39 -25.58 55.82
CA ARG K 48 63.35 -24.46 54.90
C ARG K 48 62.06 -23.70 55.10
N GLN K 49 62.17 -22.37 55.29
CA GLN K 49 60.97 -21.56 55.49
C GLN K 49 60.14 -21.49 54.22
N ALA K 50 60.79 -21.60 53.06
CA ALA K 50 60.10 -21.62 51.78
C ALA K 50 60.85 -22.53 50.81
N ILE K 51 60.12 -23.40 50.13
CA ILE K 51 60.73 -24.22 49.09
C ILE K 51 61.19 -23.31 47.96
N PRO K 52 62.44 -23.40 47.51
CA PRO K 52 62.90 -22.53 46.43
C PRO K 52 62.06 -22.77 45.18
N ALA K 53 61.70 -21.68 44.50
CA ALA K 53 60.87 -21.74 43.31
C ALA K 53 61.57 -21.03 42.16
N ILE K 54 60.92 -21.03 41.01
CA ILE K 54 61.39 -20.30 39.84
C ILE K 54 60.28 -19.35 39.42
N SER K 55 60.59 -18.05 39.42
CA SER K 55 59.59 -17.06 39.05
C SER K 55 59.15 -17.30 37.60
N THR K 56 57.85 -17.20 37.38
CA THR K 56 57.26 -17.52 36.09
C THR K 56 57.27 -16.35 35.12
N GLY K 57 57.87 -15.23 35.49
CA GLY K 57 57.90 -14.07 34.64
C GLY K 57 56.70 -13.16 34.74
N SER K 58 55.70 -13.54 35.52
CA SER K 58 54.53 -12.69 35.74
C SER K 58 54.12 -12.81 37.19
N LEU K 59 53.91 -11.66 37.84
CA LEU K 59 53.53 -11.66 39.25
C LEU K 59 52.22 -12.41 39.49
N GLY K 60 51.33 -12.46 38.49
CA GLY K 60 50.08 -13.16 38.69
C GLY K 60 50.26 -14.62 39.03
N LEU K 61 51.09 -15.33 38.26
CA LEU K 61 51.33 -16.73 38.55
C LEU K 61 52.16 -16.92 39.80
N ASP K 62 53.11 -16.03 40.07
CA ASP K 62 53.88 -16.14 41.30
C ASP K 62 52.97 -16.03 42.52
N ILE K 63 52.02 -15.10 42.50
CA ILE K 63 51.10 -14.95 43.62
C ILE K 63 50.15 -16.14 43.68
N ALA K 64 49.59 -16.54 42.54
CA ALA K 64 48.62 -17.63 42.54
C ALA K 64 49.25 -18.91 43.09
N LEU K 65 50.47 -19.22 42.66
CA LEU K 65 51.14 -20.42 43.14
C LEU K 65 51.54 -20.31 44.61
N GLY K 66 51.48 -19.11 45.18
CA GLY K 66 51.84 -18.93 46.57
C GLY K 66 53.34 -18.88 46.77
N ILE K 67 54.07 -19.79 46.11
CA ILE K 67 55.52 -19.83 46.21
C ILE K 67 56.19 -18.74 45.39
N GLY K 68 55.42 -17.86 44.75
CA GLY K 68 55.98 -16.86 43.87
C GLY K 68 56.64 -17.48 42.66
N GLY K 69 55.99 -18.47 42.06
CA GLY K 69 56.51 -19.16 40.91
C GLY K 69 56.49 -20.67 41.09
N LEU K 70 56.88 -21.35 40.03
CA LEU K 70 56.89 -22.81 40.04
C LEU K 70 57.91 -23.32 41.05
N PRO K 71 57.64 -24.45 41.70
CA PRO K 71 58.63 -25.02 42.61
C PRO K 71 59.79 -25.63 41.86
N LYS K 72 60.83 -26.08 42.57
CA LYS K 72 61.97 -26.73 41.96
C LYS K 72 61.98 -28.19 42.38
N GLY K 73 62.19 -29.09 41.41
CA GLY K 73 62.19 -30.50 41.66
C GLY K 73 60.86 -31.19 41.48
N ARG K 74 59.82 -30.48 41.05
CA ARG K 74 58.50 -31.05 40.89
C ARG K 74 58.03 -30.94 39.44
N ILE K 75 57.45 -32.02 38.94
CA ILE K 75 56.87 -32.04 37.60
C ILE K 75 55.71 -31.06 37.55
N VAL K 76 55.69 -30.22 36.52
CA VAL K 76 54.65 -29.22 36.36
C VAL K 76 54.07 -29.35 34.96
N GLU K 77 52.75 -29.48 34.86
CA GLU K 77 52.06 -29.61 33.60
C GLU K 77 51.16 -28.40 33.37
N ILE K 78 51.18 -27.88 32.16
CA ILE K 78 50.28 -26.80 31.76
C ILE K 78 49.66 -27.18 30.42
N TYR K 79 48.33 -27.08 30.34
CA TYR K 79 47.62 -27.44 29.13
C TYR K 79 46.63 -26.33 28.80
N GLY K 80 46.44 -26.10 27.50
CA GLY K 80 45.55 -25.06 27.06
C GLY K 80 45.18 -25.20 25.61
N PRO K 81 44.05 -24.64 25.23
CA PRO K 81 43.55 -24.82 23.85
C PRO K 81 44.48 -24.26 22.81
N GLU K 82 44.12 -24.42 21.54
CA GLU K 82 44.97 -23.96 20.44
C GLU K 82 45.24 -22.47 20.56
N SER K 83 46.40 -22.03 20.06
CA SER K 83 46.72 -20.56 20.03
C SER K 83 46.34 -19.87 21.35
N SER K 84 46.50 -20.56 22.49
CA SER K 84 46.22 -19.92 23.80
C SER K 84 47.50 -19.26 24.32
N GLY K 85 48.61 -20.00 24.34
CA GLY K 85 49.90 -19.41 24.77
C GLY K 85 50.65 -20.26 25.77
N LYS K 86 50.94 -21.52 25.44
CA LYS K 86 51.73 -22.34 26.34
C LYS K 86 53.22 -22.16 26.08
N THR K 87 53.63 -22.16 24.81
CA THR K 87 55.05 -22.02 24.50
C THR K 87 55.58 -20.68 24.97
N THR K 88 54.80 -19.61 24.79
CA THR K 88 55.28 -18.30 25.21
C THR K 88 55.55 -18.27 26.71
N LEU K 89 54.64 -18.86 27.49
CA LEU K 89 54.87 -18.94 28.93
C LEU K 89 56.10 -19.77 29.27
N THR K 90 56.29 -20.88 28.56
CA THR K 90 57.47 -21.72 28.82
C THR K 90 58.75 -20.95 28.54
N LEU K 91 58.81 -20.22 27.42
CA LEU K 91 60.00 -19.42 27.15
C LEU K 91 60.17 -18.30 28.19
N SER K 92 59.06 -17.75 28.68
CA SER K 92 59.19 -16.75 29.75
C SER K 92 59.85 -17.36 30.98
N VAL K 93 59.44 -18.57 31.36
CA VAL K 93 60.06 -19.25 32.49
C VAL K 93 61.53 -19.53 32.19
N ILE K 94 61.84 -19.87 30.94
CA ILE K 94 63.23 -20.12 30.57
C ILE K 94 64.05 -18.86 30.75
N ALA K 95 63.49 -17.71 30.38
CA ALA K 95 64.19 -16.44 30.56
C ALA K 95 64.41 -16.14 32.04
N GLU K 96 63.38 -16.38 32.87
CA GLU K 96 63.55 -16.17 34.31
C GLU K 96 64.66 -17.06 34.86
N ALA K 97 64.70 -18.33 34.46
CA ALA K 97 65.76 -19.20 34.94
C ALA K 97 67.12 -18.78 34.41
N GLN K 98 67.17 -18.24 33.19
CA GLN K 98 68.43 -17.72 32.65
C GLN K 98 68.94 -16.57 33.50
N LYS K 99 68.06 -15.66 33.89
CA LYS K 99 68.48 -14.50 34.68
C LYS K 99 69.21 -14.92 35.94
N GLN K 100 68.79 -16.03 36.55
CA GLN K 100 69.47 -16.51 37.75
C GLN K 100 70.78 -17.20 37.43
N GLY K 101 71.04 -17.50 36.16
CA GLY K 101 72.28 -18.15 35.77
C GLY K 101 72.20 -19.66 35.85
N ALA K 102 71.14 -20.23 35.30
CA ALA K 102 70.93 -21.67 35.34
C ALA K 102 70.71 -22.19 33.93
N THR K 103 71.45 -23.25 33.57
CA THR K 103 71.30 -23.84 32.26
C THR K 103 69.88 -24.41 32.10
N CYS K 104 69.34 -24.31 30.89
CA CYS K 104 67.99 -24.77 30.60
C CYS K 104 67.98 -25.54 29.29
N ALA K 105 67.08 -26.51 29.21
CA ALA K 105 66.91 -27.33 28.02
C ALA K 105 65.44 -27.37 27.64
N PHE K 106 65.17 -27.27 26.34
CA PHE K 106 63.81 -27.21 25.81
C PHE K 106 63.72 -28.24 24.70
N VAL K 107 63.31 -29.45 25.05
CA VAL K 107 63.14 -30.54 24.10
C VAL K 107 61.69 -30.54 23.65
N ASP K 108 61.45 -30.11 22.42
CA ASP K 108 60.11 -29.99 21.87
C ASP K 108 59.81 -31.15 20.94
N ALA K 109 58.53 -31.46 20.81
CA ALA K 109 58.08 -32.55 19.96
C ALA K 109 57.52 -32.09 18.62
N GLU K 110 56.95 -30.88 18.59
CA GLU K 110 56.32 -30.41 17.34
C GLU K 110 57.39 -29.98 16.32
N HIS K 111 58.70 -30.08 16.64
CA HIS K 111 59.72 -29.57 15.74
C HIS K 111 59.40 -28.15 15.30
N ALA K 112 58.55 -27.47 16.06
CA ALA K 112 58.10 -26.12 15.75
C ALA K 112 58.68 -25.17 16.80
N LEU K 113 59.65 -24.37 16.38
CA LEU K 113 60.27 -23.38 17.25
C LEU K 113 61.11 -22.45 16.39
N ASP K 114 60.92 -21.14 16.59
CA ASP K 114 61.72 -20.16 15.86
C ASP K 114 62.63 -19.46 16.84
N PRO K 115 63.92 -19.82 16.89
CA PRO K 115 64.82 -19.16 17.84
C PRO K 115 64.78 -17.65 17.76
N ASP K 116 64.41 -17.08 16.61
CA ASP K 116 64.27 -15.63 16.54
C ASP K 116 63.25 -15.12 17.54
N TYR K 117 62.03 -15.68 17.51
CA TYR K 117 61.02 -15.24 18.46
C TYR K 117 61.43 -15.56 19.89
N ALA K 118 62.02 -16.74 20.10
CA ALA K 118 62.47 -17.11 21.43
C ALA K 118 63.42 -16.07 21.99
N GLY K 119 64.42 -15.66 21.21
CA GLY K 119 65.31 -14.61 21.65
C GLY K 119 64.59 -13.30 21.88
N LYS K 120 63.60 -12.98 21.03
CA LYS K 120 62.83 -11.77 21.23
C LYS K 120 62.21 -11.73 22.62
N LEU K 121 61.87 -12.89 23.16
CA LEU K 121 61.39 -12.92 24.54
C LEU K 121 62.51 -12.67 25.53
N GLY K 122 63.75 -12.98 25.14
CA GLY K 122 64.88 -12.68 25.98
C GLY K 122 65.73 -13.89 26.30
N VAL K 123 65.21 -15.08 26.03
CA VAL K 123 65.96 -16.29 26.30
C VAL K 123 67.31 -16.23 25.60
N ASN K 124 68.34 -16.62 26.32
CA ASN K 124 69.70 -16.59 25.77
C ASN K 124 69.80 -17.74 24.77
N VAL K 125 69.18 -17.54 23.60
CA VAL K 125 69.17 -18.59 22.59
C VAL K 125 70.59 -19.05 22.28
N ASP K 126 71.58 -18.18 22.50
CA ASP K 126 72.96 -18.56 22.24
C ASP K 126 73.38 -19.74 23.09
N ASP K 127 72.77 -19.91 24.27
CA ASP K 127 73.01 -21.07 25.12
C ASP K 127 71.67 -21.66 25.54
N LEU K 128 71.12 -22.53 24.71
CA LEU K 128 69.89 -23.25 25.04
C LEU K 128 69.95 -24.62 24.39
N LEU K 129 69.63 -25.65 25.18
CA LEU K 129 69.73 -27.03 24.74
C LEU K 129 68.39 -27.44 24.17
N VAL K 130 68.31 -27.54 22.85
CA VAL K 130 67.07 -27.84 22.14
C VAL K 130 67.24 -29.16 21.40
N SER K 131 66.24 -30.02 21.52
CA SER K 131 66.22 -31.30 20.82
C SER K 131 64.88 -31.48 20.13
N GLN K 132 64.90 -32.19 19.01
CA GLN K 132 63.70 -32.51 18.26
C GLN K 132 63.69 -34.00 17.95
N PRO K 133 63.49 -34.84 18.96
CA PRO K 133 63.57 -36.28 18.75
C PRO K 133 62.56 -36.77 17.73
N ASP K 134 62.98 -37.74 16.92
CA ASP K 134 62.09 -38.29 15.91
C ASP K 134 61.00 -39.15 16.53
N THR K 135 61.37 -40.00 17.50
CA THR K 135 60.44 -40.90 18.14
C THR K 135 60.15 -40.45 19.56
N GLY K 136 58.96 -40.80 20.05
CA GLY K 136 58.59 -40.40 21.40
C GLY K 136 59.52 -40.93 22.46
N GLU K 137 59.84 -42.22 22.40
CA GLU K 137 60.69 -42.81 23.43
C GLU K 137 62.02 -42.11 23.51
N GLN K 138 62.52 -41.63 22.37
CA GLN K 138 63.81 -40.95 22.35
C GLN K 138 63.76 -39.65 23.14
N ALA K 139 62.64 -38.92 23.06
CA ALA K 139 62.53 -37.68 23.82
C ALA K 139 62.62 -37.95 25.31
N LEU K 140 61.91 -38.96 25.80
CA LEU K 140 61.95 -39.26 27.23
C LEU K 140 63.31 -39.79 27.65
N GLU K 141 63.94 -40.62 26.81
CA GLU K 141 65.30 -41.06 27.11
C GLU K 141 66.24 -39.88 27.24
N ILE K 142 66.18 -38.95 26.29
CA ILE K 142 67.05 -37.78 26.33
C ILE K 142 66.79 -36.97 27.58
N THR K 143 65.52 -36.73 27.90
CA THR K 143 65.21 -35.89 29.05
C THR K 143 65.67 -36.54 30.34
N ASP K 144 65.44 -37.84 30.51
CA ASP K 144 65.87 -38.51 31.73
C ASP K 144 67.39 -38.49 31.85
N MET K 145 68.09 -38.80 30.75
CA MET K 145 69.55 -38.81 30.81
C MET K 145 70.09 -37.42 31.13
N LEU K 146 69.49 -36.39 30.53
CA LEU K 146 69.93 -35.03 30.79
C LEU K 146 69.70 -34.65 32.25
N VAL K 147 68.54 -35.00 32.80
CA VAL K 147 68.28 -34.69 34.21
C VAL K 147 69.25 -35.42 35.11
N ARG K 148 69.51 -36.69 34.83
CA ARG K 148 70.44 -37.46 35.65
C ARG K 148 71.81 -36.79 35.71
N SER K 149 72.16 -36.02 34.68
CA SER K 149 73.43 -35.32 34.67
C SER K 149 73.54 -34.31 35.79
N ASN K 150 72.41 -33.84 36.33
CA ASN K 150 72.37 -32.82 37.37
C ASN K 150 72.85 -31.46 36.88
N ALA K 151 73.13 -31.32 35.58
CA ALA K 151 73.62 -30.07 35.05
C ALA K 151 72.47 -29.07 34.81
N VAL K 152 71.56 -29.42 33.92
CA VAL K 152 70.47 -28.51 33.57
C VAL K 152 69.57 -28.30 34.79
N ASP K 153 68.98 -27.11 34.87
CA ASP K 153 68.09 -26.77 35.97
C ASP K 153 66.63 -26.64 35.56
N VAL K 154 66.35 -26.46 34.28
CA VAL K 154 64.98 -26.40 33.78
C VAL K 154 64.91 -27.21 32.50
N ILE K 155 63.91 -28.08 32.40
CA ILE K 155 63.67 -28.88 31.20
C ILE K 155 62.23 -28.68 30.79
N ILE K 156 62.01 -28.31 29.54
CA ILE K 156 60.67 -28.08 29.01
C ILE K 156 60.44 -29.08 27.89
N VAL K 157 59.42 -29.92 28.05
CA VAL K 157 59.03 -30.87 27.03
C VAL K 157 57.71 -30.40 26.44
N ASP K 158 57.74 -29.98 25.18
CA ASP K 158 56.61 -29.32 24.55
C ASP K 158 55.67 -30.37 23.98
N SER K 159 54.37 -30.14 24.17
CA SER K 159 53.33 -30.93 23.51
C SER K 159 53.53 -32.42 23.74
N VAL K 160 53.33 -32.83 24.99
CA VAL K 160 53.38 -34.26 25.33
C VAL K 160 52.65 -35.09 24.29
N ALA K 161 51.54 -34.58 23.75
CA ALA K 161 50.75 -35.35 22.80
C ALA K 161 51.55 -35.72 21.55
N ALA K 162 52.55 -34.94 21.19
CA ALA K 162 53.23 -35.15 19.93
C ALA K 162 54.29 -36.24 19.99
N LEU K 163 54.56 -36.80 21.17
CA LEU K 163 55.61 -37.82 21.28
C LEU K 163 55.01 -39.18 20.91
N VAL K 164 55.28 -39.59 19.68
CA VAL K 164 54.71 -40.85 19.16
C VAL K 164 55.55 -42.02 19.65
N PRO K 165 54.97 -43.06 20.24
CA PRO K 165 55.75 -44.23 20.62
C PRO K 165 56.39 -44.89 19.42
N LYS K 166 57.59 -45.43 19.62
CA LYS K 166 58.34 -46.01 18.51
C LYS K 166 57.55 -47.09 17.80
N ALA K 167 56.81 -47.90 18.56
CA ALA K 167 56.00 -48.94 17.93
C ALA K 167 55.00 -48.32 16.95
N GLU K 168 54.38 -47.22 17.35
CA GLU K 168 53.41 -46.57 16.46
C GLU K 168 54.08 -46.00 15.22
N ILE K 169 55.25 -45.38 15.38
CA ILE K 169 55.93 -44.78 14.24
C ILE K 169 56.35 -45.86 13.24
N GLU K 170 56.88 -46.97 13.73
CA GLU K 170 57.29 -48.04 12.82
C GLU K 170 56.11 -48.56 12.01
N GLY K 171 54.98 -48.81 12.66
CA GLY K 171 53.84 -49.41 12.00
C GLY K 171 53.12 -48.46 11.07
N GLU K 172 52.16 -49.02 10.33
CA GLU K 172 51.39 -48.25 9.38
C GLU K 172 50.26 -47.51 10.11
N MET K 173 49.64 -46.57 9.39
CA MET K 173 48.61 -45.73 9.98
C MET K 173 47.33 -46.52 10.23
N GLY K 174 46.57 -46.09 11.23
CA GLY K 174 45.30 -46.69 11.56
C GLY K 174 45.36 -47.97 12.35
N ASP K 175 46.54 -48.41 12.79
CA ASP K 175 46.64 -49.66 13.52
C ASP K 175 46.08 -49.50 14.93
N ALA K 176 45.60 -50.61 15.49
CA ALA K 176 45.02 -50.60 16.83
C ALA K 176 46.14 -50.49 17.86
N HIS K 177 46.32 -49.30 18.41
CA HIS K 177 47.35 -49.02 19.41
C HIS K 177 46.77 -48.22 20.56
N VAL K 178 45.62 -48.66 21.07
CA VAL K 178 44.98 -47.95 22.17
C VAL K 178 45.87 -48.00 23.40
N GLY K 179 46.22 -46.82 23.92
CA GLY K 179 46.91 -46.71 25.19
C GLY K 179 48.42 -46.79 25.14
N LEU K 180 48.99 -47.12 23.98
CA LEU K 180 50.45 -47.28 23.93
C LEU K 180 51.16 -46.02 24.38
N GLN K 181 50.71 -44.86 23.91
CA GLN K 181 51.27 -43.60 24.39
C GLN K 181 51.12 -43.49 25.90
N ALA K 182 49.96 -43.87 26.43
CA ALA K 182 49.74 -43.77 27.87
C ALA K 182 50.71 -44.65 28.63
N ARG K 183 50.93 -45.87 28.15
CA ARG K 183 51.88 -46.75 28.83
C ARG K 183 53.27 -46.18 28.80
N LEU K 184 53.70 -45.66 27.65
CA LEU K 184 55.04 -45.08 27.58
C LEU K 184 55.16 -43.89 28.53
N MET K 185 54.15 -43.03 28.56
CA MET K 185 54.18 -41.87 29.44
C MET K 185 54.25 -42.30 30.90
N SER K 186 53.45 -43.29 31.28
CA SER K 186 53.48 -43.75 32.67
C SER K 186 54.85 -44.29 33.04
N GLN K 187 55.45 -45.10 32.16
CA GLN K 187 56.78 -45.63 32.45
C GLN K 187 57.80 -44.50 32.58
N ALA K 188 57.78 -43.56 31.66
CA ALA K 188 58.75 -42.48 31.71
C ALA K 188 58.60 -41.65 32.98
N LEU K 189 57.36 -41.34 33.35
CA LEU K 189 57.14 -40.56 34.57
C LEU K 189 57.62 -41.33 35.79
N ARG K 190 57.32 -42.62 35.85
CA ARG K 190 57.78 -43.44 36.97
C ARG K 190 59.30 -43.41 37.07
N LYS K 191 59.99 -43.50 35.93
CA LYS K 191 61.45 -43.56 35.97
C LYS K 191 62.08 -42.21 36.28
N ILE K 192 61.47 -41.10 35.86
CA ILE K 192 62.14 -39.81 36.00
C ILE K 192 61.73 -39.03 37.24
N THR K 193 60.58 -39.33 37.85
CA THR K 193 60.16 -38.55 39.00
C THR K 193 61.18 -38.66 40.13
N GLY K 194 61.66 -39.88 40.40
CA GLY K 194 62.61 -40.07 41.48
C GLY K 194 63.90 -39.28 41.30
N ASN K 195 64.41 -39.20 40.07
CA ASN K 195 65.64 -38.47 39.81
C ASN K 195 65.43 -36.97 39.74
N ILE K 196 64.22 -36.50 39.40
CA ILE K 196 63.99 -35.06 39.37
C ILE K 196 64.28 -34.44 40.72
N LYS K 197 63.72 -35.01 41.80
CA LYS K 197 63.92 -34.43 43.12
C LYS K 197 65.39 -34.45 43.51
N ASN K 198 66.09 -35.56 43.25
CA ASN K 198 67.50 -35.62 43.57
C ASN K 198 68.28 -34.54 42.83
N ALA K 199 67.97 -34.32 41.55
CA ALA K 199 68.67 -33.33 40.75
C ALA K 199 68.10 -31.93 40.89
N ASN K 200 66.98 -31.78 41.59
CA ASN K 200 66.37 -30.47 41.82
C ASN K 200 66.13 -29.74 40.49
N CYS K 201 65.79 -30.49 39.46
CA CYS K 201 65.47 -29.92 38.16
C CYS K 201 64.03 -29.41 38.18
N LEU K 202 63.48 -29.12 37.01
CA LEU K 202 62.10 -28.67 36.91
C LEU K 202 61.59 -29.04 35.52
N VAL K 203 60.82 -30.12 35.44
CA VAL K 203 60.31 -30.63 34.18
C VAL K 203 58.90 -30.11 33.98
N ILE K 204 58.65 -29.48 32.83
CA ILE K 204 57.35 -28.92 32.51
C ILE K 204 56.83 -29.61 31.26
N PHE K 205 55.78 -30.40 31.44
CA PHE K 205 55.08 -31.02 30.31
C PHE K 205 53.98 -30.10 29.82
N ILE K 206 53.77 -30.08 28.51
CA ILE K 206 52.71 -29.31 27.90
C ILE K 206 51.79 -30.29 27.18
N ASN K 207 50.53 -30.32 27.58
CA ASN K 207 49.54 -31.17 26.95
C ASN K 207 48.67 -30.35 26.01
N GLN K 208 47.66 -31.00 25.47
CA GLN K 208 46.71 -30.36 24.57
C GLN K 208 45.29 -30.78 24.94
N ILE K 209 44.31 -30.09 24.36
CA ILE K 209 42.92 -30.34 24.70
C ILE K 209 42.28 -31.25 23.67
N ARG K 210 41.61 -32.30 24.15
CA ARG K 210 40.92 -33.25 23.30
C ARG K 210 39.59 -33.59 23.95
N MET K 211 38.49 -33.18 23.33
CA MET K 211 37.16 -33.37 23.88
C MET K 211 36.82 -34.86 23.83
N LYS K 212 36.70 -35.49 25.00
CA LYS K 212 36.29 -36.87 25.04
C LYS K 212 34.82 -37.00 24.67
N ILE K 213 34.44 -38.18 24.19
CA ILE K 213 33.09 -38.44 23.74
C ILE K 213 32.37 -39.27 24.80
N GLY K 214 31.05 -39.36 24.64
CA GLY K 214 30.25 -40.11 25.58
C GLY K 214 30.28 -39.54 26.99
N VAL K 215 30.35 -38.21 27.10
CA VAL K 215 30.29 -37.53 28.39
C VAL K 215 29.19 -36.48 28.27
N MET K 216 28.03 -36.78 28.85
CA MET K 216 26.92 -35.85 28.88
C MET K 216 26.86 -35.02 30.17
N PHE K 217 27.77 -35.27 31.10
CA PHE K 217 27.80 -34.56 32.38
C PHE K 217 29.25 -34.18 32.67
N GLY K 218 29.48 -32.89 32.91
CA GLY K 218 30.81 -32.42 33.26
C GLY K 218 31.45 -31.61 32.17
N ASN K 219 32.78 -31.60 32.14
CA ASN K 219 33.52 -30.86 31.13
C ASN K 219 34.05 -31.82 30.09
N PRO K 220 33.56 -31.77 28.84
CA PRO K 220 34.09 -32.69 27.83
C PRO K 220 35.58 -32.53 27.62
N GLU K 221 36.11 -31.32 27.79
CA GLU K 221 37.52 -31.08 27.54
C GLU K 221 38.38 -31.98 28.42
N THR K 222 39.46 -32.47 27.85
CA THR K 222 40.31 -33.44 28.53
C THR K 222 41.72 -33.37 27.96
N THR K 223 42.70 -33.45 28.85
CA THR K 223 44.08 -33.52 28.41
C THR K 223 44.33 -34.85 27.70
N THR K 224 45.40 -34.88 26.92
CA THR K 224 45.81 -36.08 26.21
C THR K 224 46.97 -36.75 26.92
N GLY K 225 47.53 -37.76 26.28
CA GLY K 225 48.70 -38.43 26.83
C GLY K 225 48.45 -39.15 28.13
N GLY K 226 47.35 -39.89 28.21
CA GLY K 226 47.07 -40.66 29.41
C GLY K 226 46.76 -39.75 30.59
N ASN K 227 46.46 -40.40 31.71
CA ASN K 227 46.18 -39.69 32.94
C ASN K 227 47.18 -39.99 34.04
N ALA K 228 48.16 -40.86 33.80
CA ALA K 228 49.19 -41.08 34.80
C ALA K 228 49.93 -39.78 35.11
N LEU K 229 50.04 -38.89 34.12
CA LEU K 229 50.73 -37.63 34.34
C LEU K 229 49.97 -36.69 35.26
N LYS K 230 48.67 -36.89 35.45
CA LYS K 230 47.94 -36.02 36.36
C LYS K 230 48.32 -36.27 37.82
N PHE K 231 48.62 -37.51 38.18
CA PHE K 231 48.93 -37.80 39.57
C PHE K 231 50.31 -37.27 39.96
N TYR K 232 51.31 -37.42 39.09
CA TYR K 232 52.65 -36.95 39.44
C TYR K 232 52.78 -35.45 39.38
N ALA K 233 52.07 -34.79 38.47
CA ALA K 233 52.21 -33.34 38.26
C ALA K 233 51.88 -32.62 39.55
N SER K 234 52.88 -32.01 40.18
CA SER K 234 52.63 -31.31 41.42
C SER K 234 51.68 -30.13 41.22
N VAL K 235 51.87 -29.37 40.14
CA VAL K 235 51.03 -28.23 39.84
C VAL K 235 50.66 -28.26 38.37
N ARG K 236 49.36 -28.17 38.08
CA ARG K 236 48.85 -28.20 36.71
C ARG K 236 48.06 -26.94 36.45
N LEU K 237 48.50 -26.16 35.46
CA LEU K 237 47.84 -24.92 35.10
C LEU K 237 46.83 -25.16 33.98
N ASP K 238 46.25 -24.07 33.50
CA ASP K 238 45.25 -24.11 32.44
C ASP K 238 45.18 -22.75 31.77
N ILE K 239 46.00 -22.55 30.73
CA ILE K 239 46.06 -21.28 30.03
C ILE K 239 44.95 -21.24 28.99
N ARG K 240 44.25 -20.12 28.92
CA ARG K 240 43.21 -19.93 27.91
C ARG K 240 43.20 -18.49 27.47
N ARG K 241 43.13 -18.28 26.17
CA ARG K 241 43.23 -16.94 25.58
C ARG K 241 41.83 -16.36 25.48
N THR K 242 41.49 -15.44 26.39
CA THR K 242 40.16 -14.87 26.42
C THR K 242 40.00 -13.77 25.38
N GLY K 243 40.77 -12.70 25.51
CA GLY K 243 40.68 -11.61 24.56
C GLY K 243 42.02 -11.15 24.03
N ALA K 244 41.99 -10.22 23.07
CA ALA K 244 43.21 -9.72 22.46
C ALA K 244 43.21 -8.21 22.56
N VAL K 245 44.38 -7.64 22.88
CA VAL K 245 44.48 -6.20 23.07
C VAL K 245 44.91 -5.55 21.77
N LYS K 246 44.10 -4.60 21.30
CA LYS K 246 44.33 -3.91 20.03
C LYS K 246 44.69 -2.46 20.31
N GLU K 247 45.81 -2.01 19.73
CA GLU K 247 46.23 -0.61 19.84
C GLU K 247 45.67 0.17 18.66
N GLY K 248 44.36 0.33 18.67
CA GLY K 248 43.67 1.01 17.58
C GLY K 248 42.88 0.04 16.71
N ASP K 249 43.39 -0.25 15.53
CA ASP K 249 42.77 -1.24 14.65
C ASP K 249 43.57 -2.52 14.51
N GLU K 250 44.86 -2.49 14.85
CA GLU K 250 45.74 -3.64 14.73
C GLU K 250 45.89 -4.32 16.09
N VAL K 251 46.09 -5.64 16.05
CA VAL K 251 46.21 -6.45 17.24
C VAL K 251 47.68 -6.75 17.50
N VAL K 252 48.17 -6.25 18.63
CA VAL K 252 49.62 -6.41 18.93
C VAL K 252 49.80 -7.36 20.12
N GLY K 253 48.70 -7.82 20.76
CA GLY K 253 48.84 -8.68 21.95
C GLY K 253 47.65 -9.57 22.22
N SER K 254 47.60 -10.20 23.42
CA SER K 254 46.52 -11.17 23.73
C SER K 254 46.31 -11.34 25.24
N GLU K 255 45.09 -11.10 25.73
CA GLU K 255 44.73 -11.33 27.16
C GLU K 255 44.66 -12.82 27.46
N THR K 256 45.60 -13.32 28.23
CA THR K 256 45.73 -14.69 28.69
C THR K 256 45.16 -14.82 30.09
N ARG K 257 44.37 -15.85 30.32
CA ARG K 257 43.75 -16.11 31.63
C ARG K 257 44.19 -17.48 32.14
N VAL K 258 45.02 -17.47 33.17
CA VAL K 258 45.54 -18.69 33.77
C VAL K 258 44.69 -19.03 34.98
N LYS K 259 44.57 -20.31 35.27
CA LYS K 259 43.81 -20.78 36.43
C LYS K 259 44.39 -22.10 36.90
N VAL K 260 45.28 -22.05 37.90
CA VAL K 260 45.83 -23.28 38.44
C VAL K 260 44.69 -24.20 38.85
N VAL K 261 44.71 -25.43 38.35
CA VAL K 261 43.61 -26.36 38.59
C VAL K 261 44.01 -27.35 39.67
N LYS K 262 45.31 -27.51 39.87
CA LYS K 262 45.82 -28.38 40.92
C LYS K 262 47.11 -27.77 41.46
N ASN K 263 47.42 -28.07 42.73
CA ASN K 263 48.63 -27.55 43.33
C ASN K 263 48.96 -28.37 44.56
N LYS K 264 50.24 -28.64 44.76
CA LYS K 264 50.73 -29.33 45.95
C LYS K 264 51.59 -28.44 46.85
N VAL K 265 51.63 -27.13 46.59
CA VAL K 265 52.44 -26.22 47.39
C VAL K 265 51.64 -25.07 47.95
N SER K 266 50.38 -24.92 47.56
CA SER K 266 49.51 -23.87 48.07
C SER K 266 48.07 -24.17 47.66
N PRO K 267 47.10 -23.42 48.14
CA PRO K 267 45.70 -23.69 47.78
C PRO K 267 45.52 -23.62 46.28
N PRO K 268 44.71 -24.50 45.71
CA PRO K 268 44.48 -24.50 44.27
C PRO K 268 43.38 -23.52 43.88
N PHE K 269 43.16 -23.39 42.58
CA PHE K 269 42.06 -22.62 42.02
C PHE K 269 42.28 -21.11 42.18
N ARG K 270 43.53 -20.69 42.28
CA ARG K 270 43.86 -19.27 42.42
C ARG K 270 44.00 -18.67 41.03
N GLN K 271 42.86 -18.45 40.38
CA GLN K 271 42.86 -17.95 39.02
C GLN K 271 43.56 -16.60 38.93
N ALA K 272 44.32 -16.41 37.84
CA ALA K 272 45.04 -15.19 37.59
C ALA K 272 44.86 -14.78 36.14
N GLU K 273 45.13 -13.51 35.86
CA GLU K 273 45.04 -12.98 34.51
C GLU K 273 46.21 -12.07 34.23
N PHE K 274 46.50 -11.86 32.96
CA PHE K 274 47.54 -10.91 32.53
C PHE K 274 47.45 -10.78 31.03
N GLN K 275 48.47 -10.18 30.43
CA GLN K 275 48.52 -9.96 28.99
C GLN K 275 49.83 -10.49 28.43
N ILE K 276 49.80 -10.88 27.16
CA ILE K 276 50.98 -11.34 26.43
C ILE K 276 51.10 -10.52 25.16
N LEU K 277 52.26 -9.91 24.96
CA LEU K 277 52.50 -9.08 23.79
C LEU K 277 53.55 -9.72 22.90
N TYR K 278 53.24 -9.76 21.61
CA TYR K 278 54.08 -10.44 20.63
C TYR K 278 55.43 -9.77 20.54
N GLY K 279 56.49 -10.56 20.45
CA GLY K 279 57.83 -10.01 20.35
C GLY K 279 58.38 -9.58 21.69
N LYS K 280 57.72 -8.61 22.33
CA LYS K 280 58.14 -8.19 23.66
C LYS K 280 58.01 -9.34 24.65
N GLY K 281 56.79 -9.84 24.84
CA GLY K 281 56.57 -10.94 25.76
C GLY K 281 55.40 -10.71 26.69
N ILE K 282 55.61 -10.90 27.98
CA ILE K 282 54.56 -10.73 28.96
C ILE K 282 54.52 -9.28 29.43
N TYR K 283 53.31 -8.78 29.68
CA TYR K 283 53.13 -7.37 30.15
C TYR K 283 53.26 -7.36 31.67
N ARG K 284 54.44 -7.72 32.18
CA ARG K 284 54.67 -7.79 33.65
C ARG K 284 54.36 -6.43 34.29
N THR K 285 55.01 -5.37 33.80
CA THR K 285 54.83 -4.01 34.40
C THR K 285 53.35 -3.62 34.43
N GLY K 286 52.64 -3.82 33.33
CA GLY K 286 51.22 -3.44 33.26
C GLY K 286 50.42 -4.10 34.36
N GLU K 287 50.68 -5.38 34.63
CA GLU K 287 49.94 -6.13 35.67
C GLU K 287 50.35 -5.62 37.06
N ILE K 288 51.63 -5.30 37.27
CA ILE K 288 52.08 -4.73 38.57
C ILE K 288 51.22 -3.51 38.87
N ILE K 289 50.96 -2.67 37.86
CA ILE K 289 50.16 -1.46 38.08
C ILE K 289 48.76 -1.83 38.54
N ASP K 290 48.15 -2.82 37.89
CA ASP K 290 46.80 -3.22 38.30
C ASP K 290 46.78 -3.79 39.70
N LEU K 291 47.79 -4.60 40.05
CA LEU K 291 47.85 -5.15 41.41
C LEU K 291 48.01 -4.03 42.43
N GLY K 292 48.85 -3.04 42.13
CA GLY K 292 49.03 -1.93 43.04
C GLY K 292 47.76 -1.12 43.23
N VAL K 293 47.04 -0.85 42.14
CA VAL K 293 45.80 -0.10 42.25
C VAL K 293 44.77 -0.89 43.04
N GLN K 294 44.70 -2.21 42.81
CA GLN K 294 43.73 -3.03 43.52
C GLN K 294 44.04 -3.11 45.01
N LEU K 295 45.31 -3.31 45.36
CA LEU K 295 45.66 -3.43 46.77
C LEU K 295 45.54 -2.10 47.52
N GLY K 296 45.84 -0.99 46.85
CA GLY K 296 45.69 0.31 47.48
C GLY K 296 46.96 1.14 47.42
N LEU K 297 48.07 0.51 47.02
CA LEU K 297 49.34 1.22 46.95
C LEU K 297 49.39 2.24 45.82
N VAL K 298 48.39 2.25 44.94
CA VAL K 298 48.31 3.19 43.83
C VAL K 298 46.93 3.86 43.90
N GLU K 299 46.89 5.17 43.71
CA GLU K 299 45.64 5.91 43.78
C GLU K 299 45.20 6.35 42.39
N LYS K 300 43.96 6.05 42.04
CA LYS K 300 43.38 6.45 40.76
C LYS K 300 42.04 7.13 41.01
N SER K 301 41.81 8.24 40.31
CA SER K 301 40.56 9.00 40.44
C SER K 301 39.51 8.48 39.46
N GLY K 302 39.14 7.22 39.65
CA GLY K 302 38.18 6.58 38.78
C GLY K 302 38.81 6.12 37.48
N ALA K 303 39.22 7.08 36.65
CA ALA K 303 39.86 6.77 35.38
C ALA K 303 41.25 7.39 35.25
N TRP K 304 41.68 8.20 36.20
CA TRP K 304 42.97 8.87 36.16
C TRP K 304 43.88 8.18 37.16
N TYR K 305 44.93 7.53 36.67
CA TYR K 305 45.86 6.85 37.55
C TYR K 305 46.82 7.84 38.21
N SER K 306 47.10 7.59 39.49
CA SER K 306 48.02 8.43 40.25
C SER K 306 48.82 7.56 41.20
N TYR K 307 49.98 8.08 41.59
CA TYR K 307 50.88 7.36 42.48
C TYR K 307 51.65 8.36 43.32
N GLN K 308 51.50 8.27 44.64
CA GLN K 308 52.15 9.20 45.56
C GLN K 308 51.81 10.65 45.21
N GLY K 309 50.56 10.87 44.80
CA GLY K 309 50.09 12.21 44.52
C GLY K 309 50.58 12.80 43.23
N SER K 310 51.27 12.01 42.40
CA SER K 310 51.85 12.49 41.15
C SER K 310 51.03 11.95 39.99
N LYS K 311 50.70 12.83 39.04
CA LYS K 311 49.98 12.40 37.85
C LYS K 311 50.88 11.49 37.04
N ILE K 312 50.63 10.18 37.12
CA ILE K 312 51.43 9.22 36.37
C ILE K 312 50.97 9.07 34.93
N GLY K 313 49.88 9.72 34.56
CA GLY K 313 49.29 9.59 33.24
C GLY K 313 47.92 8.94 33.30
N GLN K 314 47.14 9.18 32.26
CA GLN K 314 45.80 8.65 32.15
C GLN K 314 45.83 7.33 31.39
N GLY K 315 45.45 6.25 32.08
CA GLY K 315 45.32 4.95 31.46
C GLY K 315 46.52 4.04 31.64
N LYS K 316 46.34 2.80 31.20
CA LYS K 316 47.37 1.78 31.37
C LYS K 316 48.66 2.15 30.65
N ALA K 317 48.56 2.65 29.41
CA ALA K 317 49.77 2.99 28.66
C ALA K 317 50.56 4.09 29.35
N ASN K 318 49.87 5.13 29.80
CA ASN K 318 50.55 6.19 30.53
C ASN K 318 51.19 5.67 31.81
N ALA K 319 50.47 4.82 32.55
CA ALA K 319 51.05 4.25 33.76
C ALA K 319 52.28 3.41 33.43
N ALA K 320 52.22 2.63 32.36
CA ALA K 320 53.35 1.78 32.00
C ALA K 320 54.56 2.61 31.62
N LYS K 321 54.37 3.68 30.85
CA LYS K 321 55.51 4.55 30.53
C LYS K 321 56.06 5.19 31.79
N TYR K 322 55.18 5.68 32.65
CA TYR K 322 55.61 6.34 33.88
C TYR K 322 56.36 5.38 34.79
N LEU K 323 56.05 4.09 34.71
CA LEU K 323 56.74 3.10 35.53
C LEU K 323 58.02 2.60 34.89
N GLU K 324 58.05 2.48 33.57
CA GLU K 324 59.28 2.07 32.90
C GLU K 324 60.37 3.13 33.06
N ASP K 325 60.00 4.41 32.96
CA ASP K 325 61.02 5.45 33.06
C ASP K 325 61.80 5.34 34.35
N ASN K 326 61.17 4.86 35.42
CA ASN K 326 61.83 4.74 36.71
C ASN K 326 61.77 3.30 37.21
N PRO K 327 62.71 2.44 36.81
CA PRO K 327 62.63 1.03 37.22
C PRO K 327 62.65 0.83 38.73
N GLU K 328 63.35 1.69 39.47
CA GLU K 328 63.46 1.48 40.92
C GLU K 328 62.11 1.61 41.61
N ILE K 329 61.29 2.57 41.18
CA ILE K 329 59.98 2.74 41.79
C ILE K 329 59.13 1.49 41.61
N GLY K 330 59.09 0.97 40.38
CA GLY K 330 58.34 -0.26 40.14
C GLY K 330 58.90 -1.43 40.92
N SER K 331 60.23 -1.53 41.01
CA SER K 331 60.85 -2.62 41.75
C SER K 331 60.45 -2.59 43.22
N VAL K 332 60.50 -1.41 43.84
CA VAL K 332 60.11 -1.30 45.24
C VAL K 332 58.63 -1.62 45.39
N LEU K 333 57.79 -1.12 44.47
CA LEU K 333 56.37 -1.38 44.58
C LEU K 333 56.06 -2.87 44.50
N GLU K 334 56.70 -3.56 43.55
CA GLU K 334 56.49 -5.00 43.43
C GLU K 334 57.04 -5.75 44.64
N LYS K 335 58.16 -5.29 45.19
CA LYS K 335 58.69 -5.92 46.40
C LYS K 335 57.68 -5.83 47.54
N THR K 336 57.11 -4.64 47.75
CA THR K 336 56.11 -4.49 48.80
C THR K 336 54.86 -5.33 48.52
N ILE K 337 54.41 -5.35 47.26
CA ILE K 337 53.22 -6.13 46.92
C ILE K 337 53.46 -7.60 47.20
N ARG K 338 54.61 -8.12 46.80
CA ARG K 338 54.94 -9.51 47.08
C ARG K 338 55.02 -9.76 48.57
N ASP K 339 55.64 -8.83 49.32
CA ASP K 339 55.74 -9.00 50.75
C ASP K 339 54.38 -9.12 51.43
N GLN K 340 53.43 -8.28 51.05
CA GLN K 340 52.11 -8.31 51.67
C GLN K 340 51.15 -9.26 50.99
N LEU K 341 51.57 -9.94 49.92
CA LEU K 341 50.69 -10.87 49.22
C LEU K 341 51.29 -12.25 48.96
N LEU K 342 52.62 -12.36 48.83
CA LEU K 342 53.23 -13.64 48.51
C LEU K 342 53.12 -14.66 49.64
N ALA K 343 53.44 -14.28 50.87
CA ALA K 343 53.36 -15.19 52.00
C ALA K 343 52.73 -14.51 53.21
N GLY M 16 -23.15 9.46 -53.79
CA GLY M 16 -23.70 10.79 -53.58
C GLY M 16 -25.14 10.77 -53.10
N ASP M 17 -26.07 10.71 -54.05
CA ASP M 17 -27.49 10.77 -53.70
C ASP M 17 -27.87 9.61 -52.78
N GLU M 18 -27.36 8.41 -53.05
CA GLU M 18 -27.71 7.26 -52.23
C GLU M 18 -27.26 7.46 -50.79
N ASN M 19 -26.06 7.99 -50.60
CA ASN M 19 -25.55 8.19 -49.25
C ASN M 19 -26.39 9.21 -48.48
N LYS M 20 -26.76 10.31 -49.14
CA LYS M 20 -27.62 11.30 -48.52
C LYS M 20 -28.98 10.70 -48.16
N LYS M 21 -29.55 9.93 -49.08
CA LYS M 21 -30.84 9.31 -48.81
C LYS M 21 -30.75 8.35 -47.63
N ARG M 22 -29.69 7.55 -47.57
CA ARG M 22 -29.53 6.62 -46.45
C ARG M 22 -29.40 7.38 -45.14
N ALA M 23 -28.61 8.46 -45.12
CA ALA M 23 -28.46 9.23 -43.89
C ALA M 23 -29.78 9.84 -43.45
N LEU M 24 -30.53 10.42 -44.40
CA LEU M 24 -31.82 11.02 -44.06
C LEU M 24 -32.80 9.96 -43.57
N ALA M 25 -32.82 8.79 -44.21
CA ALA M 25 -33.70 7.73 -43.76
C ALA M 25 -33.33 7.28 -42.35
N ALA M 26 -32.03 7.17 -42.06
CA ALA M 26 -31.61 6.80 -40.72
C ALA M 26 -32.05 7.84 -39.69
N ALA M 27 -31.90 9.12 -40.03
CA ALA M 27 -32.33 10.18 -39.11
C ALA M 27 -33.82 10.13 -38.86
N LEU M 28 -34.62 9.97 -39.93
CA LEU M 28 -36.06 9.88 -39.76
C LEU M 28 -36.44 8.66 -38.93
N GLY M 29 -35.80 7.52 -39.17
CA GLY M 29 -36.07 6.35 -38.38
C GLY M 29 -35.77 6.55 -36.92
N GLN M 30 -34.62 7.17 -36.61
CA GLN M 30 -34.27 7.40 -35.22
C GLN M 30 -35.25 8.36 -34.55
N ILE M 31 -35.65 9.42 -35.26
CA ILE M 31 -36.63 10.34 -34.70
C ILE M 31 -37.94 9.62 -34.42
N GLU M 32 -38.41 8.84 -35.39
CA GLU M 32 -39.62 8.04 -35.17
C GLU M 32 -39.45 7.14 -33.96
N ARG M 33 -38.25 6.58 -33.78
CA ARG M 33 -37.98 5.71 -32.64
C ARG M 33 -38.12 6.46 -31.32
N GLN M 34 -37.61 7.69 -31.25
CA GLN M 34 -37.63 8.43 -29.98
C GLN M 34 -38.89 9.27 -29.81
N PHE M 35 -39.35 9.94 -30.87
CA PHE M 35 -40.52 10.80 -30.81
C PHE M 35 -41.73 10.19 -31.50
N GLY M 36 -41.67 8.91 -31.87
CA GLY M 36 -42.79 8.33 -32.58
C GLY M 36 -42.96 8.95 -33.96
N LYS M 37 -44.19 8.88 -34.45
CA LYS M 37 -44.55 9.46 -35.75
C LYS M 37 -44.91 10.93 -35.54
N GLY M 38 -43.88 11.75 -35.48
CA GLY M 38 -44.05 13.19 -35.38
C GLY M 38 -42.98 13.97 -36.12
N ALA M 39 -42.21 13.28 -36.98
CA ALA M 39 -41.11 13.92 -37.67
C ALA M 39 -41.53 14.44 -39.04
N VAL M 40 -42.27 13.64 -39.80
CA VAL M 40 -42.70 14.01 -41.14
C VAL M 40 -44.18 13.73 -41.31
N MET M 41 -44.85 14.62 -42.03
CA MET M 41 -46.24 14.41 -42.39
C MET M 41 -46.36 13.23 -43.35
N ARG M 42 -47.42 12.44 -43.16
CA ARG M 42 -47.66 11.31 -44.04
C ARG M 42 -48.00 11.80 -45.44
N MET M 43 -47.37 11.18 -46.44
CA MET M 43 -47.52 11.68 -47.81
C MET M 43 -48.98 11.72 -48.23
N GLY M 44 -49.61 10.55 -48.31
CA GLY M 44 -51.01 10.52 -48.71
C GLY M 44 -52.00 10.82 -47.62
N ASP M 45 -51.64 10.57 -46.35
CA ASP M 45 -52.55 10.83 -45.24
C ASP M 45 -52.89 12.31 -45.14
N HIS M 46 -51.87 13.16 -45.15
CA HIS M 46 -52.06 14.61 -44.97
C HIS M 46 -52.31 15.25 -46.33
N GLU M 47 -53.40 14.80 -46.97
CA GLU M 47 -53.81 15.31 -48.28
C GLU M 47 -55.33 15.52 -48.22
N ARG M 48 -55.73 16.72 -47.82
CA ARG M 48 -57.14 17.08 -47.69
C ARG M 48 -57.52 18.06 -48.80
N GLN M 49 -58.53 17.68 -49.58
CA GLN M 49 -58.98 18.55 -50.66
C GLN M 49 -59.46 19.89 -50.12
N ALA M 50 -60.21 19.88 -49.04
CA ALA M 50 -60.70 21.08 -48.40
C ALA M 50 -60.28 21.06 -46.93
N ILE M 51 -59.83 22.22 -46.44
CA ILE M 51 -59.48 22.29 -45.02
C ILE M 51 -60.76 22.23 -44.20
N PRO M 52 -60.88 21.32 -43.24
CA PRO M 52 -62.15 21.17 -42.51
C PRO M 52 -62.56 22.49 -41.87
N ALA M 53 -63.75 22.97 -42.24
CA ALA M 53 -64.25 24.26 -41.79
C ALA M 53 -65.52 24.06 -40.95
N ILE M 54 -65.76 25.02 -40.07
CA ILE M 54 -66.95 25.04 -39.23
C ILE M 54 -67.86 26.17 -39.70
N SER M 55 -69.10 25.83 -40.03
CA SER M 55 -70.03 26.82 -40.54
C SER M 55 -70.26 27.92 -39.52
N THR M 56 -70.24 29.17 -39.98
CA THR M 56 -70.51 30.32 -39.13
C THR M 56 -71.98 30.74 -39.17
N GLY M 57 -72.82 30.00 -39.89
CA GLY M 57 -74.23 30.33 -39.94
C GLY M 57 -74.58 31.52 -40.82
N SER M 58 -73.65 31.98 -41.65
CA SER M 58 -73.94 33.09 -42.55
C SER M 58 -73.09 32.93 -43.80
N LEU M 59 -73.73 33.04 -44.97
CA LEU M 59 -73.01 32.88 -46.22
C LEU M 59 -72.05 34.03 -46.50
N GLY M 60 -72.39 35.24 -46.05
CA GLY M 60 -71.50 36.36 -46.29
C GLY M 60 -70.11 36.12 -45.71
N LEU M 61 -70.05 35.63 -44.47
CA LEU M 61 -68.76 35.30 -43.89
C LEU M 61 -68.15 34.05 -44.50
N ASP M 62 -68.98 33.07 -44.86
CA ASP M 62 -68.45 31.84 -45.43
C ASP M 62 -67.71 32.11 -46.73
N ILE M 63 -68.28 32.99 -47.58
CA ILE M 63 -67.59 33.34 -48.82
C ILE M 63 -66.30 34.10 -48.52
N ALA M 64 -66.34 35.03 -47.57
CA ALA M 64 -65.15 35.82 -47.26
C ALA M 64 -64.01 34.94 -46.76
N LEU M 65 -64.31 34.00 -45.87
CA LEU M 65 -63.27 33.15 -45.29
C LEU M 65 -62.62 32.21 -46.30
N GLY M 66 -63.18 32.09 -47.50
CA GLY M 66 -62.61 31.21 -48.49
C GLY M 66 -63.15 29.79 -48.40
N ILE M 67 -63.01 29.17 -47.21
CA ILE M 67 -63.50 27.82 -47.01
C ILE M 67 -64.89 27.77 -46.40
N GLY M 68 -65.62 28.89 -46.42
CA GLY M 68 -67.00 28.90 -45.99
C GLY M 68 -67.18 28.49 -44.54
N GLY M 69 -66.37 29.05 -43.66
CA GLY M 69 -66.46 28.71 -42.26
C GLY M 69 -65.15 28.89 -41.50
N LEU M 70 -65.24 28.94 -40.19
CA LEU M 70 -64.06 29.12 -39.37
C LEU M 70 -63.19 27.87 -39.43
N PRO M 71 -61.91 28.00 -39.76
CA PRO M 71 -61.01 26.84 -39.78
C PRO M 71 -61.08 26.03 -38.50
N LYS M 72 -60.78 24.74 -38.63
CA LYS M 72 -60.76 23.82 -37.52
C LYS M 72 -59.33 23.66 -37.00
N GLY M 73 -59.15 23.81 -35.70
CA GLY M 73 -57.84 23.68 -35.11
C GLY M 73 -57.02 24.95 -35.03
N ARG M 74 -57.59 26.09 -35.41
CA ARG M 74 -56.87 27.35 -35.40
C ARG M 74 -57.62 28.37 -34.55
N ILE M 75 -56.90 28.99 -33.63
CA ILE M 75 -57.48 30.03 -32.79
C ILE M 75 -58.08 31.10 -33.69
N VAL M 76 -59.19 31.69 -33.26
CA VAL M 76 -59.84 32.77 -34.00
C VAL M 76 -60.20 33.88 -33.02
N GLU M 77 -59.88 35.10 -33.39
CA GLU M 77 -60.19 36.28 -32.58
C GLU M 77 -61.03 37.26 -33.39
N ILE M 78 -61.99 37.88 -32.73
CA ILE M 78 -62.86 38.89 -33.35
C ILE M 78 -62.95 40.07 -32.42
N TYR M 79 -62.89 41.27 -32.99
CA TYR M 79 -62.99 42.50 -32.22
C TYR M 79 -63.93 43.46 -32.93
N GLY M 80 -64.53 44.37 -32.17
CA GLY M 80 -65.44 45.35 -32.70
C GLY M 80 -66.02 46.25 -31.63
N PRO M 81 -66.63 47.36 -32.04
CA PRO M 81 -67.18 48.30 -31.07
C PRO M 81 -68.22 47.65 -30.18
N GLU M 82 -68.27 48.13 -28.94
CA GLU M 82 -69.17 47.56 -27.95
C GLU M 82 -70.61 47.62 -28.43
N SER M 83 -71.34 46.53 -28.20
CA SER M 83 -72.75 46.42 -28.61
C SER M 83 -72.88 46.24 -30.11
N SER M 84 -71.83 45.74 -30.77
CA SER M 84 -71.86 45.54 -32.21
C SER M 84 -72.41 44.18 -32.61
N GLY M 85 -72.57 43.25 -31.67
CA GLY M 85 -73.17 41.97 -31.99
C GLY M 85 -72.19 40.82 -32.03
N LYS M 86 -71.01 41.00 -31.43
CA LYS M 86 -70.04 39.92 -31.39
C LYS M 86 -70.60 38.72 -30.65
N THR M 87 -71.30 38.97 -29.54
CA THR M 87 -71.92 37.87 -28.81
C THR M 87 -72.90 37.10 -29.68
N THR M 88 -73.71 37.83 -30.47
CA THR M 88 -74.67 37.17 -31.35
C THR M 88 -73.97 36.31 -32.39
N LEU M 89 -72.88 36.83 -32.97
CA LEU M 89 -72.13 36.04 -33.93
C LEU M 89 -71.58 34.77 -33.29
N THR M 90 -71.02 34.89 -32.08
CA THR M 90 -70.49 33.72 -31.39
C THR M 90 -71.58 32.71 -31.12
N LEU M 91 -72.76 33.18 -30.70
CA LEU M 91 -73.86 32.26 -30.43
C LEU M 91 -74.32 31.56 -31.69
N SER M 92 -74.36 32.28 -32.82
CA SER M 92 -74.70 31.62 -34.08
C SER M 92 -73.67 30.56 -34.44
N VAL M 93 -72.39 30.86 -34.22
CA VAL M 93 -71.35 29.89 -34.54
C VAL M 93 -71.48 28.65 -33.67
N ILE M 94 -71.73 28.83 -32.37
CA ILE M 94 -71.90 27.68 -31.50
C ILE M 94 -73.13 26.88 -31.89
N ALA M 95 -74.20 27.57 -32.28
CA ALA M 95 -75.39 26.86 -32.75
C ALA M 95 -75.06 26.00 -33.96
N GLU M 96 -74.32 26.55 -34.91
CA GLU M 96 -73.91 25.77 -36.09
C GLU M 96 -73.06 24.58 -35.68
N ALA M 97 -72.09 24.81 -34.79
CA ALA M 97 -71.19 23.73 -34.39
C ALA M 97 -71.94 22.59 -33.73
N GLN M 98 -72.86 22.90 -32.82
CA GLN M 98 -73.65 21.86 -32.19
C GLN M 98 -74.57 21.17 -33.19
N LYS M 99 -75.21 21.96 -34.06
CA LYS M 99 -76.10 21.38 -35.05
C LYS M 99 -75.36 20.40 -35.95
N GLN M 100 -74.06 20.63 -36.19
CA GLN M 100 -73.28 19.60 -36.86
C GLN M 100 -73.13 18.36 -36.00
N GLY M 101 -73.34 18.48 -34.70
CA GLY M 101 -73.24 17.34 -33.81
C GLY M 101 -71.96 17.35 -33.00
N ALA M 102 -71.43 18.54 -32.74
CA ALA M 102 -70.20 18.70 -32.00
C ALA M 102 -70.48 19.48 -30.72
N THR M 103 -69.98 18.95 -29.59
CA THR M 103 -70.19 19.58 -28.30
C THR M 103 -69.35 20.83 -28.20
N CYS M 104 -69.96 21.91 -27.73
CA CYS M 104 -69.30 23.21 -27.61
C CYS M 104 -69.41 23.72 -26.19
N ALA M 105 -68.33 24.37 -25.72
CA ALA M 105 -68.27 24.94 -24.38
C ALA M 105 -68.06 26.43 -24.51
N PHE M 106 -68.93 27.21 -23.89
CA PHE M 106 -68.84 28.66 -23.87
C PHE M 106 -68.38 29.11 -22.50
N VAL M 107 -67.34 29.94 -22.46
CA VAL M 107 -66.82 30.51 -21.22
C VAL M 107 -67.11 31.99 -21.20
N ASP M 108 -67.72 32.46 -20.12
CA ASP M 108 -68.05 33.86 -19.94
C ASP M 108 -67.09 34.48 -18.94
N ALA M 109 -66.56 35.66 -19.22
CA ALA M 109 -65.60 36.20 -18.22
C ALA M 109 -66.22 37.39 -17.47
N GLU M 110 -66.98 38.25 -18.16
CA GLU M 110 -67.52 39.47 -17.51
C GLU M 110 -68.87 39.17 -16.84
N HIS M 111 -69.28 37.90 -16.82
CA HIS M 111 -70.58 37.49 -16.22
C HIS M 111 -71.72 38.21 -16.96
N ALA M 112 -71.68 38.19 -18.29
CA ALA M 112 -72.73 38.78 -19.12
C ALA M 112 -73.22 37.75 -20.12
N LEU M 113 -74.45 37.27 -19.93
CA LEU M 113 -75.03 36.29 -20.83
C LEU M 113 -76.51 36.08 -20.53
N ASP M 114 -77.33 35.95 -21.58
CA ASP M 114 -78.76 35.70 -21.41
C ASP M 114 -79.09 34.32 -21.95
N PRO M 115 -79.23 33.31 -21.10
CA PRO M 115 -79.56 31.97 -21.63
C PRO M 115 -80.85 31.94 -22.42
N ASP M 116 -81.83 32.76 -22.07
CA ASP M 116 -83.05 32.84 -22.87
C ASP M 116 -82.75 33.33 -24.27
N TYR M 117 -81.91 34.37 -24.39
CA TYR M 117 -81.53 34.85 -25.72
C TYR M 117 -80.77 33.78 -26.49
N ALA M 118 -79.89 33.05 -25.81
CA ALA M 118 -79.18 31.96 -26.47
C ALA M 118 -80.15 30.92 -27.00
N GLY M 119 -81.09 30.48 -26.18
CA GLY M 119 -82.08 29.53 -26.65
C GLY M 119 -82.87 30.06 -27.83
N LYS M 120 -83.22 31.35 -27.80
CA LYS M 120 -83.91 31.95 -28.93
C LYS M 120 -83.07 31.89 -30.19
N LEU M 121 -81.75 32.10 -30.05
CA LEU M 121 -80.89 32.20 -31.23
C LEU M 121 -80.76 30.86 -31.94
N GLY M 122 -80.79 29.75 -31.20
CA GLY M 122 -80.74 28.45 -31.81
C GLY M 122 -79.91 27.43 -31.04
N VAL M 123 -79.02 27.91 -30.17
CA VAL M 123 -78.17 27.01 -29.41
C VAL M 123 -79.01 26.14 -28.50
N ASN M 124 -78.64 24.87 -28.41
CA ASN M 124 -79.26 23.94 -27.47
C ASN M 124 -78.75 24.28 -26.08
N VAL M 125 -79.45 25.16 -25.38
CA VAL M 125 -78.99 25.64 -24.09
C VAL M 125 -78.85 24.48 -23.11
N ASP M 126 -79.75 23.51 -23.19
CA ASP M 126 -79.69 22.37 -22.27
C ASP M 126 -78.35 21.67 -22.34
N ASP M 127 -77.84 21.46 -23.56
CA ASP M 127 -76.57 20.76 -23.77
C ASP M 127 -75.53 21.82 -24.12
N LEU M 128 -74.90 22.37 -23.09
CA LEU M 128 -73.88 23.40 -23.27
C LEU M 128 -73.12 23.58 -21.96
N LEU M 129 -71.82 23.86 -22.08
CA LEU M 129 -70.97 24.09 -20.93
C LEU M 129 -70.65 25.58 -20.83
N VAL M 130 -70.90 26.16 -19.65
CA VAL M 130 -70.69 27.58 -19.42
C VAL M 130 -69.96 27.74 -18.10
N SER M 131 -69.03 28.69 -18.04
CA SER M 131 -68.27 28.96 -16.84
C SER M 131 -68.31 30.44 -16.51
N GLN M 132 -68.19 30.76 -15.22
CA GLN M 132 -68.11 32.19 -14.81
C GLN M 132 -66.96 32.34 -13.81
N PRO M 133 -65.68 32.27 -14.23
CA PRO M 133 -64.55 32.30 -13.30
C PRO M 133 -64.32 33.68 -12.65
N ASP M 134 -63.87 33.68 -11.39
CA ASP M 134 -63.58 34.95 -10.69
C ASP M 134 -62.27 35.53 -11.22
N THR M 135 -61.29 34.67 -11.51
CA THR M 135 -59.98 35.14 -11.95
C THR M 135 -59.73 34.71 -13.39
N GLY M 136 -59.05 35.58 -14.14
CA GLY M 136 -58.77 35.25 -15.54
C GLY M 136 -57.96 33.99 -15.68
N GLU M 137 -56.93 33.83 -14.84
CA GLU M 137 -56.08 32.64 -14.94
C GLU M 137 -56.89 31.37 -14.84
N GLN M 138 -57.94 31.37 -14.02
CA GLN M 138 -58.81 30.20 -13.96
C GLN M 138 -59.51 29.96 -15.29
N ALA M 139 -59.88 31.04 -15.99
CA ALA M 139 -60.50 30.88 -17.30
C ALA M 139 -59.55 30.18 -18.27
N LEU M 140 -58.30 30.61 -18.31
CA LEU M 140 -57.33 29.97 -19.19
C LEU M 140 -57.09 28.52 -18.79
N GLU M 141 -57.01 28.26 -17.49
CA GLU M 141 -56.82 26.88 -17.02
C GLU M 141 -57.99 26.00 -17.45
N ILE M 142 -59.22 26.49 -17.29
CA ILE M 142 -60.39 25.71 -17.69
C ILE M 142 -60.38 25.47 -19.20
N THR M 143 -60.03 26.51 -19.98
CA THR M 143 -59.96 26.35 -21.42
C THR M 143 -58.93 25.29 -21.80
N ASP M 144 -57.77 25.32 -21.15
CA ASP M 144 -56.73 24.34 -21.43
C ASP M 144 -57.20 22.93 -21.07
N MET M 145 -57.86 22.79 -19.92
CA MET M 145 -58.36 21.47 -19.53
C MET M 145 -59.37 20.95 -20.55
N LEU M 146 -60.28 21.80 -21.00
CA LEU M 146 -61.25 21.38 -22.00
C LEU M 146 -60.55 20.99 -23.30
N VAL M 147 -59.55 21.78 -23.71
CA VAL M 147 -58.85 21.48 -24.96
C VAL M 147 -58.15 20.14 -24.87
N ARG M 148 -57.43 19.90 -23.78
CA ARG M 148 -56.73 18.64 -23.62
C ARG M 148 -57.70 17.47 -23.50
N SER M 149 -58.89 17.70 -22.93
CA SER M 149 -59.86 16.64 -22.80
C SER M 149 -60.26 16.04 -24.14
N ASN M 150 -60.11 16.81 -25.23
CA ASN M 150 -60.52 16.38 -26.56
C ASN M 150 -62.02 16.18 -26.68
N ALA M 151 -62.78 16.61 -25.67
CA ALA M 151 -64.23 16.46 -25.68
C ALA M 151 -64.91 17.62 -26.41
N VAL M 152 -64.71 18.84 -25.91
CA VAL M 152 -65.34 20.00 -26.50
C VAL M 152 -64.55 20.41 -27.74
N ASP M 153 -65.24 20.57 -28.86
CA ASP M 153 -64.60 20.93 -30.12
C ASP M 153 -64.66 22.43 -30.41
N VAL M 154 -65.51 23.18 -29.71
CA VAL M 154 -65.61 24.62 -29.88
C VAL M 154 -65.58 25.26 -28.51
N ILE M 155 -64.64 26.19 -28.30
CA ILE M 155 -64.51 26.91 -27.04
C ILE M 155 -64.57 28.39 -27.39
N ILE M 156 -65.57 29.09 -26.86
CA ILE M 156 -65.75 30.50 -27.11
C ILE M 156 -65.61 31.25 -25.79
N VAL M 157 -64.67 32.19 -25.74
CA VAL M 157 -64.39 32.96 -24.54
C VAL M 157 -64.78 34.41 -24.79
N ASP M 158 -65.75 34.90 -24.01
CA ASP M 158 -66.29 36.24 -24.16
C ASP M 158 -65.54 37.21 -23.26
N SER M 159 -65.46 38.47 -23.69
CA SER M 159 -64.84 39.53 -22.89
C SER M 159 -63.42 39.12 -22.48
N VAL M 160 -62.59 38.96 -23.50
CA VAL M 160 -61.19 38.60 -23.26
C VAL M 160 -60.53 39.61 -22.34
N ALA M 161 -60.80 40.91 -22.57
CA ALA M 161 -60.22 41.95 -21.73
C ALA M 161 -60.66 41.84 -20.27
N ALA M 162 -61.76 41.13 -20.01
CA ALA M 162 -62.24 41.00 -18.64
C ALA M 162 -61.41 40.04 -17.80
N LEU M 163 -60.46 39.32 -18.41
CA LEU M 163 -59.66 38.35 -17.67
C LEU M 163 -58.64 39.10 -16.81
N VAL M 164 -59.12 39.68 -15.73
CA VAL M 164 -58.22 40.36 -14.79
C VAL M 164 -57.29 39.33 -14.17
N PRO M 165 -56.01 39.62 -14.03
CA PRO M 165 -55.10 38.63 -13.43
C PRO M 165 -55.28 38.56 -11.92
N LYS M 166 -54.82 37.46 -11.34
CA LYS M 166 -54.95 37.27 -9.90
C LYS M 166 -54.18 38.35 -9.14
N ALA M 167 -52.98 38.71 -9.60
CA ALA M 167 -52.21 39.74 -8.89
C ALA M 167 -52.96 41.07 -8.90
N GLU M 168 -53.50 41.46 -10.05
CA GLU M 168 -54.21 42.74 -10.13
C GLU M 168 -55.47 42.72 -9.26
N ILE M 169 -56.22 41.61 -9.29
CA ILE M 169 -57.46 41.54 -8.52
C ILE M 169 -57.17 41.58 -7.03
N GLU M 170 -56.19 40.80 -6.58
CA GLU M 170 -55.85 40.77 -5.15
C GLU M 170 -55.21 42.06 -4.68
N GLY M 171 -54.62 42.85 -5.57
CA GLY M 171 -53.96 44.07 -5.17
C GLY M 171 -54.93 45.21 -4.92
N GLU M 172 -54.39 46.29 -4.37
CA GLU M 172 -55.18 47.47 -4.08
C GLU M 172 -55.59 48.16 -5.39
N MET M 173 -56.74 48.82 -5.34
CA MET M 173 -57.22 49.56 -6.51
C MET M 173 -56.25 50.69 -6.85
N GLY M 174 -56.18 51.01 -8.14
CA GLY M 174 -55.29 52.06 -8.62
C GLY M 174 -53.86 51.62 -8.85
N ASP M 175 -53.54 50.35 -8.65
CA ASP M 175 -52.18 49.86 -8.88
C ASP M 175 -51.83 49.96 -10.36
N ALA M 176 -50.56 50.25 -10.64
CA ALA M 176 -50.06 50.41 -12.00
C ALA M 176 -49.41 49.10 -12.43
N HIS M 177 -50.24 48.16 -12.88
CA HIS M 177 -49.75 46.85 -13.31
C HIS M 177 -49.64 46.82 -14.84
N VAL M 178 -48.53 47.38 -15.32
CA VAL M 178 -48.28 47.42 -16.76
C VAL M 178 -47.73 46.09 -17.21
N GLY M 179 -48.38 45.48 -18.20
CA GLY M 179 -47.89 44.26 -18.81
C GLY M 179 -48.20 42.98 -18.07
N LEU M 180 -49.07 43.01 -17.06
CA LEU M 180 -49.42 41.79 -16.34
C LEU M 180 -50.41 40.95 -17.14
N GLN M 181 -51.56 41.53 -17.46
CA GLN M 181 -52.56 40.79 -18.23
C GLN M 181 -51.99 40.35 -19.57
N ALA M 182 -51.22 41.22 -20.23
CA ALA M 182 -50.67 40.88 -21.53
C ALA M 182 -49.70 39.70 -21.44
N ARG M 183 -48.84 39.71 -20.43
CA ARG M 183 -47.90 38.60 -20.28
C ARG M 183 -48.64 37.31 -19.97
N LEU M 184 -49.64 37.37 -19.08
CA LEU M 184 -50.45 36.19 -18.80
C LEU M 184 -51.08 35.66 -20.08
N MET M 185 -51.64 36.56 -20.88
CA MET M 185 -52.32 36.15 -22.10
C MET M 185 -51.36 35.52 -23.09
N SER M 186 -50.16 36.09 -23.21
CA SER M 186 -49.16 35.52 -24.11
C SER M 186 -48.76 34.13 -23.66
N GLN M 187 -48.57 33.93 -22.35
CA GLN M 187 -48.25 32.61 -21.85
C GLN M 187 -49.38 31.63 -22.11
N ALA M 188 -50.62 32.07 -21.92
CA ALA M 188 -51.77 31.20 -22.18
C ALA M 188 -51.82 30.78 -23.63
N LEU M 189 -51.63 31.73 -24.55
CA LEU M 189 -51.61 31.37 -25.96
C LEU M 189 -50.47 30.41 -26.28
N ARG M 190 -49.30 30.66 -25.71
CA ARG M 190 -48.16 29.78 -25.97
C ARG M 190 -48.43 28.37 -25.51
N LYS M 191 -49.05 28.20 -24.34
CA LYS M 191 -49.36 26.87 -23.84
C LYS M 191 -50.58 26.22 -24.50
N ILE M 192 -51.44 27.00 -25.15
CA ILE M 192 -52.65 26.43 -25.73
C ILE M 192 -52.52 26.12 -27.22
N THR M 193 -51.79 26.93 -27.98
CA THR M 193 -51.77 26.74 -29.43
C THR M 193 -51.26 25.35 -29.80
N GLY M 194 -50.33 24.81 -29.02
CA GLY M 194 -49.76 23.51 -29.35
C GLY M 194 -50.73 22.36 -29.21
N ASN M 195 -51.73 22.49 -28.34
CA ASN M 195 -52.68 21.40 -28.09
C ASN M 195 -53.95 21.51 -28.92
N ILE M 196 -54.30 22.72 -29.37
CA ILE M 196 -55.52 22.89 -30.15
C ILE M 196 -55.45 22.10 -31.44
N LYS M 197 -54.31 22.17 -32.13
CA LYS M 197 -54.17 21.42 -33.38
C LYS M 197 -54.33 19.92 -33.16
N ASN M 198 -53.69 19.39 -32.12
CA ASN M 198 -53.84 17.96 -31.83
C ASN M 198 -55.28 17.62 -31.51
N ALA M 199 -55.96 18.47 -30.74
CA ALA M 199 -57.34 18.25 -30.36
C ALA M 199 -58.33 18.61 -31.46
N ASN M 200 -57.87 19.20 -32.56
CA ASN M 200 -58.74 19.59 -33.68
C ASN M 200 -59.95 20.36 -33.16
N CYS M 201 -59.67 21.41 -32.41
CA CYS M 201 -60.70 22.21 -31.77
C CYS M 201 -60.77 23.59 -32.42
N LEU M 202 -61.58 24.46 -31.82
CA LEU M 202 -61.70 25.84 -32.27
C LEU M 202 -61.87 26.71 -31.04
N VAL M 203 -61.08 27.77 -30.94
CA VAL M 203 -61.18 28.73 -29.84
C VAL M 203 -61.42 30.10 -30.46
N ILE M 204 -62.47 30.78 -30.00
CA ILE M 204 -62.86 32.09 -30.52
C ILE M 204 -62.79 33.09 -29.39
N PHE M 205 -62.14 34.22 -29.64
CA PHE M 205 -62.02 35.30 -28.68
C PHE M 205 -62.80 36.52 -29.15
N ILE M 206 -63.26 37.30 -28.18
CA ILE M 206 -63.92 38.57 -28.45
C ILE M 206 -63.17 39.64 -27.68
N ASN M 207 -62.50 40.53 -28.39
CA ASN M 207 -61.68 41.58 -27.80
C ASN M 207 -62.50 42.86 -27.65
N GLN M 208 -61.88 43.92 -27.14
CA GLN M 208 -62.50 45.22 -26.99
C GLN M 208 -61.71 46.24 -27.79
N ILE M 209 -62.20 47.48 -27.81
CA ILE M 209 -61.61 48.57 -28.58
C ILE M 209 -61.13 49.63 -27.60
N ARG M 210 -59.85 49.99 -27.73
CA ARG M 210 -59.24 51.02 -26.90
C ARG M 210 -58.46 51.96 -27.80
N MET M 211 -58.82 53.25 -27.78
CA MET M 211 -58.16 54.23 -28.62
C MET M 211 -56.88 54.71 -27.93
N LYS M 212 -55.74 54.40 -28.52
CA LYS M 212 -54.45 54.79 -27.96
C LYS M 212 -54.24 56.29 -28.09
N ILE M 213 -53.29 56.80 -27.30
CA ILE M 213 -52.99 58.21 -27.25
C ILE M 213 -51.59 58.45 -27.78
N GLY M 214 -51.34 59.68 -28.23
CA GLY M 214 -50.02 60.06 -28.72
C GLY M 214 -49.76 59.74 -30.18
N VAL M 215 -50.76 59.26 -30.91
CA VAL M 215 -50.60 58.94 -32.33
C VAL M 215 -51.41 59.97 -33.12
N MET M 216 -50.72 60.80 -33.90
CA MET M 216 -51.36 61.76 -34.78
C MET M 216 -51.48 61.25 -36.21
N PHE M 217 -50.93 60.08 -36.51
CA PHE M 217 -50.94 59.51 -37.86
C PHE M 217 -51.16 58.01 -37.73
N GLY M 218 -52.38 57.57 -38.00
CA GLY M 218 -52.71 56.16 -37.93
C GLY M 218 -54.12 55.94 -37.41
N ASN M 219 -54.38 54.72 -36.97
CA ASN M 219 -55.70 54.33 -36.51
C ASN M 219 -55.77 54.39 -35.00
N PRO M 220 -56.55 55.30 -34.41
CA PRO M 220 -56.66 55.32 -32.95
C PRO M 220 -57.19 54.01 -32.37
N GLU M 221 -58.08 53.32 -33.07
CA GLU M 221 -58.59 52.05 -32.58
C GLU M 221 -57.46 51.05 -32.41
N THR M 222 -57.57 50.22 -31.38
CA THR M 222 -56.56 49.19 -31.13
C THR M 222 -57.15 48.13 -30.23
N THR M 223 -56.76 46.88 -30.49
CA THR M 223 -57.17 45.78 -29.64
C THR M 223 -56.52 45.89 -28.26
N THR M 224 -57.15 45.25 -27.28
CA THR M 224 -56.63 45.24 -25.92
C THR M 224 -56.13 43.84 -25.56
N GLY M 225 -55.72 43.69 -24.31
CA GLY M 225 -55.18 42.42 -23.85
C GLY M 225 -53.85 42.07 -24.48
N GLY M 226 -53.01 43.06 -24.73
CA GLY M 226 -51.71 42.82 -25.34
C GLY M 226 -51.84 42.56 -26.83
N ASN M 227 -50.67 42.46 -27.47
CA ASN M 227 -50.60 42.19 -28.90
C ASN M 227 -50.00 40.83 -29.22
N ALA M 228 -49.92 39.93 -28.24
CA ALA M 228 -49.51 38.57 -28.51
C ALA M 228 -50.63 37.73 -29.13
N LEU M 229 -51.87 38.20 -29.05
CA LEU M 229 -53.00 37.49 -29.63
C LEU M 229 -53.09 37.64 -31.14
N LYS M 230 -52.62 38.75 -31.69
CA LYS M 230 -52.73 38.99 -33.12
C LYS M 230 -51.77 38.15 -33.94
N PHE M 231 -50.79 37.49 -33.31
CA PHE M 231 -49.92 36.55 -34.00
C PHE M 231 -50.46 35.13 -34.00
N TYR M 232 -50.98 34.69 -32.86
CA TYR M 232 -51.46 33.31 -32.76
C TYR M 232 -52.85 33.13 -33.37
N ALA M 233 -53.59 34.22 -33.59
CA ALA M 233 -54.92 34.11 -34.18
C ALA M 233 -54.78 33.80 -35.66
N SER M 234 -55.29 32.63 -36.07
CA SER M 234 -55.18 32.25 -37.47
C SER M 234 -55.94 33.23 -38.36
N VAL M 235 -57.12 33.66 -37.92
CA VAL M 235 -57.93 34.60 -38.68
C VAL M 235 -58.49 35.64 -37.73
N ARG M 236 -58.44 36.91 -38.14
CA ARG M 236 -58.83 38.04 -37.32
C ARG M 236 -60.01 38.74 -37.98
N LEU M 237 -61.06 39.01 -37.21
CA LEU M 237 -62.29 39.58 -37.74
C LEU M 237 -62.58 40.93 -37.09
N ASP M 238 -63.21 41.81 -37.88
CA ASP M 238 -63.57 43.17 -37.45
C ASP M 238 -65.04 43.39 -37.79
N ILE M 239 -65.90 43.29 -36.78
CA ILE M 239 -67.35 43.40 -36.94
C ILE M 239 -67.80 44.74 -36.40
N ARG M 240 -68.64 45.43 -37.16
CA ARG M 240 -69.19 46.72 -36.76
C ARG M 240 -70.65 46.80 -37.14
N ARG M 241 -71.44 47.49 -36.31
CA ARG M 241 -72.87 47.68 -36.54
C ARG M 241 -73.08 49.15 -36.89
N THR M 242 -73.10 49.46 -38.19
CA THR M 242 -73.26 50.82 -38.65
C THR M 242 -74.73 51.16 -38.90
N GLY M 243 -75.42 50.36 -39.71
CA GLY M 243 -76.81 50.59 -40.01
C GLY M 243 -77.73 49.86 -39.04
N ALA M 244 -79.03 49.99 -39.29
CA ALA M 244 -80.05 49.34 -38.49
C ALA M 244 -81.35 49.33 -39.26
N VAL M 245 -81.98 48.17 -39.34
CA VAL M 245 -83.25 48.03 -40.06
C VAL M 245 -84.40 48.29 -39.09
N LYS M 246 -85.29 49.20 -39.47
CA LYS M 246 -86.44 49.56 -38.66
C LYS M 246 -87.71 49.22 -39.42
N GLU M 247 -88.71 48.68 -38.72
CA GLU M 247 -90.01 48.36 -39.31
C GLU M 247 -90.91 49.58 -39.18
N GLY M 248 -90.70 50.55 -40.08
CA GLY M 248 -91.51 51.75 -40.08
C GLY M 248 -91.02 52.82 -39.12
N ASP M 249 -91.25 52.61 -37.83
CA ASP M 249 -90.84 53.56 -36.80
C ASP M 249 -89.92 52.95 -35.77
N GLU M 250 -90.15 51.70 -35.37
CA GLU M 250 -89.32 51.03 -34.38
C GLU M 250 -88.18 50.29 -35.08
N VAL M 251 -87.21 49.86 -34.27
CA VAL M 251 -86.04 49.15 -34.77
C VAL M 251 -86.25 47.65 -34.58
N VAL M 252 -86.09 46.89 -35.67
CA VAL M 252 -86.28 45.45 -35.63
C VAL M 252 -84.98 44.68 -35.83
N GLY M 253 -83.99 45.26 -36.49
CA GLY M 253 -82.72 44.60 -36.71
C GLY M 253 -81.57 45.59 -36.82
N SER M 254 -80.37 45.09 -37.16
CA SER M 254 -79.23 45.97 -37.30
C SER M 254 -78.40 45.52 -38.50
N GLU M 255 -77.78 46.49 -39.16
CA GLU M 255 -76.92 46.24 -40.31
C GLU M 255 -75.49 46.07 -39.79
N THR M 256 -74.96 44.87 -39.92
CA THR M 256 -73.61 44.56 -39.47
C THR M 256 -72.71 44.21 -40.64
N ARG M 257 -71.47 44.68 -40.58
CA ARG M 257 -70.43 44.37 -41.55
C ARG M 257 -69.24 43.77 -40.81
N VAL M 258 -68.74 42.65 -41.32
CA VAL M 258 -67.59 41.97 -40.74
C VAL M 258 -66.50 41.91 -41.80
N LYS M 259 -65.31 42.39 -41.44
CA LYS M 259 -64.18 42.41 -42.36
C LYS M 259 -63.10 41.47 -41.84
N VAL M 260 -62.62 40.58 -42.71
CA VAL M 260 -61.59 39.62 -42.35
C VAL M 260 -60.26 40.36 -42.47
N VAL M 261 -59.82 40.94 -41.36
CA VAL M 261 -58.58 41.72 -41.37
C VAL M 261 -57.37 40.80 -41.56
N LYS M 262 -57.37 39.65 -40.87
CA LYS M 262 -56.26 38.72 -40.95
C LYS M 262 -56.76 37.33 -41.29
N ASN M 263 -56.05 36.66 -42.19
CA ASN M 263 -56.41 35.33 -42.62
C ASN M 263 -55.15 34.57 -43.03
N LYS M 264 -55.21 33.24 -42.95
CA LYS M 264 -54.12 32.39 -43.37
C LYS M 264 -54.54 31.32 -44.38
N VAL M 265 -55.84 31.08 -44.56
CA VAL M 265 -56.32 30.10 -45.51
C VAL M 265 -57.11 30.73 -46.64
N SER M 266 -57.25 32.05 -46.63
CA SER M 266 -57.95 32.77 -47.69
C SER M 266 -57.42 34.19 -47.74
N PRO M 267 -57.48 34.85 -48.90
CA PRO M 267 -57.03 36.23 -48.99
C PRO M 267 -57.77 37.12 -48.00
N PRO M 268 -57.07 38.06 -47.38
CA PRO M 268 -57.67 38.88 -46.33
C PRO M 268 -58.50 40.02 -46.93
N PHE M 269 -58.98 40.89 -46.04
CA PHE M 269 -59.70 42.10 -46.43
C PHE M 269 -60.97 41.78 -47.21
N ARG M 270 -61.56 40.62 -46.92
CA ARG M 270 -62.78 40.20 -47.62
C ARG M 270 -64.00 40.58 -46.78
N GLN M 271 -64.21 41.89 -46.66
CA GLN M 271 -65.30 42.40 -45.85
C GLN M 271 -66.64 41.97 -46.42
N ALA M 272 -67.56 41.59 -45.54
CA ALA M 272 -68.87 41.11 -45.94
C ALA M 272 -69.93 41.83 -45.12
N GLU M 273 -71.17 41.79 -45.61
CA GLU M 273 -72.29 42.44 -44.98
C GLU M 273 -73.47 41.48 -44.88
N PHE M 274 -74.28 41.66 -43.85
CA PHE M 274 -75.50 40.87 -43.69
C PHE M 274 -76.37 41.52 -42.64
N GLN M 275 -77.57 40.95 -42.45
CA GLN M 275 -78.56 41.49 -41.53
C GLN M 275 -78.69 40.57 -40.32
N ILE M 276 -78.90 41.18 -39.15
CA ILE M 276 -79.08 40.45 -37.90
C ILE M 276 -80.48 40.75 -37.38
N LEU M 277 -81.21 39.71 -37.02
CA LEU M 277 -82.57 39.83 -36.53
C LEU M 277 -82.61 39.62 -35.02
N TYR M 278 -83.23 40.56 -34.31
CA TYR M 278 -83.31 40.47 -32.86
C TYR M 278 -84.08 39.23 -32.44
N GLY M 279 -83.53 38.49 -31.47
CA GLY M 279 -84.17 37.28 -31.00
C GLY M 279 -84.00 36.12 -31.96
N LYS M 280 -84.55 36.26 -33.17
CA LYS M 280 -84.51 35.15 -34.12
C LYS M 280 -83.08 34.79 -34.49
N GLY M 281 -82.22 35.81 -34.66
CA GLY M 281 -80.83 35.57 -34.97
C GLY M 281 -80.38 36.19 -36.27
N ILE M 282 -79.57 35.47 -37.04
CA ILE M 282 -79.04 35.99 -38.29
C ILE M 282 -80.12 35.92 -39.36
N TYR M 283 -80.20 36.96 -40.18
CA TYR M 283 -81.14 37.01 -41.31
C TYR M 283 -80.46 36.40 -42.53
N ARG M 284 -80.38 35.06 -42.52
CA ARG M 284 -79.72 34.35 -43.60
C ARG M 284 -80.45 34.52 -44.91
N THR M 285 -81.78 34.55 -44.87
CA THR M 285 -82.56 34.63 -46.09
C THR M 285 -82.26 35.92 -46.86
N GLY M 286 -82.13 37.04 -46.16
CA GLY M 286 -81.84 38.29 -46.85
C GLY M 286 -80.53 38.26 -47.59
N GLU M 287 -79.47 37.77 -46.94
CA GLU M 287 -78.17 37.67 -47.59
C GLU M 287 -78.21 36.69 -48.75
N ILE M 288 -78.91 35.56 -48.58
CA ILE M 288 -79.01 34.59 -49.66
C ILE M 288 -79.71 35.20 -50.87
N ILE M 289 -80.79 35.95 -50.63
CA ILE M 289 -81.53 36.58 -51.73
C ILE M 289 -80.66 37.63 -52.40
N ASP M 290 -79.94 38.44 -51.62
CA ASP M 290 -79.08 39.44 -52.21
C ASP M 290 -78.01 38.79 -53.07
N LEU M 291 -77.39 37.71 -52.58
CA LEU M 291 -76.37 37.02 -53.36
C LEU M 291 -76.95 36.43 -54.64
N GLY M 292 -78.13 35.81 -54.55
CA GLY M 292 -78.74 35.23 -55.74
C GLY M 292 -79.08 36.27 -56.78
N VAL M 293 -79.60 37.42 -56.35
CA VAL M 293 -79.95 38.48 -57.30
C VAL M 293 -78.70 39.09 -57.91
N GLN M 294 -77.70 39.40 -57.09
CA GLN M 294 -76.50 40.05 -57.61
C GLN M 294 -75.73 39.14 -58.55
N LEU M 295 -75.61 37.85 -58.19
CA LEU M 295 -74.83 36.93 -59.01
C LEU M 295 -75.46 36.74 -60.39
N GLY M 296 -76.78 36.67 -60.45
CA GLY M 296 -77.46 36.54 -61.71
C GLY M 296 -78.50 35.44 -61.73
N LEU M 297 -78.47 34.56 -60.72
CA LEU M 297 -79.42 33.46 -60.68
C LEU M 297 -80.85 33.97 -60.55
N VAL M 298 -81.05 34.87 -59.59
CA VAL M 298 -82.41 35.48 -59.35
C VAL M 298 -82.47 36.75 -60.19
N GLU M 299 -83.54 36.92 -60.99
CA GLU M 299 -83.57 38.10 -61.90
C GLU M 299 -84.39 39.23 -61.29
N LYS M 300 -83.81 40.43 -61.21
CA LYS M 300 -84.54 41.61 -60.67
C LYS M 300 -84.91 42.51 -61.84
N SER M 301 -86.17 42.94 -61.91
CA SER M 301 -86.60 43.90 -62.97
C SER M 301 -86.10 45.29 -62.58
N GLY M 302 -84.84 45.40 -62.17
CA GLY M 302 -84.32 46.66 -61.65
C GLY M 302 -84.66 46.87 -60.19
N ALA M 303 -85.96 46.88 -59.87
CA ALA M 303 -86.41 47.05 -58.49
C ALA M 303 -87.48 46.04 -58.11
N TRP M 304 -87.82 45.10 -59.00
CA TRP M 304 -88.85 44.10 -58.74
C TRP M 304 -88.21 42.72 -58.65
N TYR M 305 -88.49 42.00 -57.56
CA TYR M 305 -87.93 40.68 -57.37
C TYR M 305 -88.69 39.64 -58.20
N SER M 306 -87.92 38.73 -58.81
CA SER M 306 -88.50 37.64 -59.57
C SER M 306 -87.53 36.46 -59.53
N TYR M 307 -88.09 35.25 -59.48
CA TYR M 307 -87.30 34.02 -59.54
C TYR M 307 -87.86 33.14 -60.64
N GLN M 308 -86.98 32.67 -61.52
CA GLN M 308 -87.39 31.82 -62.64
C GLN M 308 -88.55 32.44 -63.41
N GLY M 309 -88.42 33.73 -63.72
CA GLY M 309 -89.47 34.43 -64.44
C GLY M 309 -90.78 34.54 -63.68
N SER M 310 -90.75 34.35 -62.37
CA SER M 310 -91.94 34.45 -61.53
C SER M 310 -91.82 35.66 -60.62
N LYS M 311 -92.90 36.42 -60.52
CA LYS M 311 -92.93 37.60 -59.64
C LYS M 311 -93.10 37.12 -58.22
N ILE M 312 -91.98 36.71 -57.60
CA ILE M 312 -92.03 36.25 -56.22
C ILE M 312 -92.62 37.33 -55.33
N GLY M 313 -92.38 38.59 -55.67
CA GLY M 313 -92.90 39.70 -54.92
C GLY M 313 -91.96 40.89 -55.03
N GLN M 314 -92.35 41.97 -54.38
CA GLN M 314 -91.56 43.19 -54.34
C GLN M 314 -91.12 43.44 -52.91
N GLY M 315 -89.82 43.48 -52.69
CA GLY M 315 -89.26 43.78 -51.38
C GLY M 315 -88.69 42.57 -50.67
N LYS M 316 -87.79 42.87 -49.74
CA LYS M 316 -87.15 41.82 -48.96
C LYS M 316 -88.17 40.99 -48.20
N ALA M 317 -89.25 41.61 -47.72
CA ALA M 317 -90.28 40.83 -47.03
C ALA M 317 -90.89 39.79 -47.95
N ASN M 318 -91.25 40.20 -49.17
CA ASN M 318 -91.83 39.25 -50.12
C ASN M 318 -90.84 38.15 -50.48
N ALA M 319 -89.58 38.52 -50.73
CA ALA M 319 -88.58 37.51 -51.08
C ALA M 319 -88.37 36.52 -49.94
N ALA M 320 -88.28 37.03 -48.70
CA ALA M 320 -88.08 36.16 -47.56
C ALA M 320 -89.27 35.23 -47.36
N LYS M 321 -90.49 35.75 -47.53
CA LYS M 321 -91.66 34.89 -47.42
C LYS M 321 -91.66 33.81 -48.49
N TYR M 322 -91.34 34.18 -49.73
CA TYR M 322 -91.37 33.20 -50.81
C TYR M 322 -90.29 32.15 -50.63
N LEU M 323 -89.13 32.53 -50.08
CA LEU M 323 -88.05 31.57 -49.85
C LEU M 323 -88.23 30.80 -48.55
N GLU M 324 -89.08 31.27 -47.65
CA GLU M 324 -89.37 30.54 -46.43
C GLU M 324 -90.46 29.50 -46.65
N ASP M 325 -91.44 29.82 -47.51
CA ASP M 325 -92.52 28.86 -47.77
C ASP M 325 -91.96 27.56 -48.33
N ASN M 326 -90.87 27.65 -49.10
CA ASN M 326 -90.22 26.47 -49.67
C ASN M 326 -88.74 26.50 -49.32
N PRO M 327 -88.36 26.08 -48.11
CA PRO M 327 -86.93 26.07 -47.76
C PRO M 327 -86.06 25.32 -48.75
N GLU M 328 -86.63 24.34 -49.47
CA GLU M 328 -85.82 23.55 -50.39
C GLU M 328 -85.24 24.42 -51.50
N ILE M 329 -86.04 25.35 -52.03
CA ILE M 329 -85.54 26.23 -53.09
C ILE M 329 -84.39 27.07 -52.60
N GLY M 330 -84.52 27.61 -51.37
CA GLY M 330 -83.41 28.36 -50.80
C GLY M 330 -82.17 27.51 -50.58
N SER M 331 -82.37 26.27 -50.14
CA SER M 331 -81.23 25.37 -49.97
C SER M 331 -80.52 25.12 -51.28
N VAL M 332 -81.27 24.83 -52.34
CA VAL M 332 -80.66 24.60 -53.64
C VAL M 332 -79.94 25.86 -54.12
N LEU M 333 -80.57 27.02 -53.93
CA LEU M 333 -79.94 28.27 -54.37
C LEU M 333 -78.63 28.52 -53.63
N GLU M 334 -78.61 28.30 -52.32
CA GLU M 334 -77.38 28.50 -51.57
C GLU M 334 -76.32 27.48 -51.94
N LYS M 335 -76.72 26.24 -52.22
CA LYS M 335 -75.74 25.25 -52.66
C LYS M 335 -75.11 25.66 -53.99
N THR M 336 -75.92 26.10 -54.95
CA THR M 336 -75.36 26.58 -56.21
C THR M 336 -74.46 27.80 -56.00
N ILE M 337 -74.90 28.75 -55.17
CA ILE M 337 -74.12 29.96 -54.94
C ILE M 337 -72.77 29.62 -54.32
N ARG M 338 -72.76 28.71 -53.35
CA ARG M 338 -71.51 28.31 -52.74
C ARG M 338 -70.64 27.54 -53.73
N ASP M 339 -71.24 26.67 -54.55
CA ASP M 339 -70.46 25.95 -55.54
C ASP M 339 -69.84 26.88 -56.56
N GLN M 340 -70.45 28.03 -56.83
CA GLN M 340 -69.94 28.94 -57.84
C GLN M 340 -69.10 30.08 -57.29
N LEU M 341 -69.17 30.36 -56.00
CA LEU M 341 -68.37 31.42 -55.40
C LEU M 341 -67.42 30.93 -54.32
N LEU M 342 -67.89 30.11 -53.38
CA LEU M 342 -67.05 29.63 -52.30
C LEU M 342 -65.80 28.93 -52.83
N ALA M 343 -65.97 28.05 -53.81
CA ALA M 343 -64.86 27.31 -54.38
C ALA M 343 -64.53 27.81 -55.79
N GLY N 16 37.64 -93.95 73.85
CA GLY N 16 36.90 -93.09 72.94
C GLY N 16 37.34 -91.64 72.98
N ASP N 17 36.53 -90.80 73.63
CA ASP N 17 36.85 -89.38 73.70
C ASP N 17 38.14 -89.15 74.47
N GLU N 18 38.39 -89.94 75.52
CA GLU N 18 39.60 -89.75 76.31
C GLU N 18 40.86 -90.01 75.49
N ASN N 19 40.85 -91.04 74.64
CA ASN N 19 41.99 -91.31 73.80
C ASN N 19 42.25 -90.16 72.84
N LYS N 20 41.19 -89.63 72.22
CA LYS N 20 41.35 -88.50 71.32
C LYS N 20 41.89 -87.27 72.04
N LYS N 21 41.38 -87.01 73.25
CA LYS N 21 41.86 -85.87 74.02
C LYS N 21 43.34 -86.02 74.38
N ARG N 22 43.73 -87.23 74.80
CA ARG N 22 45.13 -87.47 75.12
C ARG N 22 46.03 -87.29 73.90
N ALA N 23 45.60 -87.82 72.75
CA ALA N 23 46.39 -87.64 71.53
C ALA N 23 46.50 -86.17 71.15
N LEU N 24 45.40 -85.43 71.25
CA LEU N 24 45.42 -84.01 70.93
C LEU N 24 46.35 -83.25 71.87
N ALA N 25 46.29 -83.57 73.16
CA ALA N 25 47.17 -82.91 74.12
C ALA N 25 48.63 -83.21 73.82
N ALA N 26 48.94 -84.46 73.48
CA ALA N 26 50.32 -84.81 73.13
C ALA N 26 50.79 -84.04 71.90
N ALA N 27 49.95 -83.98 70.86
CA ALA N 27 50.34 -83.27 69.65
C ALA N 27 50.53 -81.78 69.94
N LEU N 28 49.62 -81.18 70.71
CA LEU N 28 49.75 -79.77 71.05
C LEU N 28 51.00 -79.51 71.86
N GLY N 29 51.31 -80.39 72.82
CA GLY N 29 52.52 -80.22 73.60
C GLY N 29 53.77 -80.30 72.76
N GLN N 30 53.83 -81.27 71.83
CA GLN N 30 54.97 -81.36 70.95
C GLN N 30 55.10 -80.10 70.08
N ILE N 31 53.98 -79.61 69.55
CA ILE N 31 54.02 -78.41 68.72
C ILE N 31 54.53 -77.23 69.52
N GLU N 32 54.02 -77.07 70.75
CA GLU N 32 54.51 -76.00 71.61
C GLU N 32 56.00 -76.14 71.89
N ARG N 33 56.47 -77.37 72.12
CA ARG N 33 57.88 -77.57 72.39
C ARG N 33 58.76 -77.21 71.21
N GLN N 34 58.31 -77.51 69.99
CA GLN N 34 59.14 -77.21 68.82
C GLN N 34 58.84 -75.82 68.26
N PHE N 35 57.57 -75.50 68.02
CA PHE N 35 57.18 -74.21 67.47
C PHE N 35 56.80 -73.18 68.53
N GLY N 36 56.99 -73.50 69.81
CA GLY N 36 56.65 -72.53 70.83
C GLY N 36 55.14 -72.34 70.92
N LYS N 37 54.75 -71.33 71.70
CA LYS N 37 53.34 -70.97 71.85
C LYS N 37 52.87 -70.25 70.58
N GLY N 38 52.69 -71.06 69.54
CA GLY N 38 52.21 -70.56 68.26
C GLY N 38 51.26 -71.52 67.59
N ALA N 39 50.85 -72.56 68.31
CA ALA N 39 49.96 -73.57 67.74
C ALA N 39 48.50 -73.16 67.84
N VAL N 40 48.01 -72.97 69.06
CA VAL N 40 46.60 -72.65 69.30
C VAL N 40 46.54 -71.38 70.13
N MET N 41 45.73 -70.43 69.68
CA MET N 41 45.55 -69.18 70.40
C MET N 41 44.92 -69.46 71.77
N ARG N 42 45.37 -68.70 72.77
CA ARG N 42 44.82 -68.84 74.11
C ARG N 42 43.35 -68.45 74.10
N MET N 43 42.52 -69.29 74.70
CA MET N 43 41.08 -69.03 74.73
C MET N 43 40.78 -67.74 75.49
N GLY N 44 41.11 -67.72 76.79
CA GLY N 44 40.85 -66.54 77.59
C GLY N 44 41.71 -65.35 77.22
N ASP N 45 42.98 -65.58 76.88
CA ASP N 45 43.87 -64.48 76.51
C ASP N 45 43.34 -63.73 75.31
N HIS N 46 42.93 -64.45 74.26
CA HIS N 46 42.44 -63.84 73.04
C HIS N 46 40.96 -63.49 73.21
N GLU N 47 40.71 -62.54 74.11
CA GLU N 47 39.36 -62.07 74.42
C GLU N 47 39.41 -60.55 74.55
N ARG N 48 39.18 -59.86 73.43
CA ARG N 48 39.10 -58.41 73.40
C ARG N 48 37.70 -57.99 72.95
N GLN N 49 37.10 -57.09 73.69
CA GLN N 49 35.75 -56.63 73.35
C GLN N 49 35.73 -55.96 71.99
N ALA N 50 36.73 -55.11 71.71
CA ALA N 50 36.82 -54.38 70.46
C ALA N 50 38.21 -54.54 69.88
N ILE N 51 38.29 -54.57 68.56
CA ILE N 51 39.59 -54.64 67.89
C ILE N 51 40.34 -53.33 68.11
N PRO N 52 41.63 -53.37 68.46
CA PRO N 52 42.37 -52.11 68.61
C PRO N 52 42.44 -51.34 67.30
N ALA N 53 41.91 -50.12 67.29
CA ALA N 53 41.83 -49.31 66.10
C ALA N 53 42.56 -47.99 66.32
N ILE N 54 42.91 -47.34 65.22
CA ILE N 54 43.54 -46.03 65.24
C ILE N 54 42.59 -45.04 64.59
N SER N 55 42.25 -43.99 65.33
CA SER N 55 41.30 -43.00 64.83
C SER N 55 41.84 -42.32 63.58
N THR N 56 40.93 -42.03 62.65
CA THR N 56 41.30 -41.40 61.39
C THR N 56 41.10 -39.89 61.39
N GLY N 57 40.77 -39.29 62.53
CA GLY N 57 40.57 -37.86 62.58
C GLY N 57 39.24 -37.40 62.02
N SER N 58 38.30 -38.31 61.78
CA SER N 58 36.98 -37.93 61.29
C SER N 58 35.97 -38.96 61.77
N LEU N 59 34.84 -38.48 62.29
CA LEU N 59 33.80 -39.39 62.76
C LEU N 59 33.08 -40.08 61.61
N GLY N 60 32.97 -39.43 60.45
CA GLY N 60 32.31 -40.07 59.33
C GLY N 60 32.98 -41.38 58.94
N LEU N 61 34.32 -41.38 58.90
CA LEU N 61 35.04 -42.62 58.66
C LEU N 61 34.93 -43.58 59.83
N ASP N 62 34.96 -43.07 61.06
CA ASP N 62 34.92 -43.95 62.23
C ASP N 62 33.63 -44.75 62.28
N ILE N 63 32.50 -44.11 61.99
CA ILE N 63 31.23 -44.83 62.01
C ILE N 63 31.20 -45.90 60.92
N ALA N 64 31.63 -45.56 59.71
CA ALA N 64 31.60 -46.52 58.62
C ALA N 64 32.50 -47.71 58.91
N LEU N 65 33.69 -47.45 59.45
CA LEU N 65 34.64 -48.52 59.74
C LEU N 65 34.13 -49.45 60.82
N GLY N 66 33.09 -49.06 61.55
CA GLY N 66 32.56 -49.90 62.60
C GLY N 66 33.36 -49.80 63.89
N ILE N 67 34.69 -49.93 63.78
CA ILE N 67 35.55 -49.85 64.96
C ILE N 67 36.01 -48.44 65.26
N GLY N 68 35.51 -47.44 64.53
CA GLY N 68 35.90 -46.07 64.81
C GLY N 68 37.38 -45.84 64.66
N GLY N 69 37.88 -45.94 63.42
CA GLY N 69 39.29 -45.80 63.15
C GLY N 69 39.83 -46.99 62.37
N LEU N 70 41.02 -46.80 61.82
CA LEU N 70 41.63 -47.83 61.00
C LEU N 70 42.20 -48.94 61.89
N PRO N 71 41.76 -50.19 61.70
CA PRO N 71 42.33 -51.29 62.47
C PRO N 71 43.86 -51.31 62.40
N LYS N 72 44.45 -52.02 63.34
CA LYS N 72 45.90 -52.12 63.46
C LYS N 72 46.34 -53.55 63.19
N GLY N 73 47.54 -53.70 62.63
CA GLY N 73 48.07 -54.99 62.29
C GLY N 73 47.55 -55.57 61.00
N ARG N 74 46.63 -54.88 60.32
CA ARG N 74 46.05 -55.34 59.08
C ARG N 74 46.30 -54.29 57.99
N ILE N 75 46.68 -54.75 56.82
CA ILE N 75 47.04 -53.86 55.72
C ILE N 75 45.78 -53.14 55.24
N VAL N 76 45.90 -51.83 55.02
CA VAL N 76 44.79 -51.00 54.58
C VAL N 76 45.23 -50.24 53.34
N GLU N 77 44.44 -50.33 52.27
CA GLU N 77 44.73 -49.62 51.02
C GLU N 77 43.67 -48.56 50.77
N ILE N 78 44.14 -47.36 50.41
CA ILE N 78 43.27 -46.24 50.12
C ILE N 78 43.64 -45.68 48.75
N TYR N 79 42.66 -45.61 47.85
CA TYR N 79 42.89 -45.14 46.50
C TYR N 79 41.82 -44.12 46.14
N GLY N 80 42.18 -43.19 45.26
CA GLY N 80 41.26 -42.18 44.82
C GLY N 80 41.81 -41.34 43.69
N PRO N 81 40.92 -40.75 42.90
CA PRO N 81 41.36 -39.98 41.74
C PRO N 81 42.33 -38.88 42.11
N GLU N 82 42.86 -38.22 41.09
CA GLU N 82 43.84 -37.17 41.29
C GLU N 82 43.24 -36.01 42.06
N SER N 83 44.05 -35.41 42.94
CA SER N 83 43.61 -34.29 43.77
C SER N 83 42.32 -34.63 44.51
N SER N 84 42.33 -35.79 45.18
CA SER N 84 41.20 -36.23 45.97
C SER N 84 41.41 -36.07 47.46
N GLY N 85 42.63 -36.27 47.94
CA GLY N 85 42.92 -36.11 49.35
C GLY N 85 43.49 -37.35 50.01
N LYS N 86 44.12 -38.22 49.22
CA LYS N 86 44.77 -39.38 49.82
C LYS N 86 45.87 -38.94 50.80
N THR N 87 46.69 -37.99 50.37
CA THR N 87 47.76 -37.51 51.24
C THR N 87 47.22 -36.83 52.48
N THR N 88 46.17 -36.01 52.34
CA THR N 88 45.63 -35.32 53.50
C THR N 88 45.05 -36.30 54.51
N LEU N 89 44.32 -37.31 54.03
CA LEU N 89 43.79 -38.32 54.94
C LEU N 89 44.90 -39.08 55.64
N THR N 90 45.92 -39.47 54.90
CA THR N 90 47.04 -40.18 55.52
C THR N 90 47.72 -39.30 56.57
N LEU N 91 47.88 -38.01 56.27
CA LEU N 91 48.51 -37.11 57.23
C LEU N 91 47.66 -36.95 58.49
N SER N 92 46.33 -36.88 58.33
CA SER N 92 45.47 -36.80 59.51
C SER N 92 45.59 -38.07 60.35
N VAL N 93 45.66 -39.23 59.70
CA VAL N 93 45.88 -40.47 60.44
C VAL N 93 47.20 -40.42 61.19
N ILE N 94 48.25 -39.91 60.54
CA ILE N 94 49.54 -39.78 61.21
C ILE N 94 49.43 -38.87 62.42
N ALA N 95 48.70 -37.76 62.29
CA ALA N 95 48.54 -36.85 63.41
C ALA N 95 47.83 -37.52 64.57
N GLU N 96 46.75 -38.26 64.29
CA GLU N 96 46.04 -38.95 65.35
C GLU N 96 46.95 -39.97 66.04
N ALA N 97 47.70 -40.74 65.25
CA ALA N 97 48.58 -41.74 65.84
C ALA N 97 49.66 -41.10 66.70
N GLN N 98 50.23 -39.99 66.24
CA GLN N 98 51.25 -39.30 67.02
C GLN N 98 50.67 -38.76 68.32
N LYS N 99 49.49 -38.14 68.25
CA LYS N 99 48.87 -37.62 69.45
C LYS N 99 48.53 -38.73 70.43
N GLN N 100 48.22 -39.93 69.93
CA GLN N 100 47.98 -41.05 70.82
C GLN N 100 49.27 -41.54 71.47
N GLY N 101 50.41 -41.03 71.03
CA GLY N 101 51.67 -41.34 71.68
C GLY N 101 52.46 -42.44 71.00
N ALA N 102 52.32 -42.54 69.68
CA ALA N 102 53.01 -43.54 68.89
C ALA N 102 53.85 -42.87 67.81
N THR N 103 55.08 -43.34 67.65
CA THR N 103 55.96 -42.84 66.60
C THR N 103 55.50 -43.38 65.24
N CYS N 104 55.47 -42.51 64.25
CA CYS N 104 55.03 -42.87 62.91
C CYS N 104 56.12 -42.57 61.90
N ALA N 105 56.31 -43.50 60.97
CA ALA N 105 57.28 -43.34 59.89
C ALA N 105 56.51 -43.31 58.58
N PHE N 106 56.68 -42.24 57.81
CA PHE N 106 56.01 -42.07 56.53
C PHE N 106 57.03 -42.20 55.41
N VAL N 107 56.80 -43.14 54.50
CA VAL N 107 57.69 -43.41 53.38
C VAL N 107 57.09 -42.78 52.13
N ASP N 108 57.81 -41.84 51.54
CA ASP N 108 57.35 -41.09 50.38
C ASP N 108 57.91 -41.72 49.12
N ALA N 109 57.06 -41.84 48.09
CA ALA N 109 57.45 -42.47 46.83
C ALA N 109 57.65 -41.47 45.70
N GLU N 110 56.69 -40.59 45.46
CA GLU N 110 56.82 -39.61 44.40
C GLU N 110 57.84 -38.52 44.73
N HIS N 111 58.35 -38.49 45.94
CA HIS N 111 59.12 -37.36 46.41
C HIS N 111 58.26 -36.09 46.40
N ALA N 112 56.99 -36.25 46.79
CA ALA N 112 56.03 -35.15 46.83
C ALA N 112 55.52 -35.03 48.27
N LEU N 113 56.05 -34.04 48.99
CA LEU N 113 55.63 -33.82 50.37
C LEU N 113 56.15 -32.48 50.88
N ASP N 114 55.30 -31.73 51.57
CA ASP N 114 55.67 -30.44 52.12
C ASP N 114 55.50 -30.41 53.64
N PRO N 115 56.57 -30.61 54.40
CA PRO N 115 56.44 -30.57 55.86
C PRO N 115 55.63 -29.41 56.39
N ASP N 116 55.61 -28.27 55.68
CA ASP N 116 54.82 -27.13 56.15
C ASP N 116 53.34 -27.47 56.23
N TYR N 117 52.79 -28.06 55.17
CA TYR N 117 51.38 -28.43 55.20
C TYR N 117 51.11 -29.53 56.21
N ALA N 118 52.04 -30.48 56.35
CA ALA N 118 51.86 -31.53 57.35
C ALA N 118 51.78 -30.94 58.75
N GLY N 119 52.67 -29.99 59.06
CA GLY N 119 52.57 -29.31 60.35
C GLY N 119 51.30 -28.51 60.47
N LYS N 120 50.82 -27.95 59.37
CA LYS N 120 49.54 -27.24 59.41
C LYS N 120 48.41 -28.18 59.78
N LEU N 121 48.43 -29.42 59.27
CA LEU N 121 47.43 -30.40 59.66
C LEU N 121 47.53 -30.73 61.15
N GLY N 122 48.75 -30.89 61.65
CA GLY N 122 48.94 -31.15 63.06
C GLY N 122 50.05 -32.13 63.36
N VAL N 123 50.46 -32.91 62.35
CA VAL N 123 51.50 -33.90 62.56
C VAL N 123 52.77 -33.20 63.02
N ASN N 124 53.42 -33.77 64.03
CA ASN N 124 54.63 -33.19 64.59
C ASN N 124 55.78 -33.42 63.61
N VAL N 125 56.12 -32.39 62.85
CA VAL N 125 57.18 -32.52 61.85
C VAL N 125 58.53 -32.75 62.53
N ASP N 126 58.76 -32.11 63.68
CA ASP N 126 60.02 -32.30 64.39
C ASP N 126 60.26 -33.77 64.73
N ASP N 127 59.19 -34.54 64.91
CA ASP N 127 59.29 -35.97 65.23
C ASP N 127 58.50 -36.73 64.17
N LEU N 128 59.18 -37.11 63.10
CA LEU N 128 58.54 -37.81 62.00
C LEU N 128 59.61 -38.50 61.17
N LEU N 129 59.28 -39.70 60.68
CA LEU N 129 60.18 -40.50 59.87
C LEU N 129 59.69 -40.48 58.43
N VAL N 130 60.48 -39.87 57.55
CA VAL N 130 60.14 -39.74 56.14
C VAL N 130 61.29 -40.32 55.33
N SER N 131 60.96 -41.10 54.31
CA SER N 131 61.94 -41.70 53.43
C SER N 131 61.59 -41.41 51.98
N GLN N 132 62.63 -41.18 51.18
CA GLN N 132 62.47 -40.84 49.76
C GLN N 132 63.37 -41.76 48.95
N PRO N 133 63.11 -43.06 48.98
CA PRO N 133 63.97 -44.01 48.26
C PRO N 133 63.80 -43.86 46.75
N ASP N 134 64.92 -43.88 46.04
CA ASP N 134 64.86 -43.75 44.59
C ASP N 134 64.16 -44.94 43.95
N THR N 135 64.45 -46.15 44.41
CA THR N 135 63.92 -47.37 43.83
C THR N 135 62.85 -47.97 44.74
N GLY N 136 61.91 -48.69 44.13
CA GLY N 136 60.81 -49.26 44.90
C GLY N 136 61.25 -50.31 45.88
N GLU N 137 62.12 -51.22 45.45
CA GLU N 137 62.58 -52.30 46.32
C GLU N 137 63.23 -51.74 47.58
N GLN N 138 63.95 -50.63 47.44
CA GLN N 138 64.54 -49.99 48.62
C GLN N 138 63.48 -49.53 49.59
N ALA N 139 62.41 -48.91 49.10
CA ALA N 139 61.32 -48.51 49.99
C ALA N 139 60.68 -49.72 50.65
N LEU N 140 60.49 -50.80 49.89
CA LEU N 140 59.89 -51.99 50.48
C LEU N 140 60.76 -52.57 51.58
N GLU N 141 62.08 -52.64 51.35
CA GLU N 141 62.98 -53.15 52.38
C GLU N 141 62.96 -52.24 53.61
N ILE N 142 62.94 -50.92 53.39
CA ILE N 142 62.92 -50.00 54.52
C ILE N 142 61.67 -50.18 55.35
N THR N 143 60.51 -50.29 54.71
CA THR N 143 59.27 -50.48 55.44
C THR N 143 59.27 -51.82 56.17
N ASP N 144 59.78 -52.86 55.51
CA ASP N 144 59.89 -54.15 56.18
C ASP N 144 60.74 -54.04 57.44
N MET N 145 61.89 -53.37 57.36
CA MET N 145 62.74 -53.25 58.53
C MET N 145 62.05 -52.44 59.63
N LEU N 146 61.44 -51.32 59.27
CA LEU N 146 60.78 -50.49 60.29
C LEU N 146 59.70 -51.29 61.00
N VAL N 147 58.95 -52.10 60.26
CA VAL N 147 57.98 -52.99 60.88
C VAL N 147 58.68 -53.97 61.82
N ARG N 148 59.77 -54.58 61.35
CA ARG N 148 60.47 -55.58 62.16
C ARG N 148 61.06 -54.97 63.42
N SER N 149 61.41 -53.68 63.39
CA SER N 149 61.96 -53.04 64.57
C SER N 149 60.93 -52.86 65.67
N ASN N 150 59.64 -52.96 65.33
CA ASN N 150 58.55 -52.88 66.30
C ASN N 150 58.44 -51.49 66.94
N ALA N 151 59.21 -50.53 66.44
CA ALA N 151 59.22 -49.18 67.02
C ALA N 151 58.08 -48.33 66.48
N VAL N 152 58.02 -48.12 65.18
CA VAL N 152 56.98 -47.29 64.58
C VAL N 152 55.68 -48.09 64.52
N ASP N 153 54.56 -47.39 64.74
CA ASP N 153 53.25 -48.02 64.69
C ASP N 153 52.47 -47.69 63.43
N VAL N 154 52.83 -46.63 62.72
CA VAL N 154 52.15 -46.22 61.51
C VAL N 154 53.18 -46.09 60.40
N ILE N 155 52.96 -46.77 59.29
CA ILE N 155 53.82 -46.71 58.12
C ILE N 155 52.94 -46.41 56.93
N ILE N 156 52.90 -45.13 56.53
CA ILE N 156 52.10 -44.69 55.40
C ILE N 156 53.05 -44.49 54.22
N VAL N 157 52.76 -45.16 53.11
CA VAL N 157 53.53 -45.02 51.89
C VAL N 157 52.64 -44.40 50.83
N ASP N 158 53.06 -43.26 50.30
CA ASP N 158 52.34 -42.57 49.24
C ASP N 158 52.76 -43.15 47.90
N SER N 159 51.82 -43.19 46.95
CA SER N 159 52.11 -43.56 45.57
C SER N 159 52.77 -44.94 45.49
N VAL N 160 51.99 -45.96 45.85
CA VAL N 160 52.46 -47.32 45.70
C VAL N 160 52.91 -47.59 44.28
N ALA N 161 52.23 -46.98 43.30
CA ALA N 161 52.60 -47.14 41.91
C ALA N 161 53.95 -46.53 41.58
N ALA N 162 54.36 -45.48 42.31
CA ALA N 162 55.58 -44.77 41.96
C ALA N 162 56.84 -45.54 42.32
N LEU N 163 56.72 -46.67 43.03
CA LEU N 163 57.90 -47.45 43.41
C LEU N 163 58.34 -48.26 42.19
N VAL N 164 59.21 -47.65 41.39
CA VAL N 164 59.69 -48.28 40.16
C VAL N 164 60.56 -49.49 40.52
N PRO N 165 60.42 -50.61 39.83
CA PRO N 165 61.34 -51.73 40.08
C PRO N 165 62.75 -51.40 39.62
N LYS N 166 63.72 -52.05 40.26
CA LYS N 166 65.12 -51.79 39.92
C LYS N 166 65.40 -52.14 38.46
N ALA N 167 64.92 -53.29 37.99
CA ALA N 167 65.18 -53.69 36.62
C ALA N 167 64.58 -52.70 35.63
N GLU N 168 63.35 -52.25 35.89
CA GLU N 168 62.72 -51.28 35.00
C GLU N 168 63.47 -49.95 35.01
N ILE N 169 63.88 -49.48 36.19
CA ILE N 169 64.54 -48.18 36.28
C ILE N 169 65.88 -48.21 35.58
N GLU N 170 66.65 -49.29 35.76
CA GLU N 170 67.95 -49.37 35.10
C GLU N 170 67.84 -49.62 33.60
N GLY N 171 66.70 -50.11 33.12
CA GLY N 171 66.57 -50.43 31.71
C GLY N 171 66.23 -49.23 30.86
N GLU N 172 66.28 -49.45 29.54
CA GLU N 172 65.99 -48.40 28.57
C GLU N 172 64.51 -48.02 28.61
N MET N 173 64.23 -46.81 28.15
CA MET N 173 62.85 -46.32 28.13
C MET N 173 61.99 -47.18 27.21
N GLY N 174 60.74 -47.38 27.62
CA GLY N 174 59.82 -48.17 26.83
C GLY N 174 60.06 -49.65 26.86
N ASP N 175 60.99 -50.14 27.68
CA ASP N 175 61.25 -51.57 27.73
C ASP N 175 60.03 -52.31 28.28
N ALA N 176 59.72 -53.44 27.66
CA ALA N 176 58.56 -54.24 28.04
C ALA N 176 58.90 -55.04 29.28
N HIS N 177 58.37 -54.62 30.41
CA HIS N 177 58.54 -55.31 31.68
C HIS N 177 57.19 -55.70 32.28
N VAL N 178 56.28 -56.16 31.42
CA VAL N 178 54.93 -56.47 31.86
C VAL N 178 54.97 -57.50 32.96
N GLY N 179 54.19 -57.28 34.01
CA GLY N 179 54.10 -58.23 35.10
C GLY N 179 55.28 -58.25 36.03
N LEU N 180 56.04 -57.16 36.13
CA LEU N 180 57.18 -57.12 37.04
C LEU N 180 56.81 -56.43 38.34
N GLN N 181 56.24 -55.23 38.26
CA GLN N 181 55.92 -54.49 39.48
C GLN N 181 54.89 -55.21 40.32
N ALA N 182 53.87 -55.80 39.68
CA ALA N 182 52.86 -56.53 40.43
C ALA N 182 53.46 -57.74 41.12
N ARG N 183 54.34 -58.46 40.44
CA ARG N 183 55.01 -59.60 41.06
C ARG N 183 55.85 -59.16 42.25
N LEU N 184 56.58 -58.04 42.09
CA LEU N 184 57.36 -57.53 43.20
C LEU N 184 56.46 -57.17 44.38
N MET N 185 55.33 -56.54 44.10
CA MET N 185 54.40 -56.18 45.17
C MET N 185 53.90 -57.42 45.90
N SER N 186 53.52 -58.45 45.15
CA SER N 186 53.03 -59.67 45.78
C SER N 186 54.12 -60.29 46.66
N GLN N 187 55.34 -60.36 46.14
CA GLN N 187 56.43 -60.93 46.92
C GLN N 187 56.68 -60.12 48.18
N ALA N 188 56.67 -58.78 48.08
CA ALA N 188 56.92 -57.96 49.25
C ALA N 188 55.83 -58.14 50.30
N LEU N 189 54.57 -58.10 49.89
CA LEU N 189 53.49 -58.29 50.86
C LEU N 189 53.51 -59.68 51.46
N ARG N 190 53.98 -60.69 50.72
CA ARG N 190 54.12 -62.01 51.31
C ARG N 190 55.04 -61.99 52.53
N LYS N 191 56.16 -61.27 52.44
CA LYS N 191 57.11 -61.16 53.54
C LYS N 191 56.71 -60.11 54.56
N ILE N 192 55.79 -59.22 54.23
CA ILE N 192 55.43 -58.13 55.12
C ILE N 192 54.19 -58.43 55.97
N THR N 193 53.22 -59.19 55.45
CA THR N 193 51.98 -59.39 56.18
C THR N 193 52.23 -60.08 57.52
N GLY N 194 53.10 -61.08 57.53
CA GLY N 194 53.32 -61.86 58.74
C GLY N 194 54.02 -61.10 59.85
N ASN N 195 54.78 -60.06 59.51
CA ASN N 195 55.51 -59.30 60.52
C ASN N 195 54.68 -58.19 61.14
N ILE N 196 53.79 -57.57 60.37
CA ILE N 196 53.03 -56.43 60.88
C ILE N 196 52.10 -56.88 62.01
N LYS N 197 51.40 -58.00 61.83
CA LYS N 197 50.50 -58.47 62.88
C LYS N 197 51.26 -58.78 64.16
N ASN N 198 52.43 -59.42 64.04
CA ASN N 198 53.23 -59.72 65.22
C ASN N 198 53.73 -58.45 65.89
N ALA N 199 54.12 -57.45 65.09
CA ALA N 199 54.67 -56.22 65.65
C ALA N 199 53.59 -55.20 66.03
N ASN N 200 52.32 -55.50 65.76
CA ASN N 200 51.21 -54.60 66.09
C ASN N 200 51.46 -53.21 65.51
N CYS N 201 51.48 -53.15 64.18
CA CYS N 201 51.64 -51.88 63.48
C CYS N 201 50.53 -51.70 62.46
N LEU N 202 50.57 -50.60 61.71
CA LEU N 202 49.59 -50.32 60.69
C LEU N 202 50.30 -49.77 59.45
N VAL N 203 49.84 -50.19 58.27
CA VAL N 203 50.41 -49.75 57.01
C VAL N 203 49.27 -49.41 56.06
N ILE N 204 49.30 -48.20 55.50
CA ILE N 204 48.32 -47.74 54.52
C ILE N 204 49.04 -47.53 53.20
N PHE N 205 48.50 -48.13 52.14
CA PHE N 205 49.04 -47.97 50.79
C PHE N 205 48.15 -47.01 50.03
N ILE N 206 48.78 -46.12 49.25
CA ILE N 206 48.07 -45.16 48.42
C ILE N 206 48.30 -45.56 46.98
N ASN N 207 47.28 -46.11 46.34
CA ASN N 207 47.35 -46.53 44.96
C ASN N 207 46.70 -45.49 44.05
N GLN N 208 47.12 -45.48 42.80
CA GLN N 208 46.58 -44.55 41.81
C GLN N 208 45.37 -45.18 41.14
N ILE N 209 44.90 -44.59 40.06
CA ILE N 209 43.82 -45.16 39.25
C ILE N 209 44.27 -45.22 37.80
N ARG N 210 44.07 -46.37 37.18
CA ARG N 210 44.24 -46.56 35.75
C ARG N 210 42.88 -46.74 35.10
N MET N 211 42.88 -47.17 33.84
CA MET N 211 41.64 -47.49 33.15
C MET N 211 41.88 -48.71 32.27
N LYS N 212 41.21 -49.82 32.59
CA LYS N 212 41.38 -51.02 31.80
C LYS N 212 40.83 -50.82 30.39
N ILE N 213 41.49 -51.44 29.42
CA ILE N 213 41.16 -51.29 28.02
C ILE N 213 40.34 -52.48 27.57
N GLY N 214 39.30 -52.22 26.77
CA GLY N 214 38.48 -53.29 26.24
C GLY N 214 37.42 -53.83 27.17
N VAL N 215 37.01 -53.06 28.17
CA VAL N 215 35.95 -53.48 29.07
C VAL N 215 34.73 -52.61 28.84
N MET N 216 33.78 -53.13 28.06
CA MET N 216 32.58 -52.38 27.69
C MET N 216 31.45 -52.52 28.70
N PHE N 217 31.57 -53.43 29.66
CA PHE N 217 30.50 -53.69 30.62
C PHE N 217 31.12 -53.77 32.01
N GLY N 218 31.08 -52.66 32.74
CA GLY N 218 31.62 -52.62 34.09
C GLY N 218 32.19 -51.25 34.39
N ASN N 219 33.03 -51.20 35.41
CA ASN N 219 33.66 -49.96 35.82
C ASN N 219 35.08 -49.92 35.26
N PRO N 220 35.38 -49.04 34.31
CA PRO N 220 36.74 -49.03 33.75
C PRO N 220 37.83 -48.80 34.78
N GLU N 221 37.58 -47.97 35.78
CA GLU N 221 38.61 -47.65 36.76
C GLU N 221 39.22 -48.92 37.34
N THR N 222 40.48 -48.84 37.71
CA THR N 222 41.19 -49.99 38.25
C THR N 222 42.46 -49.52 38.95
N THR N 223 42.67 -50.03 40.16
CA THR N 223 43.88 -49.71 40.89
C THR N 223 45.10 -50.27 40.15
N THR N 224 46.26 -49.66 40.41
CA THR N 224 47.50 -50.11 39.80
C THR N 224 48.32 -50.92 40.81
N GLY N 225 49.54 -51.28 40.43
CA GLY N 225 50.40 -52.04 41.32
C GLY N 225 49.92 -53.45 41.60
N GLY N 226 49.32 -54.10 40.62
CA GLY N 226 48.92 -55.48 40.77
C GLY N 226 47.63 -55.64 41.53
N ASN N 227 47.03 -56.83 41.37
CA ASN N 227 45.78 -57.18 42.04
C ASN N 227 46.02 -57.99 43.31
N ALA N 228 47.27 -58.21 43.69
CA ALA N 228 47.58 -58.92 44.93
C ALA N 228 47.40 -58.06 46.17
N LEU N 229 47.24 -56.74 46.00
CA LEU N 229 47.07 -55.87 47.16
C LEU N 229 45.65 -55.85 47.67
N LYS N 230 44.66 -56.12 46.81
CA LYS N 230 43.28 -56.12 47.25
C LYS N 230 42.95 -57.29 48.15
N PHE N 231 43.74 -58.37 48.09
CA PHE N 231 43.52 -59.50 48.98
C PHE N 231 44.13 -59.27 50.36
N TYR N 232 45.42 -58.94 50.40
CA TYR N 232 46.09 -58.73 51.68
C TYR N 232 45.55 -57.52 52.42
N ALA N 233 44.85 -56.62 51.73
CA ALA N 233 44.33 -55.41 52.36
C ALA N 233 43.09 -55.74 53.16
N SER N 234 43.18 -55.56 54.48
CA SER N 234 42.02 -55.82 55.33
C SER N 234 40.85 -54.92 54.97
N VAL N 235 41.11 -53.64 54.79
CA VAL N 235 40.07 -52.67 54.43
C VAL N 235 40.60 -51.79 53.30
N ARG N 236 39.77 -51.61 52.27
CA ARG N 236 40.11 -50.79 51.12
C ARG N 236 39.17 -49.60 51.07
N LEU N 237 39.74 -48.41 50.89
CA LEU N 237 38.96 -47.18 50.87
C LEU N 237 38.98 -46.57 49.47
N ASP N 238 37.95 -45.78 49.17
CA ASP N 238 37.76 -45.16 47.87
C ASP N 238 37.39 -43.70 48.09
N ILE N 239 38.39 -42.83 48.19
CA ILE N 239 38.17 -41.41 48.47
C ILE N 239 38.08 -40.66 47.15
N ARG N 240 37.05 -39.85 47.00
CA ARG N 240 36.86 -39.03 45.82
C ARG N 240 36.43 -37.64 46.23
N ARG N 241 36.72 -36.67 45.38
CA ARG N 241 36.43 -35.27 45.66
C ARG N 241 35.28 -34.84 44.76
N THR N 242 34.09 -34.72 45.35
CA THR N 242 32.89 -34.41 44.60
C THR N 242 32.61 -32.91 44.57
N GLY N 243 32.39 -32.32 45.75
CA GLY N 243 32.08 -30.91 45.86
C GLY N 243 33.29 -30.10 46.28
N ALA N 244 33.04 -28.81 46.51
CA ALA N 244 34.10 -27.90 46.93
C ALA N 244 33.44 -26.70 47.60
N VAL N 245 33.80 -26.46 48.85
CA VAL N 245 33.24 -25.36 49.61
C VAL N 245 33.94 -24.08 49.21
N LYS N 246 33.15 -23.07 48.84
CA LYS N 246 33.67 -21.81 48.34
C LYS N 246 33.14 -20.69 49.23
N GLU N 247 34.05 -19.87 49.76
CA GLU N 247 33.69 -18.78 50.66
C GLU N 247 33.29 -17.55 49.85
N GLY N 248 32.07 -17.60 49.34
CA GLY N 248 31.52 -16.49 48.60
C GLY N 248 32.05 -16.39 47.19
N ASP N 249 33.32 -16.05 47.05
CA ASP N 249 33.98 -15.96 45.76
C ASP N 249 35.21 -16.85 45.66
N GLU N 250 36.09 -16.81 46.65
CA GLU N 250 37.27 -17.66 46.66
C GLU N 250 36.92 -19.06 47.16
N VAL N 251 37.61 -20.05 46.64
CA VAL N 251 37.39 -21.45 47.01
C VAL N 251 38.26 -21.78 48.21
N VAL N 252 37.64 -22.25 49.28
CA VAL N 252 38.35 -22.50 50.53
C VAL N 252 38.31 -23.94 50.98
N GLY N 253 37.58 -24.83 50.30
CA GLY N 253 37.56 -26.21 50.69
C GLY N 253 36.85 -27.07 49.67
N SER N 254 36.99 -28.39 49.84
CA SER N 254 36.43 -29.35 48.92
C SER N 254 35.66 -30.42 49.69
N GLU N 255 34.52 -30.81 49.14
CA GLU N 255 33.68 -31.84 49.76
C GLU N 255 34.07 -33.21 49.24
N THR N 256 34.72 -34.00 50.10
CA THR N 256 35.19 -35.33 49.74
C THR N 256 34.18 -36.37 50.20
N ARG N 257 34.20 -37.52 49.54
CA ARG N 257 33.37 -38.65 49.92
C ARG N 257 34.22 -39.91 49.93
N VAL N 258 34.14 -40.66 51.03
CA VAL N 258 34.94 -41.87 51.21
C VAL N 258 33.99 -43.06 51.34
N LYS N 259 34.24 -44.09 50.55
CA LYS N 259 33.46 -45.32 50.57
C LYS N 259 34.35 -46.48 50.96
N VAL N 260 33.83 -47.38 51.79
CA VAL N 260 34.56 -48.57 52.19
C VAL N 260 34.21 -49.67 51.20
N VAL N 261 35.06 -49.87 50.19
CA VAL N 261 34.76 -50.88 49.17
C VAL N 261 34.71 -52.27 49.77
N LYS N 262 35.68 -52.62 50.61
CA LYS N 262 35.70 -53.93 51.24
C LYS N 262 36.20 -53.80 52.66
N ASN N 263 35.73 -54.71 53.52
CA ASN N 263 36.11 -54.71 54.92
C ASN N 263 35.88 -56.11 55.49
N LYS N 264 36.53 -56.40 56.61
CA LYS N 264 36.31 -57.65 57.33
C LYS N 264 35.85 -57.44 58.76
N VAL N 265 36.30 -56.37 59.42
CA VAL N 265 35.93 -56.12 60.82
C VAL N 265 34.57 -55.47 60.97
N SER N 266 33.93 -55.10 59.87
CA SER N 266 32.64 -54.44 59.90
C SER N 266 32.01 -54.55 58.52
N PRO N 267 30.74 -54.19 58.38
CA PRO N 267 30.08 -54.35 57.09
C PRO N 267 30.61 -53.37 56.07
N PRO N 268 30.95 -53.84 54.88
CA PRO N 268 31.52 -52.97 53.85
C PRO N 268 30.43 -52.17 53.15
N PHE N 269 30.86 -51.43 52.12
CA PHE N 269 29.93 -50.65 51.29
C PHE N 269 29.23 -49.58 52.11
N ARG N 270 29.86 -49.16 53.20
CA ARG N 270 29.30 -48.15 54.10
C ARG N 270 29.95 -46.81 53.74
N GLN N 271 29.33 -46.09 52.81
CA GLN N 271 29.88 -44.84 52.35
C GLN N 271 29.89 -43.81 53.48
N ALA N 272 30.91 -42.95 53.48
CA ALA N 272 31.02 -41.88 54.44
C ALA N 272 31.46 -40.60 53.71
N GLU N 273 31.09 -39.46 54.27
CA GLU N 273 31.41 -38.17 53.69
C GLU N 273 31.95 -37.25 54.77
N PHE N 274 32.80 -36.32 54.37
CA PHE N 274 33.26 -35.29 55.29
C PHE N 274 33.84 -34.13 54.49
N GLN N 275 34.03 -33.02 55.19
CA GLN N 275 34.55 -31.79 54.59
C GLN N 275 36.02 -31.64 54.93
N ILE N 276 36.80 -31.13 53.98
CA ILE N 276 38.23 -30.92 54.16
C ILE N 276 38.56 -29.46 53.83
N LEU N 277 39.34 -28.83 54.69
CA LEU N 277 39.78 -27.45 54.51
C LEU N 277 41.30 -27.41 54.36
N TYR N 278 41.76 -26.73 53.32
CA TYR N 278 43.20 -26.59 53.12
C TYR N 278 43.80 -25.76 54.24
N GLY N 279 44.99 -26.15 54.68
CA GLY N 279 45.66 -25.44 55.75
C GLY N 279 45.27 -25.94 57.13
N LYS N 280 44.01 -25.72 57.50
CA LYS N 280 43.55 -26.17 58.82
C LYS N 280 43.51 -27.69 58.89
N GLY N 281 42.90 -28.34 57.91
CA GLY N 281 42.80 -29.78 57.93
C GLY N 281 41.37 -30.28 57.74
N ILE N 282 41.05 -31.41 58.37
CA ILE N 282 39.73 -32.00 58.22
C ILE N 282 38.74 -31.25 59.09
N TYR N 283 37.57 -30.93 58.52
CA TYR N 283 36.54 -30.17 59.23
C TYR N 283 35.72 -31.14 60.08
N ARG N 284 36.31 -31.54 61.21
CA ARG N 284 35.63 -32.47 62.11
C ARG N 284 34.36 -31.84 62.69
N THR N 285 34.39 -30.54 63.00
CA THR N 285 33.24 -29.89 63.61
C THR N 285 32.03 -29.93 62.70
N GLY N 286 32.21 -29.67 61.41
CA GLY N 286 31.07 -29.72 60.51
C GLY N 286 30.41 -31.09 60.47
N GLU N 287 31.21 -32.15 60.35
CA GLU N 287 30.65 -33.49 60.33
C GLU N 287 29.99 -33.85 61.66
N ILE N 288 30.59 -33.46 62.79
CA ILE N 288 29.98 -33.77 64.08
C ILE N 288 28.64 -33.05 64.21
N ILE N 289 28.59 -31.78 63.81
CA ILE N 289 27.34 -31.03 63.90
C ILE N 289 26.27 -31.66 63.03
N ASP N 290 26.63 -32.00 61.78
CA ASP N 290 25.64 -32.61 60.90
C ASP N 290 25.16 -33.95 61.43
N LEU N 291 26.07 -34.79 61.90
CA LEU N 291 25.68 -36.10 62.41
C LEU N 291 24.79 -35.96 63.64
N GLY N 292 25.13 -35.03 64.54
CA GLY N 292 24.32 -34.83 65.73
C GLY N 292 22.93 -34.31 65.40
N VAL N 293 22.84 -33.37 64.46
CA VAL N 293 21.53 -32.84 64.09
C VAL N 293 20.69 -33.92 63.43
N GLN N 294 21.30 -34.74 62.56
CA GLN N 294 20.55 -35.83 61.93
C GLN N 294 20.10 -36.86 62.96
N LEU N 295 20.95 -37.18 63.93
CA LEU N 295 20.57 -38.13 64.97
C LEU N 295 19.38 -37.61 65.77
N GLY N 296 19.39 -36.32 66.10
CA GLY N 296 18.34 -35.73 66.91
C GLY N 296 18.88 -35.08 68.16
N LEU N 297 20.11 -35.45 68.53
CA LEU N 297 20.72 -34.87 69.72
C LEU N 297 20.76 -33.35 69.63
N VAL N 298 20.99 -32.82 68.44
CA VAL N 298 20.89 -31.39 68.17
C VAL N 298 19.56 -31.15 67.47
N GLU N 299 18.68 -30.41 68.13
CA GLU N 299 17.35 -30.18 67.56
C GLU N 299 17.41 -29.09 66.51
N LYS N 300 16.90 -29.39 65.32
CA LYS N 300 16.89 -28.48 64.19
C LYS N 300 15.46 -28.07 63.90
N SER N 301 15.30 -26.84 63.41
CA SER N 301 13.98 -26.28 63.14
C SER N 301 13.75 -26.08 61.65
N GLY N 302 14.34 -26.93 60.81
CA GLY N 302 14.22 -26.78 59.38
C GLY N 302 15.37 -26.02 58.76
N ALA N 303 15.54 -24.76 59.18
CA ALA N 303 16.64 -23.93 58.70
C ALA N 303 17.38 -23.23 59.82
N TRP N 304 16.81 -23.15 61.02
CA TRP N 304 17.41 -22.42 62.13
C TRP N 304 18.00 -23.42 63.12
N TYR N 305 19.31 -23.41 63.26
CA TYR N 305 20.00 -24.34 64.13
C TYR N 305 19.71 -24.03 65.59
N SER N 306 19.68 -25.10 66.40
CA SER N 306 19.46 -24.93 67.84
C SER N 306 19.98 -26.16 68.57
N TYR N 307 20.55 -25.94 69.75
CA TYR N 307 21.11 -26.99 70.60
C TYR N 307 20.59 -26.82 72.01
N GLN N 308 20.03 -27.89 72.57
CA GLN N 308 19.40 -27.83 73.89
C GLN N 308 18.33 -26.75 73.94
N GLY N 309 17.55 -26.65 72.86
CA GLY N 309 16.51 -25.65 72.79
C GLY N 309 17.01 -24.22 72.73
N SER N 310 18.25 -24.02 72.28
CA SER N 310 18.85 -22.69 72.19
C SER N 310 19.22 -22.42 70.74
N LYS N 311 18.90 -21.21 70.27
CA LYS N 311 19.20 -20.84 68.90
C LYS N 311 20.70 -20.62 68.73
N ILE N 312 21.44 -21.70 68.52
CA ILE N 312 22.89 -21.61 68.38
C ILE N 312 23.25 -20.65 67.24
N GLY N 313 22.37 -20.52 66.27
CA GLY N 313 22.56 -19.58 65.19
C GLY N 313 21.96 -20.14 63.91
N GLN N 314 22.22 -19.43 62.82
CA GLN N 314 21.86 -19.88 61.49
C GLN N 314 23.11 -19.94 60.62
N GLY N 315 23.35 -21.08 60.00
CA GLY N 315 24.51 -21.28 59.17
C GLY N 315 25.54 -22.18 59.81
N LYS N 316 26.24 -22.93 58.94
CA LYS N 316 27.30 -23.81 59.40
C LYS N 316 28.39 -23.04 60.14
N ALA N 317 28.70 -21.82 59.69
CA ALA N 317 29.69 -21.01 60.39
C ALA N 317 29.22 -20.70 61.81
N ASN N 318 27.94 -20.34 61.96
CA ASN N 318 27.41 -20.08 63.29
C ASN N 318 27.46 -21.33 64.17
N ALA N 319 27.10 -22.49 63.61
CA ALA N 319 27.19 -23.72 64.38
C ALA N 319 28.62 -24.01 64.79
N ALA N 320 29.57 -23.82 63.87
CA ALA N 320 30.97 -24.09 64.16
C ALA N 320 31.49 -23.17 65.24
N LYS N 321 31.17 -21.88 65.18
CA LYS N 321 31.59 -20.97 66.23
C LYS N 321 30.96 -21.36 67.57
N TYR N 322 29.67 -21.70 67.56
CA TYR N 322 28.99 -22.10 68.78
C TYR N 322 29.70 -23.28 69.43
N LEU N 323 30.08 -24.27 68.62
CA LEU N 323 30.76 -25.44 69.14
C LEU N 323 32.21 -25.16 69.51
N GLU N 324 32.84 -24.19 68.85
CA GLU N 324 34.24 -23.89 69.12
C GLU N 324 34.40 -23.13 70.42
N ASP N 325 33.45 -22.25 70.75
CA ASP N 325 33.57 -21.48 71.98
C ASP N 325 33.64 -22.41 73.20
N ASN N 326 33.02 -23.59 73.10
CA ASN N 326 32.98 -24.55 74.20
C ASN N 326 33.43 -25.91 73.70
N PRO N 327 34.73 -26.19 73.66
CA PRO N 327 35.19 -27.52 73.23
C PRO N 327 34.58 -28.66 74.03
N GLU N 328 34.27 -28.43 75.32
CA GLU N 328 33.71 -29.49 76.14
C GLU N 328 32.32 -29.91 75.65
N ILE N 329 31.52 -28.94 75.20
CA ILE N 329 30.20 -29.28 74.67
C ILE N 329 30.33 -30.18 73.46
N GLY N 330 31.27 -29.85 72.57
CA GLY N 330 31.51 -30.71 71.42
C GLY N 330 32.02 -32.08 71.83
N SER N 331 32.86 -32.13 72.87
CA SER N 331 33.33 -33.42 73.35
C SER N 331 32.18 -34.28 73.84
N VAL N 332 31.26 -33.69 74.59
CA VAL N 332 30.12 -34.45 75.09
C VAL N 332 29.23 -34.91 73.93
N LEU N 333 28.99 -34.01 72.96
CA LEU N 333 28.16 -34.38 71.82
C LEU N 333 28.79 -35.51 71.02
N GLU N 334 30.10 -35.44 70.78
CA GLU N 334 30.78 -36.50 70.06
C GLU N 334 30.75 -37.82 70.85
N LYS N 335 30.91 -37.74 72.17
CA LYS N 335 30.87 -38.96 72.97
C LYS N 335 29.51 -39.63 72.87
N THR N 336 28.43 -38.85 72.99
CA THR N 336 27.11 -39.45 72.85
C THR N 336 26.88 -40.00 71.45
N ILE N 337 27.30 -39.28 70.41
CA ILE N 337 27.11 -39.77 69.05
C ILE N 337 27.86 -41.08 68.85
N ARG N 338 29.10 -41.14 69.33
CA ARG N 338 29.90 -42.35 69.15
C ARG N 338 29.32 -43.51 69.95
N ASP N 339 28.90 -43.27 71.20
CA ASP N 339 28.34 -44.38 71.97
C ASP N 339 27.06 -44.91 71.35
N GLN N 340 26.23 -44.03 70.80
CA GLN N 340 25.00 -44.46 70.14
C GLN N 340 25.22 -45.17 68.82
N LEU N 341 26.14 -44.69 67.99
CA LEU N 341 26.28 -45.17 66.62
C LEU N 341 27.43 -46.15 66.44
N LEU N 342 28.63 -45.78 66.88
CA LEU N 342 29.81 -46.62 66.68
C LEU N 342 29.64 -47.98 67.35
N ALA N 343 29.16 -48.00 68.59
CA ALA N 343 28.98 -49.24 69.33
C ALA N 343 27.57 -49.77 69.16
MG MG O . -46.76 33.31 -40.57
PG AGS P . -47.76 36.00 -38.79
S1G AGS P . -46.19 35.16 -38.02
O2G AGS P . -47.38 37.34 -39.48
O3G AGS P . -48.81 36.27 -37.68
PB AGS P . -47.97 35.20 -41.37
O1B AGS P . -48.19 36.58 -41.86
O2B AGS P . -46.52 34.74 -41.54
O3B AGS P . -48.37 35.05 -39.86
PA AGS P . -48.63 34.08 -43.74
O1A AGS P . -47.19 34.10 -44.06
O2A AGS P . -49.42 32.86 -44.22
O3A AGS P . -48.84 34.16 -42.18
O5' AGS P . -49.25 35.43 -44.26
C5' AGS P . -48.44 36.41 -44.89
C4' AGS P . -49.25 36.99 -46.03
O4' AGS P . -49.83 35.91 -46.79
C3' AGS P . -50.40 37.89 -45.59
O3' AGS P . -50.52 39.01 -46.46
C2' AGS P . -51.62 36.96 -45.70
O2' AGS P . -52.81 37.68 -45.98
C1' AGS P . -51.22 36.11 -46.90
N9 AGS P . -51.88 34.81 -46.97
C8 AGS P . -51.61 33.70 -46.21
N7 AGS P . -52.37 32.67 -46.49
C5 AGS P . -53.18 33.12 -47.52
C6 AGS P . -54.21 32.51 -48.27
N6 AGS P . -54.59 31.24 -48.09
N1 AGS P . -54.81 33.25 -49.22
C2 AGS P . -54.43 34.52 -49.40
N3 AGS P . -53.48 35.20 -48.76
C4 AGS P . -52.89 34.44 -47.83
MG MG Q . -18.19 38.49 -34.28
PG AGS R . -21.20 40.02 -33.18
S1G AGS R . -20.67 39.24 -31.47
O2G AGS R . -21.98 41.34 -32.96
O3G AGS R . -22.11 39.01 -33.94
PB AGS R . -19.85 41.74 -34.67
O1B AGS R . -21.20 42.30 -34.86
O2B AGS R . -18.95 42.59 -33.79
O3B AGS R . -19.93 40.31 -34.03
PA AGS R . -18.27 42.92 -36.45
O1A AGS R . -17.91 43.66 -35.24
O2A AGS R . -17.09 42.45 -37.31
O3A AGS R . -19.10 41.65 -36.05
O5' AGS R . -19.26 43.82 -37.27
C5' AGS R . -19.33 45.22 -37.00
C4' AGS R . -19.87 45.91 -38.22
O4' AGS R . -19.21 45.38 -39.39
C3' AGS R . -21.37 45.72 -38.46
O3' AGS R . -21.96 46.92 -38.95
C2' AGS R . -21.42 44.60 -39.50
O2' AGS R . -22.57 44.69 -40.32
C1' AGS R . -20.16 44.88 -40.31
N9 AGS R . -19.60 43.71 -40.96
C8 AGS R . -19.11 42.58 -40.37
N7 AGS R . -18.66 41.68 -41.21
C5 AGS R . -18.90 42.25 -42.45
C6 AGS R . -18.67 41.80 -43.77
N6 AGS R . -18.11 40.62 -44.06
N1 AGS R . -19.01 42.62 -44.78
C2 AGS R . -19.55 43.80 -44.50
N3 AGS R . -19.82 44.33 -43.29
C4 AGS R . -19.47 43.50 -42.31
H5'1 AGS R . -18.45 45.57 -36.79
H5'2 AGS R . -19.94 45.38 -36.25
H4' AGS R . -19.68 46.86 -38.15
H3' AGS R . -21.80 45.44 -37.64
HO3' AGS R . -22.35 46.76 -39.73
H2' AGS R . -21.36 43.74 -39.06
HO2' AGS R . -22.64 43.96 -40.83
H1' AGS R . -20.36 45.57 -40.98
H8 AGS R . -19.08 42.46 -39.41
HN61 AGS R . -17.83 40.44 -44.90
HN62 AGS R . -18.01 39.99 -43.41
H2 AGS R . -19.78 44.35 -45.26
MG MG S . -5.37 41.59 -8.16
PG AGS T . -7.76 41.47 -9.17
S1G AGS T . -7.51 39.88 -8.08
O2G AGS T . -9.06 42.20 -8.75
O3G AGS T . -7.85 41.09 -10.67
PB AGS T . -6.98 43.88 -8.43
O1B AGS T . -8.31 44.25 -8.94
O2B AGS T . -6.93 43.80 -6.90
O3B AGS T . -6.59 42.45 -8.96
PA AGS T . -5.76 46.14 -7.83
O1A AGS T . -6.26 45.73 -6.51
O2A AGS T . -4.30 46.60 -7.86
O3A AGS T . -5.91 44.94 -8.82
O5' AGS T . -6.73 47.25 -8.38
C5' AGS T . -7.31 48.22 -7.51
C4' AGS T . -7.70 49.40 -8.35
O4' AGS T . -6.51 50.00 -8.92
C3' AGS T . -8.61 49.08 -9.53
O3' AGS T . -9.43 50.19 -9.84
C2' AGS T . -7.60 48.80 -10.65
O2' AGS T . -8.17 49.03 -11.93
C1' AGS T . -6.54 49.86 -10.33
N9 AGS T . -5.20 49.50 -10.78
C8 AGS T . -4.55 48.31 -10.60
N7 AGS T . -3.33 48.28 -11.11
C5 AGS T . -3.18 49.54 -11.64
C6 AGS T . -2.10 50.15 -12.33
N6 AGS T . -0.95 49.55 -12.59
N1 AGS T . -2.27 51.43 -12.74
C2 AGS T . -3.43 52.04 -12.49
N3 AGS T . -4.50 51.57 -11.85
C4 AGS T . -4.32 50.30 -11.45
MG MG U . -9.24 27.45 17.54
PG AGS V . -11.24 27.99 14.59
S1G AGS V . -10.71 26.12 14.56
O2G AGS V . -12.73 28.13 14.17
O3G AGS V . -10.37 28.82 13.61
PB AGS V . -12.35 29.27 16.61
O1B AGS V . -13.14 29.87 15.52
O2B AGS V . -13.13 28.24 17.43
O3B AGS V . -11.09 28.54 16.03
PA AGS V . -13.02 30.69 18.72
O1A AGS V . -13.79 29.48 19.04
O2A AGS V . -12.31 31.38 19.89
O3A AGS V . -11.93 30.35 17.65
O5' AGS V . -13.98 31.68 17.99
C5' AGS V . -15.30 31.85 18.52
C4' AGS V . -15.65 33.31 18.38
O4' AGS V . -14.75 34.10 19.18
C3' AGS V . -15.57 33.86 16.95
O3' AGS V . -16.70 34.68 16.66
C2' AGS V . -14.27 34.66 16.96
O2' AGS V . -14.33 35.76 16.05
C1' AGS V . -14.23 35.16 18.40
N9 AGS V . -12.89 35.48 18.89
C8 AGS V . -11.82 34.63 19.02
N7 AGS V . -10.75 35.21 19.50
C5 AGS V . -11.15 36.52 19.71
C6 AGS V . -10.46 37.65 20.20
N6 AGS V . -9.18 37.63 20.60
N1 AGS V . -11.15 38.81 20.28
C2 AGS V . -12.41 38.83 19.89
N3 AGS V . -13.16 37.84 19.40
C4 AGS V . -12.46 36.70 19.34
H5'1 AGS V . -15.32 31.60 19.46
H5'2 AGS V . -15.93 31.31 18.02
H4' AGS V . -16.56 33.44 18.71
H3' AGS V . -15.51 33.12 16.32
HO3' AGS V . -16.62 35.45 17.09
H2' AGS V . -13.51 34.10 16.76
HO2' AGS V . -13.57 35.81 15.59
H1' AGS V . -14.81 35.94 18.49
H8 AGS V . -11.86 33.70 18.77
HN61 AGS V . -8.80 38.38 20.94
HN62 AGS V . -8.69 36.87 20.52
H2 AGS V . -12.86 39.69 19.97
MG MG W . -18.73 -0.04 22.82
PG AGS X . -18.77 2.22 19.97
S1G AGS X . -17.84 1.28 21.41
O2G AGS X . -17.92 3.43 19.48
O3G AGS X . -19.03 1.23 18.81
PB AGS X . -21.04 1.63 21.18
O1B AGS X . -22.08 1.15 20.26
O2B AGS X . -20.04 0.55 21.64
O3B AGS X . -20.14 2.72 20.51
PA AGS X . -23.10 1.56 22.82
O1A AGS X . -23.17 0.16 22.38
O2A AGS X . -23.36 1.81 24.31
O3A AGS X . -21.70 2.16 22.49
O5' AGS X . -24.08 2.37 21.91
C5' AGS X . -25.39 1.89 21.68
C4' AGS X . -26.36 3.02 21.92
O4' AGS X . -26.51 3.24 23.34
C3' AGS X . -25.94 4.36 21.32
O3' AGS X . -27.04 5.00 20.70
C2' AGS X . -25.43 5.15 22.53
O2' AGS X . -25.64 6.55 22.35
C1' AGS X . -26.34 4.62 23.62
N9 AGS X . -25.79 4.74 24.97
C8 AGS X . -24.61 4.23 25.44
N7 AGS X . -24.38 4.50 26.70
C5 AGS X . -25.48 5.24 27.09
C6 AGS X . -25.86 5.83 28.31
N6 AGS X . -25.11 5.77 29.42
N1 AGS X . -27.03 6.50 28.36
C2 AGS X . -27.78 6.57 27.25
N3 AGS X . -27.54 6.05 26.05
C4 AGS X . -26.36 5.40 26.03
MG MG Y . -13.59 -25.48 8.11
PG AGS Z . -13.88 -21.39 7.04
S1G AGS Z . -13.81 -23.28 7.51
O2G AGS Z . -14.20 -20.55 8.31
O3G AGS Z . -12.51 -20.95 6.45
PB AGS Z . -15.42 -22.39 5.08
O1B AGS Z . -14.25 -23.17 4.65
O2B AGS Z . -16.22 -21.82 3.91
O3B AGS Z . -14.98 -21.17 5.97
PA AGS Z . -17.56 -23.90 4.93
O1A AGS Z . -16.97 -24.48 3.73
O2A AGS Z . -18.40 -24.83 5.80
O3A AGS Z . -16.44 -23.29 5.85
O5' AGS Z . -18.39 -22.65 4.47
C5' AGS Z . -18.92 -22.55 3.14
C4' AGS Z . -20.19 -21.75 3.20
O4' AGS Z . -21.30 -22.65 3.45
C3' AGS Z . -20.25 -20.73 4.33
O3' AGS Z . -19.70 -19.48 3.92
C2' AGS Z . -21.75 -20.61 4.58
O2' AGS Z . -22.34 -19.73 3.63
C1' AGS Z . -22.22 -22.04 4.34
N9 AGS Z . -22.30 -22.86 5.54
C8 AGS Z . -21.26 -23.36 6.27
N7 AGS Z . -21.63 -24.06 7.31
C5 AGS Z . -23.00 -24.04 7.26
C6 AGS Z . -24.00 -24.60 8.08
N6 AGS Z . -23.74 -25.33 9.16
N1 AGS Z . -25.29 -24.37 7.75
C2 AGS Z . -25.55 -23.64 6.67
N3 AGS Z . -24.71 -23.06 5.81
C4 AGS Z . -23.44 -23.29 6.18
MG MG AA . 9.84 -33.01 -8.07
PG AGS BA . 8.07 -29.62 -6.80
S1G AGS BA . 8.64 -31.42 -6.34
O2G AGS BA . 9.18 -28.61 -6.41
O3G AGS BA . 6.75 -29.29 -6.07
PB AGS BA . 8.95 -30.21 -9.23
O1B AGS BA . 9.86 -29.18 -9.78
O2B AGS BA . 9.64 -31.24 -8.33
O3B AGS BA . 7.84 -29.55 -8.33
PA AGS BA . 8.42 -30.40 -11.84
O1A AGS BA . 9.82 -30.40 -12.32
O2A AGS BA . 7.38 -31.09 -12.73
O3A AGS BA . 8.31 -31.04 -10.41
O5' AGS BA . 8.03 -28.93 -11.56
C5' AGS BA . 6.66 -28.58 -11.65
C4' AGS BA . 6.38 -28.19 -13.09
O4' AGS BA . 5.87 -29.33 -13.81
C3' AGS BA . 5.34 -27.09 -13.25
O3' AGS BA . 5.76 -26.18 -14.26
C2' AGS BA . 4.09 -27.85 -13.67
O2' AGS BA . 3.21 -27.05 -14.45
C1' AGS BA . 4.73 -28.92 -14.53
N9 AGS BA . 3.89 -30.08 -14.82
C8 AGS BA . 2.93 -30.16 -15.79
N7 AGS BA . 2.32 -31.32 -15.86
C5 AGS BA . 2.92 -32.06 -14.86
C6 AGS BA . 2.73 -33.37 -14.42
N6 AGS BA . 1.82 -34.21 -14.94
N1 AGS BA . 3.49 -33.82 -13.39
C2 AGS BA . 4.39 -32.98 -12.86
N3 AGS BA . 4.66 -31.72 -13.20
C4 AGS BA . 3.90 -31.31 -14.21
MG MG CA . 38.60 -27.35 -3.59
PG AGS DA . 35.62 -25.78 -3.09
S1G AGS DA . 34.18 -26.61 -4.11
O2G AGS DA . 36.90 -26.66 -3.17
O3G AGS DA . 35.18 -25.63 -1.61
PB AGS DA . 37.39 -24.17 -4.31
O1B AGS DA . 38.41 -24.90 -3.52
O2B AGS DA . 37.30 -24.65 -5.76
O3B AGS DA . 35.95 -24.38 -3.67
PA AGS DA . 37.09 -21.92 -5.67
O1A AGS DA . 35.62 -21.91 -5.58
O2A AGS DA . 37.75 -20.56 -5.83
O3A AGS DA . 37.70 -22.64 -4.41
O5' AGS DA . 37.48 -22.88 -6.85
C5' AGS DA . 38.00 -22.31 -8.05
C4' AGS DA . 37.04 -21.26 -8.53
O4' AGS DA . 37.45 -20.82 -9.84
C3' AGS DA . 35.60 -21.74 -8.66
O3' AGS DA . 34.81 -21.26 -7.57
C2' AGS DA . 35.13 -21.10 -9.97
O2' AGS DA . 34.62 -19.78 -9.73
C1' AGS DA . 36.42 -21.04 -10.77
N9 AGS DA . 36.72 -22.26 -11.50
C8 AGS DA . 37.20 -23.44 -10.99
N7 AGS DA . 37.39 -24.38 -11.90
C5 AGS DA . 37.02 -23.76 -13.08
C6 AGS DA . 37.00 -24.22 -14.42
N6 AGS DA . 37.36 -25.44 -14.79
N1 AGS DA . 36.58 -23.35 -15.36
C2 AGS DA . 36.21 -22.11 -15.00
N3 AGS DA . 36.20 -21.58 -13.77
C4 AGS DA . 36.61 -22.46 -12.85
MG MG EA . 54.69 -24.65 21.25
PG AGS FA . 49.37 -23.40 20.54
S1G AGS FA . 48.02 -24.74 20.12
O2G AGS FA . 48.80 -22.34 21.51
O3G AGS FA . 49.85 -22.70 19.24
PB AGS FA . 51.97 -23.29 21.11
O1B AGS FA . 52.23 -22.96 19.69
O2B AGS FA . 53.03 -24.21 21.72
O3B AGS FA . 50.60 -24.08 21.21
PA AGS FA . 51.28 -20.69 21.28
O1A AGS FA . 49.81 -20.70 21.33
O2A AGS FA . 51.86 -20.69 19.87
O3A AGS FA . 51.89 -21.97 21.97
O5' AGS FA . 51.78 -19.43 22.07
C5' AGS FA . 52.49 -18.39 21.37
C4' AGS FA . 51.66 -17.14 21.33
O4' AGS FA . 52.45 -16.08 20.73
C3' AGS FA . 50.41 -17.19 20.47
O3' AGS FA . 49.52 -16.14 20.84
C2' AGS FA . 50.98 -16.96 19.08
O2' AGS FA . 50.01 -16.36 18.21
C1' AGS FA . 52.12 -15.97 19.35
N9 AGS FA . 53.33 -16.23 18.58
C8 AGS FA . 54.10 -17.36 18.59
N7 AGS FA . 55.13 -17.32 17.80
C5 AGS FA . 55.04 -16.05 17.22
C6 AGS FA . 55.85 -15.38 16.27
N6 AGS FA . 56.95 -15.92 15.73
N1 AGS FA . 55.48 -14.14 15.91
C2 AGS FA . 54.38 -13.61 16.46
N3 AGS FA . 53.55 -14.14 17.35
C4 AGS FA . 53.93 -15.38 17.69
MG MG GA . -70.78 40.00 -25.56
PG AGS HA . -70.04 42.48 -26.72
S1G AGS HA . -70.48 40.97 -27.87
O2G AGS HA . -69.08 43.45 -27.46
O3G AGS HA . -69.36 41.95 -25.42
PB AGS HA . -72.64 42.96 -27.21
O1B AGS HA . -72.53 43.57 -28.55
O2B AGS HA . -72.79 41.44 -27.25
O3B AGS HA . -71.34 43.24 -26.36
PA AGS HA . -75.33 43.43 -27.10
O1A AGS HA . -75.73 42.03 -27.30
O2A AGS HA . -76.26 44.26 -26.21
O3A AGS HA . -73.89 43.51 -26.42
O5' AGS HA . -75.12 44.10 -28.51
C5' AGS HA . -75.60 43.46 -29.71
C4' AGS HA . -77.07 43.71 -29.87
O4' AGS HA . -77.82 42.68 -29.19
C3' AGS HA . -77.61 45.00 -29.25
O3' AGS HA . -77.40 46.12 -30.11
C2' AGS HA . -79.10 44.69 -29.06
O2' AGS HA . -79.87 45.15 -30.16
C1' AGS HA . -79.13 43.16 -28.97
N9 AGS HA . -79.60 42.65 -27.68
C8 AGS HA . -78.84 42.39 -26.56
N7 AGS HA . -79.54 41.96 -25.54
C5 AGS HA . -80.85 41.94 -26.02
C6 AGS HA . -82.07 41.57 -25.42
N6 AGS HA . -82.18 41.14 -24.15
N1 AGS HA . -83.19 41.66 -26.16
C2 AGS HA . -83.09 42.10 -27.43
N3 AGS HA . -81.99 42.47 -28.09
C4 AGS HA . -80.89 42.36 -27.32
H5'1 AGS HA . -75.43 42.50 -29.66
H5'2 AGS HA . -75.13 43.83 -30.47
H4' AGS HA . -77.30 43.70 -30.81
H3' AGS HA . -77.20 45.15 -28.38
HO3' AGS HA . -77.88 46.02 -30.84
H2' AGS HA . -79.42 45.09 -28.24
HO2' AGS HA . -80.70 44.83 -30.10
H1' AGS HA . -79.72 42.81 -29.67
H8 AGS HA . -77.89 42.52 -26.54
HN61 AGS HA . -82.34 41.73 -23.49
HN62 AGS HA . -82.09 40.25 -23.97
H2 AGS HA . -83.92 42.14 -27.92
MG MG IA . 49.82 -37.90 47.65
PG AGS JA . 47.61 -36.17 44.49
S1G AGS JA . 46.13 -36.83 43.44
O2G AGS JA . 48.34 -35.02 43.73
O3G AGS JA . 48.62 -37.33 44.76
PB AGS JA . 47.44 -36.55 47.12
O1B AGS JA . 47.09 -37.96 46.84
O2B AGS JA . 48.93 -36.33 47.39
O3B AGS JA . 47.10 -35.66 45.86
PA AGS JA . 45.68 -34.79 48.20
O1A AGS JA . 44.61 -35.12 47.25
O2A AGS JA . 45.22 -34.36 49.59
O3A AGS JA . 46.66 -36.01 48.39
O5' AGS JA . 46.58 -33.68 47.54
C5' AGS JA . 45.98 -32.54 46.94
C4' AGS JA . 45.02 -31.92 47.93
O4' AGS JA . 45.77 -31.38 49.04
C3' AGS JA . 44.19 -30.76 47.39
O3' AGS JA . 42.95 -30.67 48.08
C2' AGS JA . 45.09 -29.57 47.70
O2' AGS JA . 44.34 -28.36 47.82
C1' AGS JA . 45.68 -29.96 49.05
N9 AGS JA . 46.99 -29.41 49.32
C8 AGS JA . 48.19 -30.07 49.35
N7 AGS JA . 49.21 -29.31 49.64
C5 AGS JA . 48.65 -28.05 49.80
C6 AGS JA . 49.21 -26.81 50.11
N6 AGS JA . 50.52 -26.60 50.32
N1 AGS JA . 48.37 -25.75 50.20
C2 AGS JA . 47.07 -25.94 49.98
N3 AGS JA . 46.43 -27.07 49.68
C4 AGS JA . 47.28 -28.10 49.61
#